data_2RV8
#
_entry.id   2RV8
#
_cell.length_a   1.000
_cell.length_b   1.000
_cell.length_c   1.000
_cell.angle_alpha   90.00
_cell.angle_beta   90.00
_cell.angle_gamma   90.00
#
_symmetry.space_group_name_H-M   'P 1'
#
_entity_poly.entity_id   1
_entity_poly.type   'polypeptide(L)'
_entity_poly.pdbx_seq_one_letter_code
;MGSSHHHHHHSSGLVPRGSHMKGNKEPRNVRLTFADIELDEETHEVWKAGQPVSLSPTEFTLLRYFVINAGTVLSKPKIL
DHVWRYDFGGDVNVVESYVSYLRRKIDTGEKRLLHTLRGVGYVLREPR
;
_entity_poly.pdbx_strand_id   A
#
# COMPACT_ATOMS: atom_id res chain seq x y z
N MET A 1 -24.83 7.27 2.88
CA MET A 1 -26.28 7.57 2.69
C MET A 1 -26.53 9.04 3.01
N GLY A 2 -26.88 9.81 1.99
CA GLY A 2 -27.15 11.24 2.19
C GLY A 2 -27.91 11.82 1.01
N SER A 3 -28.15 13.13 1.06
CA SER A 3 -28.86 13.82 0.00
C SER A 3 -27.92 14.77 -0.73
N SER A 4 -26.77 15.03 -0.10
CA SER A 4 -25.78 15.91 -0.68
C SER A 4 -25.46 15.48 -2.11
N HIS A 5 -24.54 14.53 -2.24
CA HIS A 5 -24.16 14.04 -3.56
C HIS A 5 -23.92 15.20 -4.52
N HIS A 6 -24.84 15.38 -5.47
CA HIS A 6 -24.72 16.45 -6.44
C HIS A 6 -24.22 17.74 -5.79
N HIS A 7 -22.94 18.02 -5.99
CA HIS A 7 -22.34 19.22 -5.41
C HIS A 7 -23.04 20.48 -5.93
N HIS A 8 -23.12 21.50 -5.09
CA HIS A 8 -23.76 22.75 -5.47
C HIS A 8 -22.74 23.67 -6.15
N HIS A 9 -21.56 23.12 -6.43
CA HIS A 9 -20.51 23.90 -7.07
C HIS A 9 -20.13 23.27 -8.41
N HIS A 10 -20.94 23.51 -9.44
CA HIS A 10 -20.67 22.96 -10.75
C HIS A 10 -20.27 24.07 -11.73
N SER A 11 -19.24 24.82 -11.36
CA SER A 11 -18.76 25.92 -12.20
C SER A 11 -18.01 25.36 -13.41
N SER A 12 -17.84 24.05 -13.46
CA SER A 12 -17.13 23.42 -14.56
C SER A 12 -18.12 23.04 -15.67
N GLY A 13 -17.92 23.63 -16.84
CA GLY A 13 -18.81 23.36 -17.97
C GLY A 13 -20.26 23.47 -17.57
N LEU A 14 -21.16 23.00 -18.44
CA LEU A 14 -22.59 23.06 -18.15
C LEU A 14 -23.39 22.36 -19.25
N VAL A 15 -23.00 21.13 -19.58
CA VAL A 15 -23.69 20.38 -20.62
C VAL A 15 -23.62 18.88 -20.35
N PRO A 16 -24.06 18.46 -19.20
CA PRO A 16 -24.04 17.02 -18.81
C PRO A 16 -25.06 16.20 -19.60
N ARG A 17 -25.88 16.88 -20.39
CA ARG A 17 -26.88 16.21 -21.20
C ARG A 17 -26.23 15.16 -22.09
N GLY A 18 -24.92 15.28 -22.28
CA GLY A 18 -24.18 14.34 -23.09
C GLY A 18 -22.76 14.15 -22.55
N SER A 19 -21.94 15.18 -22.69
CA SER A 19 -20.56 15.13 -22.21
C SER A 19 -19.85 13.89 -22.78
N HIS A 20 -19.50 12.96 -21.90
CA HIS A 20 -18.82 11.74 -22.33
C HIS A 20 -19.67 10.99 -23.34
N MET A 21 -19.36 9.71 -23.54
CA MET A 21 -20.10 8.89 -24.48
C MET A 21 -20.24 7.46 -23.95
N LYS A 22 -19.48 7.16 -22.90
CA LYS A 22 -19.52 5.83 -22.30
C LYS A 22 -19.39 5.91 -20.78
N GLY A 23 -18.31 6.53 -20.33
CA GLY A 23 -18.06 6.69 -18.90
C GLY A 23 -16.57 6.67 -18.60
N ASN A 24 -16.13 7.59 -17.74
CA ASN A 24 -14.72 7.67 -17.39
C ASN A 24 -14.56 8.01 -15.91
N LYS A 25 -15.59 7.69 -15.12
CA LYS A 25 -15.54 7.96 -13.69
C LYS A 25 -14.30 7.35 -13.06
N GLU A 26 -13.92 6.17 -13.55
CA GLU A 26 -12.75 5.48 -13.04
C GLU A 26 -12.16 4.57 -14.12
N PRO A 27 -10.86 4.42 -14.15
CA PRO A 27 -10.19 3.55 -15.17
C PRO A 27 -10.46 2.07 -14.92
N ARG A 28 -9.97 1.57 -13.80
CA ARG A 28 -10.15 0.17 -13.45
C ARG A 28 -10.12 0.00 -11.93
N ASN A 29 -10.31 -1.23 -11.46
CA ASN A 29 -10.30 -1.51 -10.03
C ASN A 29 -9.16 -0.75 -9.35
N VAL A 30 -9.17 -0.78 -8.02
CA VAL A 30 -8.13 -0.10 -7.27
C VAL A 30 -6.95 -1.02 -7.01
N ARG A 31 -5.82 -0.71 -7.64
CA ARG A 31 -4.62 -1.51 -7.48
C ARG A 31 -3.43 -0.64 -7.10
N LEU A 32 -2.79 -0.97 -5.99
CA LEU A 32 -1.64 -0.21 -5.51
C LEU A 32 -0.35 -0.81 -6.05
N THR A 33 0.65 0.03 -6.31
CA THR A 33 1.93 -0.44 -6.82
C THR A 33 3.07 0.36 -6.21
N PHE A 34 4.25 -0.25 -6.18
CA PHE A 34 5.45 0.40 -5.63
C PHE A 34 6.70 -0.33 -6.09
N ALA A 35 7.65 0.41 -6.65
CA ALA A 35 8.89 -0.20 -7.13
C ALA A 35 8.58 -1.56 -7.77
N ASP A 36 8.73 -2.61 -6.99
CA ASP A 36 8.42 -3.95 -7.48
C ASP A 36 7.41 -4.62 -6.55
N ILE A 37 6.30 -3.93 -6.33
CA ILE A 37 5.24 -4.43 -5.47
C ILE A 37 3.89 -4.16 -6.09
N GLU A 38 2.96 -5.10 -5.93
CA GLU A 38 1.62 -4.94 -6.48
C GLU A 38 0.58 -5.45 -5.49
N LEU A 39 -0.50 -4.68 -5.32
CA LEU A 39 -1.56 -5.07 -4.41
C LEU A 39 -2.92 -4.81 -5.06
N ASP A 40 -3.80 -5.80 -4.99
CA ASP A 40 -5.13 -5.67 -5.57
C ASP A 40 -6.20 -5.67 -4.49
N GLU A 41 -6.81 -4.51 -4.26
CA GLU A 41 -7.85 -4.38 -3.26
C GLU A 41 -9.09 -5.19 -3.64
N GLU A 42 -9.13 -5.65 -4.89
CA GLU A 42 -10.26 -6.43 -5.37
C GLU A 42 -10.07 -7.91 -5.04
N THR A 43 -8.92 -8.44 -5.41
CA THR A 43 -8.63 -9.85 -5.15
C THR A 43 -7.75 -9.99 -3.90
N HIS A 44 -7.60 -8.88 -3.17
CA HIS A 44 -6.77 -8.90 -1.96
C HIS A 44 -5.56 -9.80 -2.14
N GLU A 45 -4.76 -9.50 -3.16
CA GLU A 45 -3.57 -10.31 -3.45
C GLU A 45 -2.34 -9.41 -3.53
N VAL A 46 -1.18 -10.01 -3.30
CA VAL A 46 0.07 -9.26 -3.36
C VAL A 46 1.03 -9.89 -4.37
N TRP A 47 1.86 -9.07 -4.99
CA TRP A 47 2.81 -9.55 -5.99
C TRP A 47 4.09 -8.74 -5.96
N LYS A 48 5.22 -9.42 -5.80
CA LYS A 48 6.53 -8.75 -5.74
C LYS A 48 7.49 -9.40 -6.72
N ALA A 49 7.94 -8.62 -7.71
CA ALA A 49 8.87 -9.12 -8.72
C ALA A 49 8.70 -10.62 -8.96
N GLY A 50 7.51 -11.01 -9.45
CA GLY A 50 7.23 -12.41 -9.73
C GLY A 50 7.24 -13.26 -8.45
N GLN A 51 6.97 -12.63 -7.32
CA GLN A 51 6.96 -13.36 -6.05
C GLN A 51 5.67 -13.05 -5.27
N PRO A 52 4.65 -13.86 -5.43
CA PRO A 52 3.36 -13.64 -4.72
C PRO A 52 3.43 -14.11 -3.27
N VAL A 53 2.77 -13.36 -2.39
CA VAL A 53 2.77 -13.70 -0.97
C VAL A 53 1.35 -13.67 -0.41
N SER A 54 0.99 -14.73 0.30
CA SER A 54 -0.35 -14.82 0.89
C SER A 54 -0.35 -14.19 2.27
N LEU A 55 -0.59 -12.88 2.33
CA LEU A 55 -0.62 -12.17 3.61
C LEU A 55 -2.04 -12.10 4.16
N SER A 56 -2.15 -11.99 5.47
CA SER A 56 -3.46 -11.91 6.11
C SER A 56 -3.93 -10.46 6.16
N PRO A 57 -5.20 -10.25 6.42
CA PRO A 57 -5.79 -8.89 6.50
C PRO A 57 -4.88 -7.91 7.23
N THR A 58 -4.50 -8.26 8.46
CA THR A 58 -3.64 -7.40 9.26
C THR A 58 -2.33 -7.09 8.55
N GLU A 59 -1.60 -8.14 8.18
CA GLU A 59 -0.32 -7.97 7.50
C GLU A 59 -0.50 -7.18 6.20
N PHE A 60 -1.63 -7.39 5.54
CA PHE A 60 -1.91 -6.69 4.29
C PHE A 60 -2.08 -5.19 4.54
N THR A 61 -2.84 -4.86 5.57
CA THR A 61 -3.08 -3.46 5.91
C THR A 61 -1.75 -2.76 6.19
N LEU A 62 -0.86 -3.46 6.88
CA LEU A 62 0.45 -2.90 7.22
C LEU A 62 1.21 -2.54 5.95
N LEU A 63 1.36 -3.51 5.06
CA LEU A 63 2.08 -3.28 3.80
C LEU A 63 1.43 -2.14 3.01
N ARG A 64 0.11 -2.14 2.97
CA ARG A 64 -0.62 -1.11 2.23
C ARG A 64 -0.31 0.28 2.78
N TYR A 65 -0.35 0.43 4.09
CA TYR A 65 -0.07 1.72 4.73
C TYR A 65 1.36 2.16 4.42
N PHE A 66 2.28 1.21 4.47
CA PHE A 66 3.69 1.51 4.20
C PHE A 66 3.84 2.13 2.82
N VAL A 67 3.13 1.55 1.85
CA VAL A 67 3.19 2.04 0.47
C VAL A 67 2.56 3.43 0.37
N ILE A 68 1.40 3.60 0.99
CA ILE A 68 0.71 4.89 0.96
C ILE A 68 1.60 5.99 1.50
N ASN A 69 2.38 5.67 2.53
CA ASN A 69 3.27 6.65 3.15
C ASN A 69 4.74 6.37 2.80
N ALA A 70 4.96 5.70 1.67
CA ALA A 70 6.32 5.38 1.25
C ALA A 70 7.18 6.64 1.18
N GLY A 71 8.30 6.62 1.90
CA GLY A 71 9.21 7.77 1.89
C GLY A 71 9.22 8.47 3.26
N THR A 72 8.13 8.32 4.01
CA THR A 72 8.02 8.94 5.31
C THR A 72 8.43 7.96 6.41
N VAL A 73 9.30 8.42 7.31
CA VAL A 73 9.77 7.57 8.40
C VAL A 73 8.62 7.27 9.36
N LEU A 74 8.30 5.99 9.50
CA LEU A 74 7.22 5.59 10.40
C LEU A 74 7.76 5.19 11.76
N SER A 75 6.89 5.23 12.76
CA SER A 75 7.28 4.88 14.12
C SER A 75 6.59 3.60 14.56
N LYS A 76 7.27 2.83 15.41
CA LYS A 76 6.73 1.58 15.91
C LYS A 76 5.37 1.78 16.58
N PRO A 77 5.29 2.66 17.56
CA PRO A 77 4.02 2.91 18.28
C PRO A 77 2.95 3.52 17.37
N LYS A 78 3.36 4.43 16.50
CA LYS A 78 2.44 5.07 15.58
C LYS A 78 1.81 4.01 14.67
N ILE A 79 2.65 3.20 14.05
CA ILE A 79 2.17 2.15 13.16
C ILE A 79 1.14 1.28 13.88
N LEU A 80 1.43 0.96 15.14
CA LEU A 80 0.53 0.14 15.94
C LEU A 80 -0.84 0.80 16.04
N ASP A 81 -0.88 1.97 16.66
CA ASP A 81 -2.14 2.70 16.83
C ASP A 81 -2.87 2.86 15.50
N HIS A 82 -2.11 2.92 14.41
CA HIS A 82 -2.71 3.08 13.09
C HIS A 82 -3.44 1.81 12.66
N VAL A 83 -2.78 0.67 12.82
CA VAL A 83 -3.38 -0.61 12.44
C VAL A 83 -4.29 -1.14 13.54
N TRP A 84 -3.72 -1.37 14.72
CA TRP A 84 -4.50 -1.90 15.84
C TRP A 84 -5.77 -1.08 16.05
N ARG A 85 -5.90 0.02 15.32
CA ARG A 85 -7.07 0.88 15.44
C ARG A 85 -8.34 0.08 15.12
N TYR A 86 -8.14 -1.15 14.66
CA TYR A 86 -9.28 -2.01 14.32
C TYR A 86 -9.41 -3.14 15.32
N ASP A 87 -8.51 -3.17 16.30
CA ASP A 87 -8.54 -4.20 17.33
C ASP A 87 -7.47 -3.94 18.38
N PHE A 88 -7.85 -3.23 19.43
CA PHE A 88 -6.92 -2.92 20.51
C PHE A 88 -6.57 -4.18 21.28
N GLY A 89 -5.36 -4.23 21.82
CA GLY A 89 -4.91 -5.39 22.58
C GLY A 89 -3.65 -5.99 21.96
N GLY A 90 -2.59 -5.19 21.88
CA GLY A 90 -1.34 -5.65 21.31
C GLY A 90 -0.18 -4.78 21.77
N ASP A 91 0.61 -5.28 22.71
CA ASP A 91 1.74 -4.54 23.22
C ASP A 91 2.63 -4.05 22.09
N VAL A 92 3.78 -3.48 22.45
CA VAL A 92 4.71 -2.96 21.45
C VAL A 92 5.64 -4.06 20.97
N ASN A 93 5.63 -5.20 21.64
CA ASN A 93 6.49 -6.32 21.25
C ASN A 93 5.83 -7.13 20.13
N VAL A 94 4.50 -7.05 20.06
CA VAL A 94 3.77 -7.78 19.03
C VAL A 94 4.14 -7.25 17.66
N VAL A 95 4.39 -5.94 17.58
CA VAL A 95 4.77 -5.32 16.31
C VAL A 95 6.12 -5.84 15.85
N GLU A 96 7.07 -5.90 16.77
CA GLU A 96 8.41 -6.39 16.43
C GLU A 96 8.32 -7.77 15.81
N SER A 97 7.54 -8.65 16.43
CA SER A 97 7.39 -10.00 15.93
C SER A 97 6.82 -9.99 14.51
N TYR A 98 5.78 -9.20 14.30
CA TYR A 98 5.16 -9.10 12.98
C TYR A 98 6.14 -8.49 11.98
N VAL A 99 6.90 -7.50 12.43
CA VAL A 99 7.87 -6.85 11.56
C VAL A 99 8.94 -7.83 11.11
N SER A 100 9.42 -8.64 12.04
CA SER A 100 10.45 -9.63 11.73
C SER A 100 9.95 -10.61 10.68
N TYR A 101 8.72 -11.10 10.87
CA TYR A 101 8.13 -12.03 9.92
C TYR A 101 7.91 -11.38 8.57
N LEU A 102 7.48 -10.11 8.61
CA LEU A 102 7.23 -9.37 7.39
C LEU A 102 8.52 -9.22 6.58
N ARG A 103 9.60 -8.87 7.26
CA ARG A 103 10.89 -8.72 6.61
C ARG A 103 11.27 -10.01 5.87
N ARG A 104 11.05 -11.13 6.53
CA ARG A 104 11.38 -12.42 5.94
C ARG A 104 10.49 -12.73 4.74
N LYS A 105 9.26 -12.23 4.77
CA LYS A 105 8.30 -12.48 3.69
C LYS A 105 8.37 -11.40 2.61
N ILE A 106 9.07 -10.31 2.89
CA ILE A 106 9.18 -9.22 1.92
C ILE A 106 10.64 -8.97 1.54
N ASP A 107 11.54 -9.33 2.43
CA ASP A 107 12.96 -9.15 2.18
C ASP A 107 13.57 -10.44 1.64
N THR A 108 14.41 -10.31 0.63
CA THR A 108 15.05 -11.47 0.02
C THR A 108 16.06 -11.03 -1.06
N GLY A 109 15.63 -10.08 -1.89
CA GLY A 109 16.48 -9.58 -2.96
C GLY A 109 17.63 -8.74 -2.41
N GLU A 110 18.58 -8.40 -3.29
CA GLU A 110 19.72 -7.60 -2.90
C GLU A 110 19.34 -6.12 -2.75
N LYS A 111 18.15 -5.78 -3.24
CA LYS A 111 17.68 -4.40 -3.17
C LYS A 111 16.83 -4.20 -1.92
N ARG A 112 17.35 -3.43 -0.98
CA ARG A 112 16.63 -3.17 0.26
C ARG A 112 15.80 -1.89 0.14
N LEU A 113 14.49 -2.07 -0.03
CA LEU A 113 13.59 -0.91 -0.15
C LEU A 113 13.07 -0.51 1.22
N LEU A 114 13.40 -1.31 2.23
CA LEU A 114 12.97 -1.04 3.59
C LEU A 114 14.16 -0.71 4.48
N HIS A 115 14.32 0.56 4.84
CA HIS A 115 15.43 0.96 5.70
C HIS A 115 15.00 0.96 7.16
N THR A 116 15.81 0.34 8.00
CA THR A 116 15.51 0.27 9.42
C THR A 116 16.32 1.29 10.21
N LEU A 117 15.62 2.27 10.77
CA LEU A 117 16.27 3.30 11.56
C LEU A 117 16.16 2.98 13.05
N ARG A 118 16.85 1.94 13.48
CA ARG A 118 16.81 1.53 14.88
C ARG A 118 16.76 2.74 15.81
N GLY A 119 15.83 2.72 16.76
CA GLY A 119 15.69 3.81 17.70
C GLY A 119 14.59 4.78 17.27
N VAL A 120 14.25 4.74 15.99
CA VAL A 120 13.21 5.61 15.45
C VAL A 120 12.08 4.78 14.85
N GLY A 121 12.42 3.95 13.87
CA GLY A 121 11.42 3.11 13.22
C GLY A 121 11.93 2.61 11.87
N TYR A 122 11.06 2.60 10.88
CA TYR A 122 11.43 2.15 9.54
C TYR A 122 10.97 3.14 8.48
N VAL A 123 11.67 3.16 7.35
CA VAL A 123 11.32 4.06 6.27
C VAL A 123 11.39 3.37 4.92
N LEU A 124 10.38 3.59 4.10
CA LEU A 124 10.34 2.99 2.77
C LEU A 124 11.01 3.92 1.76
N ARG A 125 11.98 3.39 1.02
CA ARG A 125 12.68 4.20 0.02
C ARG A 125 13.43 3.31 -0.96
N GLU A 126 13.29 3.62 -2.25
CA GLU A 126 13.97 2.85 -3.29
C GLU A 126 15.47 3.07 -3.22
N PRO A 127 16.25 2.13 -3.69
CA PRO A 127 17.74 2.24 -3.68
C PRO A 127 18.25 3.30 -4.66
N ARG A 128 19.11 4.18 -4.16
CA ARG A 128 19.67 5.24 -5.00
C ARG A 128 21.13 4.97 -5.30
N MET A 1 -43.61 -6.09 -7.69
CA MET A 1 -43.63 -6.52 -6.26
C MET A 1 -42.33 -6.13 -5.57
N GLY A 2 -41.22 -6.30 -6.28
CA GLY A 2 -39.91 -5.98 -5.73
C GLY A 2 -38.87 -5.84 -6.84
N SER A 3 -38.90 -6.79 -7.75
CA SER A 3 -37.96 -6.78 -8.88
C SER A 3 -37.89 -5.39 -9.50
N SER A 4 -36.78 -5.12 -10.17
CA SER A 4 -36.56 -3.82 -10.81
C SER A 4 -36.37 -3.97 -12.31
N HIS A 5 -36.65 -5.17 -12.82
CA HIS A 5 -36.50 -5.43 -14.24
C HIS A 5 -37.80 -5.11 -14.99
N HIS A 6 -38.93 -5.32 -14.32
CA HIS A 6 -40.23 -5.05 -14.91
C HIS A 6 -41.13 -4.29 -13.94
N HIS A 7 -41.04 -2.97 -13.95
CA HIS A 7 -41.85 -2.16 -13.07
C HIS A 7 -41.89 -0.70 -13.53
N HIS A 8 -41.00 -0.37 -14.46
CA HIS A 8 -40.92 1.00 -14.97
C HIS A 8 -40.40 1.01 -16.40
N HIS A 9 -39.52 0.07 -16.70
CA HIS A 9 -38.94 -0.03 -18.04
C HIS A 9 -40.04 -0.15 -19.08
N HIS A 10 -39.70 0.15 -20.34
CA HIS A 10 -40.69 0.07 -21.41
C HIS A 10 -40.04 -0.43 -22.70
N SER A 11 -40.11 -1.74 -22.91
CA SER A 11 -39.54 -2.34 -24.11
C SER A 11 -40.33 -1.94 -25.34
N SER A 12 -41.48 -2.58 -25.53
CA SER A 12 -42.33 -2.29 -26.68
C SER A 12 -41.51 -2.33 -27.96
N GLY A 13 -40.82 -3.46 -28.17
CA GLY A 13 -39.99 -3.62 -29.36
C GLY A 13 -39.52 -5.07 -29.49
N LEU A 14 -39.28 -5.72 -28.36
CA LEU A 14 -38.84 -7.10 -28.36
C LEU A 14 -37.53 -7.26 -29.13
N VAL A 15 -36.62 -8.07 -28.59
CA VAL A 15 -35.34 -8.29 -29.25
C VAL A 15 -34.80 -6.98 -29.80
N PRO A 16 -34.58 -6.02 -28.95
CA PRO A 16 -34.06 -4.68 -29.35
C PRO A 16 -32.59 -4.70 -29.76
N ARG A 17 -31.83 -5.64 -29.19
CA ARG A 17 -30.40 -5.73 -29.52
C ARG A 17 -29.81 -7.05 -29.01
N GLY A 18 -29.88 -8.09 -29.85
CA GLY A 18 -29.33 -9.39 -29.46
C GLY A 18 -27.82 -9.40 -29.57
N SER A 19 -27.19 -8.26 -29.28
CA SER A 19 -25.74 -8.14 -29.34
C SER A 19 -25.21 -7.60 -28.02
N HIS A 20 -25.55 -8.28 -26.93
CA HIS A 20 -25.10 -7.87 -25.61
C HIS A 20 -23.58 -7.87 -25.53
N MET A 21 -23.00 -6.78 -25.07
CA MET A 21 -21.54 -6.67 -24.96
C MET A 21 -21.01 -7.60 -23.87
N LYS A 22 -20.12 -8.51 -24.28
CA LYS A 22 -19.51 -9.45 -23.34
C LYS A 22 -18.67 -8.72 -22.31
N GLY A 23 -17.60 -8.10 -22.79
CA GLY A 23 -16.69 -7.37 -21.92
C GLY A 23 -16.47 -5.95 -22.46
N ASN A 24 -15.20 -5.60 -22.69
CA ASN A 24 -14.87 -4.28 -23.21
C ASN A 24 -15.49 -3.19 -22.35
N LYS A 25 -15.91 -3.54 -21.14
CA LYS A 25 -16.51 -2.58 -20.23
C LYS A 25 -15.44 -1.94 -19.35
N GLU A 26 -14.40 -2.73 -19.01
CA GLU A 26 -13.32 -2.24 -18.17
C GLU A 26 -13.86 -1.59 -16.90
N PRO A 27 -14.35 -2.39 -16.00
CA PRO A 27 -14.93 -1.90 -14.70
C PRO A 27 -14.00 -0.93 -13.99
N ARG A 28 -12.80 -0.74 -14.52
CA ARG A 28 -11.84 0.18 -13.92
C ARG A 28 -11.44 -0.29 -12.52
N ASN A 29 -10.59 -1.31 -12.46
CA ASN A 29 -10.14 -1.85 -11.18
C ASN A 29 -8.92 -1.07 -10.66
N VAL A 30 -9.04 -0.52 -9.45
CA VAL A 30 -7.94 0.24 -8.85
C VAL A 30 -6.98 -0.69 -8.13
N ARG A 31 -5.69 -0.41 -8.28
CA ARG A 31 -4.67 -1.22 -7.64
C ARG A 31 -3.46 -0.37 -7.29
N LEU A 32 -2.86 -0.64 -6.13
CA LEU A 32 -1.70 0.11 -5.69
C LEU A 32 -0.42 -0.54 -6.18
N THR A 33 0.62 0.26 -6.40
CA THR A 33 1.89 -0.28 -6.88
C THR A 33 3.06 0.40 -6.18
N PHE A 34 4.21 -0.28 -6.20
CA PHE A 34 5.41 0.25 -5.58
C PHE A 34 6.63 -0.52 -6.09
N ALA A 35 7.73 0.19 -6.35
CA ALA A 35 8.94 -0.45 -6.85
C ALA A 35 8.55 -1.60 -7.77
N ASP A 36 8.68 -2.83 -7.29
CA ASP A 36 8.29 -3.99 -8.07
C ASP A 36 7.29 -4.81 -7.27
N ILE A 37 6.23 -4.14 -6.82
CA ILE A 37 5.19 -4.79 -6.05
C ILE A 37 3.81 -4.29 -6.50
N GLU A 38 2.79 -5.11 -6.30
CA GLU A 38 1.43 -4.73 -6.69
C GLU A 38 0.42 -5.25 -5.69
N LEU A 39 -0.63 -4.47 -5.46
CA LEU A 39 -1.68 -4.85 -4.52
C LEU A 39 -3.05 -4.55 -5.10
N ASP A 40 -3.94 -5.54 -5.03
CA ASP A 40 -5.30 -5.36 -5.56
C ASP A 40 -6.32 -5.41 -4.43
N GLU A 41 -6.75 -4.24 -3.98
CA GLU A 41 -7.74 -4.16 -2.91
C GLU A 41 -9.09 -4.71 -3.37
N GLU A 42 -9.26 -4.78 -4.69
CA GLU A 42 -10.51 -5.28 -5.25
C GLU A 42 -10.77 -6.72 -4.81
N THR A 43 -9.70 -7.47 -4.61
CA THR A 43 -9.83 -8.86 -4.18
C THR A 43 -8.96 -9.14 -2.96
N HIS A 44 -7.98 -8.27 -2.72
CA HIS A 44 -7.09 -8.42 -1.58
C HIS A 44 -5.94 -9.39 -1.93
N GLU A 45 -5.24 -9.10 -3.01
CA GLU A 45 -4.13 -9.94 -3.44
C GLU A 45 -2.85 -9.12 -3.54
N VAL A 46 -1.71 -9.78 -3.33
CA VAL A 46 -0.43 -9.10 -3.40
C VAL A 46 0.49 -9.76 -4.44
N TRP A 47 1.38 -8.98 -5.02
CA TRP A 47 2.29 -9.51 -6.03
C TRP A 47 3.65 -8.81 -5.93
N LYS A 48 4.71 -9.62 -5.91
CA LYS A 48 6.05 -9.07 -5.82
C LYS A 48 6.94 -9.64 -6.92
N ALA A 49 7.32 -8.80 -7.86
CA ALA A 49 8.17 -9.21 -8.99
C ALA A 49 7.90 -10.67 -9.36
N GLY A 50 6.73 -10.91 -9.94
CA GLY A 50 6.36 -12.27 -10.36
C GLY A 50 6.43 -13.23 -9.18
N GLN A 51 6.28 -12.70 -7.97
CA GLN A 51 6.33 -13.52 -6.77
C GLN A 51 5.15 -13.21 -5.85
N PRO A 52 4.05 -13.94 -5.95
CA PRO A 52 2.86 -13.70 -5.11
C PRO A 52 3.04 -14.21 -3.68
N VAL A 53 2.56 -13.42 -2.72
CA VAL A 53 2.67 -13.78 -1.32
C VAL A 53 1.29 -13.81 -0.66
N SER A 54 1.07 -14.80 0.21
CA SER A 54 -0.21 -14.92 0.90
C SER A 54 -0.18 -14.17 2.21
N LEU A 55 -0.50 -12.88 2.18
CA LEU A 55 -0.49 -12.07 3.39
C LEU A 55 -1.89 -11.96 3.97
N SER A 56 -2.00 -12.10 5.29
CA SER A 56 -3.29 -12.02 5.97
C SER A 56 -3.77 -10.58 6.00
N PRO A 57 -4.98 -10.34 6.44
CA PRO A 57 -5.55 -8.97 6.51
C PRO A 57 -4.62 -7.98 7.21
N THR A 58 -4.17 -8.35 8.42
CA THR A 58 -3.27 -7.50 9.18
C THR A 58 -2.03 -7.13 8.38
N GLU A 59 -1.31 -8.14 7.90
CA GLU A 59 -0.10 -7.89 7.12
C GLU A 59 -0.42 -7.06 5.88
N PHE A 60 -1.56 -7.34 5.27
CA PHE A 60 -1.96 -6.61 4.07
C PHE A 60 -2.14 -5.13 4.39
N THR A 61 -2.83 -4.84 5.48
CA THR A 61 -3.05 -3.46 5.89
C THR A 61 -1.72 -2.74 6.10
N LEU A 62 -0.78 -3.45 6.72
CA LEU A 62 0.54 -2.88 7.00
C LEU A 62 1.22 -2.43 5.71
N LEU A 63 1.18 -3.29 4.70
CA LEU A 63 1.78 -2.98 3.40
C LEU A 63 1.04 -1.83 2.72
N ARG A 64 -0.28 -1.84 2.82
CA ARG A 64 -1.09 -0.80 2.19
C ARG A 64 -0.70 0.57 2.71
N TYR A 65 -0.54 0.68 4.02
CA TYR A 65 -0.18 1.97 4.63
C TYR A 65 1.26 2.34 4.28
N PHE A 66 2.14 1.36 4.27
CA PHE A 66 3.54 1.60 3.95
C PHE A 66 3.68 2.23 2.57
N VAL A 67 2.89 1.75 1.63
CA VAL A 67 2.93 2.27 0.26
C VAL A 67 2.37 3.69 0.20
N ILE A 68 1.24 3.89 0.86
CA ILE A 68 0.62 5.22 0.88
C ILE A 68 1.57 6.26 1.44
N ASN A 69 2.40 5.84 2.40
CA ASN A 69 3.36 6.75 3.01
C ASN A 69 4.78 6.39 2.59
N ALA A 70 4.90 5.75 1.43
CA ALA A 70 6.21 5.35 0.93
C ALA A 70 7.16 6.54 0.88
N GLY A 71 8.24 6.46 1.65
CA GLY A 71 9.23 7.54 1.68
C GLY A 71 9.19 8.29 3.01
N THR A 72 8.07 8.18 3.73
CA THR A 72 7.94 8.87 5.00
C THR A 72 8.30 7.94 6.17
N VAL A 73 9.18 8.41 7.03
CA VAL A 73 9.61 7.62 8.18
C VAL A 73 8.47 7.43 9.17
N LEU A 74 8.02 6.20 9.32
CA LEU A 74 6.92 5.88 10.22
C LEU A 74 7.45 5.39 11.57
N SER A 75 6.63 5.53 12.61
CA SER A 75 7.02 5.09 13.94
C SER A 75 6.20 3.86 14.34
N LYS A 76 6.81 2.98 15.13
CA LYS A 76 6.12 1.76 15.58
C LYS A 76 4.84 2.10 16.36
N PRO A 77 4.91 3.07 17.25
CA PRO A 77 3.72 3.47 18.06
C PRO A 77 2.53 3.84 17.18
N LYS A 78 2.76 4.69 16.19
CA LYS A 78 1.71 5.10 15.28
C LYS A 78 1.18 3.89 14.52
N ILE A 79 2.08 3.19 13.85
CA ILE A 79 1.71 2.00 13.09
C ILE A 79 0.84 1.09 13.95
N LEU A 80 1.24 0.92 15.20
CA LEU A 80 0.51 0.08 16.14
C LEU A 80 -0.91 0.61 16.33
N ASP A 81 -1.02 1.79 16.91
CA ASP A 81 -2.32 2.39 17.16
C ASP A 81 -3.16 2.44 15.89
N HIS A 82 -2.51 2.54 14.74
CA HIS A 82 -3.22 2.61 13.48
C HIS A 82 -3.81 1.25 13.10
N VAL A 83 -3.01 0.20 13.18
CA VAL A 83 -3.48 -1.14 12.83
C VAL A 83 -4.22 -1.79 13.99
N TRP A 84 -3.53 -1.99 15.11
CA TRP A 84 -4.14 -2.61 16.28
C TRP A 84 -5.43 -1.90 16.68
N ARG A 85 -5.73 -0.80 15.99
CA ARG A 85 -6.94 -0.03 16.28
C ARG A 85 -8.19 -0.88 16.04
N TYR A 86 -7.99 -2.10 15.54
CA TYR A 86 -9.12 -2.99 15.28
C TYR A 86 -8.84 -4.38 15.85
N ASP A 87 -8.04 -4.43 16.90
CA ASP A 87 -7.71 -5.71 17.53
C ASP A 87 -7.19 -5.51 18.95
N PHE A 88 -6.23 -6.33 19.35
CA PHE A 88 -5.66 -6.24 20.69
C PHE A 88 -5.42 -4.77 21.06
N GLY A 89 -5.09 -4.54 22.33
CA GLY A 89 -4.85 -3.19 22.81
C GLY A 89 -3.69 -2.55 22.06
N GLY A 90 -2.47 -2.77 22.53
CA GLY A 90 -1.29 -2.21 21.89
C GLY A 90 -0.04 -2.99 22.27
N ASP A 91 0.38 -3.87 21.37
CA ASP A 91 1.57 -4.69 21.60
C ASP A 91 2.77 -4.06 20.91
N VAL A 92 3.58 -3.35 21.68
CA VAL A 92 4.77 -2.69 21.14
C VAL A 92 5.84 -3.70 20.79
N ASN A 93 5.59 -4.98 21.10
CA ASN A 93 6.54 -6.04 20.80
C ASN A 93 6.14 -6.76 19.52
N VAL A 94 4.85 -6.74 19.21
CA VAL A 94 4.35 -7.40 18.01
C VAL A 94 4.88 -6.70 16.76
N VAL A 95 4.89 -5.37 16.79
CA VAL A 95 5.37 -4.60 15.65
C VAL A 95 6.76 -5.08 15.23
N GLU A 96 7.65 -5.17 16.22
CA GLU A 96 9.02 -5.61 15.95
C GLU A 96 9.01 -7.03 15.37
N SER A 97 8.24 -7.91 16.01
CA SER A 97 8.15 -9.29 15.55
C SER A 97 7.58 -9.35 14.13
N TYR A 98 6.55 -8.56 13.88
CA TYR A 98 5.92 -8.52 12.57
C TYR A 98 6.88 -7.96 11.53
N VAL A 99 7.62 -6.93 11.91
CA VAL A 99 8.57 -6.33 10.98
C VAL A 99 9.65 -7.33 10.57
N SER A 100 10.14 -8.10 11.54
CA SER A 100 11.17 -9.11 11.26
C SER A 100 10.62 -10.18 10.31
N TYR A 101 9.39 -10.62 10.57
CA TYR A 101 8.76 -11.64 9.75
C TYR A 101 8.44 -11.09 8.36
N LEU A 102 8.15 -9.79 8.30
CA LEU A 102 7.83 -9.16 7.03
C LEU A 102 9.05 -9.10 6.14
N ARG A 103 10.17 -8.69 6.71
CA ARG A 103 11.41 -8.60 5.96
C ARG A 103 11.76 -9.96 5.35
N ARG A 104 11.62 -11.02 6.14
CA ARG A 104 11.93 -12.37 5.66
C ARG A 104 10.90 -12.82 4.61
N LYS A 105 9.76 -12.15 4.55
CA LYS A 105 8.70 -12.52 3.60
C LYS A 105 8.78 -11.70 2.32
N ILE A 106 9.29 -10.48 2.43
CA ILE A 106 9.40 -9.60 1.27
C ILE A 106 10.86 -9.35 0.92
N ASP A 107 11.72 -9.42 1.93
CA ASP A 107 13.14 -9.20 1.72
C ASP A 107 13.91 -10.51 1.87
N THR A 108 14.87 -10.74 0.98
CA THR A 108 15.68 -11.95 1.02
C THR A 108 16.82 -11.86 0.01
N GLY A 109 17.26 -10.65 -0.28
CA GLY A 109 18.35 -10.46 -1.24
C GLY A 109 19.28 -9.34 -0.77
N GLU A 110 20.30 -9.06 -1.58
CA GLU A 110 21.26 -8.01 -1.24
C GLU A 110 20.61 -6.63 -1.34
N LYS A 111 19.45 -6.57 -2.00
CA LYS A 111 18.74 -5.31 -2.15
C LYS A 111 17.75 -5.10 -1.02
N ARG A 112 18.03 -4.11 -0.17
CA ARG A 112 17.15 -3.81 0.96
C ARG A 112 16.04 -2.88 0.52
N LEU A 113 14.82 -3.16 0.96
CA LEU A 113 13.67 -2.34 0.60
C LEU A 113 13.49 -1.21 1.62
N LEU A 114 12.98 -1.56 2.79
CA LEU A 114 12.77 -0.57 3.84
C LEU A 114 13.96 -0.54 4.79
N HIS A 115 14.26 0.65 5.32
CA HIS A 115 15.38 0.79 6.25
C HIS A 115 14.89 0.89 7.69
N THR A 116 15.59 0.22 8.60
CA THR A 116 15.21 0.23 10.01
C THR A 116 15.99 1.30 10.77
N LEU A 117 15.30 2.34 11.21
CA LEU A 117 15.94 3.41 11.95
C LEU A 117 15.77 3.19 13.46
N ARG A 118 16.47 2.18 13.97
CA ARG A 118 16.40 1.87 15.40
C ARG A 118 16.37 3.14 16.23
N GLY A 119 15.32 3.31 17.01
CA GLY A 119 15.18 4.49 17.87
C GLY A 119 14.08 5.42 17.36
N VAL A 120 13.67 5.21 16.11
CA VAL A 120 12.62 6.03 15.52
C VAL A 120 11.55 5.14 14.88
N GLY A 121 11.98 4.23 14.02
CA GLY A 121 11.04 3.32 13.36
C GLY A 121 11.63 2.77 12.08
N TYR A 122 10.80 2.70 11.04
CA TYR A 122 11.24 2.18 9.75
C TYR A 122 10.84 3.13 8.62
N VAL A 123 11.56 3.06 7.51
CA VAL A 123 11.28 3.91 6.37
C VAL A 123 11.28 3.09 5.08
N LEU A 124 10.25 3.29 4.27
CA LEU A 124 10.15 2.57 3.00
C LEU A 124 10.76 3.39 1.87
N ARG A 125 11.81 2.87 1.27
CA ARG A 125 12.47 3.56 0.16
C ARG A 125 13.36 2.61 -0.63
N GLU A 126 13.22 2.65 -1.95
CA GLU A 126 14.02 1.78 -2.81
C GLU A 126 15.50 2.13 -2.67
N PRO A 127 16.37 1.17 -2.90
CA PRO A 127 17.83 1.39 -2.79
C PRO A 127 18.36 2.30 -3.91
N ARG A 128 18.78 3.50 -3.53
CA ARG A 128 19.30 4.46 -4.50
C ARG A 128 20.68 4.03 -5.01
N MET A 1 -19.23 35.78 -42.11
CA MET A 1 -20.62 35.32 -41.82
C MET A 1 -20.61 33.81 -41.60
N GLY A 2 -19.42 33.26 -41.42
CA GLY A 2 -19.28 31.82 -41.19
C GLY A 2 -18.02 31.30 -41.89
N SER A 3 -17.13 30.72 -41.09
CA SER A 3 -15.88 30.17 -41.62
C SER A 3 -16.14 29.35 -42.88
N SER A 4 -15.17 29.35 -43.79
CA SER A 4 -15.29 28.60 -45.03
C SER A 4 -13.97 28.62 -45.80
N HIS A 5 -13.18 29.66 -45.56
CA HIS A 5 -11.88 29.79 -46.23
C HIS A 5 -10.88 28.78 -45.67
N HIS A 6 -9.90 29.28 -44.93
CA HIS A 6 -8.88 28.41 -44.35
C HIS A 6 -9.52 27.19 -43.70
N HIS A 7 -9.50 26.06 -44.40
CA HIS A 7 -10.08 24.83 -43.88
C HIS A 7 -9.25 24.32 -42.70
N HIS A 8 -9.82 23.40 -41.94
CA HIS A 8 -9.11 22.83 -40.79
C HIS A 8 -8.40 23.93 -40.00
N HIS A 9 -7.45 23.52 -39.17
CA HIS A 9 -6.70 24.47 -38.35
C HIS A 9 -5.33 23.92 -38.01
N HIS A 10 -5.22 22.60 -37.92
CA HIS A 10 -3.96 21.96 -37.59
C HIS A 10 -3.42 22.47 -36.27
N SER A 11 -3.86 21.84 -35.18
CA SER A 11 -3.43 22.24 -33.84
C SER A 11 -2.03 21.68 -33.54
N SER A 12 -1.00 22.47 -33.82
CA SER A 12 0.37 22.03 -33.60
C SER A 12 0.98 22.76 -32.40
N GLY A 13 1.14 22.04 -31.29
CA GLY A 13 1.72 22.63 -30.09
C GLY A 13 1.64 21.65 -28.92
N LEU A 14 2.58 21.77 -27.98
CA LEU A 14 2.60 20.88 -26.82
C LEU A 14 1.93 21.53 -25.63
N VAL A 15 1.93 22.86 -25.59
CA VAL A 15 1.32 23.58 -24.48
C VAL A 15 0.43 24.71 -25.00
N PRO A 16 -0.50 24.40 -25.87
CA PRO A 16 -1.44 25.41 -26.45
C PRO A 16 -2.38 26.01 -25.39
N ARG A 17 -3.28 25.18 -24.88
CA ARG A 17 -4.24 25.63 -23.87
C ARG A 17 -3.54 26.42 -22.77
N GLY A 18 -2.45 25.85 -22.25
CA GLY A 18 -1.70 26.51 -21.18
C GLY A 18 -1.58 25.61 -19.96
N SER A 19 -2.71 25.30 -19.33
CA SER A 19 -2.69 24.44 -18.16
C SER A 19 -4.12 24.11 -17.71
N HIS A 20 -4.23 23.20 -16.75
CA HIS A 20 -5.53 22.79 -16.23
C HIS A 20 -5.57 22.94 -14.71
N MET A 21 -6.48 22.22 -14.06
CA MET A 21 -6.59 22.28 -12.60
C MET A 21 -7.20 20.99 -12.06
N LYS A 22 -7.10 19.91 -12.83
CA LYS A 22 -7.66 18.64 -12.38
C LYS A 22 -6.66 17.49 -12.51
N GLY A 23 -7.00 16.36 -11.92
CA GLY A 23 -6.16 15.17 -11.96
C GLY A 23 -6.98 13.93 -11.63
N ASN A 24 -7.68 13.39 -12.64
CA ASN A 24 -8.50 12.21 -12.44
C ASN A 24 -7.67 10.94 -12.55
N LYS A 25 -8.33 9.78 -12.50
CA LYS A 25 -7.63 8.51 -12.59
C LYS A 25 -8.63 7.38 -12.79
N GLU A 26 -8.19 6.31 -13.45
CA GLU A 26 -9.07 5.17 -13.69
C GLU A 26 -9.93 4.90 -12.45
N PRO A 27 -11.20 5.24 -12.48
CA PRO A 27 -12.11 5.01 -11.32
C PRO A 27 -12.64 3.59 -11.27
N ARG A 28 -11.87 2.65 -11.80
CA ARG A 28 -12.29 1.25 -11.81
C ARG A 28 -11.69 0.51 -10.61
N ASN A 29 -10.72 -0.36 -10.87
CA ASN A 29 -10.10 -1.12 -9.80
C ASN A 29 -8.93 -0.33 -9.20
N VAL A 30 -8.88 -0.28 -7.87
CA VAL A 30 -7.81 0.43 -7.19
C VAL A 30 -6.63 -0.52 -6.91
N ARG A 31 -5.54 -0.32 -7.63
CA ARG A 31 -4.36 -1.16 -7.45
C ARG A 31 -3.13 -0.29 -7.17
N LEU A 32 -2.46 -0.58 -6.05
CA LEU A 32 -1.27 0.17 -5.67
C LEU A 32 -0.01 -0.50 -6.23
N THR A 33 1.04 0.29 -6.42
CA THR A 33 2.30 -0.24 -6.95
C THR A 33 3.48 0.38 -6.22
N PHE A 34 4.58 -0.36 -6.18
CA PHE A 34 5.79 0.11 -5.52
C PHE A 34 6.97 -0.77 -5.92
N ALA A 35 8.10 -0.16 -6.23
CA ALA A 35 9.28 -0.91 -6.64
C ALA A 35 8.83 -2.12 -7.47
N ASP A 36 8.89 -3.31 -6.88
CA ASP A 36 8.45 -4.50 -7.58
C ASP A 36 7.38 -5.21 -6.75
N ILE A 37 6.36 -4.44 -6.40
CA ILE A 37 5.26 -4.95 -5.60
C ILE A 37 3.92 -4.45 -6.16
N GLU A 38 2.89 -5.28 -6.06
CA GLU A 38 1.57 -4.89 -6.55
C GLU A 38 0.48 -5.39 -5.61
N LEU A 39 -0.57 -4.59 -5.44
CA LEU A 39 -1.67 -4.95 -4.57
C LEU A 39 -3.00 -4.53 -5.19
N ASP A 40 -3.94 -5.47 -5.26
CA ASP A 40 -5.25 -5.18 -5.83
C ASP A 40 -6.31 -5.27 -4.75
N GLU A 41 -6.80 -4.12 -4.30
CA GLU A 41 -7.83 -4.07 -3.26
C GLU A 41 -9.14 -4.68 -3.76
N GLU A 42 -9.29 -4.75 -5.08
CA GLU A 42 -10.51 -5.31 -5.67
C GLU A 42 -10.69 -6.76 -5.23
N THR A 43 -9.58 -7.49 -5.17
CA THR A 43 -9.63 -8.89 -4.78
C THR A 43 -8.87 -9.10 -3.48
N HIS A 44 -7.93 -8.21 -3.20
CA HIS A 44 -7.13 -8.31 -1.98
C HIS A 44 -5.98 -9.29 -2.19
N GLU A 45 -5.25 -9.13 -3.29
CA GLU A 45 -4.13 -10.01 -3.58
C GLU A 45 -2.84 -9.22 -3.72
N VAL A 46 -1.71 -9.90 -3.56
CA VAL A 46 -0.41 -9.24 -3.67
C VAL A 46 0.43 -9.88 -4.77
N TRP A 47 1.29 -9.08 -5.39
CA TRP A 47 2.15 -9.58 -6.46
C TRP A 47 3.50 -8.89 -6.43
N LYS A 48 4.57 -9.69 -6.36
CA LYS A 48 5.92 -9.15 -6.32
C LYS A 48 6.77 -9.75 -7.43
N ALA A 49 7.23 -8.90 -8.35
CA ALA A 49 8.05 -9.36 -9.47
C ALA A 49 7.67 -10.77 -9.89
N GLY A 50 6.44 -10.94 -10.37
CA GLY A 50 5.97 -12.25 -10.82
C GLY A 50 6.03 -13.26 -9.68
N GLN A 51 5.86 -12.78 -8.45
CA GLN A 51 5.90 -13.65 -7.28
C GLN A 51 4.73 -13.35 -6.34
N PRO A 52 3.62 -14.04 -6.48
CA PRO A 52 2.44 -13.79 -5.62
C PRO A 52 2.61 -14.39 -4.22
N VAL A 53 2.22 -13.62 -3.21
CA VAL A 53 2.32 -14.06 -1.82
C VAL A 53 0.96 -14.06 -1.14
N SER A 54 0.74 -15.04 -0.27
CA SER A 54 -0.52 -15.14 0.46
C SER A 54 -0.38 -14.56 1.86
N LEU A 55 -0.59 -13.26 1.99
CA LEU A 55 -0.50 -12.60 3.29
C LEU A 55 -1.88 -12.49 3.93
N SER A 56 -1.91 -12.42 5.27
CA SER A 56 -3.17 -12.32 5.98
C SER A 56 -3.66 -10.87 6.03
N PRO A 57 -4.89 -10.66 6.44
CA PRO A 57 -5.49 -9.30 6.53
C PRO A 57 -4.58 -8.31 7.26
N THR A 58 -4.15 -8.68 8.47
CA THR A 58 -3.28 -7.81 9.27
C THR A 58 -1.98 -7.53 8.54
N GLU A 59 -1.36 -8.57 8.01
CA GLU A 59 -0.10 -8.42 7.29
C GLU A 59 -0.31 -7.55 6.05
N PHE A 60 -1.44 -7.76 5.38
CA PHE A 60 -1.77 -7.00 4.19
C PHE A 60 -1.92 -5.52 4.51
N THR A 61 -2.70 -5.23 5.55
CA THR A 61 -2.93 -3.84 5.94
C THR A 61 -1.60 -3.12 6.20
N LEU A 62 -0.68 -3.79 6.87
CA LEU A 62 0.61 -3.21 7.17
C LEU A 62 1.38 -2.89 5.90
N LEU A 63 1.41 -3.87 4.99
CA LEU A 63 2.11 -3.69 3.72
C LEU A 63 1.48 -2.55 2.92
N ARG A 64 0.15 -2.51 2.90
CA ARG A 64 -0.57 -1.47 2.17
C ARG A 64 -0.21 -0.08 2.70
N TYR A 65 -0.20 0.06 4.02
CA TYR A 65 0.13 1.35 4.65
C TYR A 65 1.58 1.72 4.37
N PHE A 66 2.47 0.75 4.48
CA PHE A 66 3.89 0.99 4.25
C PHE A 66 4.11 1.63 2.88
N VAL A 67 3.43 1.08 1.87
CA VAL A 67 3.55 1.59 0.52
C VAL A 67 2.98 3.01 0.41
N ILE A 68 1.77 3.19 0.93
CA ILE A 68 1.12 4.50 0.86
C ILE A 68 1.97 5.57 1.52
N ASN A 69 2.74 5.18 2.53
CA ASN A 69 3.59 6.14 3.23
C ASN A 69 5.06 5.92 2.88
N ALA A 70 5.31 5.17 1.82
CA ALA A 70 6.66 4.90 1.38
C ALA A 70 7.47 6.19 1.30
N GLY A 71 8.55 6.26 2.08
CA GLY A 71 9.39 7.45 2.09
C GLY A 71 9.30 8.17 3.42
N THR A 72 8.15 8.04 4.07
CA THR A 72 7.93 8.70 5.36
C THR A 72 8.28 7.75 6.52
N VAL A 73 9.06 8.25 7.47
CA VAL A 73 9.45 7.44 8.63
C VAL A 73 8.25 7.17 9.53
N LEU A 74 7.96 5.89 9.76
CA LEU A 74 6.83 5.52 10.61
C LEU A 74 7.32 5.26 12.04
N SER A 75 6.40 5.36 13.00
CA SER A 75 6.74 5.13 14.40
C SER A 75 6.07 3.87 14.91
N LYS A 76 6.74 3.21 15.86
CA LYS A 76 6.21 1.98 16.44
C LYS A 76 4.81 2.20 17.01
N PRO A 77 4.63 3.17 17.88
CA PRO A 77 3.30 3.45 18.50
C PRO A 77 2.30 3.96 17.47
N LYS A 78 2.79 4.70 16.48
CA LYS A 78 1.94 5.23 15.44
C LYS A 78 1.38 4.08 14.60
N ILE A 79 2.27 3.17 14.19
CA ILE A 79 1.86 2.02 13.39
C ILE A 79 0.75 1.25 14.09
N LEU A 80 0.93 1.03 15.39
CA LEU A 80 -0.07 0.29 16.16
C LEU A 80 -1.40 1.04 16.16
N ASP A 81 -1.40 2.25 16.70
CA ASP A 81 -2.62 3.06 16.74
C ASP A 81 -3.36 3.00 15.42
N HIS A 82 -2.61 3.01 14.32
CA HIS A 82 -3.23 2.97 12.99
C HIS A 82 -3.81 1.59 12.70
N VAL A 83 -3.01 0.55 12.89
CA VAL A 83 -3.44 -0.82 12.63
C VAL A 83 -4.22 -1.39 13.82
N TRP A 84 -3.55 -1.49 14.96
CA TRP A 84 -4.19 -2.02 16.16
C TRP A 84 -5.51 -1.32 16.44
N ARG A 85 -5.84 -0.31 15.63
CA ARG A 85 -7.07 0.44 15.81
C ARG A 85 -8.29 -0.48 15.63
N TYR A 86 -8.03 -1.75 15.31
CA TYR A 86 -9.11 -2.71 15.11
C TYR A 86 -9.03 -3.84 16.13
N ASP A 87 -8.23 -3.63 17.17
CA ASP A 87 -8.08 -4.64 18.22
C ASP A 87 -6.89 -4.30 19.12
N PHE A 88 -7.19 -3.85 20.33
CA PHE A 88 -6.14 -3.50 21.28
C PHE A 88 -5.60 -4.74 21.97
N GLY A 89 -4.29 -4.94 21.87
CA GLY A 89 -3.66 -6.10 22.49
C GLY A 89 -2.35 -6.45 21.80
N GLY A 90 -1.45 -5.47 21.72
CA GLY A 90 -0.15 -5.70 21.08
C GLY A 90 0.85 -4.64 21.52
N ASP A 91 1.72 -5.01 22.46
CA ASP A 91 2.73 -4.09 22.95
C ASP A 91 3.53 -3.50 21.81
N VAL A 92 4.56 -2.73 22.16
CA VAL A 92 5.40 -2.10 21.15
C VAL A 92 6.45 -3.09 20.62
N ASN A 93 6.51 -4.27 21.24
CA ASN A 93 7.46 -5.29 20.81
C ASN A 93 6.87 -6.17 19.71
N VAL A 94 5.54 -6.22 19.65
CA VAL A 94 4.87 -7.02 18.63
C VAL A 94 5.16 -6.45 17.24
N VAL A 95 5.17 -5.14 17.14
CA VAL A 95 5.44 -4.48 15.88
C VAL A 95 6.79 -4.93 15.32
N GLU A 96 7.81 -4.85 16.16
CA GLU A 96 9.16 -5.25 15.75
C GLU A 96 9.15 -6.69 15.24
N SER A 97 8.52 -7.59 16.00
CA SER A 97 8.44 -8.99 15.62
C SER A 97 7.69 -9.12 14.29
N TYR A 98 6.60 -8.39 14.15
CA TYR A 98 5.81 -8.44 12.93
C TYR A 98 6.63 -7.93 11.73
N VAL A 99 7.34 -6.82 11.94
CA VAL A 99 8.14 -6.24 10.87
C VAL A 99 9.23 -7.22 10.43
N SER A 100 9.85 -7.88 11.39
CA SER A 100 10.90 -8.84 11.09
C SER A 100 10.34 -10.01 10.28
N TYR A 101 9.12 -10.43 10.61
CA TYR A 101 8.49 -11.54 9.91
C TYR A 101 8.06 -11.10 8.52
N LEU A 102 7.79 -9.82 8.36
CA LEU A 102 7.39 -9.28 7.07
C LEU A 102 8.60 -9.17 6.14
N ARG A 103 9.70 -8.65 6.68
CA ARG A 103 10.92 -8.50 5.89
C ARG A 103 11.35 -9.85 5.32
N ARG A 104 11.34 -10.87 6.16
CA ARG A 104 11.75 -12.20 5.73
C ARG A 104 10.77 -12.79 4.71
N LYS A 105 9.54 -12.29 4.72
CA LYS A 105 8.53 -12.79 3.80
C LYS A 105 8.49 -11.97 2.51
N ILE A 106 8.93 -10.72 2.58
CA ILE A 106 8.93 -9.86 1.41
C ILE A 106 10.34 -9.55 0.97
N ASP A 107 11.23 -9.30 1.92
CA ASP A 107 12.62 -8.99 1.59
C ASP A 107 13.50 -10.21 1.82
N THR A 108 14.43 -10.45 0.88
CA THR A 108 15.32 -11.58 0.99
C THR A 108 16.36 -11.55 -0.13
N GLY A 109 16.81 -10.36 -0.48
CA GLY A 109 17.80 -10.20 -1.55
C GLY A 109 18.82 -9.13 -1.20
N GLU A 110 19.77 -8.90 -2.10
CA GLU A 110 20.80 -7.90 -1.88
C GLU A 110 20.23 -6.49 -2.05
N LYS A 111 18.99 -6.41 -2.52
CA LYS A 111 18.34 -5.12 -2.72
C LYS A 111 17.55 -4.73 -1.48
N ARG A 112 18.00 -3.69 -0.80
CA ARG A 112 17.33 -3.21 0.40
C ARG A 112 16.22 -2.23 0.03
N LEU A 113 15.24 -2.11 0.92
CA LEU A 113 14.10 -1.22 0.68
C LEU A 113 13.61 -0.62 2.01
N LEU A 114 13.61 -1.44 3.05
CA LEU A 114 13.16 -0.98 4.36
C LEU A 114 14.35 -0.70 5.27
N HIS A 115 14.45 0.54 5.72
CA HIS A 115 15.54 0.92 6.60
C HIS A 115 15.07 0.99 8.05
N THR A 116 15.79 0.31 8.94
CA THR A 116 15.44 0.30 10.35
C THR A 116 16.17 1.40 11.09
N LEU A 117 15.44 2.43 11.50
CA LEU A 117 16.03 3.53 12.23
C LEU A 117 15.90 3.29 13.74
N ARG A 118 16.63 2.30 14.24
CA ARG A 118 16.59 1.99 15.67
C ARG A 118 16.55 3.28 16.47
N GLY A 119 15.42 3.56 17.09
CA GLY A 119 15.29 4.76 17.90
C GLY A 119 14.11 5.62 17.43
N VAL A 120 13.68 5.40 16.19
CA VAL A 120 12.56 6.17 15.64
C VAL A 120 11.50 5.22 15.07
N GLY A 121 11.94 4.25 14.30
CA GLY A 121 11.02 3.29 13.69
C GLY A 121 11.59 2.75 12.38
N TYR A 122 10.73 2.65 11.37
CA TYR A 122 11.17 2.15 10.06
C TYR A 122 10.83 3.14 8.97
N VAL A 123 11.57 3.05 7.85
CA VAL A 123 11.33 3.97 6.74
C VAL A 123 11.51 3.24 5.40
N LEU A 124 10.52 3.37 4.51
CA LEU A 124 10.58 2.74 3.21
C LEU A 124 11.22 3.67 2.19
N ARG A 125 12.01 3.09 1.29
CA ARG A 125 12.69 3.88 0.25
C ARG A 125 13.18 2.98 -0.88
N GLU A 126 12.97 3.41 -2.11
CA GLU A 126 13.40 2.64 -3.27
C GLU A 126 14.91 2.76 -3.49
N PRO A 127 15.50 1.82 -4.19
CA PRO A 127 16.96 1.84 -4.46
C PRO A 127 17.47 3.25 -4.75
N ARG A 128 18.61 3.60 -4.16
CA ARG A 128 19.17 4.92 -4.36
C ARG A 128 19.00 5.38 -5.80
N MET A 1 -24.49 36.99 -21.67
CA MET A 1 -24.17 38.40 -22.06
C MET A 1 -23.73 39.17 -20.82
N GLY A 2 -22.65 39.93 -20.96
CA GLY A 2 -22.14 40.71 -19.84
C GLY A 2 -21.18 41.79 -20.31
N SER A 3 -20.03 41.90 -19.64
CA SER A 3 -19.04 42.92 -19.98
C SER A 3 -17.67 42.28 -20.23
N SER A 4 -17.16 42.44 -21.45
CA SER A 4 -15.86 41.89 -21.82
C SER A 4 -15.83 40.39 -21.62
N HIS A 5 -15.95 39.66 -22.73
CA HIS A 5 -15.94 38.21 -22.70
C HIS A 5 -15.35 37.66 -24.00
N HIS A 6 -14.56 38.48 -24.69
CA HIS A 6 -13.97 38.05 -25.96
C HIS A 6 -12.94 36.95 -25.73
N HIS A 7 -12.58 36.73 -24.47
CA HIS A 7 -11.60 35.69 -24.14
C HIS A 7 -12.08 34.32 -24.64
N HIS A 8 -13.39 34.11 -24.59
CA HIS A 8 -13.96 32.85 -25.05
C HIS A 8 -14.55 33.00 -26.45
N HIS A 9 -13.70 33.34 -27.41
CA HIS A 9 -14.14 33.51 -28.79
C HIS A 9 -12.99 33.29 -29.76
N HIS A 10 -11.93 32.63 -29.28
CA HIS A 10 -10.77 32.36 -30.12
C HIS A 10 -10.95 31.03 -30.84
N SER A 11 -11.54 30.06 -30.15
CA SER A 11 -11.78 28.75 -30.74
C SER A 11 -12.81 28.83 -31.85
N SER A 12 -12.45 28.29 -33.02
CA SER A 12 -13.37 28.32 -34.16
C SER A 12 -12.86 27.40 -35.29
N GLY A 13 -12.65 26.12 -34.96
CA GLY A 13 -12.15 25.16 -35.95
C GLY A 13 -11.51 23.96 -35.27
N LEU A 14 -11.45 22.84 -35.98
CA LEU A 14 -10.85 21.63 -35.43
C LEU A 14 -11.65 21.11 -34.24
N VAL A 15 -12.52 20.13 -34.49
CA VAL A 15 -13.36 19.55 -33.44
C VAL A 15 -12.59 19.51 -32.11
N PRO A 16 -13.28 19.58 -31.00
CA PRO A 16 -12.64 19.54 -29.64
C PRO A 16 -12.08 18.16 -29.29
N ARG A 17 -10.79 18.12 -28.99
CA ARG A 17 -10.14 16.87 -28.61
C ARG A 17 -10.19 16.66 -27.11
N GLY A 18 -11.25 16.01 -26.64
CA GLY A 18 -11.40 15.77 -25.21
C GLY A 18 -12.88 15.71 -24.82
N SER A 19 -13.59 14.74 -25.38
CA SER A 19 -15.00 14.59 -25.09
C SER A 19 -15.19 13.86 -23.76
N HIS A 20 -14.18 13.10 -23.38
CA HIS A 20 -14.22 12.35 -22.12
C HIS A 20 -15.35 11.32 -22.14
N MET A 21 -15.16 10.25 -21.37
CA MET A 21 -16.17 9.19 -21.30
C MET A 21 -16.28 8.65 -19.88
N LYS A 22 -17.44 8.08 -19.57
CA LYS A 22 -17.66 7.52 -18.24
C LYS A 22 -17.38 6.03 -18.25
N GLY A 23 -17.36 5.43 -19.44
CA GLY A 23 -17.11 4.01 -19.56
C GLY A 23 -18.17 3.20 -18.81
N ASN A 24 -18.39 1.97 -19.27
CA ASN A 24 -19.37 1.11 -18.63
C ASN A 24 -18.80 -0.29 -18.42
N LYS A 25 -17.98 -0.74 -19.35
CA LYS A 25 -17.38 -2.06 -19.26
C LYS A 25 -15.87 -1.95 -19.07
N GLU A 26 -15.34 -0.75 -19.27
CA GLU A 26 -13.91 -0.53 -19.12
C GLU A 26 -13.63 0.78 -18.37
N PRO A 27 -14.06 0.86 -17.15
CA PRO A 27 -13.86 2.07 -16.30
C PRO A 27 -12.40 2.24 -15.87
N ARG A 28 -12.05 1.68 -14.71
CA ARG A 28 -10.69 1.80 -14.20
C ARG A 28 -10.55 1.07 -12.86
N ASN A 29 -9.84 -0.05 -12.87
CA ASN A 29 -9.64 -0.82 -11.63
C ASN A 29 -8.59 -0.14 -10.76
N VAL A 30 -8.75 -0.27 -9.44
CA VAL A 30 -7.81 0.35 -8.51
C VAL A 30 -6.71 -0.64 -8.12
N ARG A 31 -5.50 -0.36 -8.55
CA ARG A 31 -4.35 -1.22 -8.24
C ARG A 31 -3.14 -0.40 -7.83
N LEU A 32 -2.62 -0.66 -6.64
CA LEU A 32 -1.45 0.06 -6.14
C LEU A 32 -0.16 -0.64 -6.54
N THR A 33 0.91 0.12 -6.68
CA THR A 33 2.20 -0.45 -7.06
C THR A 33 3.34 0.23 -6.30
N PHE A 34 4.46 -0.46 -6.19
CA PHE A 34 5.63 0.08 -5.49
C PHE A 34 6.87 -0.73 -5.86
N ALA A 35 7.92 -0.05 -6.30
CA ALA A 35 9.14 -0.74 -6.71
C ALA A 35 8.76 -2.00 -7.48
N ASP A 36 8.77 -3.13 -6.78
CA ASP A 36 8.40 -4.40 -7.42
C ASP A 36 7.28 -5.05 -6.61
N ILE A 37 6.21 -4.30 -6.40
CA ILE A 37 5.07 -4.79 -5.63
C ILE A 37 3.77 -4.38 -6.32
N GLU A 38 2.75 -5.21 -6.20
CA GLU A 38 1.46 -4.91 -6.81
C GLU A 38 0.32 -5.37 -5.90
N LEU A 39 -0.70 -4.52 -5.77
CA LEU A 39 -1.84 -4.85 -4.93
C LEU A 39 -3.15 -4.56 -5.66
N ASP A 40 -4.12 -5.47 -5.54
CA ASP A 40 -5.41 -5.29 -6.19
C ASP A 40 -6.50 -5.06 -5.16
N GLU A 41 -6.99 -3.83 -5.10
CA GLU A 41 -8.04 -3.47 -4.15
C GLU A 41 -9.34 -4.20 -4.48
N GLU A 42 -9.38 -4.82 -5.67
CA GLU A 42 -10.58 -5.54 -6.09
C GLU A 42 -10.48 -7.03 -5.77
N THR A 43 -9.31 -7.60 -6.02
CA THR A 43 -9.11 -9.02 -5.75
C THR A 43 -8.35 -9.21 -4.45
N HIS A 44 -8.18 -8.13 -3.70
CA HIS A 44 -7.48 -8.18 -2.43
C HIS A 44 -6.31 -9.16 -2.51
N GLU A 45 -5.48 -9.00 -3.54
CA GLU A 45 -4.34 -9.88 -3.73
C GLU A 45 -3.05 -9.08 -3.82
N VAL A 46 -1.93 -9.72 -3.48
CA VAL A 46 -0.64 -9.06 -3.53
C VAL A 46 0.27 -9.73 -4.54
N TRP A 47 1.30 -9.01 -4.99
CA TRP A 47 2.23 -9.56 -5.96
C TRP A 47 3.64 -9.03 -5.71
N LYS A 48 4.60 -9.93 -5.65
CA LYS A 48 6.00 -9.55 -5.42
C LYS A 48 6.90 -10.15 -6.49
N ALA A 49 7.42 -9.30 -7.35
CA ALA A 49 8.32 -9.74 -8.43
C ALA A 49 7.97 -11.16 -8.88
N GLY A 50 6.81 -11.31 -9.50
CA GLY A 50 6.38 -12.62 -9.99
C GLY A 50 6.32 -13.63 -8.85
N GLN A 51 6.00 -13.15 -7.65
CA GLN A 51 5.92 -14.03 -6.48
C GLN A 51 4.77 -13.60 -5.58
N PRO A 52 3.58 -14.08 -5.81
CA PRO A 52 2.39 -13.73 -4.99
C PRO A 52 2.51 -14.24 -3.56
N VAL A 53 1.97 -13.47 -2.62
CA VAL A 53 2.03 -13.85 -1.21
C VAL A 53 0.64 -13.79 -0.58
N SER A 54 0.33 -14.81 0.22
CA SER A 54 -0.97 -14.86 0.88
C SER A 54 -0.88 -14.22 2.27
N LEU A 55 -1.06 -12.91 2.33
CA LEU A 55 -1.00 -12.21 3.60
C LEU A 55 -2.39 -12.04 4.20
N SER A 56 -2.45 -11.95 5.52
CA SER A 56 -3.73 -11.79 6.21
C SER A 56 -4.14 -10.31 6.23
N PRO A 57 -5.35 -10.04 6.62
CA PRO A 57 -5.87 -8.64 6.70
C PRO A 57 -4.88 -7.69 7.38
N THR A 58 -4.45 -8.05 8.58
CA THR A 58 -3.51 -7.24 9.34
C THR A 58 -2.25 -6.96 8.52
N GLU A 59 -1.58 -8.03 8.09
CA GLU A 59 -0.36 -7.90 7.30
C GLU A 59 -0.61 -7.08 6.05
N PHE A 60 -1.78 -7.31 5.44
CA PHE A 60 -2.13 -6.60 4.21
C PHE A 60 -2.28 -5.10 4.49
N THR A 61 -2.99 -4.76 5.55
CA THR A 61 -3.19 -3.36 5.90
C THR A 61 -1.86 -2.65 6.14
N LEU A 62 -0.94 -3.36 6.79
CA LEU A 62 0.38 -2.79 7.07
C LEU A 62 1.12 -2.48 5.77
N LEU A 63 1.09 -3.42 4.84
CA LEU A 63 1.76 -3.22 3.56
C LEU A 63 1.14 -2.07 2.79
N ARG A 64 -0.18 -1.96 2.86
CA ARG A 64 -0.90 -0.90 2.16
C ARG A 64 -0.52 0.46 2.72
N TYR A 65 -0.47 0.57 4.05
CA TYR A 65 -0.12 1.83 4.69
C TYR A 65 1.30 2.24 4.32
N PHE A 66 2.21 1.26 4.29
CA PHE A 66 3.60 1.53 3.96
C PHE A 66 3.71 2.17 2.57
N VAL A 67 3.01 1.59 1.60
CA VAL A 67 3.06 2.11 0.23
C VAL A 67 2.52 3.54 0.18
N ILE A 68 1.40 3.78 0.84
CA ILE A 68 0.80 5.11 0.86
C ILE A 68 1.77 6.13 1.44
N ASN A 69 2.54 5.72 2.44
CA ASN A 69 3.50 6.61 3.08
C ASN A 69 4.93 6.23 2.72
N ALA A 70 5.11 5.64 1.54
CA ALA A 70 6.43 5.23 1.09
C ALA A 70 7.38 6.43 1.06
N GLY A 71 8.44 6.38 1.84
CA GLY A 71 9.40 7.48 1.88
C GLY A 71 9.36 8.21 3.22
N THR A 72 8.24 8.07 3.93
CA THR A 72 8.08 8.72 5.23
C THR A 72 8.44 7.76 6.36
N VAL A 73 9.26 8.24 7.29
CA VAL A 73 9.66 7.41 8.42
C VAL A 73 8.47 7.17 9.35
N LEU A 74 8.09 5.90 9.48
CA LEU A 74 6.96 5.54 10.33
C LEU A 74 7.45 5.11 11.71
N SER A 75 6.62 5.33 12.73
CA SER A 75 6.99 4.95 14.08
C SER A 75 6.21 3.70 14.49
N LYS A 76 6.82 2.87 15.33
CA LYS A 76 6.17 1.65 15.78
C LYS A 76 4.84 1.97 16.49
N PRO A 77 4.82 2.92 17.38
CA PRO A 77 3.57 3.29 18.12
C PRO A 77 2.40 3.52 17.17
N LYS A 78 2.62 4.36 16.15
CA LYS A 78 1.58 4.66 15.18
C LYS A 78 1.19 3.40 14.41
N ILE A 79 2.17 2.75 13.81
CA ILE A 79 1.93 1.53 13.06
C ILE A 79 1.09 0.56 13.89
N LEU A 80 1.42 0.48 15.17
CA LEU A 80 0.70 -0.40 16.09
C LEU A 80 -0.77 0.00 16.17
N ASP A 81 -1.03 1.17 16.76
CA ASP A 81 -2.39 1.66 16.92
C ASP A 81 -3.11 1.74 15.58
N HIS A 82 -2.34 1.71 14.50
CA HIS A 82 -2.93 1.79 13.16
C HIS A 82 -3.68 0.49 12.83
N VAL A 83 -2.98 -0.64 12.99
CA VAL A 83 -3.59 -1.92 12.70
C VAL A 83 -4.40 -2.42 13.90
N TRP A 84 -3.84 -2.30 15.09
CA TRP A 84 -4.53 -2.74 16.30
C TRP A 84 -5.79 -1.92 16.56
N ARG A 85 -6.00 -0.89 15.75
CA ARG A 85 -7.17 -0.03 15.91
C ARG A 85 -8.46 -0.82 15.74
N TYR A 86 -8.32 -2.10 15.41
CA TYR A 86 -9.47 -2.97 15.23
C TYR A 86 -9.37 -4.18 16.15
N ASP A 87 -8.45 -4.10 17.11
CA ASP A 87 -8.24 -5.19 18.06
C ASP A 87 -7.08 -4.85 18.99
N PHE A 88 -7.41 -4.30 20.15
CA PHE A 88 -6.38 -3.94 21.13
C PHE A 88 -5.81 -5.19 21.79
N GLY A 89 -4.48 -5.24 21.88
CA GLY A 89 -3.82 -6.38 22.48
C GLY A 89 -2.52 -6.68 21.76
N GLY A 90 -1.60 -5.72 21.76
CA GLY A 90 -0.31 -5.89 21.10
C GLY A 90 0.69 -4.90 21.65
N ASP A 91 1.63 -5.41 22.45
CA ASP A 91 2.65 -4.57 23.05
C ASP A 91 3.47 -3.88 21.96
N VAL A 92 4.41 -3.05 22.37
CA VAL A 92 5.25 -2.33 21.42
C VAL A 92 6.37 -3.23 20.88
N ASN A 93 6.48 -4.44 21.42
CA ASN A 93 7.52 -5.37 20.97
C ASN A 93 7.00 -6.27 19.85
N VAL A 94 5.68 -6.42 19.78
CA VAL A 94 5.06 -7.25 18.75
C VAL A 94 5.31 -6.68 17.35
N VAL A 95 5.23 -5.36 17.24
CA VAL A 95 5.44 -4.70 15.95
C VAL A 95 6.86 -4.98 15.46
N GLU A 96 7.84 -4.76 16.33
CA GLU A 96 9.23 -5.00 15.97
C GLU A 96 9.39 -6.40 15.40
N SER A 97 8.83 -7.38 16.11
CA SER A 97 8.89 -8.78 15.68
C SER A 97 8.19 -8.95 14.34
N TYR A 98 6.98 -8.41 14.23
CA TYR A 98 6.20 -8.51 13.01
C TYR A 98 6.98 -7.93 11.83
N VAL A 99 7.62 -6.80 12.07
CA VAL A 99 8.40 -6.16 11.01
C VAL A 99 9.55 -7.06 10.57
N SER A 100 10.26 -7.61 11.54
CA SER A 100 11.38 -8.50 11.26
C SER A 100 10.91 -9.70 10.43
N TYR A 101 9.78 -10.27 10.82
CA TYR A 101 9.23 -11.43 10.12
C TYR A 101 8.76 -11.03 8.73
N LEU A 102 8.27 -9.80 8.61
CA LEU A 102 7.78 -9.29 7.34
C LEU A 102 8.95 -9.15 6.36
N ARG A 103 10.04 -8.56 6.84
CA ARG A 103 11.22 -8.38 5.99
C ARG A 103 11.68 -9.72 5.43
N ARG A 104 11.72 -10.72 6.29
CA ARG A 104 12.15 -12.06 5.89
C ARG A 104 11.14 -12.70 4.93
N LYS A 105 9.88 -12.27 5.00
CA LYS A 105 8.85 -12.83 4.14
C LYS A 105 8.68 -12.02 2.86
N ILE A 106 9.05 -10.75 2.90
CA ILE A 106 8.91 -9.88 1.73
C ILE A 106 10.28 -9.49 1.17
N ASP A 107 11.25 -9.29 2.06
CA ASP A 107 12.59 -8.92 1.64
C ASP A 107 13.50 -10.13 1.62
N THR A 108 14.33 -10.22 0.58
CA THR A 108 15.25 -11.35 0.45
C THR A 108 16.38 -11.00 -0.52
N GLY A 109 16.04 -10.26 -1.56
CA GLY A 109 17.02 -9.87 -2.56
C GLY A 109 18.13 -9.03 -1.95
N GLU A 110 19.22 -8.88 -2.69
CA GLU A 110 20.36 -8.10 -2.24
C GLU A 110 20.00 -6.62 -2.21
N LYS A 111 18.84 -6.29 -2.76
CA LYS A 111 18.41 -4.89 -2.80
C LYS A 111 17.57 -4.57 -1.58
N ARG A 112 18.01 -3.57 -0.83
CA ARG A 112 17.30 -3.16 0.37
C ARG A 112 16.15 -2.22 -0.01
N LEU A 113 15.16 -2.14 0.87
CA LEU A 113 14.00 -1.28 0.63
C LEU A 113 13.50 -0.68 1.94
N LEU A 114 13.48 -1.51 2.99
CA LEU A 114 13.02 -1.06 4.28
C LEU A 114 14.21 -0.74 5.19
N HIS A 115 14.38 0.53 5.51
CA HIS A 115 15.49 0.94 6.37
C HIS A 115 15.04 1.03 7.82
N THR A 116 15.83 0.40 8.70
CA THR A 116 15.51 0.40 10.13
C THR A 116 16.27 1.49 10.87
N LEU A 117 15.54 2.53 11.30
CA LEU A 117 16.17 3.62 12.03
C LEU A 117 16.04 3.40 13.53
N ARG A 118 16.76 2.41 14.05
CA ARG A 118 16.70 2.09 15.47
C ARG A 118 16.56 3.36 16.30
N GLY A 119 15.55 3.37 17.18
CA GLY A 119 15.33 4.52 18.05
C GLY A 119 14.22 5.42 17.50
N VAL A 120 13.98 5.33 16.20
CA VAL A 120 12.94 6.15 15.57
C VAL A 120 11.85 5.24 15.00
N GLY A 121 12.27 4.25 14.23
CA GLY A 121 11.33 3.32 13.62
C GLY A 121 11.90 2.76 12.32
N TYR A 122 11.04 2.64 11.32
CA TYR A 122 11.47 2.12 10.03
C TYR A 122 11.00 3.04 8.91
N VAL A 123 11.72 3.03 7.79
CA VAL A 123 11.36 3.90 6.66
C VAL A 123 11.49 3.14 5.34
N LEU A 124 10.47 3.27 4.51
CA LEU A 124 10.46 2.59 3.20
C LEU A 124 11.06 3.50 2.13
N ARG A 125 12.04 2.97 1.41
CA ARG A 125 12.71 3.72 0.36
C ARG A 125 13.46 2.78 -0.58
N GLU A 126 13.32 3.01 -1.88
CA GLU A 126 14.00 2.17 -2.86
C GLU A 126 15.50 2.39 -2.78
N PRO A 127 16.29 1.44 -3.20
CA PRO A 127 17.77 1.55 -3.16
C PRO A 127 18.25 2.94 -3.56
N ARG A 128 19.11 3.52 -2.75
CA ARG A 128 19.63 4.85 -3.04
C ARG A 128 21.01 5.03 -2.40
N MET A 1 -30.72 32.44 12.58
CA MET A 1 -31.15 33.05 11.29
C MET A 1 -29.95 33.15 10.35
N GLY A 2 -29.21 34.24 10.46
CA GLY A 2 -28.05 34.46 9.62
C GLY A 2 -27.24 33.18 9.45
N SER A 3 -26.56 33.06 8.32
CA SER A 3 -25.74 31.90 8.03
C SER A 3 -24.30 32.11 8.51
N SER A 4 -24.14 33.02 9.46
CA SER A 4 -22.81 33.31 10.01
C SER A 4 -22.63 32.65 11.37
N HIS A 5 -21.44 32.78 11.93
CA HIS A 5 -21.15 32.18 13.22
C HIS A 5 -21.37 30.67 13.15
N HIS A 6 -20.44 29.99 12.51
CA HIS A 6 -20.53 28.54 12.35
C HIS A 6 -20.11 27.85 13.65
N HIS A 7 -20.36 28.53 14.77
CA HIS A 7 -20.01 28.00 16.07
C HIS A 7 -18.56 27.53 16.06
N HIS A 8 -18.18 26.76 17.07
CA HIS A 8 -16.81 26.26 17.17
C HIS A 8 -15.81 27.38 16.93
N HIS A 9 -14.53 27.02 16.95
CA HIS A 9 -13.47 28.01 16.74
C HIS A 9 -12.13 27.32 16.56
N HIS A 10 -11.22 27.99 15.86
CA HIS A 10 -9.88 27.44 15.63
C HIS A 10 -9.96 26.09 14.91
N SER A 11 -9.45 26.06 13.68
CA SER A 11 -9.46 24.84 12.88
C SER A 11 -8.50 24.97 11.71
N SER A 12 -7.74 23.92 11.44
CA SER A 12 -6.79 23.94 10.33
C SER A 12 -6.97 22.72 9.43
N GLY A 13 -6.71 22.89 8.14
CA GLY A 13 -6.86 21.79 7.19
C GLY A 13 -5.52 21.42 6.57
N LEU A 14 -5.13 20.15 6.73
CA LEU A 14 -3.87 19.68 6.18
C LEU A 14 -4.11 18.80 4.96
N VAL A 15 -5.36 18.41 4.75
CA VAL A 15 -5.71 17.57 3.62
C VAL A 15 -4.66 16.48 3.41
N PRO A 16 -4.50 15.63 4.38
CA PRO A 16 -3.51 14.52 4.33
C PRO A 16 -3.94 13.41 3.36
N ARG A 17 -4.85 13.76 2.46
CA ARG A 17 -5.35 12.80 1.47
C ARG A 17 -5.60 11.44 2.10
N GLY A 18 -6.82 11.24 2.58
CA GLY A 18 -7.19 9.97 3.21
C GLY A 18 -8.69 9.72 3.10
N SER A 19 -9.43 10.77 2.74
CA SER A 19 -10.89 10.65 2.61
C SER A 19 -11.37 11.36 1.36
N HIS A 20 -12.48 10.88 0.80
CA HIS A 20 -13.03 11.48 -0.39
C HIS A 20 -11.96 11.66 -1.47
N MET A 21 -12.25 12.49 -2.46
CA MET A 21 -11.31 12.74 -3.55
C MET A 21 -10.57 11.46 -3.91
N LYS A 22 -11.08 10.76 -4.92
CA LYS A 22 -10.48 9.51 -5.38
C LYS A 22 -10.14 9.62 -6.87
N GLY A 23 -11.17 9.45 -7.71
CA GLY A 23 -10.98 9.55 -9.16
C GLY A 23 -11.50 8.30 -9.87
N ASN A 24 -12.70 8.41 -10.44
CA ASN A 24 -13.30 7.29 -11.17
C ASN A 24 -12.84 7.30 -12.62
N LYS A 25 -11.98 8.25 -12.97
CA LYS A 25 -11.48 8.37 -14.33
C LYS A 25 -10.42 7.31 -14.59
N GLU A 26 -10.49 6.65 -15.74
CA GLU A 26 -9.54 5.62 -16.11
C GLU A 26 -9.35 4.63 -14.95
N PRO A 27 -10.37 3.88 -14.66
CA PRO A 27 -10.34 2.86 -13.56
C PRO A 27 -9.74 1.52 -14.01
N ARG A 28 -9.05 1.52 -15.15
CA ARG A 28 -8.44 0.29 -15.65
C ARG A 28 -7.79 -0.48 -14.50
N ASN A 29 -8.52 -1.45 -13.95
CA ASN A 29 -8.01 -2.26 -12.85
C ASN A 29 -7.30 -1.37 -11.82
N VAL A 30 -8.00 -1.09 -10.72
CA VAL A 30 -7.44 -0.26 -9.66
C VAL A 30 -6.64 -1.11 -8.69
N ARG A 31 -5.45 -0.63 -8.32
CA ARG A 31 -4.60 -1.36 -7.40
C ARG A 31 -3.35 -0.55 -7.06
N LEU A 32 -2.78 -0.84 -5.89
CA LEU A 32 -1.58 -0.13 -5.44
C LEU A 32 -0.31 -0.87 -5.87
N THR A 33 0.74 -0.10 -6.13
CA THR A 33 2.01 -0.69 -6.54
C THR A 33 3.18 0.09 -5.92
N PHE A 34 4.33 -0.57 -5.83
CA PHE A 34 5.52 0.06 -5.25
C PHE A 34 6.74 -0.81 -5.53
N ALA A 35 7.88 -0.17 -5.79
CA ALA A 35 9.11 -0.92 -6.08
C ALA A 35 8.78 -2.16 -6.88
N ASP A 36 8.83 -3.32 -6.22
CA ASP A 36 8.49 -4.58 -6.87
C ASP A 36 7.40 -5.28 -6.07
N ILE A 37 6.33 -4.55 -5.81
CA ILE A 37 5.21 -5.08 -5.05
C ILE A 37 3.88 -4.65 -5.66
N GLU A 38 2.85 -5.46 -5.47
CA GLU A 38 1.53 -5.13 -6.01
C GLU A 38 0.44 -5.62 -5.07
N LEU A 39 -0.64 -4.85 -4.99
CA LEU A 39 -1.78 -5.20 -4.14
C LEU A 39 -3.08 -4.92 -4.86
N ASP A 40 -3.94 -5.94 -4.97
CA ASP A 40 -5.21 -5.77 -5.66
C ASP A 40 -6.36 -5.68 -4.67
N GLU A 41 -6.87 -4.46 -4.48
CA GLU A 41 -7.98 -4.24 -3.54
C GLU A 41 -9.26 -4.92 -4.02
N GLU A 42 -9.25 -5.39 -5.26
CA GLU A 42 -10.43 -6.05 -5.81
C GLU A 42 -10.32 -7.56 -5.65
N THR A 43 -9.12 -8.09 -5.85
CA THR A 43 -8.89 -9.53 -5.72
C THR A 43 -8.17 -9.81 -4.40
N HIS A 44 -8.05 -8.78 -3.57
CA HIS A 44 -7.38 -8.93 -2.29
C HIS A 44 -6.19 -9.86 -2.42
N GLU A 45 -5.38 -9.63 -3.45
CA GLU A 45 -4.20 -10.46 -3.69
C GLU A 45 -2.93 -9.61 -3.69
N VAL A 46 -1.80 -10.25 -3.43
CA VAL A 46 -0.52 -9.55 -3.41
C VAL A 46 0.41 -10.14 -4.46
N TRP A 47 1.32 -9.32 -4.96
CA TRP A 47 2.26 -9.77 -5.98
C TRP A 47 3.62 -9.08 -5.80
N LYS A 48 4.67 -9.89 -5.71
CA LYS A 48 6.02 -9.36 -5.54
C LYS A 48 6.94 -9.93 -6.60
N ALA A 49 7.45 -9.07 -7.47
CA ALA A 49 8.35 -9.49 -8.54
C ALA A 49 8.02 -10.91 -9.02
N GLY A 50 6.77 -11.11 -9.43
CA GLY A 50 6.36 -12.42 -9.92
C GLY A 50 6.28 -13.45 -8.79
N GLN A 51 6.08 -12.97 -7.58
CA GLN A 51 5.99 -13.86 -6.42
C GLN A 51 4.76 -13.51 -5.58
N PRO A 52 3.66 -14.20 -5.77
CA PRO A 52 2.41 -13.93 -5.00
C PRO A 52 2.45 -14.51 -3.59
N VAL A 53 1.98 -13.73 -2.63
CA VAL A 53 1.96 -14.16 -1.23
C VAL A 53 0.56 -14.07 -0.65
N SER A 54 0.17 -15.09 0.11
CA SER A 54 -1.15 -15.10 0.73
C SER A 54 -1.11 -14.46 2.11
N LEU A 55 -1.32 -13.15 2.15
CA LEU A 55 -1.30 -12.42 3.42
C LEU A 55 -2.71 -12.28 3.98
N SER A 56 -2.80 -12.11 5.29
CA SER A 56 -4.10 -11.97 5.95
C SER A 56 -4.57 -10.51 5.87
N PRO A 57 -5.78 -10.25 6.26
CA PRO A 57 -6.35 -8.86 6.24
C PRO A 57 -5.42 -7.87 6.94
N THR A 58 -5.05 -8.20 8.18
CA THR A 58 -4.17 -7.33 8.96
C THR A 58 -2.87 -7.06 8.22
N GLU A 59 -2.21 -8.11 7.76
CA GLU A 59 -0.95 -7.97 7.04
C GLU A 59 -1.16 -7.12 5.79
N PHE A 60 -2.26 -7.36 5.10
CA PHE A 60 -2.56 -6.61 3.89
C PHE A 60 -2.71 -5.12 4.21
N THR A 61 -3.41 -4.83 5.29
CA THR A 61 -3.62 -3.45 5.72
C THR A 61 -2.29 -2.76 5.96
N LEU A 62 -1.38 -3.45 6.64
CA LEU A 62 -0.06 -2.89 6.94
C LEU A 62 0.70 -2.59 5.66
N LEU A 63 0.65 -3.52 4.71
CA LEU A 63 1.36 -3.34 3.44
C LEU A 63 0.77 -2.17 2.66
N ARG A 64 -0.55 -2.09 2.63
CA ARG A 64 -1.23 -1.01 1.90
C ARG A 64 -0.80 0.34 2.46
N TYR A 65 -0.78 0.45 3.79
CA TYR A 65 -0.40 1.70 4.43
C TYR A 65 1.07 2.03 4.14
N PHE A 66 1.92 1.01 4.21
CA PHE A 66 3.34 1.21 3.96
C PHE A 66 3.56 1.86 2.60
N VAL A 67 2.77 1.45 1.62
CA VAL A 67 2.89 2.00 0.27
C VAL A 67 2.43 3.46 0.23
N ILE A 68 1.26 3.74 0.79
CA ILE A 68 0.73 5.10 0.79
C ILE A 68 1.71 6.05 1.47
N ASN A 69 2.44 5.54 2.46
CA ASN A 69 3.41 6.37 3.17
C ASN A 69 4.84 5.98 2.81
N ALA A 70 4.99 5.29 1.68
CA ALA A 70 6.31 4.86 1.23
C ALA A 70 7.24 6.05 1.09
N GLY A 71 8.28 6.08 1.92
CA GLY A 71 9.24 7.18 1.87
C GLY A 71 9.19 8.01 3.16
N THR A 72 8.09 7.88 3.89
CA THR A 72 7.93 8.64 5.14
C THR A 72 8.33 7.77 6.33
N VAL A 73 9.14 8.35 7.22
CA VAL A 73 9.59 7.62 8.40
C VAL A 73 8.43 7.36 9.35
N LEU A 74 8.10 6.08 9.55
CA LEU A 74 7.01 5.73 10.44
C LEU A 74 7.54 5.38 11.83
N SER A 75 6.66 5.44 12.82
CA SER A 75 7.04 5.12 14.19
C SER A 75 6.49 3.76 14.60
N LYS A 76 7.22 3.06 15.46
CA LYS A 76 6.80 1.76 15.96
C LYS A 76 5.44 1.85 16.65
N PRO A 77 5.30 2.72 17.62
CA PRO A 77 4.02 2.87 18.36
C PRO A 77 2.92 3.45 17.47
N LYS A 78 3.31 4.30 16.54
CA LYS A 78 2.36 4.91 15.62
C LYS A 78 1.74 3.83 14.74
N ILE A 79 2.59 3.03 14.11
CA ILE A 79 2.13 1.95 13.24
C ILE A 79 1.15 1.06 14.00
N LEU A 80 1.48 0.79 15.27
CA LEU A 80 0.64 -0.04 16.12
C LEU A 80 -0.75 0.58 16.29
N ASP A 81 -0.80 1.72 16.97
CA ASP A 81 -2.06 2.41 17.21
C ASP A 81 -2.85 2.56 15.91
N HIS A 82 -2.13 2.63 14.80
CA HIS A 82 -2.78 2.81 13.49
C HIS A 82 -3.49 1.53 13.04
N VAL A 83 -2.74 0.44 12.96
CA VAL A 83 -3.30 -0.84 12.51
C VAL A 83 -3.99 -1.59 13.66
N TRP A 84 -3.21 -1.91 14.69
CA TRP A 84 -3.74 -2.64 15.84
C TRP A 84 -5.02 -2.00 16.37
N ARG A 85 -5.41 -0.87 15.79
CA ARG A 85 -6.62 -0.16 16.22
C ARG A 85 -7.86 -1.06 16.07
N TYR A 86 -7.65 -2.27 15.59
CA TYR A 86 -8.76 -3.21 15.40
C TYR A 86 -8.66 -4.38 16.36
N ASP A 87 -7.68 -4.30 17.27
CA ASP A 87 -7.49 -5.37 18.25
C ASP A 87 -6.36 -5.00 19.22
N PHE A 88 -6.73 -4.68 20.45
CA PHE A 88 -5.74 -4.31 21.46
C PHE A 88 -5.22 -5.55 22.18
N GLY A 89 -3.96 -5.89 21.93
CA GLY A 89 -3.35 -7.05 22.55
C GLY A 89 -2.05 -7.43 21.84
N GLY A 90 -1.17 -6.45 21.69
CA GLY A 90 0.11 -6.67 21.02
C GLY A 90 1.12 -5.58 21.37
N ASP A 91 2.04 -5.92 22.26
CA ASP A 91 3.05 -4.96 22.69
C ASP A 91 3.63 -4.21 21.49
N VAL A 92 4.52 -3.27 21.78
CA VAL A 92 5.14 -2.48 20.73
C VAL A 92 6.26 -3.26 20.05
N ASN A 93 6.59 -4.41 20.61
CA ASN A 93 7.66 -5.23 20.04
C ASN A 93 7.11 -6.09 18.90
N VAL A 94 5.79 -6.17 18.81
CA VAL A 94 5.16 -6.95 17.77
C VAL A 94 5.37 -6.29 16.40
N VAL A 95 5.35 -4.97 16.37
CA VAL A 95 5.53 -4.25 15.12
C VAL A 95 6.87 -4.63 14.49
N GLU A 96 7.93 -4.57 15.29
CA GLU A 96 9.26 -4.92 14.81
C GLU A 96 9.27 -6.35 14.30
N SER A 97 8.66 -7.25 15.07
CA SER A 97 8.59 -8.65 14.69
C SER A 97 7.86 -8.82 13.36
N TYR A 98 6.71 -8.17 13.24
CA TYR A 98 5.92 -8.26 12.01
C TYR A 98 6.70 -7.70 10.83
N VAL A 99 7.39 -6.60 11.05
CA VAL A 99 8.17 -5.97 9.98
C VAL A 99 9.27 -6.92 9.51
N SER A 100 9.95 -7.56 10.46
CA SER A 100 11.01 -8.49 10.12
C SER A 100 10.48 -9.67 9.31
N TYR A 101 9.36 -10.23 9.77
CA TYR A 101 8.75 -11.37 9.09
C TYR A 101 8.23 -10.96 7.72
N LEU A 102 7.84 -9.68 7.60
CA LEU A 102 7.32 -9.17 6.34
C LEU A 102 8.44 -9.09 5.31
N ARG A 103 9.57 -8.55 5.73
CA ARG A 103 10.72 -8.41 4.84
C ARG A 103 11.11 -9.77 4.26
N ARG A 104 11.19 -10.78 5.13
CA ARG A 104 11.56 -12.12 4.70
C ARG A 104 10.48 -12.74 3.81
N LYS A 105 9.29 -12.16 3.82
CA LYS A 105 8.19 -12.69 3.00
C LYS A 105 8.12 -12.00 1.65
N ILE A 106 8.45 -10.72 1.60
CA ILE A 106 8.41 -9.98 0.35
C ILE A 106 9.82 -9.64 -0.13
N ASP A 107 10.70 -9.35 0.81
CA ASP A 107 12.08 -8.99 0.47
C ASP A 107 12.98 -10.21 0.63
N THR A 108 13.95 -10.35 -0.28
CA THR A 108 14.86 -11.48 -0.24
C THR A 108 16.10 -11.19 -1.06
N GLY A 109 16.42 -9.91 -1.22
CA GLY A 109 17.58 -9.51 -2.00
C GLY A 109 18.58 -8.76 -1.13
N GLU A 110 19.78 -8.54 -1.67
CA GLU A 110 20.82 -7.84 -0.93
C GLU A 110 20.42 -6.39 -0.70
N LYS A 111 19.32 -5.97 -1.32
CA LYS A 111 18.84 -4.60 -1.17
C LYS A 111 17.82 -4.51 -0.04
N ARG A 112 18.04 -3.56 0.87
CA ARG A 112 17.14 -3.36 1.99
C ARG A 112 16.09 -2.30 1.66
N LEU A 113 14.84 -2.73 1.57
CA LEU A 113 13.76 -1.80 1.24
C LEU A 113 13.18 -1.19 2.50
N LEU A 114 13.66 -1.66 3.64
CA LEU A 114 13.20 -1.16 4.92
C LEU A 114 14.39 -0.71 5.79
N HIS A 115 14.59 0.59 5.90
CA HIS A 115 15.69 1.12 6.70
C HIS A 115 15.24 1.34 8.14
N THR A 116 15.93 0.71 9.08
CA THR A 116 15.60 0.84 10.49
C THR A 116 16.39 1.96 11.15
N LEU A 117 15.68 3.00 11.59
CA LEU A 117 16.31 4.14 12.24
C LEU A 117 16.27 3.98 13.77
N ARG A 118 17.03 3.02 14.27
CA ARG A 118 17.07 2.77 15.72
C ARG A 118 16.97 4.08 16.49
N GLY A 119 16.03 4.12 17.43
CA GLY A 119 15.85 5.32 18.25
C GLY A 119 14.71 6.19 17.70
N VAL A 120 14.28 5.88 16.47
CA VAL A 120 13.21 6.63 15.84
C VAL A 120 12.12 5.69 15.34
N GLY A 121 12.50 4.79 14.43
CA GLY A 121 11.55 3.84 13.88
C GLY A 121 12.11 3.22 12.60
N TYR A 122 11.24 3.06 11.60
CA TYR A 122 11.66 2.48 10.32
C TYR A 122 11.18 3.35 9.17
N VAL A 123 11.89 3.28 8.05
CA VAL A 123 11.52 4.07 6.89
C VAL A 123 11.60 3.22 5.62
N LEU A 124 10.60 3.38 4.76
CA LEU A 124 10.56 2.62 3.50
C LEU A 124 11.24 3.42 2.40
N ARG A 125 12.33 2.88 1.86
CA ARG A 125 13.05 3.55 0.79
C ARG A 125 13.97 2.58 0.06
N GLU A 126 14.10 2.78 -1.25
CA GLU A 126 14.95 1.92 -2.07
C GLU A 126 16.43 2.28 -1.86
N PRO A 127 17.31 1.34 -2.07
CA PRO A 127 18.77 1.56 -1.90
C PRO A 127 19.19 2.95 -2.36
N ARG A 128 19.90 3.66 -1.49
CA ARG A 128 20.36 5.01 -1.83
C ARG A 128 21.31 5.54 -0.75
N MET A 1 -35.68 15.07 -47.58
CA MET A 1 -36.82 14.89 -46.65
C MET A 1 -37.11 16.21 -45.94
N GLY A 2 -36.33 16.52 -44.92
CA GLY A 2 -36.52 17.77 -44.18
C GLY A 2 -35.44 18.78 -44.54
N SER A 3 -35.38 19.88 -43.80
CA SER A 3 -34.39 20.92 -44.06
C SER A 3 -33.01 20.29 -44.27
N SER A 4 -32.70 19.98 -45.53
CA SER A 4 -31.41 19.37 -45.85
C SER A 4 -30.39 20.44 -46.24
N HIS A 5 -30.59 21.64 -45.72
CA HIS A 5 -29.68 22.74 -46.01
C HIS A 5 -29.26 23.44 -44.71
N HIS A 6 -29.32 22.70 -43.62
CA HIS A 6 -28.95 23.23 -42.31
C HIS A 6 -27.75 22.48 -41.74
N HIS A 7 -26.60 23.14 -41.70
CA HIS A 7 -25.40 22.53 -41.16
C HIS A 7 -25.26 21.08 -41.65
N HIS A 8 -24.58 20.26 -40.85
CA HIS A 8 -24.38 18.86 -41.21
C HIS A 8 -23.81 18.08 -40.02
N HIS A 9 -24.44 18.23 -38.86
CA HIS A 9 -23.97 17.54 -37.67
C HIS A 9 -25.14 17.20 -36.74
N HIS A 10 -24.92 16.25 -35.84
CA HIS A 10 -25.95 15.84 -34.89
C HIS A 10 -27.30 15.72 -35.60
N SER A 11 -27.36 14.87 -36.62
CA SER A 11 -28.60 14.67 -37.36
C SER A 11 -28.54 13.37 -38.16
N SER A 12 -29.65 13.05 -38.83
CA SER A 12 -29.72 11.83 -39.63
C SER A 12 -29.23 10.64 -38.81
N GLY A 13 -29.85 10.45 -37.64
CA GLY A 13 -29.48 9.34 -36.76
C GLY A 13 -28.07 9.54 -36.22
N LEU A 14 -27.68 8.66 -35.31
CA LEU A 14 -26.35 8.72 -34.71
C LEU A 14 -25.31 8.11 -35.65
N VAL A 15 -24.07 8.58 -35.56
CA VAL A 15 -23.01 8.07 -36.42
C VAL A 15 -21.63 8.38 -35.83
N PRO A 16 -21.38 7.94 -34.62
CA PRO A 16 -20.09 8.16 -33.94
C PRO A 16 -18.97 7.30 -34.54
N ARG A 17 -19.21 6.79 -35.74
CA ARG A 17 -18.23 5.95 -36.43
C ARG A 17 -17.85 4.76 -35.56
N GLY A 18 -17.23 3.77 -36.19
CA GLY A 18 -16.81 2.56 -35.47
C GLY A 18 -18.00 1.67 -35.17
N SER A 19 -17.76 0.60 -34.42
CA SER A 19 -18.83 -0.32 -34.07
C SER A 19 -18.71 -0.74 -32.61
N HIS A 20 -18.14 -1.92 -32.38
CA HIS A 20 -17.97 -2.43 -31.03
C HIS A 20 -16.48 -2.60 -30.72
N MET A 21 -15.95 -1.72 -29.88
CA MET A 21 -14.54 -1.78 -29.52
C MET A 21 -14.36 -2.48 -28.18
N LYS A 22 -14.60 -3.79 -28.17
CA LYS A 22 -14.45 -4.57 -26.94
C LYS A 22 -13.16 -4.20 -26.22
N GLY A 23 -13.21 -4.19 -24.89
CA GLY A 23 -12.04 -3.84 -24.10
C GLY A 23 -11.83 -4.86 -22.98
N ASN A 24 -11.07 -4.47 -21.95
CA ASN A 24 -10.81 -5.36 -20.83
C ASN A 24 -10.83 -4.57 -19.51
N LYS A 25 -9.95 -3.59 -19.40
CA LYS A 25 -9.88 -2.78 -18.19
C LYS A 25 -10.98 -1.71 -18.20
N GLU A 26 -12.20 -2.14 -18.51
CA GLU A 26 -13.34 -1.21 -18.56
C GLU A 26 -13.62 -0.63 -17.17
N PRO A 27 -13.57 -1.43 -16.15
CA PRO A 27 -13.83 -0.99 -14.75
C PRO A 27 -12.84 0.07 -14.29
N ARG A 28 -12.61 0.13 -12.98
CA ARG A 28 -11.68 1.11 -12.43
C ARG A 28 -11.05 0.59 -11.13
N ASN A 29 -10.75 -0.70 -11.11
CA ASN A 29 -10.13 -1.31 -9.94
C ASN A 29 -8.90 -0.51 -9.51
N VAL A 30 -8.74 -0.35 -8.20
CA VAL A 30 -7.59 0.39 -7.68
C VAL A 30 -6.43 -0.56 -7.36
N ARG A 31 -5.34 -0.41 -8.09
CA ARG A 31 -4.17 -1.26 -7.88
C ARG A 31 -2.94 -0.39 -7.60
N LEU A 32 -2.33 -0.60 -6.45
CA LEU A 32 -1.16 0.17 -6.07
C LEU A 32 0.13 -0.53 -6.52
N THR A 33 1.20 0.25 -6.63
CA THR A 33 2.48 -0.31 -7.07
C THR A 33 3.63 0.27 -6.25
N PHE A 34 4.71 -0.49 -6.16
CA PHE A 34 5.89 -0.07 -5.42
C PHE A 34 7.10 -0.87 -5.88
N ALA A 35 8.15 -0.19 -6.30
CA ALA A 35 9.35 -0.87 -6.78
C ALA A 35 8.92 -2.07 -7.61
N ASP A 36 8.93 -3.25 -6.99
CA ASP A 36 8.51 -4.47 -7.69
C ASP A 36 7.42 -5.16 -6.89
N ILE A 37 6.36 -4.41 -6.58
CA ILE A 37 5.25 -4.95 -5.82
C ILE A 37 3.92 -4.48 -6.40
N GLU A 38 2.89 -5.31 -6.29
CA GLU A 38 1.57 -4.96 -6.82
C GLU A 38 0.49 -5.40 -5.84
N LEU A 39 -0.46 -4.49 -5.57
CA LEU A 39 -1.55 -4.80 -4.66
C LEU A 39 -2.90 -4.47 -5.31
N ASP A 40 -3.88 -5.32 -5.08
CA ASP A 40 -5.21 -5.11 -5.65
C ASP A 40 -6.21 -4.82 -4.54
N GLU A 41 -6.56 -3.55 -4.39
CA GLU A 41 -7.51 -3.12 -3.36
C GLU A 41 -8.89 -3.69 -3.66
N GLU A 42 -9.08 -4.19 -4.87
CA GLU A 42 -10.37 -4.75 -5.27
C GLU A 42 -10.39 -6.26 -5.09
N THR A 43 -9.37 -6.93 -5.61
CA THR A 43 -9.29 -8.38 -5.51
C THR A 43 -8.45 -8.77 -4.30
N HIS A 44 -8.15 -7.80 -3.44
CA HIS A 44 -7.36 -8.06 -2.26
C HIS A 44 -6.27 -9.09 -2.56
N GLU A 45 -5.49 -8.83 -3.60
CA GLU A 45 -4.42 -9.75 -3.98
C GLU A 45 -3.07 -9.03 -3.94
N VAL A 46 -2.00 -9.81 -3.80
CA VAL A 46 -0.66 -9.24 -3.75
C VAL A 46 0.23 -9.86 -4.82
N TRP A 47 1.27 -9.12 -5.21
CA TRP A 47 2.20 -9.61 -6.24
C TRP A 47 3.61 -9.13 -5.95
N LYS A 48 4.56 -10.06 -5.94
CA LYS A 48 5.95 -9.71 -5.67
C LYS A 48 6.85 -10.26 -6.78
N ALA A 49 7.33 -9.36 -7.64
CA ALA A 49 8.20 -9.75 -8.75
C ALA A 49 7.83 -11.15 -9.27
N GLY A 50 6.69 -11.26 -9.93
CA GLY A 50 6.25 -12.54 -10.47
C GLY A 50 6.23 -13.59 -9.38
N GLN A 51 5.99 -13.16 -8.15
CA GLN A 51 5.96 -14.08 -7.01
C GLN A 51 4.84 -13.67 -6.06
N PRO A 52 3.64 -14.13 -6.30
CA PRO A 52 2.47 -13.80 -5.44
C PRO A 52 2.62 -14.33 -4.01
N VAL A 53 1.94 -13.67 -3.08
CA VAL A 53 2.01 -14.06 -1.68
C VAL A 53 0.65 -13.89 -1.01
N SER A 54 0.13 -15.00 -0.47
CA SER A 54 -1.16 -14.95 0.21
C SER A 54 -0.99 -14.69 1.69
N LEU A 55 -0.93 -13.42 2.07
CA LEU A 55 -0.77 -13.06 3.48
C LEU A 55 -2.11 -12.72 4.10
N SER A 56 -2.19 -12.87 5.43
CA SER A 56 -3.44 -12.58 6.14
C SER A 56 -3.81 -11.11 5.99
N PRO A 57 -4.93 -10.70 6.56
CA PRO A 57 -5.39 -9.28 6.48
C PRO A 57 -4.48 -8.33 7.25
N THR A 58 -4.15 -8.69 8.48
CA THR A 58 -3.29 -7.85 9.32
C THR A 58 -2.07 -7.36 8.54
N GLU A 59 -1.32 -8.30 7.97
CA GLU A 59 -0.12 -7.94 7.21
C GLU A 59 -0.48 -7.15 5.96
N PHE A 60 -1.52 -7.59 5.26
CA PHE A 60 -1.94 -6.91 4.04
C PHE A 60 -2.24 -5.44 4.33
N THR A 61 -2.94 -5.20 5.43
CA THR A 61 -3.29 -3.83 5.82
C THR A 61 -2.03 -3.00 6.03
N LEU A 62 -1.07 -3.56 6.77
CA LEU A 62 0.17 -2.86 7.04
C LEU A 62 0.93 -2.60 5.75
N LEU A 63 0.97 -3.59 4.87
CA LEU A 63 1.66 -3.46 3.60
C LEU A 63 1.06 -2.31 2.77
N ARG A 64 -0.26 -2.27 2.70
CA ARG A 64 -0.95 -1.22 1.93
C ARG A 64 -0.62 0.16 2.49
N TYR A 65 -0.59 0.28 3.81
CA TYR A 65 -0.29 1.56 4.44
C TYR A 65 1.14 1.99 4.14
N PHE A 66 2.07 1.05 4.24
CA PHE A 66 3.47 1.35 3.98
C PHE A 66 3.65 1.92 2.57
N VAL A 67 2.94 1.33 1.61
CA VAL A 67 3.03 1.78 0.23
C VAL A 67 2.49 3.19 0.09
N ILE A 68 1.26 3.41 0.56
CA ILE A 68 0.63 4.71 0.48
C ILE A 68 1.50 5.78 1.15
N ASN A 69 2.23 5.36 2.18
CA ASN A 69 3.10 6.29 2.91
C ASN A 69 4.57 6.04 2.58
N ALA A 70 4.82 5.38 1.45
CA ALA A 70 6.19 5.08 1.05
C ALA A 70 7.02 6.36 1.01
N GLY A 71 8.09 6.39 1.81
CA GLY A 71 8.96 7.56 1.85
C GLY A 71 8.90 8.25 3.21
N THR A 72 7.78 8.07 3.91
CA THR A 72 7.60 8.69 5.22
C THR A 72 8.01 7.71 6.33
N VAL A 73 8.90 8.16 7.21
CA VAL A 73 9.36 7.34 8.31
C VAL A 73 8.24 7.13 9.32
N LEU A 74 7.87 5.87 9.53
CA LEU A 74 6.80 5.54 10.47
C LEU A 74 7.37 5.18 11.84
N SER A 75 6.55 5.32 12.88
CA SER A 75 7.00 5.01 14.22
C SER A 75 6.43 3.68 14.71
N LYS A 76 7.19 3.00 15.55
CA LYS A 76 6.78 1.71 16.10
C LYS A 76 5.43 1.82 16.83
N PRO A 77 5.28 2.74 17.76
CA PRO A 77 3.99 2.90 18.51
C PRO A 77 2.84 3.29 17.60
N LYS A 78 3.10 4.20 16.67
CA LYS A 78 2.08 4.65 15.73
C LYS A 78 1.56 3.48 14.91
N ILE A 79 2.48 2.71 14.35
CA ILE A 79 2.11 1.56 13.55
C ILE A 79 1.24 0.61 14.36
N LEU A 80 1.61 0.44 15.63
CA LEU A 80 0.87 -0.43 16.53
C LEU A 80 -0.59 -0.02 16.61
N ASP A 81 -0.84 1.20 17.09
CA ASP A 81 -2.20 1.70 17.23
C ASP A 81 -2.85 1.92 15.88
N HIS A 82 -2.04 1.98 14.82
CA HIS A 82 -2.59 2.18 13.49
C HIS A 82 -3.33 0.94 13.00
N VAL A 83 -2.72 -0.22 13.21
CA VAL A 83 -3.33 -1.48 12.79
C VAL A 83 -4.30 -1.99 13.86
N TRP A 84 -3.80 -2.11 15.09
CA TRP A 84 -4.63 -2.60 16.19
C TRP A 84 -5.77 -1.62 16.47
N ARG A 85 -5.79 -0.51 15.74
CA ARG A 85 -6.82 0.51 15.92
C ARG A 85 -8.19 -0.14 16.12
N TYR A 86 -8.29 -1.41 15.74
CA TYR A 86 -9.54 -2.15 15.88
C TYR A 86 -9.50 -3.03 17.12
N ASP A 87 -8.71 -2.61 18.10
CA ASP A 87 -8.55 -3.36 19.33
C ASP A 87 -7.34 -2.84 20.12
N PHE A 88 -7.59 -2.05 21.14
CA PHE A 88 -6.51 -1.49 21.95
C PHE A 88 -5.46 -2.56 22.24
N GLY A 89 -4.21 -2.13 22.37
CA GLY A 89 -3.12 -3.06 22.64
C GLY A 89 -2.00 -2.39 23.45
N GLY A 90 -0.98 -3.16 23.77
CA GLY A 90 0.15 -2.65 24.53
C GLY A 90 1.38 -3.54 24.34
N ASP A 91 1.87 -3.60 23.12
CA ASP A 91 3.05 -4.42 22.81
C ASP A 91 3.91 -3.72 21.77
N VAL A 92 4.91 -2.98 22.23
CA VAL A 92 5.80 -2.27 21.33
C VAL A 92 6.82 -3.23 20.71
N ASN A 93 6.87 -4.46 21.23
CA ASN A 93 7.81 -5.45 20.73
C ASN A 93 7.15 -6.29 19.64
N VAL A 94 5.82 -6.34 19.65
CA VAL A 94 5.09 -7.10 18.65
C VAL A 94 5.31 -6.52 17.27
N VAL A 95 5.20 -5.21 17.16
CA VAL A 95 5.40 -4.53 15.89
C VAL A 95 6.74 -4.93 15.29
N GLU A 96 7.79 -4.87 16.11
CA GLU A 96 9.13 -5.22 15.64
C GLU A 96 9.15 -6.66 15.12
N SER A 97 8.54 -7.56 15.88
CA SER A 97 8.49 -8.97 15.49
C SER A 97 7.76 -9.13 14.15
N TYR A 98 6.65 -8.41 14.01
CA TYR A 98 5.86 -8.49 12.78
C TYR A 98 6.64 -7.92 11.60
N VAL A 99 7.34 -6.82 11.83
CA VAL A 99 8.11 -6.17 10.77
C VAL A 99 9.21 -7.12 10.27
N SER A 100 9.86 -7.82 11.18
CA SER A 100 10.92 -8.74 10.80
C SER A 100 10.35 -9.90 9.97
N TYR A 101 9.23 -10.44 10.41
CA TYR A 101 8.61 -11.55 9.70
C TYR A 101 8.12 -11.10 8.32
N LEU A 102 7.80 -9.82 8.21
CA LEU A 102 7.33 -9.26 6.95
C LEU A 102 8.48 -9.15 5.96
N ARG A 103 9.58 -8.57 6.42
CA ARG A 103 10.76 -8.42 5.57
C ARG A 103 11.21 -9.77 5.03
N ARG A 104 11.38 -10.73 5.93
CA ARG A 104 11.81 -12.08 5.55
C ARG A 104 10.75 -12.78 4.71
N LYS A 105 9.57 -12.18 4.60
CA LYS A 105 8.49 -12.76 3.84
C LYS A 105 8.51 -12.27 2.39
N ILE A 106 8.85 -11.01 2.22
CA ILE A 106 8.90 -10.42 0.88
C ILE A 106 10.31 -9.96 0.53
N ASP A 107 11.04 -9.48 1.53
CA ASP A 107 12.40 -9.01 1.31
C ASP A 107 13.42 -10.09 1.68
N THR A 108 14.57 -10.06 1.02
CA THR A 108 15.62 -11.02 1.29
C THR A 108 16.85 -10.72 0.44
N GLY A 109 16.60 -10.16 -0.74
CA GLY A 109 17.70 -9.81 -1.65
C GLY A 109 18.58 -8.72 -1.06
N GLU A 110 19.67 -8.41 -1.74
CA GLU A 110 20.60 -7.39 -1.28
C GLU A 110 19.94 -6.00 -1.33
N LYS A 111 18.73 -5.94 -1.88
CA LYS A 111 18.02 -4.69 -1.98
C LYS A 111 17.10 -4.49 -0.77
N ARG A 112 17.51 -3.61 0.14
CA ARG A 112 16.72 -3.34 1.34
C ARG A 112 15.70 -2.24 1.08
N LEU A 113 14.43 -2.62 1.00
CA LEU A 113 13.37 -1.65 0.77
C LEU A 113 12.81 -1.13 2.08
N LEU A 114 13.34 -1.65 3.18
CA LEU A 114 12.90 -1.24 4.51
C LEU A 114 14.09 -0.75 5.34
N HIS A 115 14.22 0.56 5.48
CA HIS A 115 15.32 1.12 6.25
C HIS A 115 14.92 1.30 7.71
N THR A 116 15.69 0.69 8.60
CA THR A 116 15.41 0.77 10.03
C THR A 116 16.16 1.94 10.65
N LEU A 117 15.41 2.96 11.08
CA LEU A 117 16.02 4.13 11.70
C LEU A 117 16.00 4.00 13.22
N ARG A 118 16.80 3.08 13.74
CA ARG A 118 16.89 2.86 15.18
C ARG A 118 16.71 4.16 15.94
N GLY A 119 15.65 4.26 16.74
CA GLY A 119 15.39 5.45 17.53
C GLY A 119 14.23 6.26 16.95
N VAL A 120 13.79 5.88 15.75
CA VAL A 120 12.68 6.58 15.10
C VAL A 120 11.65 5.60 14.57
N GLY A 121 12.12 4.47 14.05
CA GLY A 121 11.23 3.46 13.51
C GLY A 121 11.77 2.88 12.20
N TYR A 122 10.89 2.70 11.23
CA TYR A 122 11.29 2.16 9.94
C TYR A 122 10.75 3.03 8.80
N VAL A 123 11.48 3.06 7.69
CA VAL A 123 11.06 3.86 6.55
C VAL A 123 11.19 3.08 5.25
N LEU A 124 10.23 3.25 4.36
CA LEU A 124 10.26 2.55 3.08
C LEU A 124 10.98 3.41 2.03
N ARG A 125 12.11 2.90 1.54
CA ARG A 125 12.89 3.62 0.54
C ARG A 125 13.85 2.68 -0.18
N GLU A 126 13.80 2.68 -1.51
CA GLU A 126 14.67 1.83 -2.30
C GLU A 126 16.13 2.25 -2.13
N PRO A 127 17.04 1.33 -2.36
CA PRO A 127 18.50 1.62 -2.23
C PRO A 127 19.01 2.54 -3.34
N ARG A 128 19.53 3.70 -2.94
CA ARG A 128 20.06 4.66 -3.91
C ARG A 128 18.99 5.00 -4.95
N MET A 1 -15.73 -15.17 4.51
CA MET A 1 -16.06 -15.83 3.22
C MET A 1 -16.64 -17.22 3.48
N GLY A 2 -16.46 -17.70 4.70
CA GLY A 2 -16.96 -19.00 5.07
C GLY A 2 -17.47 -19.01 6.51
N SER A 3 -17.78 -17.82 7.03
CA SER A 3 -18.27 -17.71 8.41
C SER A 3 -19.63 -17.02 8.43
N SER A 4 -19.68 -15.78 7.93
CA SER A 4 -20.93 -15.03 7.90
C SER A 4 -22.04 -15.84 7.26
N HIS A 5 -21.68 -16.68 6.30
CA HIS A 5 -22.66 -17.53 5.61
C HIS A 5 -21.99 -18.78 5.07
N HIS A 6 -22.68 -19.91 5.21
CA HIS A 6 -22.15 -21.17 4.74
C HIS A 6 -22.82 -21.62 3.42
N HIS A 7 -22.60 -22.88 3.06
CA HIS A 7 -23.18 -23.43 1.84
C HIS A 7 -24.04 -24.65 2.16
N HIS A 8 -25.31 -24.62 1.77
CA HIS A 8 -26.20 -25.74 2.04
C HIS A 8 -26.70 -26.36 0.73
N HIS A 9 -27.07 -25.52 -0.21
CA HIS A 9 -27.55 -25.99 -1.50
C HIS A 9 -26.47 -26.80 -2.20
N HIS A 10 -25.27 -26.79 -1.64
CA HIS A 10 -24.15 -27.53 -2.21
C HIS A 10 -23.89 -27.07 -3.64
N SER A 11 -22.87 -27.66 -4.27
CA SER A 11 -22.52 -27.29 -5.64
C SER A 11 -22.43 -25.78 -5.78
N SER A 12 -22.20 -25.31 -7.00
CA SER A 12 -22.09 -23.88 -7.25
C SER A 12 -21.06 -23.26 -6.32
N GLY A 13 -19.90 -22.90 -6.88
CA GLY A 13 -18.84 -22.28 -6.09
C GLY A 13 -19.14 -20.80 -5.86
N LEU A 14 -18.10 -19.98 -5.92
CA LEU A 14 -18.27 -18.55 -5.70
C LEU A 14 -17.71 -17.77 -6.88
N VAL A 15 -18.46 -17.74 -7.98
CA VAL A 15 -18.02 -17.03 -9.18
C VAL A 15 -19.15 -16.15 -9.72
N PRO A 16 -19.76 -15.36 -8.87
CA PRO A 16 -20.87 -14.44 -9.27
C PRO A 16 -20.41 -13.38 -10.26
N ARG A 17 -21.33 -12.53 -10.69
CA ARG A 17 -21.01 -11.47 -11.63
C ARG A 17 -21.56 -10.12 -11.16
N GLY A 18 -20.70 -9.32 -10.55
CA GLY A 18 -21.10 -8.00 -10.05
C GLY A 18 -21.49 -7.09 -11.21
N SER A 19 -20.68 -7.09 -12.25
CA SER A 19 -20.93 -6.26 -13.42
C SER A 19 -21.94 -6.93 -14.34
N HIS A 20 -22.74 -6.13 -15.03
CA HIS A 20 -23.74 -6.66 -15.95
C HIS A 20 -24.20 -5.59 -16.94
N MET A 21 -23.35 -5.27 -17.90
CA MET A 21 -23.68 -4.27 -18.91
C MET A 21 -23.52 -2.86 -18.36
N LYS A 22 -24.31 -2.54 -17.34
CA LYS A 22 -24.27 -1.22 -16.73
C LYS A 22 -24.43 -0.14 -17.79
N GLY A 23 -23.85 1.03 -17.52
CA GLY A 23 -23.94 2.15 -18.45
C GLY A 23 -22.92 2.01 -19.58
N ASN A 24 -21.76 2.63 -19.39
CA ASN A 24 -20.71 2.57 -20.41
C ASN A 24 -19.37 2.19 -19.78
N LYS A 25 -18.91 2.98 -18.82
CA LYS A 25 -17.64 2.72 -18.16
C LYS A 25 -17.66 1.37 -17.45
N GLU A 26 -16.53 0.68 -17.46
CA GLU A 26 -16.44 -0.62 -16.80
C GLU A 26 -15.88 -0.46 -15.38
N PRO A 27 -16.23 -1.35 -14.49
CA PRO A 27 -15.76 -1.31 -13.09
C PRO A 27 -14.29 -0.87 -12.99
N ARG A 28 -14.04 0.20 -12.26
CA ARG A 28 -12.69 0.71 -12.09
C ARG A 28 -11.98 -0.01 -10.95
N ASN A 29 -11.11 -0.96 -11.28
CA ASN A 29 -10.38 -1.68 -10.27
C ASN A 29 -9.05 -1.00 -9.96
N VAL A 30 -8.96 -0.44 -8.76
CA VAL A 30 -7.73 0.25 -8.35
C VAL A 30 -6.69 -0.76 -7.87
N ARG A 31 -5.45 -0.55 -8.29
CA ARG A 31 -4.37 -1.44 -7.90
C ARG A 31 -3.13 -0.63 -7.51
N LEU A 32 -2.58 -0.94 -6.34
CA LEU A 32 -1.41 -0.24 -5.84
C LEU A 32 -0.12 -0.95 -6.29
N THR A 33 0.94 -0.18 -6.49
CA THR A 33 2.21 -0.76 -6.92
C THR A 33 3.39 -0.06 -6.23
N PHE A 34 4.51 -0.77 -6.13
CA PHE A 34 5.71 -0.22 -5.51
C PHE A 34 6.95 -0.97 -6.00
N ALA A 35 7.92 -0.24 -6.54
CA ALA A 35 9.13 -0.87 -7.05
C ALA A 35 8.76 -2.17 -7.73
N ASP A 36 8.85 -3.27 -6.98
CA ASP A 36 8.49 -4.58 -7.52
C ASP A 36 7.42 -5.20 -6.62
N ILE A 37 6.34 -4.45 -6.41
CA ILE A 37 5.25 -4.90 -5.57
C ILE A 37 3.91 -4.55 -6.21
N GLU A 38 2.89 -5.35 -5.92
CA GLU A 38 1.56 -5.11 -6.47
C GLU A 38 0.49 -5.56 -5.49
N LEU A 39 -0.58 -4.77 -5.40
CA LEU A 39 -1.69 -5.09 -4.50
C LEU A 39 -3.03 -4.86 -5.19
N ASP A 40 -3.97 -5.76 -4.98
CA ASP A 40 -5.29 -5.64 -5.59
C ASP A 40 -6.35 -5.34 -4.54
N GLU A 41 -6.81 -4.09 -4.50
CA GLU A 41 -7.82 -3.69 -3.54
C GLU A 41 -9.15 -4.39 -3.79
N GLU A 42 -9.25 -5.08 -4.92
CA GLU A 42 -10.48 -5.79 -5.26
C GLU A 42 -10.34 -7.29 -5.00
N THR A 43 -9.23 -7.87 -5.46
CA THR A 43 -8.99 -9.30 -5.26
C THR A 43 -8.14 -9.55 -4.01
N HIS A 44 -7.93 -8.49 -3.23
CA HIS A 44 -7.13 -8.60 -2.01
C HIS A 44 -5.98 -9.59 -2.21
N GLU A 45 -5.17 -9.34 -3.22
CA GLU A 45 -4.03 -10.21 -3.50
C GLU A 45 -2.76 -9.39 -3.63
N VAL A 46 -1.62 -10.02 -3.36
CA VAL A 46 -0.33 -9.33 -3.44
C VAL A 46 0.57 -10.00 -4.49
N TRP A 47 1.47 -9.21 -5.05
CA TRP A 47 2.38 -9.73 -6.07
C TRP A 47 3.74 -9.02 -5.99
N LYS A 48 4.80 -9.82 -5.88
CA LYS A 48 6.14 -9.27 -5.80
C LYS A 48 7.07 -9.97 -6.80
N ALA A 49 7.56 -9.20 -7.77
CA ALA A 49 8.44 -9.73 -8.81
C ALA A 49 8.12 -11.20 -9.10
N GLY A 50 6.96 -11.44 -9.68
CA GLY A 50 6.54 -12.80 -10.02
C GLY A 50 6.54 -13.69 -8.78
N GLN A 51 6.29 -13.08 -7.63
CA GLN A 51 6.26 -13.83 -6.37
C GLN A 51 5.02 -13.47 -5.57
N PRO A 52 3.92 -14.17 -5.76
CA PRO A 52 2.66 -13.88 -5.03
C PRO A 52 2.69 -14.41 -3.60
N VAL A 53 2.29 -13.56 -2.66
CA VAL A 53 2.27 -13.92 -1.25
C VAL A 53 0.89 -13.71 -0.65
N SER A 54 0.43 -14.68 0.13
CA SER A 54 -0.88 -14.60 0.76
C SER A 54 -0.78 -13.90 2.12
N LEU A 55 -1.05 -12.60 2.15
CA LEU A 55 -0.98 -11.84 3.39
C LEU A 55 -2.36 -11.76 4.04
N SER A 56 -2.37 -11.72 5.37
CA SER A 56 -3.63 -11.63 6.11
C SER A 56 -4.14 -10.20 6.12
N PRO A 57 -5.36 -10.00 6.57
CA PRO A 57 -5.97 -8.64 6.63
C PRO A 57 -5.04 -7.61 7.28
N THR A 58 -4.56 -7.93 8.48
CA THR A 58 -3.67 -7.03 9.20
C THR A 58 -2.40 -6.78 8.40
N GLU A 59 -1.78 -7.86 7.91
CA GLU A 59 -0.56 -7.74 7.13
C GLU A 59 -0.80 -6.93 5.87
N PHE A 60 -1.97 -7.13 5.25
CA PHE A 60 -2.32 -6.42 4.04
C PHE A 60 -2.41 -4.92 4.29
N THR A 61 -3.10 -4.56 5.38
CA THR A 61 -3.25 -3.14 5.74
C THR A 61 -1.90 -2.52 6.04
N LEU A 62 -1.04 -3.26 6.74
CA LEU A 62 0.28 -2.75 7.09
C LEU A 62 1.06 -2.39 5.83
N LEU A 63 1.07 -3.29 4.86
CA LEU A 63 1.79 -3.05 3.61
C LEU A 63 1.14 -1.90 2.84
N ARG A 64 -0.19 -1.92 2.78
CA ARG A 64 -0.92 -0.88 2.07
C ARG A 64 -0.56 0.50 2.60
N TYR A 65 -0.47 0.61 3.93
CA TYR A 65 -0.13 1.88 4.56
C TYR A 65 1.31 2.25 4.25
N PHE A 66 2.22 1.28 4.35
CA PHE A 66 3.63 1.53 4.08
C PHE A 66 3.81 2.12 2.68
N VAL A 67 3.07 1.57 1.72
CA VAL A 67 3.15 2.05 0.34
C VAL A 67 2.64 3.49 0.23
N ILE A 68 1.46 3.74 0.79
CA ILE A 68 0.87 5.08 0.73
C ILE A 68 1.79 6.11 1.40
N ASN A 69 2.51 5.68 2.42
CA ASN A 69 3.42 6.58 3.12
C ASN A 69 4.87 6.26 2.78
N ALA A 70 5.09 5.64 1.63
CA ALA A 70 6.45 5.30 1.21
C ALA A 70 7.32 6.55 1.16
N GLY A 71 8.35 6.59 2.00
CA GLY A 71 9.24 7.74 2.04
C GLY A 71 9.14 8.47 3.37
N THR A 72 8.00 8.33 4.03
CA THR A 72 7.79 8.99 5.31
C THR A 72 8.18 8.05 6.45
N VAL A 73 9.00 8.55 7.37
CA VAL A 73 9.44 7.75 8.50
C VAL A 73 8.28 7.44 9.43
N LEU A 74 8.00 6.16 9.64
CA LEU A 74 6.90 5.76 10.51
C LEU A 74 7.41 5.46 11.91
N SER A 75 6.48 5.43 12.88
CA SER A 75 6.84 5.16 14.26
C SER A 75 6.30 3.80 14.70
N LYS A 76 7.04 3.15 15.60
CA LYS A 76 6.65 1.84 16.11
C LYS A 76 5.27 1.91 16.78
N PRO A 77 5.10 2.79 17.73
CA PRO A 77 3.80 2.92 18.44
C PRO A 77 2.70 3.49 17.53
N LYS A 78 3.11 4.32 16.58
CA LYS A 78 2.16 4.90 15.65
C LYS A 78 1.58 3.82 14.75
N ILE A 79 2.47 3.03 14.15
CA ILE A 79 2.03 1.95 13.27
C ILE A 79 1.10 1.02 14.03
N LEU A 80 1.43 0.77 15.29
CA LEU A 80 0.62 -0.10 16.14
C LEU A 80 -0.80 0.45 16.26
N ASP A 81 -0.93 1.59 16.93
CA ASP A 81 -2.24 2.21 17.12
C ASP A 81 -2.99 2.33 15.79
N HIS A 82 -2.23 2.38 14.69
CA HIS A 82 -2.84 2.51 13.37
C HIS A 82 -3.53 1.20 12.97
N VAL A 83 -2.80 0.09 13.09
CA VAL A 83 -3.35 -1.22 12.73
C VAL A 83 -4.16 -1.79 13.89
N TRP A 84 -3.50 -1.97 15.03
CA TRP A 84 -4.17 -2.52 16.21
C TRP A 84 -5.43 -1.75 16.54
N ARG A 85 -5.70 -0.68 15.78
CA ARG A 85 -6.88 0.13 16.02
C ARG A 85 -8.14 -0.74 16.04
N TYR A 86 -7.98 -2.03 15.76
CA TYR A 86 -9.11 -2.95 15.75
C TYR A 86 -9.09 -3.82 17.00
N ASP A 87 -8.19 -3.51 17.92
CA ASP A 87 -8.06 -4.25 19.16
C ASP A 87 -7.00 -3.62 20.05
N PHE A 88 -7.36 -3.29 21.27
CA PHE A 88 -6.42 -2.67 22.20
C PHE A 88 -5.33 -3.66 22.59
N GLY A 89 -4.08 -3.20 22.55
CA GLY A 89 -2.95 -4.04 22.89
C GLY A 89 -1.65 -3.26 22.86
N GLY A 90 -1.26 -2.72 24.01
CA GLY A 90 -0.03 -1.94 24.09
C GLY A 90 1.19 -2.83 23.90
N ASP A 91 1.28 -3.46 22.74
CA ASP A 91 2.40 -4.35 22.44
C ASP A 91 3.32 -3.73 21.41
N VAL A 92 4.38 -3.09 21.89
CA VAL A 92 5.34 -2.45 21.00
C VAL A 92 6.38 -3.46 20.51
N ASN A 93 6.36 -4.66 21.08
CA ASN A 93 7.31 -5.71 20.68
C ASN A 93 6.73 -6.55 19.56
N VAL A 94 5.40 -6.58 19.46
CA VAL A 94 4.74 -7.36 18.43
C VAL A 94 5.04 -6.79 17.05
N VAL A 95 5.03 -5.47 16.95
CA VAL A 95 5.32 -4.79 15.68
C VAL A 95 6.67 -5.24 15.14
N GLU A 96 7.69 -5.17 15.99
CA GLU A 96 9.04 -5.56 15.60
C GLU A 96 9.05 -7.00 15.09
N SER A 97 8.40 -7.89 15.84
CA SER A 97 8.35 -9.29 15.46
C SER A 97 7.67 -9.46 14.10
N TYR A 98 6.55 -8.77 13.92
CA TYR A 98 5.82 -8.84 12.66
C TYR A 98 6.63 -8.26 11.52
N VAL A 99 7.34 -7.17 11.79
CA VAL A 99 8.14 -6.52 10.76
C VAL A 99 9.22 -7.47 10.26
N SER A 100 9.81 -8.23 11.18
CA SER A 100 10.85 -9.18 10.81
C SER A 100 10.26 -10.31 9.97
N TYR A 101 9.11 -10.81 10.41
CA TYR A 101 8.44 -11.90 9.71
C TYR A 101 7.88 -11.41 8.37
N LEU A 102 7.83 -10.10 8.20
CA LEU A 102 7.32 -9.52 6.97
C LEU A 102 8.46 -9.39 5.96
N ARG A 103 9.58 -8.85 6.41
CA ARG A 103 10.74 -8.69 5.55
C ARG A 103 11.14 -10.02 4.93
N ARG A 104 11.13 -11.07 5.74
CA ARG A 104 11.49 -12.40 5.26
C ARG A 104 10.50 -12.91 4.23
N LYS A 105 9.33 -12.26 4.15
CA LYS A 105 8.30 -12.68 3.20
C LYS A 105 8.43 -11.91 1.89
N ILE A 106 8.98 -10.70 1.96
CA ILE A 106 9.13 -9.87 0.77
C ILE A 106 10.60 -9.58 0.51
N ASP A 107 11.33 -9.22 1.57
CA ASP A 107 12.75 -8.92 1.42
C ASP A 107 13.60 -10.15 1.71
N THR A 108 14.61 -10.37 0.89
CA THR A 108 15.49 -11.53 1.05
C THR A 108 16.57 -11.52 -0.01
N GLY A 109 17.05 -10.33 -0.35
CA GLY A 109 18.08 -10.19 -1.38
C GLY A 109 19.06 -9.08 -1.01
N GLU A 110 20.21 -9.06 -1.69
CA GLU A 110 21.23 -8.05 -1.44
C GLU A 110 20.66 -6.65 -1.68
N LYS A 111 19.42 -6.58 -2.12
CA LYS A 111 18.78 -5.30 -2.39
C LYS A 111 18.00 -4.82 -1.17
N ARG A 112 18.19 -3.56 -0.81
CA ARG A 112 17.51 -2.97 0.33
C ARG A 112 16.22 -2.30 -0.11
N LEU A 113 15.30 -2.12 0.84
CA LEU A 113 14.02 -1.50 0.54
C LEU A 113 13.53 -0.70 1.74
N LEU A 114 13.42 -1.36 2.89
CA LEU A 114 12.97 -0.71 4.11
C LEU A 114 14.15 -0.37 5.02
N HIS A 115 14.25 0.88 5.42
CA HIS A 115 15.35 1.32 6.29
C HIS A 115 14.91 1.31 7.75
N THR A 116 15.65 0.60 8.59
CA THR A 116 15.31 0.51 10.01
C THR A 116 16.03 1.61 10.80
N LEU A 117 15.25 2.55 11.33
CA LEU A 117 15.83 3.63 12.12
C LEU A 117 15.75 3.31 13.60
N ARG A 118 16.52 2.31 14.03
CA ARG A 118 16.53 1.91 15.43
C ARG A 118 16.48 3.13 16.34
N GLY A 119 15.40 3.25 17.10
CA GLY A 119 15.25 4.39 18.01
C GLY A 119 14.11 5.29 17.57
N VAL A 120 13.62 5.09 16.34
CA VAL A 120 12.54 5.89 15.81
C VAL A 120 11.47 5.01 15.17
N GLY A 121 11.90 4.18 14.22
CA GLY A 121 10.96 3.29 13.55
C GLY A 121 11.54 2.79 12.22
N TYR A 122 10.69 2.75 11.19
CA TYR A 122 11.14 2.29 9.88
C TYR A 122 10.72 3.29 8.79
N VAL A 123 11.49 3.33 7.71
CA VAL A 123 11.20 4.24 6.61
C VAL A 123 11.35 3.52 5.28
N LEU A 124 10.36 3.66 4.41
CA LEU A 124 10.40 3.00 3.11
C LEU A 124 11.00 3.92 2.06
N ARG A 125 11.99 3.41 1.33
CA ARG A 125 12.65 4.19 0.29
C ARG A 125 13.42 3.29 -0.67
N GLU A 126 13.33 3.58 -1.96
CA GLU A 126 14.03 2.79 -2.96
C GLU A 126 15.50 3.19 -3.03
N PRO A 127 16.35 2.31 -3.49
CA PRO A 127 17.81 2.60 -3.60
C PRO A 127 18.13 3.58 -4.73
N ARG A 128 18.49 4.81 -4.35
CA ARG A 128 18.82 5.83 -5.33
C ARG A 128 20.06 6.59 -4.90
N MET A 1 -21.37 35.17 -7.66
CA MET A 1 -22.53 35.51 -6.78
C MET A 1 -22.32 36.89 -6.20
N GLY A 2 -21.14 37.14 -5.65
CA GLY A 2 -20.84 38.44 -5.06
C GLY A 2 -19.43 38.89 -5.43
N SER A 3 -18.68 38.02 -6.10
CA SER A 3 -17.32 38.34 -6.49
C SER A 3 -16.79 37.30 -7.49
N SER A 4 -17.70 36.50 -8.04
CA SER A 4 -17.33 35.48 -9.00
C SER A 4 -16.07 34.74 -8.55
N HIS A 5 -14.91 35.27 -8.94
CA HIS A 5 -13.64 34.66 -8.57
C HIS A 5 -13.45 33.34 -9.31
N HIS A 6 -12.24 32.79 -9.24
CA HIS A 6 -11.93 31.53 -9.92
C HIS A 6 -12.14 30.35 -8.96
N HIS A 7 -11.44 30.39 -7.84
CA HIS A 7 -11.54 29.32 -6.85
C HIS A 7 -12.53 29.70 -5.75
N HIS A 8 -13.12 28.70 -5.12
CA HIS A 8 -14.07 28.95 -4.04
C HIS A 8 -13.79 28.04 -2.86
N HIS A 9 -14.05 26.75 -3.03
CA HIS A 9 -13.81 25.78 -1.95
C HIS A 9 -13.33 24.46 -2.54
N HIS A 10 -13.65 23.36 -1.86
CA HIS A 10 -13.25 22.04 -2.33
C HIS A 10 -13.49 21.94 -3.83
N SER A 11 -14.63 21.36 -4.22
CA SER A 11 -14.97 21.22 -5.62
C SER A 11 -16.48 21.05 -5.80
N SER A 12 -17.02 20.00 -5.18
CA SER A 12 -18.46 19.74 -5.29
C SER A 12 -18.99 19.07 -4.03
N GLY A 13 -19.01 17.74 -4.04
CA GLY A 13 -19.50 16.98 -2.89
C GLY A 13 -20.87 16.37 -3.20
N LEU A 14 -21.59 17.00 -4.12
CA LEU A 14 -22.91 16.51 -4.50
C LEU A 14 -22.90 15.98 -5.93
N VAL A 15 -23.12 14.68 -6.08
CA VAL A 15 -23.13 14.03 -7.39
C VAL A 15 -23.60 14.99 -8.48
N PRO A 16 -22.69 15.62 -9.21
CA PRO A 16 -23.05 16.57 -10.29
C PRO A 16 -23.44 15.85 -11.58
N ARG A 17 -22.56 14.98 -12.08
CA ARG A 17 -22.83 14.25 -13.30
C ARG A 17 -23.11 12.79 -13.00
N GLY A 18 -24.39 12.46 -12.79
CA GLY A 18 -24.78 11.09 -12.50
C GLY A 18 -24.43 10.16 -13.65
N SER A 19 -24.25 8.89 -13.34
CA SER A 19 -23.92 7.90 -14.36
C SER A 19 -25.18 7.36 -15.01
N HIS A 20 -25.97 8.25 -15.62
CA HIS A 20 -27.20 7.86 -16.28
C HIS A 20 -26.91 7.38 -17.69
N MET A 21 -25.71 7.67 -18.18
CA MET A 21 -25.32 7.27 -19.53
C MET A 21 -23.82 7.01 -19.57
N LYS A 22 -23.36 6.49 -20.69
CA LYS A 22 -21.93 6.20 -20.84
C LYS A 22 -21.44 5.35 -19.68
N GLY A 23 -21.74 4.07 -19.73
CA GLY A 23 -21.34 3.14 -18.68
C GLY A 23 -20.77 1.86 -19.28
N ASN A 24 -20.19 1.98 -20.47
CA ASN A 24 -19.62 0.83 -21.16
C ASN A 24 -18.23 0.52 -20.61
N LYS A 25 -17.71 1.41 -19.77
CA LYS A 25 -16.39 1.21 -19.17
C LYS A 25 -16.51 1.00 -17.68
N GLU A 26 -15.84 -0.04 -17.17
CA GLU A 26 -15.88 -0.34 -15.74
C GLU A 26 -14.81 0.47 -15.02
N PRO A 27 -14.97 0.65 -13.73
CA PRO A 27 -14.00 1.42 -12.90
C PRO A 27 -12.55 1.19 -13.33
N ARG A 28 -11.67 2.09 -12.92
CA ARG A 28 -10.27 1.96 -13.25
C ARG A 28 -9.60 0.93 -12.35
N ASN A 29 -10.43 0.26 -11.54
CA ASN A 29 -9.92 -0.76 -10.63
C ASN A 29 -9.05 -0.13 -9.55
N VAL A 30 -9.44 -0.31 -8.30
CA VAL A 30 -8.69 0.24 -7.17
C VAL A 30 -7.53 -0.68 -6.81
N ARG A 31 -6.34 -0.10 -6.70
CA ARG A 31 -5.16 -0.89 -6.35
C ARG A 31 -3.97 0.03 -6.09
N LEU A 32 -2.83 -0.57 -5.80
CA LEU A 32 -1.62 0.19 -5.53
C LEU A 32 -0.37 -0.55 -6.04
N THR A 33 0.67 0.22 -6.35
CA THR A 33 1.91 -0.37 -6.86
C THR A 33 3.12 0.32 -6.23
N PHE A 34 4.25 -0.38 -6.20
CA PHE A 34 5.48 0.18 -5.63
C PHE A 34 6.70 -0.59 -6.12
N ALA A 35 7.73 0.14 -6.55
CA ALA A 35 8.95 -0.49 -7.05
C ALA A 35 8.59 -1.76 -7.81
N ASP A 36 8.77 -2.91 -7.18
CA ASP A 36 8.42 -4.18 -7.80
C ASP A 36 7.39 -4.89 -6.94
N ILE A 37 6.32 -4.17 -6.62
CA ILE A 37 5.26 -4.72 -5.81
C ILE A 37 3.90 -4.29 -6.36
N GLU A 38 2.93 -5.19 -6.32
CA GLU A 38 1.60 -4.88 -6.82
C GLU A 38 0.54 -5.48 -5.90
N LEU A 39 -0.48 -4.68 -5.57
CA LEU A 39 -1.55 -5.14 -4.70
C LEU A 39 -2.91 -4.82 -5.32
N ASP A 40 -3.82 -5.78 -5.25
CA ASP A 40 -5.16 -5.59 -5.81
C ASP A 40 -6.20 -5.58 -4.70
N GLU A 41 -6.70 -4.40 -4.36
CA GLU A 41 -7.70 -4.27 -3.30
C GLU A 41 -9.00 -4.96 -3.70
N GLU A 42 -9.26 -5.03 -5.00
CA GLU A 42 -10.47 -5.66 -5.51
C GLU A 42 -10.40 -7.17 -5.35
N THR A 43 -9.26 -7.75 -5.70
CA THR A 43 -9.07 -9.19 -5.60
C THR A 43 -8.24 -9.53 -4.37
N HIS A 44 -8.01 -8.54 -3.52
CA HIS A 44 -7.22 -8.75 -2.31
C HIS A 44 -6.07 -9.72 -2.57
N GLU A 45 -5.26 -9.41 -3.57
CA GLU A 45 -4.13 -10.27 -3.92
C GLU A 45 -2.83 -9.45 -3.95
N VAL A 46 -1.70 -10.14 -3.82
CA VAL A 46 -0.41 -9.47 -3.83
C VAL A 46 0.47 -10.01 -4.95
N TRP A 47 1.41 -9.20 -5.41
CA TRP A 47 2.31 -9.60 -6.46
C TRP A 47 3.68 -8.96 -6.28
N LYS A 48 4.71 -9.78 -6.23
CA LYS A 48 6.07 -9.28 -6.04
C LYS A 48 6.97 -9.78 -7.17
N ALA A 49 7.36 -8.86 -8.06
CA ALA A 49 8.21 -9.21 -9.19
C ALA A 49 7.94 -10.63 -9.67
N GLY A 50 6.68 -10.89 -10.04
CA GLY A 50 6.29 -12.21 -10.52
C GLY A 50 6.34 -13.25 -9.41
N GLN A 51 6.10 -12.80 -8.17
CA GLN A 51 6.11 -13.71 -7.03
C GLN A 51 5.02 -13.34 -6.03
N PRO A 52 3.83 -13.89 -6.18
CA PRO A 52 2.71 -13.60 -5.25
C PRO A 52 2.99 -14.08 -3.83
N VAL A 53 2.45 -13.35 -2.87
CA VAL A 53 2.66 -13.69 -1.47
C VAL A 53 1.32 -13.76 -0.73
N SER A 54 1.17 -14.79 0.10
CA SER A 54 -0.06 -14.96 0.86
C SER A 54 0.05 -14.21 2.19
N LEU A 55 -0.32 -12.94 2.17
CA LEU A 55 -0.25 -12.12 3.38
C LEU A 55 -1.59 -12.12 4.10
N SER A 56 -1.54 -12.08 5.42
CA SER A 56 -2.76 -12.08 6.22
C SER A 56 -3.34 -10.67 6.33
N PRO A 57 -4.57 -10.55 6.71
CA PRO A 57 -5.24 -9.22 6.85
C PRO A 57 -4.34 -8.18 7.53
N THR A 58 -3.82 -8.52 8.70
CA THR A 58 -2.95 -7.61 9.43
C THR A 58 -1.71 -7.26 8.62
N GLU A 59 -1.05 -8.29 8.09
CA GLU A 59 0.16 -8.09 7.30
C GLU A 59 -0.17 -7.29 6.03
N PHE A 60 -1.36 -7.51 5.49
CA PHE A 60 -1.79 -6.81 4.28
C PHE A 60 -1.94 -5.32 4.56
N THR A 61 -2.61 -5.00 5.67
CA THR A 61 -2.83 -3.61 6.03
C THR A 61 -1.49 -2.87 6.17
N LEU A 62 -0.53 -3.52 6.82
CA LEU A 62 0.78 -2.93 7.02
C LEU A 62 1.42 -2.58 5.68
N LEU A 63 1.40 -3.54 4.76
CA LEU A 63 1.97 -3.33 3.43
C LEU A 63 1.26 -2.18 2.71
N ARG A 64 -0.06 -2.20 2.74
CA ARG A 64 -0.85 -1.16 2.09
C ARG A 64 -0.48 0.21 2.65
N TYR A 65 -0.36 0.31 3.97
CA TYR A 65 0.00 1.58 4.60
C TYR A 65 1.42 1.99 4.23
N PHE A 66 2.33 1.02 4.26
CA PHE A 66 3.73 1.31 3.91
C PHE A 66 3.82 1.95 2.54
N VAL A 67 3.11 1.37 1.57
CA VAL A 67 3.13 1.88 0.21
C VAL A 67 2.54 3.29 0.14
N ILE A 68 1.40 3.48 0.80
CA ILE A 68 0.75 4.78 0.81
C ILE A 68 1.66 5.86 1.40
N ASN A 69 2.39 5.49 2.44
CA ASN A 69 3.30 6.43 3.09
C ASN A 69 4.74 6.15 2.70
N ALA A 70 4.94 5.51 1.56
CA ALA A 70 6.27 5.19 1.08
C ALA A 70 7.15 6.44 1.06
N GLY A 71 8.27 6.38 1.77
CA GLY A 71 9.20 7.51 1.81
C GLY A 71 9.16 8.18 3.18
N THR A 72 8.04 8.07 3.87
CA THR A 72 7.90 8.68 5.19
C THR A 72 8.27 7.68 6.28
N VAL A 73 9.13 8.09 7.19
CA VAL A 73 9.55 7.22 8.28
C VAL A 73 8.39 6.96 9.23
N LEU A 74 8.08 5.68 9.43
CA LEU A 74 6.98 5.31 10.31
C LEU A 74 7.49 5.02 11.72
N SER A 75 6.60 5.13 12.70
CA SER A 75 6.99 4.90 14.10
C SER A 75 6.42 3.59 14.62
N LYS A 76 7.15 2.96 15.53
CA LYS A 76 6.71 1.70 16.13
C LYS A 76 5.33 1.85 16.77
N PRO A 77 5.16 2.80 17.65
CA PRO A 77 3.86 3.03 18.33
C PRO A 77 2.82 3.60 17.38
N LYS A 78 3.26 4.40 16.43
CA LYS A 78 2.35 4.99 15.45
C LYS A 78 1.72 3.89 14.61
N ILE A 79 2.56 3.02 14.07
CA ILE A 79 2.07 1.91 13.25
C ILE A 79 1.08 1.07 14.05
N LEU A 80 1.42 0.83 15.31
CA LEU A 80 0.55 0.05 16.19
C LEU A 80 -0.83 0.70 16.29
N ASP A 81 -0.86 1.92 16.84
CA ASP A 81 -2.12 2.64 17.00
C ASP A 81 -2.88 2.70 15.68
N HIS A 82 -2.15 2.67 14.57
CA HIS A 82 -2.78 2.74 13.25
C HIS A 82 -3.49 1.43 12.91
N VAL A 83 -2.79 0.32 13.03
CA VAL A 83 -3.37 -0.99 12.72
C VAL A 83 -4.18 -1.53 13.91
N TRP A 84 -3.49 -1.75 15.03
CA TRP A 84 -4.15 -2.27 16.22
C TRP A 84 -5.39 -1.45 16.56
N ARG A 85 -5.63 -0.38 15.81
CA ARG A 85 -6.79 0.48 16.06
C ARG A 85 -8.08 -0.30 15.84
N TYR A 86 -7.95 -1.54 15.40
CA TYR A 86 -9.11 -2.39 15.15
C TYR A 86 -9.07 -3.62 16.05
N ASP A 87 -8.11 -3.66 16.96
CA ASP A 87 -7.97 -4.79 17.87
C ASP A 87 -6.88 -4.52 18.90
N PHE A 88 -7.29 -4.14 20.11
CA PHE A 88 -6.33 -3.86 21.17
C PHE A 88 -5.92 -5.15 21.87
N GLY A 89 -4.63 -5.45 21.84
CA GLY A 89 -4.11 -6.66 22.48
C GLY A 89 -2.75 -7.02 21.90
N GLY A 90 -1.87 -6.03 21.82
CA GLY A 90 -0.53 -6.26 21.28
C GLY A 90 0.42 -5.16 21.71
N ASP A 91 1.32 -5.50 22.64
CA ASP A 91 2.29 -4.54 23.13
C ASP A 91 2.97 -3.83 21.98
N VAL A 92 3.98 -3.02 22.31
CA VAL A 92 4.72 -2.28 21.29
C VAL A 92 5.82 -3.17 20.70
N ASN A 93 6.01 -4.34 21.29
CA ASN A 93 7.03 -5.27 20.82
C ASN A 93 6.49 -6.14 19.68
N VAL A 94 5.18 -6.16 19.54
CA VAL A 94 4.55 -6.96 18.49
C VAL A 94 4.90 -6.39 17.12
N VAL A 95 5.05 -5.07 17.04
CA VAL A 95 5.39 -4.43 15.78
C VAL A 95 6.75 -4.93 15.29
N GLU A 96 7.74 -4.89 16.17
CA GLU A 96 9.07 -5.35 15.81
C GLU A 96 9.04 -6.77 15.27
N SER A 97 8.36 -7.66 16.01
CA SER A 97 8.26 -9.05 15.59
C SER A 97 7.56 -9.16 14.23
N TYR A 98 6.47 -8.42 14.08
CA TYR A 98 5.71 -8.44 12.83
C TYR A 98 6.57 -7.90 11.68
N VAL A 99 7.33 -6.84 11.96
CA VAL A 99 8.18 -6.24 10.93
C VAL A 99 9.23 -7.25 10.46
N SER A 100 9.80 -7.98 11.40
CA SER A 100 10.81 -8.98 11.07
C SER A 100 10.22 -10.08 10.19
N TYR A 101 9.02 -10.53 10.55
CA TYR A 101 8.35 -11.57 9.77
C TYR A 101 7.98 -11.05 8.39
N LEU A 102 7.57 -9.79 8.33
CA LEU A 102 7.20 -9.17 7.07
C LEU A 102 8.41 -9.12 6.14
N ARG A 103 9.54 -8.67 6.69
CA ARG A 103 10.77 -8.56 5.92
C ARG A 103 11.13 -9.91 5.32
N ARG A 104 10.98 -10.97 6.10
CA ARG A 104 11.31 -12.32 5.63
C ARG A 104 10.33 -12.79 4.56
N LYS A 105 9.25 -12.03 4.35
CA LYS A 105 8.26 -12.41 3.35
C LYS A 105 8.55 -11.76 2.00
N ILE A 106 8.98 -10.51 2.02
CA ILE A 106 9.29 -9.79 0.78
C ILE A 106 10.70 -9.21 0.80
N ASP A 107 11.18 -8.87 1.98
CA ASP A 107 12.52 -8.30 2.12
C ASP A 107 13.55 -9.40 2.37
N THR A 108 14.70 -9.01 2.91
CA THR A 108 15.76 -9.96 3.18
C THR A 108 16.42 -10.44 1.89
N GLY A 109 16.01 -9.84 0.77
CA GLY A 109 16.57 -10.21 -0.52
C GLY A 109 17.84 -9.43 -0.81
N GLU A 110 18.00 -9.00 -2.05
CA GLU A 110 19.18 -8.24 -2.44
C GLU A 110 18.89 -6.74 -2.39
N LYS A 111 17.67 -6.36 -2.76
CA LYS A 111 17.28 -4.96 -2.74
C LYS A 111 16.62 -4.62 -1.40
N ARG A 112 17.21 -3.68 -0.69
CA ARG A 112 16.69 -3.27 0.61
C ARG A 112 15.69 -2.13 0.47
N LEU A 113 14.41 -2.48 0.36
CA LEU A 113 13.36 -1.48 0.21
C LEU A 113 12.81 -1.06 1.59
N LEU A 114 13.35 -1.66 2.64
CA LEU A 114 12.91 -1.34 3.99
C LEU A 114 14.10 -0.97 4.87
N HIS A 115 14.19 0.30 5.25
CA HIS A 115 15.31 0.76 6.09
C HIS A 115 14.88 0.81 7.55
N THR A 116 15.71 0.26 8.42
CA THR A 116 15.41 0.24 9.85
C THR A 116 16.11 1.38 10.59
N LEU A 117 15.32 2.31 11.11
CA LEU A 117 15.88 3.44 11.85
C LEU A 117 15.79 3.21 13.35
N ARG A 118 16.56 2.23 13.83
CA ARG A 118 16.55 1.92 15.26
C ARG A 118 16.43 3.19 16.10
N GLY A 119 15.43 3.21 16.97
CA GLY A 119 15.20 4.37 17.83
C GLY A 119 13.97 5.14 17.38
N VAL A 120 13.72 5.14 16.07
CA VAL A 120 12.58 5.84 15.51
C VAL A 120 11.56 4.84 14.95
N GLY A 121 12.02 4.00 14.02
CA GLY A 121 11.15 3.00 13.41
C GLY A 121 11.74 2.49 12.10
N TYR A 122 10.90 2.36 11.08
CA TYR A 122 11.35 1.89 9.78
C TYR A 122 10.87 2.84 8.68
N VAL A 123 11.57 2.83 7.55
CA VAL A 123 11.21 3.71 6.44
C VAL A 123 11.33 2.99 5.11
N LEU A 124 10.41 3.27 4.20
CA LEU A 124 10.42 2.65 2.87
C LEU A 124 11.21 3.53 1.90
N ARG A 125 12.30 2.98 1.36
CA ARG A 125 13.12 3.74 0.42
C ARG A 125 14.02 2.80 -0.40
N GLU A 126 13.99 2.97 -1.71
CA GLU A 126 14.81 2.14 -2.59
C GLU A 126 16.29 2.49 -2.41
N PRO A 127 17.17 1.55 -2.71
CA PRO A 127 18.64 1.75 -2.59
C PRO A 127 19.07 3.16 -3.00
N ARG A 128 20.21 3.60 -2.49
CA ARG A 128 20.73 4.93 -2.82
C ARG A 128 21.64 4.87 -4.04
N MET A 1 -3.87 -48.66 -10.79
CA MET A 1 -3.34 -47.30 -10.51
C MET A 1 -4.25 -46.58 -9.52
N GLY A 2 -3.78 -45.44 -9.02
CA GLY A 2 -4.56 -44.67 -8.06
C GLY A 2 -5.21 -43.44 -8.69
N SER A 3 -6.52 -43.49 -8.88
CA SER A 3 -7.24 -42.36 -9.47
C SER A 3 -8.21 -41.75 -8.45
N SER A 4 -8.29 -40.42 -8.43
CA SER A 4 -9.17 -39.72 -7.50
C SER A 4 -9.47 -38.31 -8.00
N HIS A 5 -9.61 -38.16 -9.32
CA HIS A 5 -9.89 -36.86 -9.91
C HIS A 5 -8.71 -35.92 -9.74
N HIS A 6 -7.50 -36.48 -9.75
CA HIS A 6 -6.30 -35.67 -9.60
C HIS A 6 -6.32 -34.53 -10.61
N HIS A 7 -5.34 -33.64 -10.52
CA HIS A 7 -5.24 -32.52 -11.46
C HIS A 7 -6.53 -31.69 -11.46
N HIS A 8 -6.40 -30.43 -11.84
CA HIS A 8 -7.56 -29.53 -11.90
C HIS A 8 -8.48 -29.92 -13.05
N HIS A 9 -9.75 -29.57 -12.94
CA HIS A 9 -10.72 -29.91 -13.97
C HIS A 9 -12.00 -29.08 -13.79
N HIS A 10 -11.84 -27.87 -13.27
CA HIS A 10 -12.99 -27.00 -13.04
C HIS A 10 -13.18 -26.04 -14.21
N SER A 11 -14.33 -26.15 -14.87
CA SER A 11 -14.63 -25.29 -16.00
C SER A 11 -16.14 -25.04 -16.10
N SER A 12 -16.56 -23.83 -15.77
CA SER A 12 -17.98 -23.48 -15.81
C SER A 12 -18.31 -22.76 -17.12
N GLY A 13 -18.64 -23.53 -18.14
CA GLY A 13 -18.98 -22.98 -19.46
C GLY A 13 -19.92 -23.93 -20.20
N LEU A 14 -21.15 -24.05 -19.70
CA LEU A 14 -22.13 -24.94 -20.33
C LEU A 14 -23.15 -24.14 -21.14
N VAL A 15 -23.30 -22.87 -20.79
CA VAL A 15 -24.24 -22.01 -21.52
C VAL A 15 -23.92 -20.54 -21.26
N PRO A 16 -22.83 -20.07 -21.78
CA PRO A 16 -22.39 -18.66 -21.61
C PRO A 16 -23.53 -17.65 -21.82
N ARG A 17 -23.31 -16.43 -21.36
CA ARG A 17 -24.30 -15.38 -21.49
C ARG A 17 -23.92 -14.40 -22.59
N GLY A 18 -24.68 -13.32 -22.72
CA GLY A 18 -24.40 -12.31 -23.74
C GLY A 18 -25.68 -11.64 -24.20
N SER A 19 -26.12 -10.62 -23.47
CA SER A 19 -27.34 -9.90 -23.83
C SER A 19 -27.16 -8.40 -23.59
N HIS A 20 -26.42 -8.05 -22.54
CA HIS A 20 -26.17 -6.64 -22.24
C HIS A 20 -25.00 -6.13 -23.06
N MET A 21 -25.13 -4.94 -23.63
CA MET A 21 -24.06 -4.37 -24.44
C MET A 21 -22.72 -4.52 -23.73
N LYS A 22 -21.64 -4.56 -24.50
CA LYS A 22 -20.30 -4.70 -23.94
C LYS A 22 -19.85 -3.39 -23.29
N GLY A 23 -20.77 -2.44 -23.18
CA GLY A 23 -20.46 -1.15 -22.58
C GLY A 23 -19.54 -1.32 -21.37
N ASN A 24 -18.45 -0.57 -21.33
CA ASN A 24 -17.51 -0.65 -20.23
C ASN A 24 -16.88 0.72 -19.97
N LYS A 25 -17.72 1.67 -19.58
CA LYS A 25 -17.23 3.02 -19.30
C LYS A 25 -16.95 3.19 -17.82
N GLU A 26 -16.27 4.28 -17.47
CA GLU A 26 -15.94 4.55 -16.08
C GLU A 26 -15.34 3.31 -15.42
N PRO A 27 -14.27 2.81 -15.95
CA PRO A 27 -13.59 1.60 -15.41
C PRO A 27 -12.91 1.87 -14.08
N ARG A 28 -13.33 1.15 -13.03
CA ARG A 28 -12.76 1.33 -11.71
C ARG A 28 -11.58 0.39 -11.50
N ASN A 29 -11.77 -0.63 -10.67
CA ASN A 29 -10.72 -1.60 -10.39
C ASN A 29 -9.41 -0.89 -10.05
N VAL A 30 -9.30 -0.42 -8.82
CA VAL A 30 -8.09 0.27 -8.38
C VAL A 30 -7.03 -0.73 -7.93
N ARG A 31 -5.78 -0.43 -8.26
CA ARG A 31 -4.68 -1.30 -7.89
C ARG A 31 -3.48 -0.48 -7.42
N LEU A 32 -2.95 -0.84 -6.26
CA LEU A 32 -1.81 -0.13 -5.70
C LEU A 32 -0.50 -0.75 -6.17
N THR A 33 0.48 0.10 -6.47
CA THR A 33 1.78 -0.38 -6.93
C THR A 33 2.89 0.48 -6.35
N PHE A 34 4.07 -0.13 -6.20
CA PHE A 34 5.22 0.58 -5.65
C PHE A 34 6.49 -0.23 -5.90
N ALA A 35 7.57 0.46 -6.27
CA ALA A 35 8.83 -0.22 -6.56
C ALA A 35 8.54 -1.54 -7.26
N ASP A 36 8.65 -2.65 -6.53
CA ASP A 36 8.36 -3.95 -7.10
C ASP A 36 7.31 -4.65 -6.25
N ILE A 37 6.20 -3.95 -6.04
CA ILE A 37 5.10 -4.48 -5.24
C ILE A 37 3.78 -4.14 -5.89
N GLU A 38 2.80 -5.02 -5.75
CA GLU A 38 1.48 -4.79 -6.33
C GLU A 38 0.38 -5.34 -5.42
N LEU A 39 -0.73 -4.61 -5.33
CA LEU A 39 -1.84 -5.05 -4.50
C LEU A 39 -3.16 -4.87 -5.23
N ASP A 40 -4.03 -5.86 -5.13
CA ASP A 40 -5.33 -5.82 -5.79
C ASP A 40 -6.45 -5.70 -4.77
N GLU A 41 -7.06 -4.52 -4.70
CA GLU A 41 -8.14 -4.28 -3.76
C GLU A 41 -9.36 -5.14 -4.11
N GLU A 42 -9.32 -5.76 -5.28
CA GLU A 42 -10.42 -6.60 -5.72
C GLU A 42 -10.11 -8.08 -5.49
N THR A 43 -8.90 -8.49 -5.82
CA THR A 43 -8.49 -9.89 -5.64
C THR A 43 -7.77 -10.07 -4.31
N HIS A 44 -7.78 -9.03 -3.47
CA HIS A 44 -7.12 -9.09 -2.17
C HIS A 44 -5.85 -9.92 -2.26
N GLU A 45 -5.10 -9.73 -3.34
CA GLU A 45 -3.85 -10.47 -3.53
C GLU A 45 -2.67 -9.52 -3.68
N VAL A 46 -1.47 -10.03 -3.43
CA VAL A 46 -0.26 -9.22 -3.54
C VAL A 46 0.68 -9.79 -4.60
N TRP A 47 1.57 -8.94 -5.11
CA TRP A 47 2.52 -9.38 -6.13
C TRP A 47 3.84 -8.63 -5.96
N LYS A 48 4.92 -9.39 -5.81
CA LYS A 48 6.24 -8.79 -5.65
C LYS A 48 7.22 -9.40 -6.65
N ALA A 49 7.70 -8.56 -7.57
CA ALA A 49 8.65 -9.01 -8.60
C ALA A 49 8.39 -10.46 -8.97
N GLY A 50 7.24 -10.72 -9.60
CA GLY A 50 6.88 -12.08 -10.01
C GLY A 50 6.86 -13.02 -8.81
N GLN A 51 6.52 -12.48 -7.64
CA GLN A 51 6.47 -13.29 -6.43
C GLN A 51 5.18 -13.01 -5.66
N PRO A 52 4.13 -13.77 -5.91
CA PRO A 52 2.83 -13.57 -5.22
C PRO A 52 2.82 -14.16 -3.81
N VAL A 53 2.23 -13.42 -2.87
CA VAL A 53 2.17 -13.88 -1.49
C VAL A 53 0.76 -13.71 -0.93
N SER A 54 0.32 -14.72 -0.17
CA SER A 54 -1.01 -14.67 0.43
C SER A 54 -0.96 -13.92 1.76
N LEU A 55 -1.24 -12.63 1.72
CA LEU A 55 -1.22 -11.81 2.93
C LEU A 55 -2.63 -11.68 3.50
N SER A 56 -2.73 -11.73 4.83
CA SER A 56 -4.02 -11.61 5.49
C SER A 56 -4.39 -10.14 5.66
N PRO A 57 -5.58 -9.86 6.13
CA PRO A 57 -6.05 -8.46 6.33
C PRO A 57 -5.06 -7.62 7.13
N THR A 58 -4.66 -8.12 8.30
CA THR A 58 -3.72 -7.40 9.14
C THR A 58 -2.44 -7.10 8.37
N GLU A 59 -1.80 -8.14 7.85
CA GLU A 59 -0.56 -7.97 7.10
C GLU A 59 -0.81 -7.08 5.87
N PHE A 60 -1.97 -7.24 5.25
CA PHE A 60 -2.31 -6.45 4.08
C PHE A 60 -2.38 -4.96 4.42
N THR A 61 -3.05 -4.65 5.53
CA THR A 61 -3.18 -3.27 5.97
C THR A 61 -1.81 -2.65 6.19
N LEU A 62 -0.91 -3.44 6.80
CA LEU A 62 0.44 -2.98 7.07
C LEU A 62 1.16 -2.63 5.77
N LEU A 63 1.17 -3.57 4.82
CA LEU A 63 1.83 -3.35 3.54
C LEU A 63 1.24 -2.12 2.83
N ARG A 64 -0.08 -2.00 2.88
CA ARG A 64 -0.77 -0.88 2.25
C ARG A 64 -0.33 0.45 2.86
N TYR A 65 -0.27 0.48 4.19
CA TYR A 65 0.13 1.69 4.90
C TYR A 65 1.53 2.12 4.49
N PHE A 66 2.42 1.15 4.32
CA PHE A 66 3.80 1.43 3.94
C PHE A 66 3.87 2.09 2.56
N VAL A 67 3.05 1.61 1.64
CA VAL A 67 3.03 2.17 0.28
C VAL A 67 2.47 3.59 0.28
N ILE A 68 1.38 3.79 1.02
CA ILE A 68 0.76 5.11 1.09
C ILE A 68 1.75 6.15 1.61
N ASN A 69 2.50 5.78 2.64
CA ASN A 69 3.48 6.70 3.22
C ASN A 69 4.90 6.29 2.85
N ALA A 70 5.05 5.62 1.71
CA ALA A 70 6.37 5.19 1.27
C ALA A 70 7.32 6.38 1.17
N GLY A 71 8.46 6.27 1.84
CA GLY A 71 9.45 7.35 1.82
C GLY A 71 9.43 8.12 3.14
N THR A 72 8.31 8.07 3.84
CA THR A 72 8.18 8.76 5.12
C THR A 72 8.47 7.81 6.26
N VAL A 73 9.38 8.21 7.14
CA VAL A 73 9.76 7.38 8.28
C VAL A 73 8.60 7.28 9.27
N LEU A 74 8.09 6.07 9.45
CA LEU A 74 6.98 5.84 10.37
C LEU A 74 7.49 5.37 11.72
N SER A 75 6.72 5.64 12.77
CA SER A 75 7.11 5.24 14.13
C SER A 75 6.31 4.01 14.56
N LYS A 76 6.91 3.18 15.40
CA LYS A 76 6.24 1.97 15.86
C LYS A 76 4.93 2.30 16.59
N PRO A 77 4.93 3.26 17.48
CA PRO A 77 3.69 3.64 18.23
C PRO A 77 2.54 3.99 17.29
N LYS A 78 2.84 4.82 16.28
CA LYS A 78 1.83 5.23 15.32
C LYS A 78 1.29 4.02 14.56
N ILE A 79 2.19 3.29 13.90
CA ILE A 79 1.77 2.11 13.15
C ILE A 79 0.91 1.19 14.00
N LEU A 80 1.23 1.12 15.29
CA LEU A 80 0.48 0.27 16.22
C LEU A 80 -0.94 0.78 16.40
N ASP A 81 -1.07 2.03 16.85
CA ASP A 81 -2.39 2.62 17.08
C ASP A 81 -3.18 2.68 15.78
N HIS A 82 -2.47 2.77 14.66
CA HIS A 82 -3.12 2.84 13.35
C HIS A 82 -3.72 1.49 12.95
N VAL A 83 -2.87 0.47 12.83
CA VAL A 83 -3.34 -0.86 12.43
C VAL A 83 -3.86 -1.66 13.62
N TRP A 84 -3.02 -1.85 14.63
CA TRP A 84 -3.42 -2.62 15.81
C TRP A 84 -4.73 -2.09 16.39
N ARG A 85 -5.24 -1.01 15.81
CA ARG A 85 -6.49 -0.42 16.29
C ARG A 85 -7.65 -1.39 16.08
N TYR A 86 -7.34 -2.57 15.54
CA TYR A 86 -8.37 -3.56 15.30
C TYR A 86 -8.26 -4.71 16.30
N ASP A 87 -7.35 -4.57 17.26
CA ASP A 87 -7.14 -5.59 18.27
C ASP A 87 -6.14 -5.12 19.33
N PHE A 88 -6.66 -4.72 20.48
CA PHE A 88 -5.81 -4.25 21.57
C PHE A 88 -5.24 -5.42 22.35
N GLY A 89 -3.96 -5.68 22.17
CA GLY A 89 -3.30 -6.78 22.87
C GLY A 89 -1.94 -7.07 22.25
N GLY A 90 -1.15 -6.01 22.06
CA GLY A 90 0.18 -6.15 21.48
C GLY A 90 1.06 -4.97 21.84
N ASP A 91 1.95 -5.17 22.80
CA ASP A 91 2.86 -4.12 23.22
C ASP A 91 3.52 -3.48 22.01
N VAL A 92 4.45 -2.56 22.28
CA VAL A 92 5.15 -1.88 21.20
C VAL A 92 6.28 -2.76 20.66
N ASN A 93 6.45 -3.93 21.26
CA ASN A 93 7.50 -4.85 20.83
C ASN A 93 6.97 -5.87 19.83
N VAL A 94 5.66 -6.10 19.87
CA VAL A 94 5.04 -7.05 18.95
C VAL A 94 5.22 -6.60 17.51
N VAL A 95 5.12 -5.28 17.30
CA VAL A 95 5.28 -4.73 15.96
C VAL A 95 6.67 -5.04 15.42
N GLU A 96 7.68 -4.85 16.27
CA GLU A 96 9.06 -5.10 15.88
C GLU A 96 9.20 -6.54 15.37
N SER A 97 8.67 -7.49 16.15
CA SER A 97 8.76 -8.90 15.77
C SER A 97 8.03 -9.13 14.45
N TYR A 98 6.86 -8.53 14.31
CA TYR A 98 6.06 -8.68 13.10
C TYR A 98 6.80 -8.09 11.90
N VAL A 99 7.45 -6.95 12.10
CA VAL A 99 8.18 -6.31 11.01
C VAL A 99 9.31 -7.21 10.52
N SER A 100 10.01 -7.84 11.47
CA SER A 100 11.11 -8.73 11.11
C SER A 100 10.58 -9.91 10.29
N TYR A 101 9.48 -10.48 10.75
CA TYR A 101 8.88 -11.62 10.05
C TYR A 101 8.38 -11.20 8.67
N LEU A 102 7.83 -9.99 8.60
CA LEU A 102 7.33 -9.45 7.34
C LEU A 102 8.47 -9.25 6.35
N ARG A 103 9.57 -8.69 6.82
CA ARG A 103 10.72 -8.45 5.96
C ARG A 103 11.17 -9.76 5.31
N ARG A 104 11.18 -10.83 6.09
CA ARG A 104 11.58 -12.14 5.59
C ARG A 104 10.57 -12.67 4.57
N LYS A 105 9.37 -12.08 4.56
CA LYS A 105 8.33 -12.51 3.64
C LYS A 105 8.35 -11.71 2.34
N ILE A 106 8.85 -10.48 2.41
CA ILE A 106 8.90 -9.63 1.22
C ILE A 106 10.36 -9.27 0.88
N ASP A 107 11.16 -9.04 1.91
CA ASP A 107 12.56 -8.70 1.69
C ASP A 107 13.44 -9.92 1.86
N THR A 108 14.40 -10.08 0.96
CA THR A 108 15.32 -11.21 1.02
C THR A 108 16.41 -11.04 -0.03
N GLY A 109 16.04 -10.46 -1.17
CA GLY A 109 16.99 -10.24 -2.24
C GLY A 109 18.17 -9.41 -1.76
N GLU A 110 19.11 -9.14 -2.66
CA GLU A 110 20.29 -8.35 -2.31
C GLU A 110 19.96 -6.86 -2.29
N LYS A 111 18.80 -6.51 -2.83
CA LYS A 111 18.38 -5.12 -2.86
C LYS A 111 17.51 -4.78 -1.66
N ARG A 112 17.94 -3.79 -0.87
CA ARG A 112 17.20 -3.39 0.31
C ARG A 112 16.07 -2.44 -0.06
N LEU A 113 15.08 -2.34 0.81
CA LEU A 113 13.94 -1.46 0.58
C LEU A 113 13.43 -0.91 1.91
N LEU A 114 13.36 -1.77 2.91
CA LEU A 114 12.88 -1.37 4.23
C LEU A 114 14.06 -1.08 5.16
N HIS A 115 14.23 0.18 5.53
CA HIS A 115 15.32 0.57 6.42
C HIS A 115 14.82 0.67 7.86
N THR A 116 15.45 -0.08 8.76
CA THR A 116 15.04 -0.05 10.16
C THR A 116 15.86 0.97 10.94
N LEU A 117 15.24 2.09 11.30
CA LEU A 117 15.95 3.12 12.06
C LEU A 117 15.72 2.92 13.56
N ARG A 118 16.34 1.87 14.10
CA ARG A 118 16.21 1.57 15.52
C ARG A 118 16.13 2.86 16.34
N GLY A 119 15.17 2.91 17.25
CA GLY A 119 14.99 4.08 18.10
C GLY A 119 13.98 5.04 17.50
N VAL A 120 13.59 4.76 16.25
CA VAL A 120 12.62 5.59 15.56
C VAL A 120 11.53 4.72 14.93
N GLY A 121 11.95 3.81 14.05
CA GLY A 121 11.03 2.91 13.38
C GLY A 121 11.62 2.41 12.06
N TYR A 122 10.79 2.33 11.03
CA TYR A 122 11.25 1.86 9.73
C TYR A 122 10.84 2.83 8.63
N VAL A 123 11.60 2.84 7.54
CA VAL A 123 11.31 3.73 6.42
C VAL A 123 11.44 2.97 5.09
N LEU A 124 10.46 3.14 4.23
CA LEU A 124 10.48 2.46 2.93
C LEU A 124 11.18 3.33 1.89
N ARG A 125 12.18 2.77 1.23
CA ARG A 125 12.91 3.51 0.21
C ARG A 125 13.69 2.55 -0.70
N GLU A 126 13.54 2.74 -2.01
CA GLU A 126 14.23 1.90 -2.99
C GLU A 126 15.73 2.13 -2.94
N PRO A 127 16.51 1.18 -3.39
CA PRO A 127 17.99 1.29 -3.40
C PRO A 127 18.47 2.71 -3.72
N ARG A 128 19.10 3.35 -2.74
CA ARG A 128 19.60 4.70 -2.94
C ARG A 128 20.91 4.67 -3.71
N MET A 1 -2.12 20.57 6.32
CA MET A 1 -1.21 21.40 5.49
C MET A 1 -1.06 22.78 6.10
N GLY A 2 0.19 23.20 6.30
CA GLY A 2 0.44 24.53 6.87
C GLY A 2 1.27 25.36 5.91
N SER A 3 2.03 24.69 5.05
CA SER A 3 2.87 25.38 4.08
C SER A 3 2.11 25.62 2.78
N SER A 4 2.13 24.63 1.90
CA SER A 4 1.45 24.75 0.62
C SER A 4 1.79 26.08 -0.03
N HIS A 5 1.02 26.46 -1.04
CA HIS A 5 1.24 27.72 -1.73
C HIS A 5 0.61 28.86 -0.95
N HIS A 6 1.38 29.45 -0.03
CA HIS A 6 0.88 30.56 0.79
C HIS A 6 0.34 31.67 -0.10
N HIS A 7 1.19 32.17 -0.99
CA HIS A 7 0.81 33.24 -1.91
C HIS A 7 1.28 32.90 -3.32
N HIS A 8 1.98 33.84 -3.95
CA HIS A 8 2.48 33.61 -5.31
C HIS A 8 4.01 33.75 -5.32
N HIS A 9 4.70 32.66 -5.67
CA HIS A 9 6.15 32.68 -5.71
C HIS A 9 6.68 31.78 -6.82
N HIS A 10 6.59 30.47 -6.60
CA HIS A 10 7.07 29.50 -7.58
C HIS A 10 5.93 29.02 -8.46
N SER A 11 4.79 28.71 -7.84
CA SER A 11 3.63 28.23 -8.59
C SER A 11 4.03 27.02 -9.44
N SER A 12 3.54 25.85 -9.05
CA SER A 12 3.85 24.63 -9.79
C SER A 12 3.34 24.74 -11.22
N GLY A 13 2.28 25.53 -11.39
CA GLY A 13 1.70 25.74 -12.70
C GLY A 13 1.70 27.22 -13.04
N LEU A 14 1.83 27.53 -14.32
CA LEU A 14 1.84 28.92 -14.75
C LEU A 14 0.62 29.22 -15.60
N VAL A 15 0.52 28.55 -16.74
CA VAL A 15 -0.63 28.75 -17.63
C VAL A 15 -0.86 27.51 -18.48
N PRO A 16 -1.12 26.39 -17.85
CA PRO A 16 -1.37 25.09 -18.54
C PRO A 16 -2.76 25.04 -19.19
N ARG A 17 -3.04 23.95 -19.89
CA ARG A 17 -4.33 23.78 -20.55
C ARG A 17 -5.09 22.61 -19.94
N GLY A 18 -6.34 22.45 -20.36
CA GLY A 18 -7.18 21.36 -19.86
C GLY A 18 -8.10 21.85 -18.74
N SER A 19 -8.87 22.88 -19.04
CA SER A 19 -9.79 23.46 -18.06
C SER A 19 -10.75 22.40 -17.52
N HIS A 20 -11.94 22.31 -18.10
CA HIS A 20 -12.92 21.32 -17.67
C HIS A 20 -12.63 19.97 -18.30
N MET A 21 -11.94 19.99 -19.43
CA MET A 21 -11.59 18.77 -20.14
C MET A 21 -10.75 17.87 -19.24
N LYS A 22 -11.41 17.19 -18.31
CA LYS A 22 -10.70 16.30 -17.39
C LYS A 22 -10.31 15.01 -18.08
N GLY A 23 -10.98 14.72 -19.21
CA GLY A 23 -10.68 13.51 -19.97
C GLY A 23 -11.00 12.26 -19.16
N ASN A 24 -11.69 12.44 -18.04
CA ASN A 24 -12.05 11.32 -17.18
C ASN A 24 -13.10 11.75 -16.16
N LYS A 25 -13.94 10.81 -15.75
CA LYS A 25 -14.98 11.10 -14.78
C LYS A 25 -14.74 10.34 -13.48
N GLU A 26 -14.85 9.01 -13.56
CA GLU A 26 -14.64 8.17 -12.38
C GLU A 26 -13.49 7.19 -12.62
N PRO A 27 -12.83 6.78 -11.58
CA PRO A 27 -11.68 5.82 -11.69
C PRO A 27 -12.12 4.43 -12.12
N ARG A 28 -11.15 3.53 -12.31
CA ARG A 28 -11.44 2.17 -12.73
C ARG A 28 -10.44 1.19 -12.11
N ASN A 29 -10.93 0.36 -11.18
CA ASN A 29 -10.07 -0.62 -10.52
C ASN A 29 -8.90 0.08 -9.84
N VAL A 30 -8.99 0.25 -8.53
CA VAL A 30 -7.92 0.90 -7.78
C VAL A 30 -6.88 -0.12 -7.33
N ARG A 31 -5.70 -0.06 -7.92
CA ARG A 31 -4.63 -0.98 -7.58
C ARG A 31 -3.56 -0.25 -6.77
N LEU A 32 -2.50 -0.97 -6.44
CA LEU A 32 -1.41 -0.41 -5.66
C LEU A 32 -0.07 -1.02 -6.11
N THR A 33 0.93 -0.17 -6.31
CA THR A 33 2.24 -0.64 -6.75
C THR A 33 3.35 0.10 -6.02
N PHE A 34 4.52 -0.54 -5.97
CA PHE A 34 5.68 0.06 -5.31
C PHE A 34 6.95 -0.70 -5.71
N ALA A 35 7.98 0.04 -6.12
CA ALA A 35 9.22 -0.61 -6.53
C ALA A 35 8.92 -1.87 -7.33
N ASP A 36 8.98 -3.03 -6.67
CA ASP A 36 8.66 -4.28 -7.34
C ASP A 36 7.58 -5.00 -6.55
N ILE A 37 6.49 -4.30 -6.30
CA ILE A 37 5.36 -4.86 -5.56
C ILE A 37 4.05 -4.45 -6.21
N GLU A 38 3.08 -5.34 -6.18
CA GLU A 38 1.76 -5.04 -6.76
C GLU A 38 0.65 -5.61 -5.88
N LEU A 39 -0.34 -4.78 -5.58
CA LEU A 39 -1.46 -5.19 -4.75
C LEU A 39 -2.78 -4.89 -5.45
N ASP A 40 -3.80 -5.67 -5.14
CA ASP A 40 -5.11 -5.47 -5.74
C ASP A 40 -6.17 -5.22 -4.66
N GLU A 41 -6.62 -3.98 -4.56
CA GLU A 41 -7.63 -3.62 -3.57
C GLU A 41 -8.96 -4.30 -3.87
N GLU A 42 -9.08 -4.88 -5.06
CA GLU A 42 -10.32 -5.55 -5.45
C GLU A 42 -10.23 -7.05 -5.19
N THR A 43 -9.14 -7.65 -5.66
CA THR A 43 -8.95 -9.09 -5.47
C THR A 43 -8.15 -9.36 -4.20
N HIS A 44 -7.97 -8.32 -3.39
CA HIS A 44 -7.22 -8.44 -2.14
C HIS A 44 -6.07 -9.42 -2.31
N GLU A 45 -5.30 -9.25 -3.38
CA GLU A 45 -4.16 -10.13 -3.64
C GLU A 45 -2.86 -9.33 -3.63
N VAL A 46 -1.75 -10.03 -3.44
CA VAL A 46 -0.44 -9.37 -3.40
C VAL A 46 0.49 -10.02 -4.41
N TRP A 47 1.42 -9.22 -4.93
CA TRP A 47 2.39 -9.73 -5.91
C TRP A 47 3.74 -9.02 -5.75
N LYS A 48 4.79 -9.82 -5.62
CA LYS A 48 6.13 -9.27 -5.45
C LYS A 48 7.10 -9.91 -6.44
N ALA A 49 7.59 -9.09 -7.38
CA ALA A 49 8.54 -9.58 -8.39
C ALA A 49 8.26 -11.04 -8.74
N GLY A 50 7.16 -11.26 -9.45
CA GLY A 50 6.78 -12.62 -9.86
C GLY A 50 6.72 -13.56 -8.65
N GLN A 51 6.48 -12.98 -7.48
CA GLN A 51 6.40 -13.77 -6.26
C GLN A 51 5.12 -13.44 -5.49
N PRO A 52 4.05 -14.19 -5.68
CA PRO A 52 2.77 -13.93 -4.99
C PRO A 52 2.77 -14.46 -3.56
N VAL A 53 2.23 -13.67 -2.64
CA VAL A 53 2.18 -14.06 -1.25
C VAL A 53 0.76 -13.97 -0.69
N SER A 54 0.36 -14.99 0.06
CA SER A 54 -0.97 -15.02 0.65
C SER A 54 -0.94 -14.43 2.06
N LEU A 55 -1.13 -13.12 2.16
CA LEU A 55 -1.12 -12.46 3.45
C LEU A 55 -2.54 -12.30 3.99
N SER A 56 -2.66 -12.23 5.31
CA SER A 56 -3.97 -12.08 5.94
C SER A 56 -4.37 -10.60 6.00
N PRO A 57 -5.59 -10.32 6.39
CA PRO A 57 -6.09 -8.91 6.48
C PRO A 57 -5.13 -8.01 7.26
N THR A 58 -4.77 -8.43 8.47
CA THR A 58 -3.86 -7.65 9.30
C THR A 58 -2.55 -7.35 8.57
N GLU A 59 -1.91 -8.40 8.08
CA GLU A 59 -0.64 -8.23 7.36
C GLU A 59 -0.84 -7.37 6.12
N PHE A 60 -1.98 -7.55 5.45
CA PHE A 60 -2.28 -6.78 4.25
C PHE A 60 -2.40 -5.30 4.57
N THR A 61 -3.07 -4.99 5.67
CA THR A 61 -3.25 -3.61 6.07
C THR A 61 -1.90 -2.96 6.37
N LEU A 62 -1.05 -3.68 7.07
CA LEU A 62 0.27 -3.17 7.43
C LEU A 62 1.07 -2.82 6.18
N LEU A 63 1.03 -3.69 5.18
CA LEU A 63 1.76 -3.45 3.95
C LEU A 63 1.11 -2.34 3.14
N ARG A 64 -0.22 -2.31 3.14
CA ARG A 64 -0.95 -1.27 2.42
C ARG A 64 -0.56 0.11 2.91
N TYR A 65 -0.41 0.25 4.23
CA TYR A 65 -0.04 1.53 4.82
C TYR A 65 1.40 1.89 4.47
N PHE A 66 2.28 0.89 4.50
CA PHE A 66 3.69 1.12 4.19
C PHE A 66 3.85 1.73 2.80
N VAL A 67 3.08 1.21 1.85
CA VAL A 67 3.16 1.71 0.47
C VAL A 67 2.63 3.14 0.37
N ILE A 68 1.46 3.38 0.96
CA ILE A 68 0.85 4.70 0.93
C ILE A 68 1.77 5.73 1.56
N ASN A 69 2.56 5.30 2.54
CA ASN A 69 3.49 6.21 3.21
C ASN A 69 4.92 5.94 2.77
N ALA A 70 5.07 5.32 1.61
CA ALA A 70 6.40 5.01 1.09
C ALA A 70 7.27 6.26 1.05
N GLY A 71 8.38 6.22 1.80
CA GLY A 71 9.30 7.35 1.85
C GLY A 71 9.19 8.10 3.17
N THR A 72 8.07 7.90 3.87
CA THR A 72 7.84 8.56 5.15
C THR A 72 8.18 7.63 6.30
N VAL A 73 9.04 8.10 7.21
CA VAL A 73 9.46 7.30 8.35
C VAL A 73 8.29 7.09 9.32
N LEU A 74 7.96 5.83 9.58
CA LEU A 74 6.87 5.51 10.49
C LEU A 74 7.42 5.21 11.87
N SER A 75 6.55 5.30 12.88
CA SER A 75 6.97 5.03 14.25
C SER A 75 6.43 3.70 14.74
N LYS A 76 7.19 3.04 15.61
CA LYS A 76 6.77 1.76 16.16
C LYS A 76 5.42 1.89 16.86
N PRO A 77 5.30 2.77 17.83
CA PRO A 77 4.02 2.95 18.57
C PRO A 77 2.91 3.45 17.66
N LYS A 78 3.27 4.25 16.67
CA LYS A 78 2.29 4.78 15.73
C LYS A 78 1.74 3.65 14.86
N ILE A 79 2.64 2.87 14.26
CA ILE A 79 2.22 1.76 13.42
C ILE A 79 1.27 0.86 14.20
N LEU A 80 1.54 0.70 15.48
CA LEU A 80 0.71 -0.13 16.34
C LEU A 80 -0.73 0.41 16.38
N ASP A 81 -0.89 1.57 17.04
CA ASP A 81 -2.21 2.19 17.14
C ASP A 81 -2.87 2.34 15.78
N HIS A 82 -2.08 2.23 14.71
CA HIS A 82 -2.60 2.36 13.37
C HIS A 82 -3.43 1.14 12.98
N VAL A 83 -2.85 -0.04 13.12
CA VAL A 83 -3.55 -1.27 12.79
C VAL A 83 -4.44 -1.72 13.93
N TRP A 84 -3.94 -1.58 15.16
CA TRP A 84 -4.69 -1.99 16.34
C TRP A 84 -5.98 -1.18 16.45
N ARG A 85 -6.17 -0.23 15.51
CA ARG A 85 -7.37 0.59 15.52
C ARG A 85 -8.62 -0.27 15.35
N TYR A 86 -8.40 -1.58 15.20
CA TYR A 86 -9.51 -2.51 15.02
C TYR A 86 -9.54 -3.51 16.18
N ASP A 87 -8.58 -3.36 17.09
CA ASP A 87 -8.48 -4.24 18.25
C ASP A 87 -7.44 -3.72 19.23
N PHE A 88 -7.86 -2.82 20.11
CA PHE A 88 -6.94 -2.25 21.09
C PHE A 88 -6.05 -3.34 21.69
N GLY A 89 -4.93 -2.94 22.27
CA GLY A 89 -4.00 -3.89 22.86
C GLY A 89 -2.80 -3.18 23.48
N GLY A 90 -1.70 -3.90 23.64
CA GLY A 90 -0.50 -3.32 24.23
C GLY A 90 0.74 -4.16 23.91
N ASP A 91 1.25 -4.00 22.69
CA ASP A 91 2.44 -4.74 22.28
C ASP A 91 3.27 -3.92 21.31
N VAL A 92 4.27 -3.22 21.85
CA VAL A 92 5.14 -2.40 21.03
C VAL A 92 6.26 -3.24 20.40
N ASN A 93 6.36 -4.49 20.83
CA ASN A 93 7.39 -5.38 20.30
C ASN A 93 6.86 -6.17 19.11
N VAL A 94 5.54 -6.31 19.04
CA VAL A 94 4.92 -7.04 17.95
C VAL A 94 5.18 -6.34 16.62
N VAL A 95 5.22 -5.02 16.65
CA VAL A 95 5.47 -4.26 15.43
C VAL A 95 6.80 -4.67 14.80
N GLU A 96 7.86 -4.65 15.61
CA GLU A 96 9.18 -5.02 15.12
C GLU A 96 9.18 -6.46 14.60
N SER A 97 8.58 -7.36 15.36
CA SER A 97 8.52 -8.76 14.95
C SER A 97 7.77 -8.92 13.64
N TYR A 98 6.65 -8.23 13.52
CA TYR A 98 5.84 -8.29 12.31
C TYR A 98 6.63 -7.77 11.11
N VAL A 99 7.31 -6.64 11.29
CA VAL A 99 8.10 -6.06 10.22
C VAL A 99 9.21 -7.02 9.78
N SER A 100 9.80 -7.70 10.76
CA SER A 100 10.88 -8.65 10.47
C SER A 100 10.36 -9.83 9.67
N TYR A 101 9.23 -10.38 10.10
CA TYR A 101 8.63 -11.52 9.42
C TYR A 101 8.08 -11.10 8.07
N LEU A 102 7.89 -9.80 7.89
CA LEU A 102 7.37 -9.27 6.63
C LEU A 102 8.50 -9.18 5.61
N ARG A 103 9.61 -8.58 6.01
CA ARG A 103 10.75 -8.43 5.12
C ARG A 103 11.18 -9.80 4.58
N ARG A 104 11.29 -10.77 5.49
CA ARG A 104 11.70 -12.12 5.12
C ARG A 104 10.64 -12.80 4.26
N LYS A 105 9.44 -12.23 4.21
CA LYS A 105 8.35 -12.81 3.43
C LYS A 105 8.26 -12.21 2.04
N ILE A 106 8.61 -10.92 1.92
CA ILE A 106 8.55 -10.25 0.63
C ILE A 106 9.94 -9.82 0.17
N ASP A 107 10.79 -9.45 1.12
CA ASP A 107 12.14 -9.01 0.79
C ASP A 107 13.14 -10.14 1.02
N THR A 108 14.10 -10.26 0.11
CA THR A 108 15.12 -11.30 0.22
C THR A 108 16.40 -10.86 -0.48
N GLY A 109 16.25 -10.16 -1.60
CA GLY A 109 17.40 -9.70 -2.36
C GLY A 109 18.34 -8.86 -1.49
N GLU A 110 19.48 -8.49 -2.07
CA GLU A 110 20.47 -7.69 -1.36
C GLU A 110 20.00 -6.25 -1.22
N LYS A 111 18.92 -5.91 -1.92
CA LYS A 111 18.38 -4.56 -1.87
C LYS A 111 17.32 -4.44 -0.78
N ARG A 112 17.69 -3.80 0.32
CA ARG A 112 16.77 -3.63 1.44
C ARG A 112 15.88 -2.41 1.21
N LEU A 113 14.59 -2.64 1.01
CA LEU A 113 13.66 -1.54 0.78
C LEU A 113 13.11 -1.03 2.11
N LEU A 114 13.56 -1.63 3.19
CA LEU A 114 13.11 -1.23 4.52
C LEU A 114 14.30 -0.79 5.37
N HIS A 115 14.41 0.52 5.59
CA HIS A 115 15.51 1.06 6.39
C HIS A 115 15.10 1.18 7.85
N THR A 116 15.87 0.53 8.73
CA THR A 116 15.56 0.56 10.16
C THR A 116 16.29 1.72 10.85
N LEU A 117 15.51 2.70 11.29
CA LEU A 117 16.06 3.86 11.97
C LEU A 117 16.01 3.67 13.49
N ARG A 118 16.81 2.73 13.99
CA ARG A 118 16.84 2.45 15.43
C ARG A 118 16.73 3.76 16.23
N GLY A 119 15.74 3.82 17.12
CA GLY A 119 15.54 5.00 17.94
C GLY A 119 14.35 5.80 17.44
N VAL A 120 13.89 5.49 16.24
CA VAL A 120 12.74 6.19 15.65
C VAL A 120 11.74 5.18 15.09
N GLY A 121 12.20 4.33 14.19
CA GLY A 121 11.33 3.33 13.58
C GLY A 121 11.91 2.82 12.27
N TYR A 122 11.06 2.68 11.26
CA TYR A 122 11.52 2.20 9.96
C TYR A 122 11.06 3.14 8.85
N VAL A 123 11.77 3.11 7.73
CA VAL A 123 11.43 3.97 6.59
C VAL A 123 11.59 3.22 5.28
N LEU A 124 10.59 3.33 4.41
CA LEU A 124 10.64 2.67 3.11
C LEU A 124 11.27 3.58 2.06
N ARG A 125 12.26 3.05 1.35
CA ARG A 125 12.94 3.83 0.32
C ARG A 125 13.74 2.91 -0.61
N GLU A 126 13.63 3.15 -1.91
CA GLU A 126 14.34 2.34 -2.89
C GLU A 126 15.83 2.73 -2.92
N PRO A 127 16.69 1.84 -3.34
CA PRO A 127 18.14 2.09 -3.41
C PRO A 127 18.47 3.50 -3.90
N ARG A 128 19.73 3.89 -3.78
CA ARG A 128 20.14 5.22 -4.21
C ARG A 128 21.42 5.13 -5.05
N MET A 1 26.92 1.90 -37.04
CA MET A 1 27.49 0.67 -37.65
C MET A 1 26.75 -0.55 -37.12
N GLY A 2 27.40 -1.26 -36.19
CA GLY A 2 26.80 -2.45 -35.60
C GLY A 2 25.31 -2.28 -35.46
N SER A 3 24.88 -1.72 -34.33
CA SER A 3 23.47 -1.49 -34.07
C SER A 3 22.77 -1.13 -35.39
N SER A 4 21.92 -2.04 -35.86
CA SER A 4 21.21 -1.81 -37.12
C SER A 4 19.83 -2.47 -37.10
N HIS A 5 18.80 -1.68 -37.34
CA HIS A 5 17.43 -2.19 -37.34
C HIS A 5 16.54 -1.38 -38.28
N HIS A 6 15.96 -2.06 -39.27
CA HIS A 6 15.08 -1.40 -40.25
C HIS A 6 14.23 -2.43 -40.97
N HIS A 7 14.87 -3.52 -41.40
CA HIS A 7 14.17 -4.57 -42.12
C HIS A 7 13.10 -3.99 -43.04
N HIS A 8 11.84 -4.21 -42.69
CA HIS A 8 10.74 -3.70 -43.50
C HIS A 8 9.88 -2.75 -42.67
N HIS A 9 9.01 -3.32 -41.83
CA HIS A 9 8.13 -2.51 -40.99
C HIS A 9 7.40 -1.47 -41.84
N HIS A 10 6.54 -1.95 -42.72
CA HIS A 10 5.78 -1.08 -43.60
C HIS A 10 4.56 -1.82 -44.15
N SER A 11 3.63 -1.07 -44.73
CA SER A 11 2.41 -1.66 -45.28
C SER A 11 1.65 -2.43 -44.21
N SER A 12 1.27 -1.74 -43.14
CA SER A 12 0.53 -2.38 -42.06
C SER A 12 -0.75 -1.63 -41.76
N GLY A 13 -1.89 -2.33 -41.90
CA GLY A 13 -3.19 -1.71 -41.63
C GLY A 13 -4.19 -2.75 -41.16
N LEU A 14 -3.83 -3.48 -40.11
CA LEU A 14 -4.71 -4.51 -39.54
C LEU A 14 -5.92 -3.87 -38.87
N VAL A 15 -5.66 -3.09 -37.81
CA VAL A 15 -6.74 -2.43 -37.08
C VAL A 15 -6.35 -1.00 -36.70
N PRO A 16 -6.23 -0.12 -37.67
CA PRO A 16 -5.86 1.30 -37.43
C PRO A 16 -7.04 2.12 -36.90
N ARG A 17 -8.22 1.52 -36.95
CA ARG A 17 -9.42 2.21 -36.48
C ARG A 17 -10.25 1.27 -35.59
N GLY A 18 -9.93 1.26 -34.30
CA GLY A 18 -10.63 0.42 -33.34
C GLY A 18 -11.62 1.24 -32.50
N SER A 19 -11.30 1.42 -31.22
CA SER A 19 -12.17 2.20 -30.34
C SER A 19 -11.36 2.78 -29.17
N HIS A 20 -10.72 1.92 -28.39
CA HIS A 20 -9.93 2.38 -27.24
C HIS A 20 -9.01 3.52 -27.67
N MET A 21 -9.49 4.76 -27.52
CA MET A 21 -8.72 5.95 -27.90
C MET A 21 -7.60 6.22 -26.89
N LYS A 22 -6.36 5.87 -27.26
CA LYS A 22 -5.22 6.10 -26.39
C LYS A 22 -5.28 5.18 -25.16
N GLY A 23 -4.23 5.23 -24.35
CA GLY A 23 -4.17 4.40 -23.14
C GLY A 23 -4.67 5.16 -21.92
N ASN A 24 -4.48 4.55 -20.75
CA ASN A 24 -4.93 5.17 -19.50
C ASN A 24 -6.31 5.79 -19.68
N LYS A 25 -7.33 4.94 -19.73
CA LYS A 25 -8.71 5.39 -19.89
C LYS A 25 -9.38 5.61 -18.53
N GLU A 26 -8.56 5.68 -17.48
CA GLU A 26 -9.08 5.88 -16.14
C GLU A 26 -10.44 5.18 -15.97
N PRO A 27 -10.42 3.88 -15.83
CA PRO A 27 -11.67 3.07 -15.66
C PRO A 27 -12.18 3.09 -14.23
N ARG A 28 -11.84 2.06 -13.46
CA ARG A 28 -12.28 1.99 -12.07
C ARG A 28 -11.50 0.93 -11.30
N ASN A 29 -10.36 0.53 -11.84
CA ASN A 29 -9.53 -0.48 -11.18
C ASN A 29 -8.45 0.19 -10.35
N VAL A 30 -8.55 0.02 -9.03
CA VAL A 30 -7.58 0.63 -8.12
C VAL A 30 -6.53 -0.39 -7.68
N ARG A 31 -5.28 -0.13 -8.03
CA ARG A 31 -4.17 -1.01 -7.67
C ARG A 31 -2.93 -0.19 -7.32
N LEU A 32 -2.34 -0.50 -6.18
CA LEU A 32 -1.14 0.21 -5.74
C LEU A 32 0.11 -0.51 -6.21
N THR A 33 1.22 0.22 -6.29
CA THR A 33 2.48 -0.37 -6.72
C THR A 33 3.65 0.21 -5.93
N PHE A 34 4.74 -0.55 -5.86
CA PHE A 34 5.92 -0.10 -5.13
C PHE A 34 7.11 -0.97 -5.51
N ALA A 35 8.23 -0.34 -5.86
CA ALA A 35 9.42 -1.07 -6.25
C ALA A 35 9.01 -2.30 -7.05
N ASP A 36 8.99 -3.46 -6.39
CA ASP A 36 8.57 -4.69 -7.06
C ASP A 36 7.42 -5.33 -6.28
N ILE A 37 6.37 -4.54 -6.06
CA ILE A 37 5.21 -5.02 -5.32
C ILE A 37 3.93 -4.56 -6.00
N GLU A 38 2.86 -5.32 -5.83
CA GLU A 38 1.57 -4.98 -6.41
C GLU A 38 0.43 -5.33 -5.45
N LEU A 39 -0.60 -4.51 -5.45
CA LEU A 39 -1.75 -4.73 -4.59
C LEU A 39 -3.04 -4.36 -5.31
N ASP A 40 -3.91 -5.33 -5.52
CA ASP A 40 -5.18 -5.06 -6.21
C ASP A 40 -6.34 -5.17 -5.23
N GLU A 41 -6.93 -4.03 -4.89
CA GLU A 41 -8.05 -3.99 -3.97
C GLU A 41 -9.27 -4.67 -4.58
N GLU A 42 -9.33 -4.70 -5.91
CA GLU A 42 -10.45 -5.32 -6.60
C GLU A 42 -10.71 -6.72 -6.06
N THR A 43 -9.64 -7.45 -5.79
CA THR A 43 -9.78 -8.82 -5.28
C THR A 43 -9.11 -8.95 -3.90
N HIS A 44 -8.16 -8.06 -3.63
CA HIS A 44 -7.45 -8.09 -2.35
C HIS A 44 -6.30 -9.10 -2.42
N GLU A 45 -5.44 -8.95 -3.41
CA GLU A 45 -4.30 -9.84 -3.58
C GLU A 45 -3.00 -9.06 -3.70
N VAL A 46 -1.89 -9.71 -3.37
CA VAL A 46 -0.58 -9.06 -3.45
C VAL A 46 0.30 -9.76 -4.47
N TRP A 47 1.25 -9.02 -5.03
CA TRP A 47 2.16 -9.58 -6.03
C TRP A 47 3.55 -8.96 -5.91
N LYS A 48 4.56 -9.82 -5.79
CA LYS A 48 5.93 -9.36 -5.65
C LYS A 48 6.81 -10.01 -6.72
N ALA A 49 7.32 -9.19 -7.65
CA ALA A 49 8.16 -9.69 -8.73
C ALA A 49 7.79 -11.12 -9.10
N GLY A 50 6.59 -11.30 -9.67
CA GLY A 50 6.13 -12.61 -10.08
C GLY A 50 6.13 -13.58 -8.89
N GLN A 51 5.86 -13.05 -7.72
CA GLN A 51 5.82 -13.85 -6.50
C GLN A 51 4.62 -13.45 -5.64
N PRO A 52 3.48 -14.10 -5.80
CA PRO A 52 2.27 -13.77 -5.02
C PRO A 52 2.33 -14.30 -3.59
N VAL A 53 1.86 -13.50 -2.65
CA VAL A 53 1.88 -13.89 -1.25
C VAL A 53 0.47 -13.83 -0.65
N SER A 54 0.16 -14.80 0.19
CA SER A 54 -1.15 -14.86 0.84
C SER A 54 -1.08 -14.25 2.23
N LEU A 55 -1.33 -12.94 2.31
CA LEU A 55 -1.29 -12.24 3.58
C LEU A 55 -2.70 -12.10 4.16
N SER A 56 -2.79 -12.07 5.49
CA SER A 56 -4.09 -11.94 6.16
C SER A 56 -4.49 -10.46 6.22
N PRO A 57 -5.71 -10.19 6.60
CA PRO A 57 -6.22 -8.79 6.70
C PRO A 57 -5.24 -7.86 7.41
N THR A 58 -4.84 -8.23 8.62
CA THR A 58 -3.91 -7.43 9.40
C THR A 58 -2.65 -7.11 8.60
N GLU A 59 -1.89 -8.15 8.25
CA GLU A 59 -0.66 -7.96 7.49
C GLU A 59 -0.94 -7.22 6.18
N PHE A 60 -2.07 -7.53 5.57
CA PHE A 60 -2.45 -6.88 4.32
C PHE A 60 -2.54 -5.37 4.51
N THR A 61 -3.21 -4.96 5.59
CA THR A 61 -3.36 -3.53 5.88
C THR A 61 -2.00 -2.89 6.14
N LEU A 62 -1.15 -3.62 6.86
CA LEU A 62 0.19 -3.11 7.18
C LEU A 62 0.96 -2.80 5.91
N LEU A 63 0.93 -3.73 4.96
CA LEU A 63 1.62 -3.55 3.70
C LEU A 63 1.04 -2.39 2.91
N ARG A 64 -0.28 -2.33 2.83
CA ARG A 64 -0.95 -1.26 2.09
C ARG A 64 -0.59 0.10 2.68
N TYR A 65 -0.58 0.19 4.01
CA TYR A 65 -0.26 1.44 4.67
C TYR A 65 1.20 1.83 4.40
N PHE A 66 2.09 0.84 4.42
CA PHE A 66 3.50 1.09 4.19
C PHE A 66 3.71 1.74 2.82
N VAL A 67 3.01 1.22 1.81
CA VAL A 67 3.14 1.75 0.45
C VAL A 67 2.60 3.18 0.39
N ILE A 68 1.44 3.40 0.97
CA ILE A 68 0.82 4.74 0.97
C ILE A 68 1.77 5.77 1.57
N ASN A 69 2.53 5.35 2.57
CA ASN A 69 3.48 6.25 3.23
C ASN A 69 4.91 5.93 2.81
N ALA A 70 5.07 5.27 1.67
CA ALA A 70 6.39 4.90 1.18
C ALA A 70 7.31 6.12 1.14
N GLY A 71 8.30 6.14 2.03
CA GLY A 71 9.24 7.25 2.08
C GLY A 71 9.16 7.99 3.41
N THR A 72 7.99 7.96 4.03
CA THR A 72 7.80 8.64 5.31
C THR A 72 8.20 7.73 6.47
N VAL A 73 8.98 8.27 7.39
CA VAL A 73 9.42 7.51 8.55
C VAL A 73 8.25 7.21 9.48
N LEU A 74 7.90 5.93 9.59
CA LEU A 74 6.78 5.52 10.42
C LEU A 74 7.27 5.05 11.80
N SER A 75 6.39 5.16 12.80
CA SER A 75 6.74 4.75 14.15
C SER A 75 6.02 3.46 14.52
N LYS A 76 6.66 2.65 15.35
CA LYS A 76 6.08 1.40 15.81
C LYS A 76 4.74 1.61 16.51
N PRO A 77 4.67 2.50 17.48
CA PRO A 77 3.40 2.76 18.21
C PRO A 77 2.32 3.33 17.29
N LYS A 78 2.75 4.20 16.37
CA LYS A 78 1.82 4.81 15.43
C LYS A 78 1.24 3.74 14.50
N ILE A 79 2.11 2.87 13.99
CA ILE A 79 1.67 1.81 13.11
C ILE A 79 0.58 0.99 13.78
N LEU A 80 0.78 0.70 15.07
CA LEU A 80 -0.18 -0.07 15.84
C LEU A 80 -1.53 0.66 15.90
N ASP A 81 -1.55 1.80 16.57
CA ASP A 81 -2.78 2.58 16.71
C ASP A 81 -3.55 2.59 15.39
N HIS A 82 -2.83 2.60 14.28
CA HIS A 82 -3.46 2.62 12.96
C HIS A 82 -4.10 1.27 12.66
N VAL A 83 -3.30 0.20 12.77
CA VAL A 83 -3.80 -1.14 12.49
C VAL A 83 -4.50 -1.73 13.70
N TRP A 84 -3.78 -1.81 14.83
CA TRP A 84 -4.34 -2.37 16.05
C TRP A 84 -5.65 -1.68 16.42
N ARG A 85 -6.05 -0.67 15.63
CA ARG A 85 -7.28 0.05 15.90
C ARG A 85 -8.48 -0.89 15.83
N TYR A 86 -8.22 -2.15 15.49
CA TYR A 86 -9.29 -3.14 15.40
C TYR A 86 -9.08 -4.25 16.42
N ASP A 87 -8.13 -4.05 17.32
CA ASP A 87 -7.84 -5.04 18.34
C ASP A 87 -6.59 -4.64 19.14
N PHE A 88 -6.82 -4.03 20.29
CA PHE A 88 -5.71 -3.60 21.14
C PHE A 88 -5.09 -4.80 21.85
N GLY A 89 -3.76 -4.90 21.83
CA GLY A 89 -3.08 -6.00 22.47
C GLY A 89 -1.78 -6.33 21.74
N GLY A 90 -0.92 -5.34 21.59
CA GLY A 90 0.35 -5.53 20.90
C GLY A 90 1.35 -4.43 21.27
N ASP A 91 2.29 -4.75 22.14
CA ASP A 91 3.29 -3.79 22.56
C ASP A 91 3.98 -3.17 21.35
N VAL A 92 4.97 -2.33 21.61
CA VAL A 92 5.70 -1.67 20.53
C VAL A 92 6.77 -2.59 19.97
N ASN A 93 6.95 -3.75 20.61
CA ASN A 93 7.96 -4.70 20.17
C ASN A 93 7.35 -5.71 19.19
N VAL A 94 6.03 -5.81 19.20
CA VAL A 94 5.34 -6.73 18.31
C VAL A 94 5.54 -6.30 16.85
N VAL A 95 5.60 -4.99 16.63
CA VAL A 95 5.79 -4.46 15.29
C VAL A 95 7.16 -4.87 14.75
N GLU A 96 8.19 -4.61 15.55
CA GLU A 96 9.55 -4.96 15.16
C GLU A 96 9.62 -6.44 14.77
N SER A 97 9.02 -7.29 15.61
CA SER A 97 9.02 -8.72 15.34
C SER A 97 8.31 -9.03 14.03
N TYR A 98 7.12 -8.45 13.85
CA TYR A 98 6.36 -8.66 12.62
C TYR A 98 7.12 -8.11 11.41
N VAL A 99 7.77 -6.97 11.59
CA VAL A 99 8.51 -6.35 10.52
C VAL A 99 9.67 -7.26 10.09
N SER A 100 10.34 -7.85 11.06
CA SER A 100 11.46 -8.75 10.79
C SER A 100 10.98 -9.97 10.00
N TYR A 101 9.86 -10.54 10.41
CA TYR A 101 9.31 -11.71 9.72
C TYR A 101 8.74 -11.34 8.37
N LEU A 102 8.32 -10.08 8.23
CA LEU A 102 7.77 -9.63 6.97
C LEU A 102 8.90 -9.39 5.97
N ARG A 103 9.98 -8.80 6.45
CA ARG A 103 11.13 -8.54 5.60
C ARG A 103 11.60 -9.86 4.98
N ARG A 104 11.78 -10.87 5.83
CA ARG A 104 12.22 -12.18 5.38
C ARG A 104 11.14 -12.86 4.54
N LYS A 105 9.96 -12.26 4.49
CA LYS A 105 8.86 -12.84 3.73
C LYS A 105 8.83 -12.30 2.31
N ILE A 106 9.05 -11.00 2.17
CA ILE A 106 9.03 -10.36 0.85
C ILE A 106 10.41 -9.82 0.48
N ASP A 107 11.22 -9.51 1.48
CA ASP A 107 12.56 -8.98 1.22
C ASP A 107 13.62 -10.05 1.39
N THR A 108 14.68 -9.96 0.59
CA THR A 108 15.76 -10.93 0.65
C THR A 108 16.88 -10.55 -0.31
N GLY A 109 16.51 -9.97 -1.46
CA GLY A 109 17.48 -9.57 -2.45
C GLY A 109 18.61 -8.76 -1.81
N GLU A 110 19.74 -8.64 -2.53
CA GLU A 110 20.87 -7.88 -2.02
C GLU A 110 20.53 -6.40 -1.94
N LYS A 111 19.38 -6.02 -2.48
CA LYS A 111 18.96 -4.63 -2.47
C LYS A 111 18.09 -4.35 -1.26
N ARG A 112 18.46 -3.34 -0.50
CA ARG A 112 17.71 -2.97 0.69
C ARG A 112 16.51 -2.11 0.31
N LEU A 113 15.53 -2.06 1.22
CA LEU A 113 14.32 -1.28 0.99
C LEU A 113 13.81 -0.73 2.31
N LEU A 114 13.85 -1.56 3.35
CA LEU A 114 13.40 -1.14 4.67
C LEU A 114 14.57 -0.70 5.53
N HIS A 115 14.60 0.59 5.88
CA HIS A 115 15.66 1.12 6.70
C HIS A 115 15.24 1.19 8.17
N THR A 116 16.02 0.56 9.03
CA THR A 116 15.72 0.54 10.46
C THR A 116 16.42 1.69 11.18
N LEU A 117 15.63 2.62 11.72
CA LEU A 117 16.19 3.76 12.44
C LEU A 117 16.20 3.48 13.93
N ARG A 118 17.04 2.55 14.34
CA ARG A 118 17.13 2.18 15.75
C ARG A 118 17.10 3.41 16.65
N GLY A 119 15.91 3.72 17.16
CA GLY A 119 15.74 4.87 18.04
C GLY A 119 14.59 5.77 17.59
N VAL A 120 14.11 5.54 16.37
CA VAL A 120 13.01 6.35 15.83
C VAL A 120 11.90 5.45 15.30
N GLY A 121 12.27 4.49 14.47
CA GLY A 121 11.28 3.56 13.90
C GLY A 121 11.80 2.94 12.61
N TYR A 122 10.92 2.85 11.61
CA TYR A 122 11.29 2.25 10.33
C TYR A 122 10.89 3.17 9.18
N VAL A 123 11.63 3.09 8.08
CA VAL A 123 11.32 3.92 6.92
C VAL A 123 11.50 3.12 5.62
N LEU A 124 10.47 3.14 4.77
CA LEU A 124 10.54 2.43 3.50
C LEU A 124 11.08 3.34 2.41
N ARG A 125 11.96 2.80 1.57
CA ARG A 125 12.54 3.58 0.49
C ARG A 125 13.17 2.67 -0.56
N GLU A 126 13.00 3.02 -1.83
CA GLU A 126 13.57 2.22 -2.92
C GLU A 126 15.09 2.35 -2.95
N PRO A 127 15.76 1.39 -3.53
CA PRO A 127 17.25 1.40 -3.61
C PRO A 127 17.77 2.45 -4.60
N ARG A 128 18.39 3.49 -4.07
CA ARG A 128 18.91 4.56 -4.91
C ARG A 128 20.12 4.07 -5.71
N MET A 1 -8.24 43.27 24.78
CA MET A 1 -9.03 42.03 24.60
C MET A 1 -8.12 40.82 24.69
N GLY A 2 -7.93 40.31 25.91
CA GLY A 2 -7.10 39.14 26.11
C GLY A 2 -7.96 37.88 26.16
N SER A 3 -9.01 37.88 25.33
CA SER A 3 -9.91 36.73 25.27
C SER A 3 -10.99 36.95 24.22
N SER A 4 -11.14 35.96 23.33
CA SER A 4 -12.13 36.06 22.27
C SER A 4 -11.72 37.11 21.24
N HIS A 5 -10.42 37.33 21.10
CA HIS A 5 -9.91 38.31 20.15
C HIS A 5 -10.49 38.03 18.76
N HIS A 6 -9.92 37.03 18.08
CA HIS A 6 -10.39 36.67 16.75
C HIS A 6 -11.86 36.25 16.81
N HIS A 7 -12.40 35.78 15.69
CA HIS A 7 -13.80 35.34 15.65
C HIS A 7 -13.87 33.86 15.32
N HIS A 8 -15.06 33.39 14.98
CA HIS A 8 -15.26 31.99 14.64
C HIS A 8 -16.40 31.85 13.64
N HIS A 9 -16.07 31.38 12.44
CA HIS A 9 -17.07 31.22 11.40
C HIS A 9 -17.55 29.78 11.34
N HIS A 10 -18.84 29.61 11.08
CA HIS A 10 -19.41 28.27 10.99
C HIS A 10 -18.57 27.41 10.05
N SER A 11 -18.01 26.33 10.58
CA SER A 11 -17.18 25.45 9.77
C SER A 11 -18.04 24.43 9.03
N SER A 12 -19.11 23.97 9.67
CA SER A 12 -20.01 23.02 9.05
C SER A 12 -20.50 23.52 7.71
N GLY A 13 -20.23 22.77 6.65
CA GLY A 13 -20.64 23.14 5.31
C GLY A 13 -19.60 22.69 4.29
N LEU A 14 -19.64 21.41 3.93
CA LEU A 14 -18.68 20.89 2.97
C LEU A 14 -19.33 20.67 1.62
N VAL A 15 -18.59 20.99 0.56
CA VAL A 15 -19.09 20.82 -0.80
C VAL A 15 -17.96 20.41 -1.73
N PRO A 16 -17.29 19.33 -1.42
CA PRO A 16 -16.16 18.80 -2.25
C PRO A 16 -16.64 18.27 -3.60
N ARG A 17 -17.44 19.08 -4.30
CA ARG A 17 -17.95 18.68 -5.60
C ARG A 17 -18.19 19.89 -6.51
N GLY A 18 -17.16 20.70 -6.69
CA GLY A 18 -17.28 21.89 -7.55
C GLY A 18 -17.87 21.51 -8.90
N SER A 19 -17.16 20.65 -9.64
CA SER A 19 -17.64 20.22 -10.95
C SER A 19 -16.83 19.04 -11.48
N HIS A 20 -15.51 19.19 -11.53
CA HIS A 20 -14.66 18.10 -12.02
C HIS A 20 -13.28 18.14 -11.37
N MET A 21 -13.11 17.29 -10.37
CA MET A 21 -11.84 17.20 -9.67
C MET A 21 -11.39 15.74 -9.58
N LYS A 22 -12.24 14.91 -8.99
CA LYS A 22 -11.93 13.49 -8.85
C LYS A 22 -12.38 12.72 -10.10
N GLY A 23 -13.65 12.88 -10.47
CA GLY A 23 -14.20 12.21 -11.63
C GLY A 23 -13.27 12.33 -12.84
N ASN A 24 -12.56 11.25 -13.14
CA ASN A 24 -11.65 11.24 -14.27
C ASN A 24 -11.18 9.81 -14.56
N LYS A 25 -10.44 9.24 -13.61
CA LYS A 25 -9.96 7.88 -13.78
C LYS A 25 -11.03 6.99 -14.40
N GLU A 26 -10.68 6.35 -15.50
CA GLU A 26 -11.63 5.49 -16.21
C GLU A 26 -11.69 4.12 -15.54
N PRO A 27 -10.57 3.59 -15.12
CA PRO A 27 -10.51 2.25 -14.47
C PRO A 27 -11.34 2.20 -13.19
N ARG A 28 -11.75 0.99 -12.78
CA ARG A 28 -12.54 0.82 -11.56
C ARG A 28 -11.76 0.06 -10.49
N ASN A 29 -10.87 -0.82 -10.94
CA ASN A 29 -10.06 -1.60 -10.01
C ASN A 29 -8.88 -0.81 -9.50
N VAL A 30 -8.79 -0.68 -8.18
CA VAL A 30 -7.69 0.07 -7.58
C VAL A 30 -6.52 -0.87 -7.24
N ARG A 31 -5.40 -0.68 -7.92
CA ARG A 31 -4.22 -1.51 -7.68
C ARG A 31 -3.03 -0.64 -7.27
N LEU A 32 -2.49 -0.89 -6.09
CA LEU A 32 -1.36 -0.12 -5.60
C LEU A 32 -0.04 -0.76 -6.02
N THR A 33 0.97 0.06 -6.24
CA THR A 33 2.27 -0.43 -6.66
C THR A 33 3.40 0.33 -5.97
N PHE A 34 4.55 -0.33 -5.83
CA PHE A 34 5.72 0.28 -5.20
C PHE A 34 6.98 -0.47 -5.63
N ALA A 35 7.96 0.27 -6.14
CA ALA A 35 9.20 -0.37 -6.59
C ALA A 35 8.88 -1.68 -7.29
N ASP A 36 8.97 -2.78 -6.56
CA ASP A 36 8.65 -4.09 -7.12
C ASP A 36 7.58 -4.76 -6.27
N ILE A 37 6.49 -4.05 -6.06
CA ILE A 37 5.39 -4.57 -5.26
C ILE A 37 4.05 -4.22 -5.92
N GLU A 38 3.08 -5.11 -5.78
CA GLU A 38 1.76 -4.85 -6.36
C GLU A 38 0.67 -5.42 -5.44
N LEU A 39 -0.42 -4.67 -5.29
CA LEU A 39 -1.52 -5.10 -4.45
C LEU A 39 -2.85 -4.82 -5.14
N ASP A 40 -3.78 -5.76 -5.01
CA ASP A 40 -5.10 -5.60 -5.64
C ASP A 40 -6.18 -5.43 -4.59
N GLU A 41 -6.61 -4.19 -4.40
CA GLU A 41 -7.65 -3.89 -3.42
C GLU A 41 -8.98 -4.53 -3.82
N GLU A 42 -9.03 -5.07 -5.03
CA GLU A 42 -10.26 -5.69 -5.52
C GLU A 42 -10.18 -7.20 -5.37
N THR A 43 -9.05 -7.79 -5.74
CA THR A 43 -8.87 -9.23 -5.64
C THR A 43 -8.10 -9.58 -4.38
N HIS A 44 -7.95 -8.60 -3.49
CA HIS A 44 -7.24 -8.80 -2.24
C HIS A 44 -6.06 -9.75 -2.44
N GLU A 45 -5.20 -9.43 -3.40
CA GLU A 45 -4.04 -10.26 -3.70
C GLU A 45 -2.77 -9.41 -3.72
N VAL A 46 -1.65 -10.05 -3.41
CA VAL A 46 -0.37 -9.36 -3.39
C VAL A 46 0.57 -9.93 -4.46
N TRP A 47 1.55 -9.15 -4.87
CA TRP A 47 2.50 -9.59 -5.88
C TRP A 47 3.88 -8.99 -5.62
N LYS A 48 4.88 -9.86 -5.53
CA LYS A 48 6.25 -9.41 -5.28
C LYS A 48 7.18 -9.89 -6.39
N ALA A 49 7.65 -8.95 -7.20
CA ALA A 49 8.55 -9.27 -8.31
C ALA A 49 8.28 -10.67 -8.87
N GLY A 50 7.06 -10.89 -9.33
CA GLY A 50 6.68 -12.18 -9.90
C GLY A 50 6.55 -13.25 -8.82
N GLN A 51 6.31 -12.83 -7.59
CA GLN A 51 6.17 -13.78 -6.49
C GLN A 51 4.92 -13.45 -5.66
N PRO A 52 3.80 -14.10 -5.93
CA PRO A 52 2.54 -13.85 -5.19
C PRO A 52 2.54 -14.49 -3.81
N VAL A 53 2.09 -13.72 -2.81
CA VAL A 53 2.04 -14.21 -1.44
C VAL A 53 0.65 -14.03 -0.85
N SER A 54 0.23 -14.99 -0.03
CA SER A 54 -1.09 -14.92 0.60
C SER A 54 -1.00 -14.26 1.98
N LEU A 55 -1.25 -12.96 2.02
CA LEU A 55 -1.19 -12.23 3.28
C LEU A 55 -2.58 -12.14 3.91
N SER A 56 -2.61 -11.99 5.23
CA SER A 56 -3.87 -11.90 5.96
C SER A 56 -4.33 -10.44 6.03
N PRO A 57 -5.52 -10.19 6.51
CA PRO A 57 -6.06 -8.81 6.63
C PRO A 57 -5.09 -7.87 7.33
N THR A 58 -4.60 -8.28 8.50
CA THR A 58 -3.66 -7.46 9.26
C THR A 58 -2.41 -7.14 8.43
N GLU A 59 -1.77 -8.18 7.93
CA GLU A 59 -0.56 -7.99 7.14
C GLU A 59 -0.82 -7.06 5.96
N PHE A 60 -1.96 -7.29 5.30
CA PHE A 60 -2.33 -6.47 4.15
C PHE A 60 -2.43 -5.00 4.56
N THR A 61 -3.14 -4.74 5.65
CA THR A 61 -3.30 -3.36 6.13
C THR A 61 -1.95 -2.72 6.38
N LEU A 62 -1.06 -3.46 7.05
CA LEU A 62 0.27 -2.94 7.35
C LEU A 62 1.02 -2.62 6.08
N LEU A 63 0.99 -3.54 5.12
CA LEU A 63 1.68 -3.35 3.85
C LEU A 63 1.09 -2.17 3.08
N ARG A 64 -0.23 -2.06 3.10
CA ARG A 64 -0.91 -0.97 2.39
C ARG A 64 -0.44 0.37 2.93
N TYR A 65 -0.38 0.48 4.25
CA TYR A 65 0.04 1.72 4.87
C TYR A 65 1.47 2.07 4.47
N PHE A 66 2.34 1.07 4.48
CA PHE A 66 3.74 1.27 4.12
C PHE A 66 3.85 1.89 2.73
N VAL A 67 3.12 1.33 1.78
CA VAL A 67 3.14 1.83 0.41
C VAL A 67 2.55 3.23 0.32
N ILE A 68 1.39 3.41 0.95
CA ILE A 68 0.71 4.70 0.94
C ILE A 68 1.64 5.79 1.44
N ASN A 69 2.50 5.44 2.40
CA ASN A 69 3.42 6.42 2.96
C ASN A 69 4.86 6.07 2.59
N ALA A 70 5.03 5.28 1.53
CA ALA A 70 6.36 4.88 1.09
C ALA A 70 7.26 6.11 0.90
N GLY A 71 8.36 6.14 1.65
CA GLY A 71 9.29 7.26 1.55
C GLY A 71 9.31 8.09 2.83
N THR A 72 8.20 8.05 3.57
CA THR A 72 8.11 8.80 4.82
C THR A 72 8.39 7.89 6.02
N VAL A 73 9.29 8.35 6.89
CA VAL A 73 9.66 7.57 8.08
C VAL A 73 8.49 7.50 9.05
N LEU A 74 7.99 6.29 9.28
CA LEU A 74 6.87 6.09 10.20
C LEU A 74 7.37 5.68 11.58
N SER A 75 6.52 5.87 12.59
CA SER A 75 6.89 5.51 13.96
C SER A 75 6.18 4.22 14.39
N LYS A 76 6.84 3.46 15.26
CA LYS A 76 6.26 2.21 15.74
C LYS A 76 4.92 2.46 16.41
N PRO A 77 4.85 3.41 17.31
CA PRO A 77 3.59 3.74 18.04
C PRO A 77 2.45 4.03 17.07
N LYS A 78 2.74 4.81 16.03
CA LYS A 78 1.74 5.15 15.04
C LYS A 78 1.26 3.90 14.31
N ILE A 79 2.19 3.21 13.65
CA ILE A 79 1.85 2.00 12.93
C ILE A 79 1.02 1.08 13.80
N LEU A 80 1.40 0.95 15.07
CA LEU A 80 0.68 0.11 16.02
C LEU A 80 -0.75 0.63 16.22
N ASP A 81 -0.84 1.84 16.76
CA ASP A 81 -2.15 2.45 17.01
C ASP A 81 -3.00 2.45 15.74
N HIS A 82 -2.35 2.40 14.59
CA HIS A 82 -3.07 2.42 13.32
C HIS A 82 -3.77 1.08 13.09
N VAL A 83 -3.04 -0.01 13.25
CA VAL A 83 -3.59 -1.34 13.06
C VAL A 83 -4.28 -1.85 14.31
N TRP A 84 -3.50 -2.00 15.38
CA TRP A 84 -4.04 -2.48 16.65
C TRP A 84 -5.30 -1.71 17.06
N ARG A 85 -5.63 -0.68 16.29
CA ARG A 85 -6.82 0.12 16.60
C ARG A 85 -8.07 -0.75 16.53
N TYR A 86 -7.89 -2.02 16.21
CA TYR A 86 -9.01 -2.95 16.13
C TYR A 86 -8.86 -4.06 17.16
N ASP A 87 -7.91 -3.87 18.07
CA ASP A 87 -7.67 -4.86 19.12
C ASP A 87 -6.45 -4.48 19.95
N PHE A 88 -6.70 -3.98 21.16
CA PHE A 88 -5.61 -3.58 22.04
C PHE A 88 -5.11 -4.77 22.85
N GLY A 89 -3.86 -5.17 22.60
CA GLY A 89 -3.28 -6.29 23.32
C GLY A 89 -1.99 -6.75 22.65
N GLY A 90 -1.11 -5.80 22.35
CA GLY A 90 0.16 -6.11 21.70
C GLY A 90 1.15 -4.98 21.88
N ASP A 91 2.10 -5.18 22.79
CA ASP A 91 3.12 -4.18 23.06
C ASP A 91 3.75 -3.68 21.77
N VAL A 92 4.76 -2.83 21.91
CA VAL A 92 5.45 -2.28 20.74
C VAL A 92 6.51 -3.25 20.21
N ASN A 93 6.74 -4.33 20.94
CA ASN A 93 7.73 -5.32 20.53
C ASN A 93 7.13 -6.27 19.51
N VAL A 94 5.79 -6.32 19.44
CA VAL A 94 5.12 -7.20 18.49
C VAL A 94 5.36 -6.70 17.07
N VAL A 95 5.39 -5.38 16.91
CA VAL A 95 5.61 -4.79 15.59
C VAL A 95 6.97 -5.25 15.06
N GLU A 96 7.99 -5.13 15.88
CA GLU A 96 9.34 -5.53 15.50
C GLU A 96 9.34 -6.97 15.01
N SER A 97 8.70 -7.86 15.77
CA SER A 97 8.65 -9.27 15.38
C SER A 97 7.94 -9.43 14.04
N TYR A 98 6.79 -8.78 13.90
CA TYR A 98 6.01 -8.87 12.67
C TYR A 98 6.78 -8.26 11.50
N VAL A 99 7.50 -7.17 11.76
CA VAL A 99 8.27 -6.52 10.72
C VAL A 99 9.35 -7.45 10.19
N SER A 100 10.08 -8.09 11.09
CA SER A 100 11.13 -9.02 10.70
C SER A 100 10.55 -10.15 9.87
N TYR A 101 9.42 -10.69 10.32
CA TYR A 101 8.77 -11.78 9.61
C TYR A 101 8.19 -11.29 8.27
N LEU A 102 7.94 -9.98 8.20
CA LEU A 102 7.39 -9.41 6.97
C LEU A 102 8.49 -9.26 5.93
N ARG A 103 9.64 -8.77 6.36
CA ARG A 103 10.78 -8.60 5.46
C ARG A 103 11.11 -9.93 4.79
N ARG A 104 11.22 -10.97 5.60
CA ARG A 104 11.54 -12.30 5.08
C ARG A 104 10.38 -12.86 4.27
N LYS A 105 9.25 -12.16 4.27
CA LYS A 105 8.08 -12.63 3.53
C LYS A 105 8.01 -12.01 2.14
N ILE A 106 8.49 -10.78 2.02
CA ILE A 106 8.45 -10.08 0.74
C ILE A 106 9.84 -9.60 0.34
N ASP A 107 10.80 -9.73 1.25
CA ASP A 107 12.16 -9.32 0.97
C ASP A 107 13.11 -10.50 0.98
N THR A 108 14.02 -10.52 0.02
CA THR A 108 14.99 -11.60 -0.09
C THR A 108 16.05 -11.24 -1.13
N GLY A 109 16.45 -9.97 -1.13
CA GLY A 109 17.46 -9.48 -2.07
C GLY A 109 18.40 -8.49 -1.40
N GLU A 110 19.54 -8.24 -2.03
CA GLU A 110 20.52 -7.30 -1.48
C GLU A 110 19.97 -5.87 -1.48
N LYS A 111 18.78 -5.71 -2.06
CA LYS A 111 18.15 -4.39 -2.11
C LYS A 111 17.21 -4.20 -0.93
N ARG A 112 17.66 -3.41 0.05
CA ARG A 112 16.86 -3.16 1.24
C ARG A 112 15.91 -1.99 1.02
N LEU A 113 14.64 -2.30 0.74
CA LEU A 113 13.65 -1.26 0.50
C LEU A 113 12.99 -0.84 1.81
N LEU A 114 13.44 -1.43 2.91
CA LEU A 114 12.89 -1.11 4.22
C LEU A 114 14.01 -0.81 5.21
N HIS A 115 14.31 0.47 5.38
CA HIS A 115 15.37 0.87 6.29
C HIS A 115 14.84 1.04 7.71
N THR A 116 15.47 0.35 8.65
CA THR A 116 15.06 0.42 10.05
C THR A 116 15.89 1.44 10.81
N LEU A 117 15.25 2.53 11.23
CA LEU A 117 15.94 3.58 11.97
C LEU A 117 15.76 3.38 13.47
N ARG A 118 16.44 2.38 14.02
CA ARG A 118 16.34 2.08 15.45
C ARG A 118 16.19 3.37 16.24
N GLY A 119 15.17 3.42 17.09
CA GLY A 119 14.93 4.59 17.92
C GLY A 119 13.82 5.47 17.32
N VAL A 120 13.46 5.18 16.07
CA VAL A 120 12.41 5.96 15.39
C VAL A 120 11.36 5.04 14.79
N GLY A 121 11.80 4.15 13.91
CA GLY A 121 10.88 3.21 13.26
C GLY A 121 11.47 2.68 11.96
N TYR A 122 10.63 2.60 10.94
CA TYR A 122 11.09 2.10 9.64
C TYR A 122 10.74 3.09 8.53
N VAL A 123 11.48 3.02 7.43
CA VAL A 123 11.24 3.92 6.30
C VAL A 123 11.39 3.15 4.98
N LEU A 124 10.46 3.40 4.06
CA LEU A 124 10.49 2.73 2.76
C LEU A 124 11.29 3.56 1.77
N ARG A 125 12.44 3.03 1.35
CA ARG A 125 13.30 3.73 0.40
C ARG A 125 14.31 2.77 -0.23
N GLU A 126 14.40 2.83 -1.56
CA GLU A 126 15.32 1.96 -2.29
C GLU A 126 16.76 2.48 -2.17
N PRO A 127 17.73 1.61 -2.26
CA PRO A 127 19.17 2.00 -2.16
C PRO A 127 19.63 2.76 -3.41
N ARG A 128 19.95 4.04 -3.23
CA ARG A 128 20.40 4.87 -4.33
C ARG A 128 21.03 6.16 -3.81
N MET A 1 -45.22 38.47 -16.37
CA MET A 1 -43.90 38.46 -17.06
C MET A 1 -44.10 38.06 -18.52
N GLY A 2 -44.90 37.02 -18.73
CA GLY A 2 -45.16 36.52 -20.06
C GLY A 2 -44.75 35.07 -20.18
N SER A 3 -45.54 34.29 -20.92
CA SER A 3 -45.25 32.88 -21.11
C SER A 3 -45.11 32.17 -19.77
N SER A 4 -45.96 32.54 -18.82
CA SER A 4 -45.93 31.92 -17.49
C SER A 4 -46.38 30.47 -17.57
N HIS A 5 -45.84 29.64 -16.67
CA HIS A 5 -46.18 28.23 -16.63
C HIS A 5 -45.87 27.65 -15.25
N HIS A 6 -46.84 26.94 -14.66
CA HIS A 6 -46.65 26.35 -13.34
C HIS A 6 -46.05 24.95 -13.46
N HIS A 7 -45.08 24.65 -12.60
CA HIS A 7 -44.44 23.34 -12.60
C HIS A 7 -45.20 22.38 -11.70
N HIS A 8 -45.18 21.09 -12.04
CA HIS A 8 -45.89 20.10 -11.23
C HIS A 8 -45.06 19.73 -10.01
N HIS A 9 -43.92 19.07 -10.26
CA HIS A 9 -43.03 18.67 -9.18
C HIS A 9 -41.65 18.37 -9.74
N HIS A 10 -41.56 18.20 -11.06
CA HIS A 10 -40.28 17.89 -11.70
C HIS A 10 -39.53 19.17 -12.06
N SER A 11 -38.24 19.20 -11.73
CA SER A 11 -37.40 20.37 -12.01
C SER A 11 -36.13 19.95 -12.75
N SER A 12 -35.69 20.78 -13.69
CA SER A 12 -34.48 20.50 -14.45
C SER A 12 -34.42 19.02 -14.85
N GLY A 13 -35.51 18.52 -15.44
CA GLY A 13 -35.58 17.13 -15.86
C GLY A 13 -35.11 16.96 -17.30
N LEU A 14 -35.54 15.87 -17.93
CA LEU A 14 -35.16 15.59 -19.32
C LEU A 14 -33.66 15.51 -19.46
N VAL A 15 -33.13 14.29 -19.47
CA VAL A 15 -31.69 14.09 -19.61
C VAL A 15 -31.40 13.02 -20.66
N PRO A 16 -31.47 13.39 -21.91
CA PRO A 16 -31.20 12.48 -23.06
C PRO A 16 -29.77 11.95 -23.04
N ARG A 17 -29.03 12.32 -22.00
CA ARG A 17 -27.64 11.89 -21.87
C ARG A 17 -27.56 10.65 -20.98
N GLY A 18 -28.16 9.55 -21.43
CA GLY A 18 -28.13 8.31 -20.65
C GLY A 18 -28.73 7.16 -21.44
N SER A 19 -28.79 5.99 -20.81
CA SER A 19 -29.36 4.81 -21.48
C SER A 19 -30.37 4.12 -20.56
N HIS A 20 -30.90 3.00 -21.05
CA HIS A 20 -31.89 2.23 -20.28
C HIS A 20 -31.30 0.89 -19.89
N MET A 21 -30.32 0.45 -20.66
CA MET A 21 -29.67 -0.83 -20.40
C MET A 21 -28.14 -0.64 -20.31
N LYS A 22 -27.47 -0.51 -21.45
CA LYS A 22 -26.01 -0.32 -21.47
C LYS A 22 -25.30 -1.45 -20.69
N GLY A 23 -24.01 -1.26 -20.44
CA GLY A 23 -23.21 -2.25 -19.71
C GLY A 23 -21.87 -1.66 -19.26
N ASN A 24 -20.83 -2.50 -19.22
CA ASN A 24 -19.50 -2.04 -18.82
C ASN A 24 -18.50 -2.26 -19.94
N LYS A 25 -17.43 -1.45 -19.96
CA LYS A 25 -16.42 -1.57 -20.99
C LYS A 25 -15.04 -1.21 -20.44
N GLU A 26 -15.03 -0.51 -19.31
CA GLU A 26 -13.78 -0.09 -18.68
C GLU A 26 -13.85 -0.23 -17.16
N PRO A 27 -13.95 -1.43 -16.66
CA PRO A 27 -14.01 -1.70 -15.19
C PRO A 27 -13.04 -0.84 -14.40
N ARG A 28 -13.49 -0.30 -13.28
CA ARG A 28 -12.63 0.54 -12.46
C ARG A 28 -12.12 -0.21 -11.24
N ASN A 29 -11.11 -1.04 -11.45
CA ASN A 29 -10.52 -1.83 -10.37
C ASN A 29 -9.41 -1.04 -9.69
N VAL A 30 -9.42 -1.03 -8.35
CA VAL A 30 -8.40 -0.31 -7.60
C VAL A 30 -7.20 -1.20 -7.34
N ARG A 31 -6.08 -0.88 -7.99
CA ARG A 31 -4.86 -1.65 -7.83
C ARG A 31 -3.70 -0.74 -7.45
N LEU A 32 -3.10 -1.03 -6.30
CA LEU A 32 -1.97 -0.24 -5.83
C LEU A 32 -0.66 -0.84 -6.30
N THR A 33 0.35 0.02 -6.52
CA THR A 33 1.64 -0.45 -6.98
C THR A 33 2.77 0.38 -6.35
N PHE A 34 3.96 -0.22 -6.28
CA PHE A 34 5.13 0.46 -5.71
C PHE A 34 6.40 -0.27 -6.12
N ALA A 35 7.39 0.48 -6.62
CA ALA A 35 8.65 -0.12 -7.06
C ALA A 35 8.36 -1.47 -7.72
N ASP A 36 8.51 -2.55 -6.95
CA ASP A 36 8.22 -3.88 -7.48
C ASP A 36 7.20 -4.57 -6.59
N ILE A 37 6.08 -3.90 -6.37
CA ILE A 37 5.01 -4.42 -5.54
C ILE A 37 3.66 -4.15 -6.17
N GLU A 38 2.71 -5.07 -5.97
CA GLU A 38 1.38 -4.91 -6.52
C GLU A 38 0.33 -5.45 -5.56
N LEU A 39 -0.77 -4.71 -5.41
CA LEU A 39 -1.85 -5.12 -4.51
C LEU A 39 -3.18 -4.98 -5.21
N ASP A 40 -4.03 -6.00 -5.08
CA ASP A 40 -5.34 -5.97 -5.71
C ASP A 40 -6.42 -5.77 -4.65
N GLU A 41 -6.96 -4.57 -4.58
CA GLU A 41 -8.00 -4.25 -3.62
C GLU A 41 -9.28 -5.03 -3.92
N GLU A 42 -9.32 -5.66 -5.09
CA GLU A 42 -10.49 -6.42 -5.48
C GLU A 42 -10.22 -7.92 -5.38
N THR A 43 -9.01 -8.33 -5.74
CA THR A 43 -8.64 -9.73 -5.67
C THR A 43 -7.83 -10.00 -4.41
N HIS A 44 -7.72 -8.99 -3.55
CA HIS A 44 -6.97 -9.12 -2.32
C HIS A 44 -5.74 -10.00 -2.53
N GLU A 45 -4.95 -9.66 -3.54
CA GLU A 45 -3.75 -10.41 -3.86
C GLU A 45 -2.52 -9.51 -3.81
N VAL A 46 -1.35 -10.11 -3.63
CA VAL A 46 -0.11 -9.36 -3.57
C VAL A 46 0.91 -9.94 -4.54
N TRP A 47 1.76 -9.08 -5.10
CA TRP A 47 2.78 -9.53 -6.04
C TRP A 47 4.05 -8.72 -5.90
N LYS A 48 5.18 -9.41 -5.73
CA LYS A 48 6.46 -8.74 -5.59
C LYS A 48 7.49 -9.37 -6.54
N ALA A 49 7.91 -8.59 -7.53
CA ALA A 49 8.88 -9.05 -8.52
C ALA A 49 8.75 -10.55 -8.75
N GLY A 50 7.65 -10.95 -9.38
CA GLY A 50 7.40 -12.36 -9.67
C GLY A 50 7.42 -13.20 -8.39
N GLN A 51 7.10 -12.56 -7.27
CA GLN A 51 7.08 -13.27 -5.99
C GLN A 51 5.77 -12.99 -5.26
N PRO A 52 4.76 -13.82 -5.45
CA PRO A 52 3.44 -13.62 -4.79
C PRO A 52 3.46 -14.05 -3.33
N VAL A 53 2.76 -13.30 -2.49
CA VAL A 53 2.70 -13.60 -1.07
C VAL A 53 1.27 -13.57 -0.54
N SER A 54 0.89 -14.60 0.20
CA SER A 54 -0.45 -14.68 0.77
C SER A 54 -0.44 -14.14 2.21
N LEU A 55 -1.23 -13.10 2.44
CA LEU A 55 -1.30 -12.50 3.77
C LEU A 55 -2.72 -12.06 4.09
N SER A 56 -3.17 -12.37 5.30
CA SER A 56 -4.51 -12.01 5.73
C SER A 56 -4.71 -10.49 5.69
N PRO A 57 -5.91 -10.02 5.96
CA PRO A 57 -6.22 -8.56 5.95
C PRO A 57 -5.29 -7.76 6.87
N THR A 58 -5.00 -8.29 8.05
CA THR A 58 -4.14 -7.62 9.01
C THR A 58 -2.83 -7.17 8.34
N GLU A 59 -2.03 -8.15 7.92
CA GLU A 59 -0.75 -7.86 7.28
C GLU A 59 -0.97 -7.05 6.01
N PHE A 60 -2.09 -7.30 5.32
CA PHE A 60 -2.41 -6.58 4.09
C PHE A 60 -2.52 -5.09 4.37
N THR A 61 -3.31 -4.73 5.38
CA THR A 61 -3.47 -3.33 5.75
C THR A 61 -2.13 -2.71 6.08
N LEU A 62 -1.31 -3.48 6.81
CA LEU A 62 0.02 -3.01 7.20
C LEU A 62 0.86 -2.68 5.97
N LEU A 63 0.88 -3.59 4.99
CA LEU A 63 1.64 -3.38 3.77
C LEU A 63 1.08 -2.20 2.98
N ARG A 64 -0.24 -2.10 2.93
CA ARG A 64 -0.90 -1.02 2.21
C ARG A 64 -0.46 0.33 2.76
N TYR A 65 -0.44 0.45 4.08
CA TYR A 65 -0.05 1.70 4.72
C TYR A 65 1.42 2.01 4.44
N PHE A 66 2.26 0.98 4.49
CA PHE A 66 3.69 1.16 4.26
C PHE A 66 3.92 1.83 2.92
N VAL A 67 3.15 1.43 1.91
CA VAL A 67 3.30 2.00 0.57
C VAL A 67 2.74 3.42 0.52
N ILE A 68 1.59 3.62 1.15
CA ILE A 68 0.95 4.94 1.16
C ILE A 68 1.88 5.96 1.81
N ASN A 69 2.74 5.50 2.72
CA ASN A 69 3.66 6.40 3.40
C ASN A 69 5.10 6.13 2.97
N ALA A 70 5.26 5.45 1.85
CA ALA A 70 6.61 5.14 1.36
C ALA A 70 7.46 6.40 1.30
N GLY A 71 8.56 6.40 2.05
CA GLY A 71 9.45 7.56 2.06
C GLY A 71 9.43 8.25 3.42
N THR A 72 8.31 8.12 4.12
CA THR A 72 8.17 8.74 5.44
C THR A 72 8.54 7.75 6.54
N VAL A 73 9.40 8.19 7.46
CA VAL A 73 9.82 7.33 8.56
C VAL A 73 8.66 7.07 9.52
N LEU A 74 8.25 5.81 9.60
CA LEU A 74 7.15 5.43 10.48
C LEU A 74 7.68 4.92 11.82
N SER A 75 6.86 5.07 12.87
CA SER A 75 7.26 4.62 14.21
C SER A 75 6.55 3.32 14.57
N LYS A 76 7.22 2.49 15.37
CA LYS A 76 6.65 1.23 15.80
C LYS A 76 5.31 1.44 16.50
N PRO A 77 5.27 2.27 17.52
CA PRO A 77 4.02 2.53 18.27
C PRO A 77 2.97 3.22 17.40
N LYS A 78 3.44 4.05 16.46
CA LYS A 78 2.53 4.74 15.57
C LYS A 78 1.82 3.76 14.65
N ILE A 79 2.60 2.88 14.04
CA ILE A 79 2.04 1.88 13.14
C ILE A 79 0.97 1.08 13.88
N LEU A 80 1.25 0.77 15.14
CA LEU A 80 0.32 0.01 15.95
C LEU A 80 -1.02 0.75 16.08
N ASP A 81 -0.98 1.90 16.75
CA ASP A 81 -2.18 2.69 16.96
C ASP A 81 -2.93 2.89 15.64
N HIS A 82 -2.19 2.91 14.54
CA HIS A 82 -2.79 3.09 13.23
C HIS A 82 -3.57 1.84 12.80
N VAL A 83 -2.95 0.69 12.93
CA VAL A 83 -3.58 -0.56 12.54
C VAL A 83 -4.46 -1.11 13.65
N TRP A 84 -3.87 -1.38 14.80
CA TRP A 84 -4.61 -1.91 15.94
C TRP A 84 -5.88 -1.12 16.21
N ARG A 85 -6.08 -0.03 15.48
CA ARG A 85 -7.26 0.80 15.67
C ARG A 85 -8.53 0.00 15.38
N TYR A 86 -8.35 -1.25 14.96
CA TYR A 86 -9.49 -2.10 14.66
C TYR A 86 -9.50 -3.32 15.58
N ASP A 87 -8.67 -3.27 16.62
CA ASP A 87 -8.59 -4.37 17.58
C ASP A 87 -7.44 -4.13 18.54
N PHE A 88 -7.78 -3.74 19.76
CA PHE A 88 -6.76 -3.49 20.78
C PHE A 88 -6.35 -4.79 21.47
N GLY A 89 -5.15 -5.27 21.17
CA GLY A 89 -4.66 -6.50 21.76
C GLY A 89 -3.32 -6.91 21.16
N GLY A 90 -2.35 -6.00 21.22
CA GLY A 90 -1.03 -6.29 20.68
C GLY A 90 0.02 -5.35 21.30
N ASP A 91 0.79 -5.89 22.24
CA ASP A 91 1.83 -5.10 22.90
C ASP A 91 2.71 -4.41 21.86
N VAL A 92 3.77 -3.78 22.34
CA VAL A 92 4.69 -3.06 21.46
C VAL A 92 5.79 -3.98 20.95
N ASN A 93 5.86 -5.20 21.51
CA ASN A 93 6.87 -6.15 21.09
C ASN A 93 6.34 -7.04 19.97
N VAL A 94 5.02 -7.14 19.87
CA VAL A 94 4.41 -7.96 18.83
C VAL A 94 4.69 -7.37 17.46
N VAL A 95 4.63 -6.04 17.37
CA VAL A 95 4.89 -5.36 16.10
C VAL A 95 6.30 -5.67 15.63
N GLU A 96 7.26 -5.57 16.54
CA GLU A 96 8.65 -5.84 16.20
C GLU A 96 8.79 -7.24 15.61
N SER A 97 8.21 -8.23 16.30
CA SER A 97 8.27 -9.61 15.85
C SER A 97 7.64 -9.76 14.46
N TYR A 98 6.48 -9.14 14.28
CA TYR A 98 5.76 -9.23 13.01
C TYR A 98 6.57 -8.56 11.89
N VAL A 99 7.19 -7.43 12.21
CA VAL A 99 7.99 -6.70 11.24
C VAL A 99 9.18 -7.54 10.77
N SER A 100 9.78 -8.26 11.70
CA SER A 100 10.93 -9.11 11.36
C SER A 100 10.49 -10.23 10.44
N TYR A 101 9.38 -10.88 10.79
CA TYR A 101 8.86 -11.98 9.99
C TYR A 101 8.35 -11.45 8.65
N LEU A 102 8.14 -10.14 8.58
CA LEU A 102 7.67 -9.52 7.36
C LEU A 102 8.85 -9.25 6.44
N ARG A 103 9.90 -8.67 6.99
CA ARG A 103 11.10 -8.36 6.22
C ARG A 103 11.64 -9.63 5.56
N ARG A 104 11.57 -10.74 6.29
CA ARG A 104 12.06 -12.01 5.77
C ARG A 104 11.23 -12.49 4.59
N LYS A 105 9.96 -12.12 4.56
CA LYS A 105 9.09 -12.55 3.47
C LYS A 105 9.03 -11.51 2.35
N ILE A 106 9.23 -10.24 2.69
CA ILE A 106 9.19 -9.18 1.68
C ILE A 106 10.57 -8.56 1.48
N ASP A 107 11.31 -8.40 2.57
CA ASP A 107 12.63 -7.81 2.50
C ASP A 107 13.71 -8.88 2.55
N THR A 108 14.89 -8.52 3.06
CA THR A 108 16.00 -9.46 3.16
C THR A 108 16.29 -10.08 1.80
N GLY A 109 15.66 -9.53 0.76
CA GLY A 109 15.87 -10.04 -0.60
C GLY A 109 17.10 -9.41 -1.24
N GLU A 110 16.95 -9.01 -2.50
CA GLU A 110 18.07 -8.40 -3.23
C GLU A 110 17.94 -6.88 -3.18
N LYS A 111 16.74 -6.39 -3.41
CA LYS A 111 16.50 -4.94 -3.39
C LYS A 111 15.97 -4.51 -2.03
N ARG A 112 16.82 -3.84 -1.27
CA ARG A 112 16.44 -3.36 0.06
C ARG A 112 15.67 -2.04 -0.03
N LEU A 113 14.35 -2.13 -0.12
CA LEU A 113 13.52 -0.93 -0.20
C LEU A 113 13.08 -0.51 1.20
N LEU A 114 13.41 -1.32 2.19
CA LEU A 114 13.05 -1.03 3.57
C LEU A 114 14.30 -0.76 4.40
N HIS A 115 14.36 0.42 5.01
CA HIS A 115 15.51 0.77 5.83
C HIS A 115 15.12 0.90 7.30
N THR A 116 15.88 0.24 8.18
CA THR A 116 15.59 0.28 9.61
C THR A 116 16.42 1.36 10.30
N LEU A 117 15.75 2.36 10.85
CA LEU A 117 16.44 3.44 11.56
C LEU A 117 16.46 3.17 13.06
N ARG A 118 17.34 2.27 13.48
CA ARG A 118 17.45 1.92 14.89
C ARG A 118 17.32 3.17 15.76
N GLY A 119 16.32 3.18 16.63
CA GLY A 119 16.11 4.31 17.52
C GLY A 119 15.01 5.24 16.99
N VAL A 120 14.48 4.92 15.82
CA VAL A 120 13.43 5.73 15.23
C VAL A 120 12.28 4.87 14.72
N GLY A 121 12.60 3.94 13.81
CA GLY A 121 11.58 3.06 13.25
C GLY A 121 12.03 2.52 11.89
N TYR A 122 11.11 2.51 10.92
CA TYR A 122 11.44 2.00 9.60
C TYR A 122 11.08 3.03 8.53
N VAL A 123 11.77 2.97 7.39
CA VAL A 123 11.51 3.90 6.31
C VAL A 123 11.58 3.19 4.96
N LEU A 124 10.59 3.45 4.10
CA LEU A 124 10.55 2.83 2.79
C LEU A 124 11.25 3.74 1.78
N ARG A 125 12.28 3.22 1.12
CA ARG A 125 13.02 4.00 0.15
C ARG A 125 13.83 3.10 -0.78
N GLU A 126 13.76 3.37 -2.08
CA GLU A 126 14.50 2.58 -3.06
C GLU A 126 15.98 2.98 -3.03
N PRO A 127 16.85 2.08 -3.41
CA PRO A 127 18.32 2.35 -3.42
C PRO A 127 18.72 3.30 -4.55
N ARG A 128 19.39 4.40 -4.20
CA ARG A 128 19.83 5.37 -5.19
C ARG A 128 21.18 5.95 -4.81
N MET A 1 3.67 40.48 -26.97
CA MET A 1 2.48 39.58 -27.08
C MET A 1 2.75 38.29 -26.34
N GLY A 2 1.82 37.88 -25.49
CA GLY A 2 1.97 36.65 -24.72
C GLY A 2 2.18 36.96 -23.24
N SER A 3 1.20 37.65 -22.65
CA SER A 3 1.29 38.01 -21.24
C SER A 3 1.00 36.81 -20.35
N SER A 4 -0.15 36.84 -19.68
CA SER A 4 -0.53 35.75 -18.79
C SER A 4 -1.50 34.78 -19.47
N HIS A 5 -2.07 33.86 -18.69
CA HIS A 5 -3.00 32.89 -19.23
C HIS A 5 -3.90 32.32 -18.15
N HIS A 6 -5.06 31.82 -18.55
CA HIS A 6 -6.01 31.25 -17.61
C HIS A 6 -5.45 29.98 -16.97
N HIS A 7 -4.69 30.16 -15.90
CA HIS A 7 -4.09 29.03 -15.19
C HIS A 7 -3.99 29.34 -13.70
N HIS A 8 -5.02 28.95 -12.96
CA HIS A 8 -5.04 29.19 -11.52
C HIS A 8 -5.64 28.00 -10.79
N HIS A 9 -5.22 27.80 -9.54
CA HIS A 9 -5.72 26.68 -8.76
C HIS A 9 -6.88 27.12 -7.87
N HIS A 10 -6.61 28.09 -6.98
CA HIS A 10 -7.64 28.58 -6.07
C HIS A 10 -8.67 29.41 -6.84
N SER A 11 -9.95 29.06 -6.68
CA SER A 11 -11.01 29.79 -7.37
C SER A 11 -12.39 29.34 -6.87
N SER A 12 -12.89 30.03 -5.85
CA SER A 12 -14.20 29.70 -5.29
C SER A 12 -15.26 30.67 -5.78
N GLY A 13 -15.17 31.05 -7.06
CA GLY A 13 -16.13 31.98 -7.63
C GLY A 13 -17.22 31.25 -8.40
N LEU A 14 -16.81 30.38 -9.31
CA LEU A 14 -17.78 29.62 -10.11
C LEU A 14 -18.57 28.66 -9.22
N VAL A 15 -19.81 28.39 -9.62
CA VAL A 15 -20.66 27.48 -8.86
C VAL A 15 -21.20 26.38 -9.78
N PRO A 16 -20.31 25.56 -10.31
CA PRO A 16 -20.68 24.45 -11.23
C PRO A 16 -21.95 23.74 -10.81
N ARG A 17 -22.94 23.72 -11.71
CA ARG A 17 -24.21 23.05 -11.43
C ARG A 17 -24.27 21.71 -12.16
N GLY A 18 -23.71 21.68 -13.36
CA GLY A 18 -23.71 20.46 -14.16
C GLY A 18 -22.63 19.50 -13.69
N SER A 19 -22.03 18.76 -14.63
CA SER A 19 -20.99 17.80 -14.30
C SER A 19 -19.64 18.49 -14.19
N HIS A 20 -18.63 17.72 -13.79
CA HIS A 20 -17.28 18.25 -13.66
C HIS A 20 -16.27 17.32 -14.32
N MET A 21 -15.67 17.79 -15.41
CA MET A 21 -14.71 17.00 -16.15
C MET A 21 -13.38 17.75 -16.28
N LYS A 22 -12.40 17.36 -15.45
CA LYS A 22 -11.10 18.01 -15.48
C LYS A 22 -10.01 17.03 -15.90
N GLY A 23 -9.74 16.95 -17.19
CA GLY A 23 -8.71 16.04 -17.69
C GLY A 23 -9.30 14.69 -18.09
N ASN A 24 -8.49 13.87 -18.74
CA ASN A 24 -8.92 12.55 -19.16
C ASN A 24 -8.35 11.47 -18.24
N LYS A 25 -8.33 11.79 -16.95
CA LYS A 25 -7.80 10.85 -15.95
C LYS A 25 -8.88 10.46 -14.95
N GLU A 26 -9.16 9.16 -14.86
CA GLU A 26 -10.17 8.66 -13.94
C GLU A 26 -9.92 7.19 -13.62
N PRO A 27 -8.92 6.91 -12.84
CA PRO A 27 -8.56 5.51 -12.45
C PRO A 27 -9.76 4.75 -11.89
N ARG A 28 -10.19 3.72 -12.59
CA ARG A 28 -11.33 2.92 -12.15
C ARG A 28 -10.94 2.10 -10.92
N ASN A 29 -10.50 0.87 -11.15
CA ASN A 29 -10.10 -0.01 -10.06
C ASN A 29 -8.91 0.58 -9.31
N VAL A 30 -8.87 0.36 -7.99
CA VAL A 30 -7.78 0.88 -7.18
C VAL A 30 -6.71 -0.19 -6.97
N ARG A 31 -5.55 0.03 -7.60
CA ARG A 31 -4.44 -0.91 -7.47
C ARG A 31 -3.19 -0.18 -7.01
N LEU A 32 -2.65 -0.60 -5.87
CA LEU A 32 -1.44 0.01 -5.33
C LEU A 32 -0.20 -0.68 -5.85
N THR A 33 0.89 0.06 -5.95
CA THR A 33 2.15 -0.48 -6.43
C THR A 33 3.33 0.09 -5.65
N PHE A 34 4.44 -0.62 -5.66
CA PHE A 34 5.63 -0.18 -4.94
C PHE A 34 6.85 -0.97 -5.41
N ALA A 35 7.94 -0.27 -5.73
CA ALA A 35 9.14 -0.94 -6.20
C ALA A 35 8.75 -2.10 -7.10
N ASP A 36 8.75 -3.31 -6.54
CA ASP A 36 8.36 -4.48 -7.32
C ASP A 36 7.24 -5.21 -6.58
N ILE A 37 6.20 -4.47 -6.25
CA ILE A 37 5.06 -5.02 -5.54
C ILE A 37 3.75 -4.50 -6.14
N GLU A 38 2.70 -5.29 -6.05
CA GLU A 38 1.40 -4.89 -6.58
C GLU A 38 0.28 -5.39 -5.66
N LEU A 39 -0.74 -4.55 -5.48
CA LEU A 39 -1.86 -4.91 -4.63
C LEU A 39 -3.18 -4.50 -5.28
N ASP A 40 -4.14 -5.43 -5.32
CA ASP A 40 -5.44 -5.13 -5.94
C ASP A 40 -6.54 -5.14 -4.88
N GLU A 41 -7.05 -3.96 -4.56
CA GLU A 41 -8.11 -3.83 -3.56
C GLU A 41 -9.40 -4.49 -4.06
N GLU A 42 -9.42 -4.86 -5.32
CA GLU A 42 -10.60 -5.50 -5.91
C GLU A 42 -10.55 -7.00 -5.72
N THR A 43 -9.45 -7.62 -6.12
CA THR A 43 -9.30 -9.06 -5.98
C THR A 43 -8.48 -9.38 -4.73
N HIS A 44 -8.23 -8.37 -3.91
CA HIS A 44 -7.47 -8.55 -2.68
C HIS A 44 -6.33 -9.54 -2.89
N GLU A 45 -5.44 -9.23 -3.83
CA GLU A 45 -4.32 -10.10 -4.12
C GLU A 45 -3.02 -9.30 -4.18
N VAL A 46 -1.91 -9.98 -3.90
CA VAL A 46 -0.60 -9.33 -3.93
C VAL A 46 0.27 -9.94 -5.02
N TRP A 47 1.19 -9.14 -5.56
CA TRP A 47 2.07 -9.62 -6.61
C TRP A 47 3.45 -8.98 -6.47
N LYS A 48 4.48 -9.82 -6.41
CA LYS A 48 5.85 -9.33 -6.27
C LYS A 48 6.73 -9.88 -7.39
N ALA A 49 7.23 -8.98 -8.23
CA ALA A 49 8.10 -9.37 -9.34
C ALA A 49 7.72 -10.76 -9.87
N GLY A 50 6.46 -10.92 -10.27
CA GLY A 50 5.99 -12.20 -10.81
C GLY A 50 5.96 -13.28 -9.74
N GLN A 51 5.85 -12.84 -8.48
CA GLN A 51 5.80 -13.78 -7.36
C GLN A 51 4.64 -13.41 -6.41
N PRO A 52 3.53 -14.10 -6.47
CA PRO A 52 2.37 -13.79 -5.59
C PRO A 52 2.58 -14.29 -4.17
N VAL A 53 2.22 -13.46 -3.20
CA VAL A 53 2.38 -13.82 -1.79
C VAL A 53 1.04 -13.81 -1.07
N SER A 54 0.84 -14.80 -0.21
CA SER A 54 -0.40 -14.91 0.55
C SER A 54 -0.22 -14.31 1.95
N LEU A 55 -1.03 -13.31 2.29
CA LEU A 55 -0.95 -12.68 3.59
C LEU A 55 -2.34 -12.35 4.12
N SER A 56 -2.53 -12.54 5.43
CA SER A 56 -3.81 -12.27 6.05
C SER A 56 -4.07 -10.76 6.12
N PRO A 57 -5.25 -10.37 6.55
CA PRO A 57 -5.61 -8.92 6.65
C PRO A 57 -4.61 -8.12 7.48
N THR A 58 -4.16 -8.70 8.58
CA THR A 58 -3.20 -8.03 9.45
C THR A 58 -2.01 -7.50 8.66
N GLU A 59 -1.24 -8.42 8.09
CA GLU A 59 -0.07 -8.02 7.30
C GLU A 59 -0.50 -7.16 6.11
N PHE A 60 -1.68 -7.45 5.59
CA PHE A 60 -2.21 -6.71 4.44
C PHE A 60 -2.33 -5.23 4.79
N THR A 61 -3.00 -4.94 5.90
CA THR A 61 -3.18 -3.55 6.33
C THR A 61 -1.83 -2.86 6.52
N LEU A 62 -0.88 -3.59 7.09
CA LEU A 62 0.45 -3.05 7.32
C LEU A 62 1.12 -2.68 6.00
N LEU A 63 1.05 -3.59 5.03
CA LEU A 63 1.65 -3.35 3.73
C LEU A 63 0.96 -2.17 3.02
N ARG A 64 -0.36 -2.15 3.10
CA ARG A 64 -1.14 -1.09 2.46
C ARG A 64 -0.71 0.29 2.97
N TYR A 65 -0.54 0.40 4.28
CA TYR A 65 -0.14 1.67 4.88
C TYR A 65 1.29 2.03 4.45
N PHE A 66 2.17 1.04 4.44
CA PHE A 66 3.55 1.26 4.05
C PHE A 66 3.63 1.87 2.66
N VAL A 67 2.80 1.37 1.75
CA VAL A 67 2.78 1.88 0.38
C VAL A 67 2.24 3.31 0.33
N ILE A 68 1.11 3.53 1.00
CA ILE A 68 0.50 4.86 1.02
C ILE A 68 1.49 5.90 1.55
N ASN A 69 2.31 5.49 2.52
CA ASN A 69 3.28 6.41 3.12
C ASN A 69 4.71 6.03 2.72
N ALA A 70 4.85 5.34 1.60
CA ALA A 70 6.17 4.93 1.13
C ALA A 70 7.10 6.14 1.01
N GLY A 71 8.18 6.13 1.78
CA GLY A 71 9.14 7.23 1.74
C GLY A 71 9.12 8.02 3.05
N THR A 72 7.98 8.02 3.72
CA THR A 72 7.84 8.75 4.97
C THR A 72 8.21 7.85 6.15
N VAL A 73 9.08 8.36 7.02
CA VAL A 73 9.50 7.59 8.19
C VAL A 73 8.35 7.42 9.17
N LEU A 74 7.99 6.17 9.45
CA LEU A 74 6.90 5.89 10.37
C LEU A 74 7.44 5.60 11.76
N SER A 75 6.55 5.65 12.76
CA SER A 75 6.95 5.39 14.13
C SER A 75 6.42 4.05 14.61
N LYS A 76 7.17 3.42 15.51
CA LYS A 76 6.77 2.12 16.06
C LYS A 76 5.39 2.21 16.71
N PRO A 77 5.20 3.12 17.63
CA PRO A 77 3.88 3.27 18.33
C PRO A 77 2.81 3.83 17.41
N LYS A 78 3.22 4.67 16.46
CA LYS A 78 2.27 5.26 15.52
C LYS A 78 1.63 4.17 14.66
N ILE A 79 2.47 3.27 14.15
CA ILE A 79 1.97 2.19 13.31
C ILE A 79 1.08 1.25 14.12
N LEU A 80 1.46 1.00 15.36
CA LEU A 80 0.69 0.12 16.23
C LEU A 80 -0.68 0.72 16.52
N ASP A 81 -0.69 1.99 16.94
CA ASP A 81 -1.94 2.67 17.26
C ASP A 81 -2.82 2.83 16.02
N HIS A 82 -2.20 2.95 14.86
CA HIS A 82 -2.94 3.12 13.62
C HIS A 82 -3.65 1.83 13.21
N VAL A 83 -2.89 0.76 13.05
CA VAL A 83 -3.45 -0.53 12.64
C VAL A 83 -4.00 -1.31 13.84
N TRP A 84 -3.11 -1.65 14.77
CA TRP A 84 -3.51 -2.41 15.95
C TRP A 84 -4.73 -1.81 16.64
N ARG A 85 -5.19 -0.66 16.14
CA ARG A 85 -6.36 0.00 16.73
C ARG A 85 -7.61 -0.84 16.50
N TYR A 86 -7.45 -1.94 15.76
CA TYR A 86 -8.58 -2.82 15.48
C TYR A 86 -8.34 -4.21 16.03
N ASP A 87 -7.35 -4.32 16.92
CA ASP A 87 -7.02 -5.61 17.51
C ASP A 87 -6.74 -5.46 19.01
N PHE A 88 -5.90 -6.34 19.54
CA PHE A 88 -5.56 -6.28 20.96
C PHE A 88 -5.29 -4.85 21.40
N GLY A 89 -5.15 -4.65 22.71
CA GLY A 89 -4.89 -3.32 23.23
C GLY A 89 -3.82 -2.62 22.41
N GLY A 90 -2.57 -2.73 22.86
CA GLY A 90 -1.46 -2.10 22.14
C GLY A 90 -0.13 -2.73 22.52
N ASP A 91 0.27 -3.76 21.79
CA ASP A 91 1.53 -4.44 22.06
C ASP A 91 2.62 -3.92 21.13
N VAL A 92 3.37 -2.94 21.60
CA VAL A 92 4.45 -2.35 20.79
C VAL A 92 5.53 -3.38 20.48
N ASN A 93 5.34 -4.61 20.95
CA ASN A 93 6.33 -5.66 20.70
C ASN A 93 5.88 -6.56 19.56
N VAL A 94 4.57 -6.71 19.40
CA VAL A 94 4.04 -7.55 18.33
C VAL A 94 4.45 -6.99 16.97
N VAL A 95 4.42 -5.67 16.84
CA VAL A 95 4.81 -5.03 15.58
C VAL A 95 6.25 -5.40 15.23
N GLU A 96 7.14 -5.25 16.20
CA GLU A 96 8.55 -5.58 15.99
C GLU A 96 8.69 -6.99 15.45
N SER A 97 8.03 -7.95 16.11
CA SER A 97 8.09 -9.34 15.67
C SER A 97 7.53 -9.48 14.25
N TYR A 98 6.37 -8.86 14.03
CA TYR A 98 5.72 -8.93 12.72
C TYR A 98 6.60 -8.29 11.65
N VAL A 99 7.27 -7.20 11.99
CA VAL A 99 8.13 -6.51 11.04
C VAL A 99 9.28 -7.43 10.60
N SER A 100 9.87 -8.12 11.56
CA SER A 100 10.98 -9.03 11.26
C SER A 100 10.49 -10.20 10.41
N TYR A 101 9.34 -10.75 10.77
CA TYR A 101 8.77 -11.88 10.04
C TYR A 101 8.25 -11.41 8.68
N LEU A 102 8.15 -10.10 8.50
CA LEU A 102 7.69 -9.55 7.24
C LEU A 102 8.85 -9.44 6.26
N ARG A 103 9.95 -8.88 6.74
CA ARG A 103 11.14 -8.73 5.91
C ARG A 103 11.59 -10.08 5.37
N ARG A 104 11.59 -11.08 6.24
CA ARG A 104 12.00 -12.43 5.84
C ARG A 104 11.01 -13.03 4.85
N LYS A 105 9.81 -12.48 4.81
CA LYS A 105 8.77 -12.98 3.91
C LYS A 105 8.76 -12.20 2.59
N ILE A 106 9.17 -10.93 2.66
CA ILE A 106 9.18 -10.10 1.46
C ILE A 106 10.60 -9.81 0.99
N ASP A 107 11.51 -9.57 1.94
CA ASP A 107 12.90 -9.28 1.59
C ASP A 107 13.75 -10.55 1.67
N THR A 108 14.74 -10.65 0.79
CA THR A 108 15.62 -11.80 0.76
C THR A 108 16.71 -11.62 -0.31
N GLY A 109 17.16 -10.38 -0.48
CA GLY A 109 18.18 -10.09 -1.48
C GLY A 109 19.12 -8.98 -1.00
N GLU A 110 20.23 -8.82 -1.70
CA GLU A 110 21.21 -7.79 -1.35
C GLU A 110 20.62 -6.39 -1.57
N LYS A 111 19.43 -6.34 -2.17
CA LYS A 111 18.78 -5.07 -2.44
C LYS A 111 17.86 -4.69 -1.29
N ARG A 112 18.29 -3.73 -0.48
CA ARG A 112 17.49 -3.29 0.65
C ARG A 112 16.40 -2.33 0.20
N LEU A 113 15.38 -2.18 1.03
CA LEU A 113 14.26 -1.29 0.72
C LEU A 113 13.73 -0.65 2.00
N LEU A 114 13.73 -1.42 3.09
CA LEU A 114 13.25 -0.92 4.37
C LEU A 114 14.42 -0.57 5.29
N HIS A 115 14.60 0.72 5.55
CA HIS A 115 15.69 1.16 6.42
C HIS A 115 15.19 1.33 7.85
N THR A 116 15.91 0.74 8.79
CA THR A 116 15.52 0.82 10.20
C THR A 116 16.24 1.96 10.91
N LEU A 117 15.49 2.99 11.29
CA LEU A 117 16.06 4.14 11.98
C LEU A 117 15.92 3.97 13.49
N ARG A 118 16.67 3.02 14.05
CA ARG A 118 16.62 2.76 15.48
C ARG A 118 16.41 4.05 16.26
N GLY A 119 15.41 4.05 17.14
CA GLY A 119 15.10 5.24 17.93
C GLY A 119 13.93 6.02 17.34
N VAL A 120 13.57 5.69 16.11
CA VAL A 120 12.46 6.37 15.44
C VAL A 120 11.48 5.36 14.87
N GLY A 121 11.97 4.49 14.01
CA GLY A 121 11.12 3.46 13.39
C GLY A 121 11.75 2.95 12.10
N TYR A 122 10.93 2.77 11.07
CA TYR A 122 11.44 2.28 9.78
C TYR A 122 10.98 3.19 8.65
N VAL A 123 11.71 3.14 7.54
CA VAL A 123 11.37 3.97 6.38
C VAL A 123 11.48 3.16 5.09
N LEU A 124 10.50 3.32 4.21
CA LEU A 124 10.49 2.60 2.94
C LEU A 124 11.14 3.46 1.85
N ARG A 125 12.24 2.97 1.27
CA ARG A 125 12.93 3.71 0.22
C ARG A 125 13.86 2.79 -0.57
N GLU A 126 13.76 2.86 -1.89
CA GLU A 126 14.61 2.04 -2.75
C GLU A 126 15.99 2.67 -2.90
N PRO A 127 16.98 1.88 -3.22
CA PRO A 127 18.38 2.37 -3.38
C PRO A 127 18.52 3.29 -4.59
N ARG A 128 19.33 4.34 -4.44
CA ARG A 128 19.55 5.30 -5.52
C ARG A 128 20.16 4.60 -6.73
N MET A 1 -15.62 46.72 -10.46
CA MET A 1 -17.04 47.13 -10.36
C MET A 1 -17.82 46.59 -11.54
N GLY A 2 -17.16 45.81 -12.40
CA GLY A 2 -17.83 45.25 -13.57
C GLY A 2 -16.95 44.25 -14.31
N SER A 3 -15.80 43.91 -13.75
CA SER A 3 -14.89 42.97 -14.40
C SER A 3 -15.42 41.53 -14.28
N SER A 4 -14.66 40.59 -14.85
CA SER A 4 -15.04 39.19 -14.81
C SER A 4 -13.81 38.29 -14.75
N HIS A 5 -13.90 37.21 -14.00
CA HIS A 5 -12.78 36.28 -13.87
C HIS A 5 -13.21 34.86 -14.22
N HIS A 6 -14.51 34.67 -14.43
CA HIS A 6 -15.04 33.35 -14.76
C HIS A 6 -14.53 32.29 -13.79
N HIS A 7 -14.59 31.03 -14.21
CA HIS A 7 -14.13 29.94 -13.36
C HIS A 7 -14.87 29.96 -12.03
N HIS A 8 -14.73 28.89 -11.27
CA HIS A 8 -15.38 28.82 -9.97
C HIS A 8 -14.79 29.88 -9.04
N HIS A 9 -15.09 29.76 -7.75
CA HIS A 9 -14.58 30.71 -6.76
C HIS A 9 -14.47 30.04 -5.41
N HIS A 10 -14.79 28.75 -5.37
CA HIS A 10 -14.71 27.99 -4.14
C HIS A 10 -13.56 26.99 -4.19
N SER A 11 -13.05 26.64 -3.02
CA SER A 11 -11.94 25.69 -2.94
C SER A 11 -12.43 24.33 -2.42
N SER A 12 -13.35 23.72 -3.15
CA SER A 12 -13.89 22.44 -2.76
C SER A 12 -13.38 21.34 -3.70
N GLY A 13 -13.46 20.10 -3.25
CA GLY A 13 -13.00 18.98 -4.09
C GLY A 13 -13.11 17.66 -3.33
N LEU A 14 -13.54 17.72 -2.08
CA LEU A 14 -13.69 16.50 -1.28
C LEU A 14 -15.14 16.01 -1.33
N VAL A 15 -15.82 16.31 -2.42
CA VAL A 15 -17.21 15.90 -2.60
C VAL A 15 -17.41 15.25 -3.96
N PRO A 16 -16.76 14.15 -4.20
CA PRO A 16 -16.87 13.41 -5.51
C PRO A 16 -18.22 12.73 -5.67
N ARG A 17 -19.25 13.29 -5.05
CA ARG A 17 -20.59 12.73 -5.14
C ARG A 17 -21.48 13.57 -6.05
N GLY A 18 -20.89 14.62 -6.61
CA GLY A 18 -21.63 15.52 -7.50
C GLY A 18 -21.57 15.02 -8.93
N SER A 19 -22.37 15.63 -9.81
CA SER A 19 -22.41 15.23 -11.21
C SER A 19 -21.60 16.21 -12.07
N HIS A 20 -20.88 15.67 -13.04
CA HIS A 20 -20.07 16.51 -13.93
C HIS A 20 -19.69 15.75 -15.20
N MET A 21 -18.91 16.42 -16.05
CA MET A 21 -18.47 15.81 -17.31
C MET A 21 -18.25 14.31 -17.13
N LYS A 22 -18.81 13.53 -18.05
CA LYS A 22 -18.67 12.08 -17.99
C LYS A 22 -17.41 11.64 -18.74
N GLY A 23 -16.63 12.62 -19.19
CA GLY A 23 -15.40 12.32 -19.91
C GLY A 23 -15.67 11.45 -21.14
N ASN A 24 -15.71 10.14 -20.93
CA ASN A 24 -15.96 9.21 -22.04
C ASN A 24 -16.49 7.88 -21.52
N LYS A 25 -16.67 7.78 -20.21
CA LYS A 25 -17.16 6.56 -19.60
C LYS A 25 -16.16 5.42 -19.79
N GLU A 26 -15.31 5.23 -18.78
CA GLU A 26 -14.31 4.17 -18.86
C GLU A 26 -13.68 3.94 -17.49
N PRO A 27 -14.46 3.41 -16.56
CA PRO A 27 -13.98 3.14 -15.18
C PRO A 27 -12.63 2.43 -15.19
N ARG A 28 -11.85 2.64 -14.13
CA ARG A 28 -10.54 2.00 -14.02
C ARG A 28 -10.41 1.29 -12.69
N ASN A 29 -9.77 0.12 -12.71
CA ASN A 29 -9.60 -0.66 -11.49
C ASN A 29 -8.58 0.01 -10.57
N VAL A 30 -8.76 -0.16 -9.27
CA VAL A 30 -7.86 0.42 -8.29
C VAL A 30 -6.81 -0.59 -7.84
N ARG A 31 -5.55 -0.32 -8.17
CA ARG A 31 -4.46 -1.21 -7.80
C ARG A 31 -3.23 -0.40 -7.38
N LEU A 32 -2.65 -0.78 -6.24
CA LEU A 32 -1.47 -0.09 -5.74
C LEU A 32 -0.19 -0.71 -6.28
N THR A 33 0.86 0.09 -6.40
CA THR A 33 2.14 -0.39 -6.90
C THR A 33 3.30 0.26 -6.14
N PHE A 34 4.45 -0.41 -6.15
CA PHE A 34 5.63 0.11 -5.47
C PHE A 34 6.86 -0.67 -5.93
N ALA A 35 7.88 0.05 -6.40
CA ALA A 35 9.09 -0.59 -6.88
C ALA A 35 8.75 -1.88 -7.60
N ASP A 36 8.81 -3.00 -6.88
CA ASP A 36 8.46 -4.29 -7.47
C ASP A 36 7.38 -4.95 -6.62
N ILE A 37 6.29 -4.23 -6.41
CA ILE A 37 5.19 -4.74 -5.61
C ILE A 37 3.86 -4.39 -6.26
N GLU A 38 2.85 -5.22 -6.03
CA GLU A 38 1.53 -4.99 -6.59
C GLU A 38 0.45 -5.46 -5.63
N LEU A 39 -0.66 -4.73 -5.59
CA LEU A 39 -1.77 -5.07 -4.71
C LEU A 39 -3.10 -4.81 -5.41
N ASP A 40 -3.97 -5.81 -5.44
CA ASP A 40 -5.27 -5.66 -6.07
C ASP A 40 -6.39 -5.73 -5.03
N GLU A 41 -6.93 -4.56 -4.70
CA GLU A 41 -8.01 -4.49 -3.72
C GLU A 41 -9.27 -5.17 -4.23
N GLU A 42 -9.27 -5.48 -5.53
CA GLU A 42 -10.43 -6.13 -6.14
C GLU A 42 -10.53 -7.58 -5.69
N THR A 43 -9.38 -8.19 -5.41
CA THR A 43 -9.35 -9.57 -4.97
C THR A 43 -8.68 -9.68 -3.61
N HIS A 44 -7.82 -8.71 -3.32
CA HIS A 44 -7.11 -8.68 -2.05
C HIS A 44 -5.88 -9.58 -2.10
N GLU A 45 -5.09 -9.44 -3.15
CA GLU A 45 -3.88 -10.24 -3.31
C GLU A 45 -2.66 -9.35 -3.49
N VAL A 46 -1.47 -9.90 -3.23
CA VAL A 46 -0.24 -9.14 -3.37
C VAL A 46 0.69 -9.80 -4.38
N TRP A 47 1.55 -9.01 -5.01
CA TRP A 47 2.49 -9.53 -6.00
C TRP A 47 3.81 -8.79 -5.95
N LYS A 48 4.90 -9.54 -5.79
CA LYS A 48 6.23 -8.95 -5.73
C LYS A 48 7.18 -9.67 -6.69
N ALA A 49 7.68 -8.92 -7.67
CA ALA A 49 8.61 -9.48 -8.66
C ALA A 49 8.32 -10.96 -8.90
N GLY A 50 7.19 -11.26 -9.54
CA GLY A 50 6.82 -12.64 -9.82
C GLY A 50 6.81 -13.47 -8.54
N GLN A 51 6.43 -12.84 -7.43
CA GLN A 51 6.39 -13.52 -6.15
C GLN A 51 5.11 -13.17 -5.40
N PRO A 52 4.06 -13.95 -5.56
CA PRO A 52 2.76 -13.68 -4.88
C PRO A 52 2.77 -14.19 -3.44
N VAL A 53 2.21 -13.40 -2.54
CA VAL A 53 2.16 -13.77 -1.13
C VAL A 53 0.75 -13.59 -0.57
N SER A 54 0.26 -14.61 0.12
CA SER A 54 -1.07 -14.57 0.72
C SER A 54 -0.99 -14.04 2.15
N LEU A 55 -1.14 -12.73 2.30
CA LEU A 55 -1.08 -12.12 3.63
C LEU A 55 -2.49 -11.93 4.20
N SER A 56 -2.59 -11.96 5.52
CA SER A 56 -3.88 -11.79 6.19
C SER A 56 -4.26 -10.31 6.23
N PRO A 57 -5.48 -10.00 6.59
CA PRO A 57 -5.95 -8.60 6.67
C PRO A 57 -4.98 -7.70 7.42
N THR A 58 -4.63 -8.10 8.63
CA THR A 58 -3.72 -7.32 9.46
C THR A 58 -2.42 -7.02 8.71
N GLU A 59 -1.75 -8.06 8.22
CA GLU A 59 -0.50 -7.88 7.49
C GLU A 59 -0.73 -7.07 6.22
N PHE A 60 -1.86 -7.31 5.56
CA PHE A 60 -2.19 -6.60 4.34
C PHE A 60 -2.27 -5.10 4.61
N THR A 61 -2.99 -4.73 5.66
CA THR A 61 -3.13 -3.32 6.02
C THR A 61 -1.76 -2.70 6.29
N LEU A 62 -0.89 -3.47 6.93
CA LEU A 62 0.45 -3.00 7.25
C LEU A 62 1.20 -2.62 5.97
N LEU A 63 1.20 -3.51 4.99
CA LEU A 63 1.90 -3.24 3.73
C LEU A 63 1.17 -2.15 2.95
N ARG A 64 -0.15 -2.15 3.01
CA ARG A 64 -0.94 -1.16 2.29
C ARG A 64 -0.57 0.25 2.78
N TYR A 65 -0.42 0.40 4.09
CA TYR A 65 -0.07 1.69 4.67
C TYR A 65 1.35 2.08 4.28
N PHE A 66 2.26 1.11 4.31
CA PHE A 66 3.65 1.36 3.97
C PHE A 66 3.74 1.99 2.59
N VAL A 67 2.98 1.46 1.64
CA VAL A 67 3.00 1.97 0.27
C VAL A 67 2.43 3.39 0.21
N ILE A 68 1.30 3.61 0.87
CA ILE A 68 0.66 4.92 0.88
C ILE A 68 1.62 5.99 1.40
N ASN A 69 2.41 5.62 2.41
CA ASN A 69 3.36 6.55 2.99
C ASN A 69 4.80 6.18 2.60
N ALA A 70 4.93 5.52 1.45
CA ALA A 70 6.25 5.10 0.98
C ALA A 70 7.21 6.28 0.97
N GLY A 71 8.28 6.19 1.75
CA GLY A 71 9.27 7.26 1.81
C GLY A 71 9.21 8.00 3.15
N THR A 72 8.03 8.01 3.77
CA THR A 72 7.87 8.70 5.04
C THR A 72 8.29 7.81 6.21
N VAL A 73 9.13 8.35 7.09
CA VAL A 73 9.60 7.60 8.25
C VAL A 73 8.46 7.35 9.23
N LEU A 74 8.09 6.08 9.41
CA LEU A 74 7.02 5.73 10.33
C LEU A 74 7.58 5.31 11.67
N SER A 75 6.73 5.40 12.71
CA SER A 75 7.15 5.01 14.05
C SER A 75 6.47 3.71 14.46
N LYS A 76 7.18 2.91 15.25
CA LYS A 76 6.64 1.63 15.72
C LYS A 76 5.33 1.84 16.49
N PRO A 77 5.31 2.70 17.49
CA PRO A 77 4.06 2.94 18.29
C PRO A 77 2.94 3.53 17.43
N LYS A 78 3.31 4.32 16.42
CA LYS A 78 2.32 4.92 15.55
C LYS A 78 1.65 3.86 14.69
N ILE A 79 2.46 3.02 14.06
CA ILE A 79 1.94 1.96 13.22
C ILE A 79 0.98 1.08 14.02
N LEU A 80 1.31 0.86 15.28
CA LEU A 80 0.48 0.05 16.15
C LEU A 80 -0.91 0.64 16.30
N ASP A 81 -0.99 1.76 17.01
CA ASP A 81 -2.27 2.43 17.23
C ASP A 81 -3.00 2.72 15.92
N HIS A 82 -2.25 2.80 14.83
CA HIS A 82 -2.86 3.08 13.53
C HIS A 82 -3.61 1.86 12.99
N VAL A 83 -2.89 0.76 12.80
CA VAL A 83 -3.49 -0.46 12.26
C VAL A 83 -4.12 -1.32 13.35
N TRP A 84 -3.30 -1.79 14.29
CA TRP A 84 -3.77 -2.65 15.37
C TRP A 84 -4.95 -2.03 16.10
N ARG A 85 -5.34 -0.81 15.73
CA ARG A 85 -6.45 -0.14 16.37
C ARG A 85 -7.75 -0.90 16.15
N TYR A 86 -7.69 -1.99 15.39
CA TYR A 86 -8.87 -2.79 15.11
C TYR A 86 -8.59 -4.27 15.34
N ASP A 87 -7.57 -4.56 16.13
CA ASP A 87 -7.21 -5.95 16.42
C ASP A 87 -6.74 -6.10 17.86
N PHE A 88 -5.76 -6.98 18.06
CA PHE A 88 -5.23 -7.22 19.40
C PHE A 88 -5.04 -5.91 20.14
N GLY A 89 -4.87 -6.00 21.46
CA GLY A 89 -4.67 -4.82 22.29
C GLY A 89 -3.65 -3.88 21.67
N GLY A 90 -2.45 -3.85 22.26
CA GLY A 90 -1.40 -2.98 21.76
C GLY A 90 -0.03 -3.45 22.25
N ASP A 91 0.60 -4.33 21.47
CA ASP A 91 1.92 -4.85 21.84
C ASP A 91 3.00 -4.13 21.04
N VAL A 92 3.96 -3.54 21.74
CA VAL A 92 5.05 -2.83 21.07
C VAL A 92 6.13 -3.80 20.63
N ASN A 93 6.01 -5.05 21.03
CA ASN A 93 6.99 -6.07 20.66
C ASN A 93 6.49 -6.92 19.50
N VAL A 94 5.17 -7.08 19.41
CA VAL A 94 4.59 -7.88 18.33
C VAL A 94 4.83 -7.23 16.98
N VAL A 95 4.72 -5.90 16.93
CA VAL A 95 4.93 -5.18 15.68
C VAL A 95 6.32 -5.49 15.14
N GLU A 96 7.33 -5.35 15.98
CA GLU A 96 8.70 -5.62 15.57
C GLU A 96 8.83 -7.05 15.04
N SER A 97 8.28 -8.01 15.80
CA SER A 97 8.34 -9.40 15.40
C SER A 97 7.63 -9.61 14.06
N TYR A 98 6.46 -9.00 13.91
CA TYR A 98 5.68 -9.12 12.67
C TYR A 98 6.45 -8.49 11.52
N VAL A 99 7.05 -7.33 11.78
CA VAL A 99 7.81 -6.63 10.74
C VAL A 99 8.99 -7.49 10.28
N SER A 100 9.65 -8.13 11.23
CA SER A 100 10.80 -8.98 10.89
C SER A 100 10.35 -10.14 10.00
N TYR A 101 9.27 -10.82 10.41
CA TYR A 101 8.76 -11.94 9.64
C TYR A 101 8.30 -11.48 8.25
N LEU A 102 7.79 -10.26 8.20
CA LEU A 102 7.32 -9.70 6.94
C LEU A 102 8.48 -9.46 5.99
N ARG A 103 9.55 -8.86 6.51
CA ARG A 103 10.72 -8.58 5.70
C ARG A 103 11.24 -9.87 5.06
N ARG A 104 11.28 -10.94 5.84
CA ARG A 104 11.77 -12.23 5.33
C ARG A 104 10.82 -12.80 4.28
N LYS A 105 9.55 -12.39 4.33
CA LYS A 105 8.56 -12.89 3.39
C LYS A 105 8.44 -11.99 2.17
N ILE A 106 8.74 -10.71 2.33
CA ILE A 106 8.63 -9.77 1.22
C ILE A 106 10.02 -9.31 0.76
N ASP A 107 10.92 -9.07 1.70
CA ASP A 107 12.27 -8.61 1.36
C ASP A 107 13.27 -9.77 1.48
N THR A 108 14.21 -9.82 0.55
CA THR A 108 15.22 -10.88 0.57
C THR A 108 16.41 -10.52 -0.32
N GLY A 109 16.12 -9.92 -1.47
CA GLY A 109 17.17 -9.53 -2.41
C GLY A 109 18.11 -8.50 -1.78
N GLU A 110 19.18 -8.19 -2.49
CA GLU A 110 20.16 -7.23 -1.99
C GLU A 110 19.56 -5.83 -1.89
N LYS A 111 18.34 -5.69 -2.40
CA LYS A 111 17.66 -4.39 -2.36
C LYS A 111 16.80 -4.27 -1.10
N ARG A 112 17.28 -3.48 -0.14
CA ARG A 112 16.54 -3.28 1.10
C ARG A 112 15.55 -2.13 0.92
N LEU A 113 14.27 -2.46 0.84
CA LEU A 113 13.24 -1.45 0.66
C LEU A 113 12.76 -0.94 2.02
N LEU A 114 13.33 -1.48 3.08
CA LEU A 114 12.96 -1.07 4.43
C LEU A 114 14.20 -0.73 5.24
N HIS A 115 14.35 0.54 5.59
CA HIS A 115 15.51 0.97 6.37
C HIS A 115 15.12 1.17 7.83
N THR A 116 15.82 0.47 8.72
CA THR A 116 15.54 0.59 10.15
C THR A 116 16.33 1.72 10.78
N LEU A 117 15.63 2.73 11.24
CA LEU A 117 16.27 3.88 11.87
C LEU A 117 16.26 3.72 13.39
N ARG A 118 17.09 2.82 13.90
CA ARG A 118 17.16 2.58 15.33
C ARG A 118 17.05 3.89 16.10
N GLY A 119 15.93 4.08 16.79
CA GLY A 119 15.72 5.28 17.57
C GLY A 119 14.53 6.09 17.03
N VAL A 120 14.10 5.78 15.82
CA VAL A 120 12.98 6.49 15.21
C VAL A 120 11.92 5.51 14.71
N GLY A 121 12.34 4.49 13.98
CA GLY A 121 11.39 3.50 13.46
C GLY A 121 11.90 2.91 12.15
N TYR A 122 11.00 2.77 11.18
CA TYR A 122 11.37 2.21 9.88
C TYR A 122 10.91 3.12 8.75
N VAL A 123 11.63 3.08 7.63
CA VAL A 123 11.29 3.91 6.48
C VAL A 123 11.35 3.10 5.19
N LEU A 124 10.40 3.36 4.29
CA LEU A 124 10.36 2.65 3.01
C LEU A 124 11.14 3.42 1.96
N ARG A 125 12.27 2.85 1.53
CA ARG A 125 13.10 3.51 0.53
C ARG A 125 14.06 2.52 -0.12
N GLU A 126 14.14 2.57 -1.45
CA GLU A 126 15.02 1.67 -2.19
C GLU A 126 16.47 2.13 -2.07
N PRO A 127 17.41 1.23 -2.10
CA PRO A 127 18.86 1.57 -2.00
C PRO A 127 19.18 2.86 -2.72
N ARG A 128 19.34 3.94 -1.96
CA ARG A 128 19.66 5.24 -2.55
C ARG A 128 21.14 5.33 -2.89
N MET A 1 -38.51 31.41 -9.89
CA MET A 1 -39.87 31.34 -10.50
C MET A 1 -39.88 30.24 -11.55
N GLY A 2 -39.81 28.99 -11.11
CA GLY A 2 -39.82 27.86 -12.03
C GLY A 2 -41.22 27.29 -12.18
N SER A 3 -42.14 28.12 -12.64
CA SER A 3 -43.52 27.69 -12.82
C SER A 3 -43.63 26.77 -14.03
N SER A 4 -42.48 26.28 -14.50
CA SER A 4 -42.44 25.39 -15.65
C SER A 4 -42.62 23.94 -15.21
N HIS A 5 -43.32 23.74 -14.09
CA HIS A 5 -43.55 22.39 -13.58
C HIS A 5 -42.24 21.71 -13.18
N HIS A 6 -42.35 20.49 -12.67
CA HIS A 6 -41.16 19.74 -12.25
C HIS A 6 -40.59 18.95 -13.43
N HIS A 7 -41.43 18.69 -14.43
CA HIS A 7 -40.98 17.95 -15.60
C HIS A 7 -39.78 18.65 -16.26
N HIS A 8 -38.96 17.89 -16.97
CA HIS A 8 -37.79 18.46 -17.63
C HIS A 8 -37.06 17.41 -18.46
N HIS A 9 -36.84 17.71 -19.74
CA HIS A 9 -36.15 16.79 -20.64
C HIS A 9 -35.80 17.49 -21.95
N HIS A 10 -36.41 18.65 -22.18
CA HIS A 10 -36.16 19.41 -23.40
C HIS A 10 -36.38 20.90 -23.16
N SER A 11 -35.32 21.60 -22.79
CA SER A 11 -35.43 23.03 -22.53
C SER A 11 -34.42 23.82 -23.36
N SER A 12 -34.82 24.22 -24.56
CA SER A 12 -33.93 24.97 -25.44
C SER A 12 -32.53 24.37 -25.43
N GLY A 13 -32.38 23.24 -26.12
CA GLY A 13 -31.10 22.55 -26.20
C GLY A 13 -30.83 21.77 -24.91
N LEU A 14 -29.92 20.79 -24.97
CA LEU A 14 -29.59 20.01 -23.79
C LEU A 14 -28.36 20.58 -23.09
N VAL A 15 -28.09 21.85 -23.33
CA VAL A 15 -26.95 22.54 -22.74
C VAL A 15 -25.70 21.68 -22.78
N PRO A 16 -25.17 21.46 -23.95
CA PRO A 16 -23.95 20.64 -24.17
C PRO A 16 -22.82 21.01 -23.20
N ARG A 17 -22.65 22.31 -22.98
CA ARG A 17 -21.60 22.78 -22.08
C ARG A 17 -20.22 22.49 -22.65
N GLY A 18 -19.91 21.20 -22.84
CA GLY A 18 -18.63 20.80 -23.39
C GLY A 18 -18.35 19.33 -23.14
N SER A 19 -17.22 18.85 -23.64
CA SER A 19 -16.85 17.45 -23.47
C SER A 19 -15.42 17.34 -22.96
N HIS A 20 -15.25 16.60 -21.87
CA HIS A 20 -13.94 16.42 -21.27
C HIS A 20 -13.09 15.45 -22.10
N MET A 21 -13.24 15.53 -23.42
CA MET A 21 -12.49 14.66 -24.32
C MET A 21 -12.28 13.28 -23.70
N LYS A 22 -11.03 12.89 -23.55
CA LYS A 22 -10.70 11.60 -22.98
C LYS A 22 -10.38 11.76 -21.49
N GLY A 23 -11.40 11.61 -20.65
CA GLY A 23 -11.22 11.73 -19.21
C GLY A 23 -12.08 10.74 -18.45
N ASN A 24 -12.45 9.64 -19.11
CA ASN A 24 -13.27 8.62 -18.46
C ASN A 24 -13.04 7.25 -19.11
N LYS A 25 -13.07 6.20 -18.29
CA LYS A 25 -12.85 4.85 -18.80
C LYS A 25 -13.62 3.83 -17.95
N GLU A 26 -14.63 4.31 -17.24
CA GLU A 26 -15.43 3.43 -16.40
C GLU A 26 -14.54 2.61 -15.48
N PRO A 27 -13.80 3.26 -14.63
CA PRO A 27 -12.88 2.59 -13.67
C PRO A 27 -13.64 1.99 -12.50
N ARG A 28 -13.00 1.06 -11.79
CA ARG A 28 -13.63 0.41 -10.65
C ARG A 28 -12.61 -0.40 -9.85
N ASN A 29 -11.69 -1.04 -10.55
CA ASN A 29 -10.66 -1.84 -9.89
C ASN A 29 -9.48 -0.95 -9.50
N VAL A 30 -9.40 -0.60 -8.23
CA VAL A 30 -8.31 0.25 -7.75
C VAL A 30 -7.18 -0.61 -7.19
N ARG A 31 -6.03 -0.56 -7.86
CA ARG A 31 -4.88 -1.34 -7.44
C ARG A 31 -3.84 -0.43 -6.78
N LEU A 32 -2.72 -1.02 -6.40
CA LEU A 32 -1.65 -0.27 -5.76
C LEU A 32 -0.29 -0.84 -6.15
N THR A 33 0.64 0.05 -6.49
CA THR A 33 1.97 -0.39 -6.88
C THR A 33 3.06 0.49 -6.26
N PHE A 34 4.25 -0.07 -6.13
CA PHE A 34 5.37 0.66 -5.55
C PHE A 34 6.67 -0.09 -5.85
N ALA A 35 7.73 0.65 -6.20
CA ALA A 35 9.00 0.01 -6.52
C ALA A 35 8.75 -1.29 -7.29
N ASP A 36 8.91 -2.42 -6.62
CA ASP A 36 8.66 -3.70 -7.25
C ASP A 36 7.65 -4.48 -6.43
N ILE A 37 6.51 -3.84 -6.16
CA ILE A 37 5.46 -4.45 -5.39
C ILE A 37 4.10 -4.15 -6.03
N GLU A 38 3.18 -5.10 -5.91
CA GLU A 38 1.86 -4.91 -6.48
C GLU A 38 0.78 -5.42 -5.53
N LEU A 39 -0.24 -4.59 -5.30
CA LEU A 39 -1.32 -4.96 -4.41
C LEU A 39 -2.67 -4.85 -5.14
N ASP A 40 -3.60 -5.71 -4.76
CA ASP A 40 -4.92 -5.69 -5.39
C ASP A 40 -6.01 -5.73 -4.32
N GLU A 41 -6.69 -4.59 -4.14
CA GLU A 41 -7.74 -4.49 -3.15
C GLU A 41 -8.94 -5.36 -3.54
N GLU A 42 -9.23 -5.40 -4.83
CA GLU A 42 -10.35 -6.19 -5.33
C GLU A 42 -10.25 -7.63 -4.82
N THR A 43 -9.09 -8.24 -5.03
CA THR A 43 -8.88 -9.62 -4.61
C THR A 43 -7.97 -9.68 -3.40
N HIS A 44 -7.76 -8.53 -2.75
CA HIS A 44 -6.90 -8.48 -1.56
C HIS A 44 -5.70 -9.41 -1.72
N GLU A 45 -4.93 -9.20 -2.79
CA GLU A 45 -3.76 -10.03 -3.04
C GLU A 45 -2.49 -9.18 -3.08
N VAL A 46 -1.34 -9.82 -2.92
CA VAL A 46 -0.07 -9.11 -2.94
C VAL A 46 0.87 -9.72 -3.99
N TRP A 47 1.83 -8.93 -4.44
CA TRP A 47 2.78 -9.40 -5.44
C TRP A 47 4.15 -8.79 -5.20
N LYS A 48 5.16 -9.65 -5.09
CA LYS A 48 6.52 -9.18 -4.86
C LYS A 48 7.45 -9.69 -5.97
N ALA A 49 7.89 -8.77 -6.83
CA ALA A 49 8.78 -9.12 -7.94
C ALA A 49 8.52 -10.54 -8.42
N GLY A 50 7.34 -10.75 -9.00
CA GLY A 50 6.98 -12.06 -9.51
C GLY A 50 6.93 -13.09 -8.40
N GLN A 51 6.55 -12.64 -7.21
CA GLN A 51 6.46 -13.53 -6.05
C GLN A 51 5.18 -13.25 -5.26
N PRO A 52 4.09 -13.88 -5.62
CA PRO A 52 2.78 -13.66 -4.93
C PRO A 52 2.71 -14.38 -3.59
N VAL A 53 2.25 -13.66 -2.57
CA VAL A 53 2.12 -14.21 -1.23
C VAL A 53 0.69 -14.08 -0.75
N SER A 54 0.25 -15.05 0.06
CA SER A 54 -1.10 -15.02 0.59
C SER A 54 -1.13 -14.33 1.95
N LEU A 55 -1.30 -13.01 1.93
CA LEU A 55 -1.34 -12.25 3.17
C LEU A 55 -2.77 -12.02 3.63
N SER A 56 -2.93 -11.79 4.92
CA SER A 56 -4.26 -11.55 5.49
C SER A 56 -4.53 -10.05 5.55
N PRO A 57 -5.75 -9.67 5.85
CA PRO A 57 -6.12 -8.23 5.94
C PRO A 57 -5.16 -7.42 6.79
N THR A 58 -4.92 -7.88 8.02
CA THR A 58 -4.01 -7.20 8.93
C THR A 58 -2.67 -6.90 8.25
N GLU A 59 -2.01 -7.96 7.76
CA GLU A 59 -0.72 -7.79 7.10
C GLU A 59 -0.87 -6.95 5.84
N PHE A 60 -1.94 -7.16 5.10
CA PHE A 60 -2.19 -6.41 3.87
C PHE A 60 -2.28 -4.92 4.17
N THR A 61 -2.98 -4.59 5.25
CA THR A 61 -3.14 -3.19 5.64
C THR A 61 -1.78 -2.56 5.95
N LEU A 62 -0.96 -3.29 6.70
CA LEU A 62 0.36 -2.79 7.06
C LEU A 62 1.17 -2.46 5.80
N LEU A 63 1.12 -3.35 4.83
CA LEU A 63 1.84 -3.15 3.58
C LEU A 63 1.27 -1.95 2.82
N ARG A 64 -0.07 -1.89 2.73
CA ARG A 64 -0.72 -0.79 2.03
C ARG A 64 -0.34 0.55 2.67
N TYR A 65 -0.32 0.57 4.00
CA TYR A 65 0.02 1.78 4.73
C TYR A 65 1.43 2.27 4.40
N PHE A 66 2.38 1.35 4.37
CA PHE A 66 3.76 1.72 4.07
C PHE A 66 3.87 2.30 2.66
N VAL A 67 3.17 1.67 1.72
CA VAL A 67 3.19 2.10 0.33
C VAL A 67 2.75 3.56 0.19
N ILE A 68 1.59 3.90 0.74
CA ILE A 68 1.10 5.27 0.66
C ILE A 68 2.05 6.22 1.38
N ASN A 69 2.73 5.71 2.39
CA ASN A 69 3.67 6.51 3.16
C ASN A 69 5.11 6.14 2.81
N ALA A 70 5.29 5.50 1.66
CA ALA A 70 6.63 5.09 1.22
C ALA A 70 7.59 6.27 1.24
N GLY A 71 8.65 6.16 2.03
CA GLY A 71 9.65 7.21 2.14
C GLY A 71 9.57 7.90 3.49
N THR A 72 8.41 7.82 4.13
CA THR A 72 8.21 8.42 5.43
C THR A 72 8.52 7.43 6.55
N VAL A 73 9.41 7.83 7.45
CA VAL A 73 9.79 6.96 8.57
C VAL A 73 8.61 6.83 9.53
N LEU A 74 8.13 5.61 9.72
CA LEU A 74 6.99 5.38 10.61
C LEU A 74 7.49 4.91 11.98
N SER A 75 6.73 5.26 13.02
CA SER A 75 7.09 4.86 14.38
C SER A 75 6.28 3.63 14.79
N LYS A 76 6.84 2.79 15.65
CA LYS A 76 6.14 1.57 16.07
C LYS A 76 4.80 1.90 16.71
N PRO A 77 4.74 2.88 17.60
CA PRO A 77 3.46 3.26 18.26
C PRO A 77 2.34 3.54 17.26
N LYS A 78 2.63 4.40 16.29
CA LYS A 78 1.65 4.74 15.27
C LYS A 78 1.22 3.50 14.49
N ILE A 79 2.21 2.78 13.99
CA ILE A 79 1.94 1.57 13.22
C ILE A 79 1.04 0.63 14.02
N LEU A 80 1.33 0.51 15.30
CA LEU A 80 0.54 -0.35 16.18
C LEU A 80 -0.91 0.10 16.23
N ASP A 81 -1.14 1.30 16.77
CA ASP A 81 -2.49 1.83 16.89
C ASP A 81 -3.14 1.98 15.51
N HIS A 82 -2.33 1.94 14.47
CA HIS A 82 -2.86 2.06 13.11
C HIS A 82 -3.62 0.80 12.70
N VAL A 83 -2.99 -0.35 12.90
CA VAL A 83 -3.63 -1.62 12.53
C VAL A 83 -4.54 -2.11 13.64
N TRP A 84 -4.08 -2.02 14.89
CA TRP A 84 -4.87 -2.47 16.02
C TRP A 84 -6.16 -1.65 16.15
N ARG A 85 -6.30 -0.64 15.29
CA ARG A 85 -7.47 0.22 15.32
C ARG A 85 -8.74 -0.61 15.14
N TYR A 86 -8.56 -1.90 14.89
CA TYR A 86 -9.70 -2.80 14.69
C TYR A 86 -9.67 -3.93 15.71
N ASP A 87 -8.87 -3.74 16.76
CA ASP A 87 -8.76 -4.75 17.80
C ASP A 87 -7.64 -4.39 18.78
N PHE A 88 -8.01 -4.16 20.03
CA PHE A 88 -7.02 -3.81 21.04
C PHE A 88 -6.37 -5.06 21.63
N GLY A 89 -5.04 -5.08 21.66
CA GLY A 89 -4.32 -6.22 22.20
C GLY A 89 -3.02 -6.45 21.43
N GLY A 90 -2.08 -5.51 21.54
CA GLY A 90 -0.81 -5.63 20.84
C GLY A 90 0.26 -4.75 21.47
N ASP A 91 1.14 -5.37 22.25
CA ASP A 91 2.22 -4.64 22.90
C ASP A 91 3.06 -3.91 21.86
N VAL A 92 4.15 -3.30 22.30
CA VAL A 92 5.03 -2.57 21.41
C VAL A 92 6.09 -3.50 20.82
N ASN A 93 6.25 -4.67 21.41
CA ASN A 93 7.24 -5.64 20.92
C ASN A 93 6.66 -6.48 19.78
N VAL A 94 5.34 -6.49 19.67
CA VAL A 94 4.67 -7.26 18.63
C VAL A 94 4.99 -6.67 17.25
N VAL A 95 5.04 -5.34 17.18
CA VAL A 95 5.33 -4.67 15.93
C VAL A 95 6.69 -5.09 15.39
N GLU A 96 7.70 -5.01 16.25
CA GLU A 96 9.05 -5.39 15.85
C GLU A 96 9.07 -6.81 15.29
N SER A 97 8.42 -7.72 16.01
CA SER A 97 8.37 -9.12 15.57
C SER A 97 7.70 -9.23 14.21
N TYR A 98 6.54 -8.60 14.07
CA TYR A 98 5.79 -8.64 12.81
C TYR A 98 6.61 -8.00 11.69
N VAL A 99 7.28 -6.90 12.00
CA VAL A 99 8.09 -6.22 11.00
C VAL A 99 9.22 -7.12 10.52
N SER A 100 9.88 -7.77 11.46
CA SER A 100 10.98 -8.67 11.12
C SER A 100 10.47 -9.81 10.23
N TYR A 101 9.32 -10.37 10.60
CA TYR A 101 8.73 -11.46 9.82
C TYR A 101 8.26 -10.97 8.46
N LEU A 102 7.82 -9.72 8.41
CA LEU A 102 7.34 -9.14 7.15
C LEU A 102 8.50 -9.01 6.18
N ARG A 103 9.61 -8.46 6.65
CA ARG A 103 10.78 -8.30 5.82
C ARG A 103 11.18 -9.63 5.20
N ARG A 104 11.22 -10.66 6.03
CA ARG A 104 11.59 -12.00 5.55
C ARG A 104 10.53 -12.58 4.61
N LYS A 105 9.35 -11.97 4.61
CA LYS A 105 8.26 -12.46 3.76
C LYS A 105 8.20 -11.70 2.43
N ILE A 106 8.67 -10.46 2.42
CA ILE A 106 8.63 -9.64 1.20
C ILE A 106 10.03 -9.17 0.82
N ASP A 107 10.96 -9.31 1.74
CA ASP A 107 12.34 -8.89 1.48
C ASP A 107 13.26 -10.11 1.43
N THR A 108 14.18 -10.10 0.48
CA THR A 108 15.12 -11.21 0.32
C THR A 108 16.14 -10.91 -0.76
N GLY A 109 15.72 -10.14 -1.77
CA GLY A 109 16.61 -9.79 -2.87
C GLY A 109 17.93 -9.25 -2.34
N GLU A 110 18.90 -9.10 -3.23
CA GLU A 110 20.22 -8.60 -2.85
C GLU A 110 20.14 -7.09 -2.62
N LYS A 111 19.04 -6.50 -3.07
CA LYS A 111 18.84 -5.06 -2.93
C LYS A 111 18.07 -4.73 -1.65
N ARG A 112 18.32 -3.54 -1.11
CA ARG A 112 17.66 -3.10 0.11
C ARG A 112 16.41 -2.31 -0.24
N LEU A 113 15.50 -2.21 0.72
CA LEU A 113 14.26 -1.47 0.51
C LEU A 113 13.80 -0.83 1.81
N LEU A 114 13.73 -1.64 2.87
CA LEU A 114 13.31 -1.14 4.18
C LEU A 114 14.52 -0.76 5.03
N HIS A 115 14.59 0.51 5.42
CA HIS A 115 15.70 0.98 6.24
C HIS A 115 15.32 1.04 7.72
N THR A 116 16.16 0.46 8.56
CA THR A 116 15.90 0.44 10.00
C THR A 116 16.54 1.64 10.69
N LEU A 117 15.71 2.58 11.12
CA LEU A 117 16.21 3.77 11.80
C LEU A 117 16.09 3.63 13.31
N ARG A 118 16.92 2.74 13.87
CA ARG A 118 16.91 2.52 15.31
C ARG A 118 16.68 3.82 16.05
N GLY A 119 15.70 3.84 16.94
CA GLY A 119 15.39 5.04 17.71
C GLY A 119 14.24 5.82 17.09
N VAL A 120 13.83 5.40 15.90
CA VAL A 120 12.74 6.06 15.20
C VAL A 120 11.73 5.04 14.65
N GLY A 121 12.25 3.99 14.02
CA GLY A 121 11.40 2.96 13.46
C GLY A 121 11.95 2.44 12.14
N TYR A 122 11.07 2.24 11.18
CA TYR A 122 11.48 1.74 9.86
C TYR A 122 10.96 2.65 8.76
N VAL A 123 11.66 2.67 7.63
CA VAL A 123 11.25 3.51 6.52
C VAL A 123 11.38 2.77 5.21
N LEU A 124 10.37 2.89 4.36
CA LEU A 124 10.37 2.22 3.07
C LEU A 124 10.94 3.14 1.99
N ARG A 125 12.04 2.71 1.37
CA ARG A 125 12.68 3.50 0.33
C ARG A 125 13.62 2.62 -0.50
N GLU A 126 13.30 2.46 -1.78
CA GLU A 126 14.13 1.64 -2.67
C GLU A 126 15.23 2.50 -3.30
N PRO A 127 16.37 1.91 -3.60
CA PRO A 127 17.50 2.65 -4.21
C PRO A 127 17.23 3.04 -5.66
N ARG A 128 17.35 4.32 -5.96
CA ARG A 128 17.11 4.80 -7.31
C ARG A 128 18.26 4.41 -8.23
N MET A 1 -13.00 55.46 -19.80
CA MET A 1 -13.27 54.50 -20.91
C MET A 1 -14.78 54.41 -21.17
N GLY A 2 -15.58 54.61 -20.13
CA GLY A 2 -17.03 54.55 -20.27
C GLY A 2 -17.62 53.58 -19.26
N SER A 3 -18.28 52.54 -19.75
CA SER A 3 -18.87 51.54 -18.87
C SER A 3 -19.20 50.27 -19.65
N SER A 4 -18.46 49.21 -19.38
CA SER A 4 -18.69 47.95 -20.08
C SER A 4 -18.46 48.13 -21.57
N HIS A 5 -17.38 47.53 -22.08
CA HIS A 5 -17.05 47.64 -23.50
C HIS A 5 -18.23 47.19 -24.37
N HIS A 6 -18.08 47.33 -25.68
CA HIS A 6 -19.14 46.93 -26.61
C HIS A 6 -19.23 45.40 -26.67
N HIS A 7 -18.16 44.77 -27.17
CA HIS A 7 -18.13 43.32 -27.28
C HIS A 7 -17.56 42.71 -26.00
N HIS A 8 -16.33 42.21 -26.09
CA HIS A 8 -15.68 41.60 -24.94
C HIS A 8 -14.18 41.95 -24.94
N HIS A 9 -13.51 41.61 -26.02
CA HIS A 9 -12.08 41.90 -26.14
C HIS A 9 -11.37 41.54 -24.84
N HIS A 10 -11.91 40.57 -24.13
CA HIS A 10 -11.34 40.14 -22.86
C HIS A 10 -10.03 39.38 -23.08
N SER A 11 -10.07 38.06 -22.87
CA SER A 11 -8.88 37.23 -23.04
C SER A 11 -8.53 37.08 -24.52
N SER A 12 -9.52 36.69 -25.32
CA SER A 12 -9.33 36.51 -26.75
C SER A 12 -8.52 35.27 -27.05
N GLY A 13 -7.92 34.68 -26.02
CA GLY A 13 -7.12 33.48 -26.21
C GLY A 13 -7.94 32.23 -25.89
N LEU A 14 -7.26 31.10 -25.81
CA LEU A 14 -7.93 29.84 -25.50
C LEU A 14 -8.22 29.74 -24.01
N VAL A 15 -9.36 29.17 -23.66
CA VAL A 15 -9.72 29.05 -22.24
C VAL A 15 -10.71 27.90 -22.04
N PRO A 16 -10.28 26.68 -22.27
CA PRO A 16 -11.15 25.49 -22.09
C PRO A 16 -11.93 25.54 -20.78
N ARG A 17 -13.07 24.86 -20.76
CA ARG A 17 -13.90 24.82 -19.57
C ARG A 17 -13.43 23.71 -18.64
N GLY A 18 -12.11 23.57 -18.53
CA GLY A 18 -11.54 22.55 -17.68
C GLY A 18 -11.45 21.22 -18.43
N SER A 19 -11.99 21.21 -19.64
CA SER A 19 -12.00 20.01 -20.49
C SER A 19 -11.90 18.74 -19.64
N HIS A 20 -12.80 18.64 -18.67
CA HIS A 20 -12.82 17.47 -17.79
C HIS A 20 -13.20 16.21 -18.56
N MET A 21 -14.50 15.99 -18.75
CA MET A 21 -14.97 14.81 -19.47
C MET A 21 -14.75 14.97 -20.98
N LYS A 22 -13.79 14.22 -21.51
CA LYS A 22 -13.48 14.29 -22.94
C LYS A 22 -13.65 12.94 -23.61
N GLY A 23 -13.07 11.91 -23.00
CA GLY A 23 -13.14 10.56 -23.54
C GLY A 23 -14.21 9.73 -22.85
N ASN A 24 -14.00 8.42 -22.79
CA ASN A 24 -14.95 7.54 -22.15
C ASN A 24 -14.34 6.16 -21.90
N LYS A 25 -13.34 5.79 -22.69
CA LYS A 25 -12.69 4.48 -22.54
C LYS A 25 -11.37 4.59 -21.80
N GLU A 26 -11.43 4.87 -20.51
CA GLU A 26 -10.22 4.98 -19.70
C GLU A 26 -10.38 4.20 -18.40
N PRO A 27 -10.24 2.90 -18.46
CA PRO A 27 -10.38 2.00 -17.27
C PRO A 27 -9.42 2.39 -16.14
N ARG A 28 -10.00 2.70 -14.99
CA ARG A 28 -9.20 3.09 -13.83
C ARG A 28 -9.04 1.91 -12.87
N ASN A 29 -7.87 1.28 -12.90
CA ASN A 29 -7.61 0.13 -12.03
C ASN A 29 -7.17 0.59 -10.65
N VAL A 30 -7.88 0.14 -9.63
CA VAL A 30 -7.57 0.50 -8.25
C VAL A 30 -6.64 -0.53 -7.62
N ARG A 31 -5.41 -0.13 -7.36
CA ARG A 31 -4.44 -1.02 -6.76
C ARG A 31 -3.13 -0.27 -6.47
N LEU A 32 -2.48 -0.63 -5.38
CA LEU A 32 -1.23 0.03 -5.01
C LEU A 32 -0.03 -0.71 -5.59
N THR A 33 1.05 0.03 -5.85
CA THR A 33 2.26 -0.56 -6.40
C THR A 33 3.50 0.07 -5.79
N PHE A 34 4.62 -0.65 -5.83
CA PHE A 34 5.87 -0.15 -5.27
C PHE A 34 7.04 -1.01 -5.73
N ALA A 35 8.18 -0.38 -6.03
CA ALA A 35 9.36 -1.12 -6.49
C ALA A 35 8.93 -2.32 -7.31
N ASP A 36 8.99 -3.51 -6.70
CA ASP A 36 8.58 -4.72 -7.39
C ASP A 36 7.51 -5.42 -6.56
N ILE A 37 6.47 -4.67 -6.22
CA ILE A 37 5.38 -5.19 -5.42
C ILE A 37 4.04 -4.68 -5.96
N GLU A 38 2.98 -5.45 -5.76
CA GLU A 38 1.66 -5.05 -6.23
C GLU A 38 0.57 -5.54 -5.27
N LEU A 39 -0.46 -4.72 -5.10
CA LEU A 39 -1.57 -5.06 -4.22
C LEU A 39 -2.90 -4.71 -4.87
N ASP A 40 -3.72 -5.71 -5.14
CA ASP A 40 -5.02 -5.48 -5.77
C ASP A 40 -6.14 -5.57 -4.75
N GLU A 41 -6.64 -4.42 -4.31
CA GLU A 41 -7.73 -4.38 -3.34
C GLU A 41 -9.01 -4.95 -3.94
N GLU A 42 -9.10 -4.90 -5.27
CA GLU A 42 -10.27 -5.41 -5.97
C GLU A 42 -10.56 -6.85 -5.56
N THR A 43 -9.49 -7.59 -5.27
CA THR A 43 -9.64 -8.99 -4.87
C THR A 43 -8.90 -9.25 -3.56
N HIS A 44 -7.95 -8.38 -3.24
CA HIS A 44 -7.17 -8.52 -2.01
C HIS A 44 -6.04 -9.52 -2.23
N GLU A 45 -5.26 -9.29 -3.27
CA GLU A 45 -4.13 -10.18 -3.57
C GLU A 45 -2.83 -9.39 -3.60
N VAL A 46 -1.72 -10.09 -3.38
CA VAL A 46 -0.41 -9.44 -3.39
C VAL A 46 0.47 -10.09 -4.45
N TRP A 47 1.41 -9.32 -4.99
CA TRP A 47 2.30 -9.83 -6.01
C TRP A 47 3.69 -9.21 -5.87
N LYS A 48 4.71 -10.07 -5.76
CA LYS A 48 6.08 -9.61 -5.61
C LYS A 48 6.97 -10.26 -6.67
N ALA A 49 7.47 -9.44 -7.59
CA ALA A 49 8.33 -9.95 -8.66
C ALA A 49 7.97 -11.38 -9.03
N GLY A 50 6.82 -11.56 -9.67
CA GLY A 50 6.36 -12.89 -10.08
C GLY A 50 6.31 -13.84 -8.89
N GLN A 51 6.13 -13.29 -7.70
CA GLN A 51 6.05 -14.10 -6.48
C GLN A 51 4.83 -13.71 -5.65
N PRO A 52 3.72 -14.39 -5.85
CA PRO A 52 2.47 -14.07 -5.10
C PRO A 52 2.50 -14.64 -3.68
N VAL A 53 2.12 -13.81 -2.72
CA VAL A 53 2.10 -14.24 -1.32
C VAL A 53 0.70 -14.11 -0.74
N SER A 54 0.30 -15.10 0.04
CA SER A 54 -1.03 -15.09 0.65
C SER A 54 -0.99 -14.40 2.02
N LEU A 55 -1.16 -13.08 2.02
CA LEU A 55 -1.14 -12.32 3.26
C LEU A 55 -2.55 -12.12 3.79
N SER A 56 -2.69 -12.04 5.11
CA SER A 56 -3.99 -11.83 5.73
C SER A 56 -4.34 -10.35 5.77
N PRO A 57 -5.55 -10.02 6.16
CA PRO A 57 -6.00 -8.59 6.24
C PRO A 57 -5.02 -7.72 7.03
N THR A 58 -4.75 -8.12 8.27
CA THR A 58 -3.85 -7.37 9.13
C THR A 58 -2.52 -7.09 8.42
N GLU A 59 -1.91 -8.14 7.89
CA GLU A 59 -0.64 -8.00 7.18
C GLU A 59 -0.81 -7.11 5.95
N PHE A 60 -1.89 -7.34 5.20
CA PHE A 60 -2.16 -6.57 3.99
C PHE A 60 -2.34 -5.08 4.32
N THR A 61 -3.07 -4.81 5.40
CA THR A 61 -3.31 -3.43 5.80
C THR A 61 -2.00 -2.73 6.13
N LEU A 62 -1.15 -3.41 6.88
CA LEU A 62 0.14 -2.83 7.26
C LEU A 62 1.02 -2.61 6.03
N LEU A 63 1.06 -3.59 5.15
CA LEU A 63 1.88 -3.49 3.94
C LEU A 63 1.38 -2.33 3.07
N ARG A 64 0.06 -2.18 3.00
CA ARG A 64 -0.54 -1.12 2.20
C ARG A 64 -0.18 0.25 2.76
N TYR A 65 -0.23 0.37 4.09
CA TYR A 65 0.10 1.63 4.74
C TYR A 65 1.55 2.02 4.48
N PHE A 66 2.44 1.05 4.59
CA PHE A 66 3.86 1.30 4.35
C PHE A 66 4.07 1.90 2.97
N VAL A 67 3.40 1.32 1.98
CA VAL A 67 3.51 1.78 0.61
C VAL A 67 2.94 3.20 0.46
N ILE A 68 1.75 3.42 1.00
CA ILE A 68 1.12 4.74 0.91
C ILE A 68 1.99 5.80 1.56
N ASN A 69 2.77 5.38 2.55
CA ASN A 69 3.65 6.32 3.25
C ASN A 69 5.11 6.06 2.90
N ALA A 70 5.34 5.40 1.77
CA ALA A 70 6.69 5.09 1.33
C ALA A 70 7.54 6.36 1.28
N GLY A 71 8.63 6.37 2.04
CA GLY A 71 9.52 7.52 2.07
C GLY A 71 9.41 8.26 3.40
N THR A 72 8.28 8.08 4.08
CA THR A 72 8.07 8.73 5.37
C THR A 72 8.37 7.76 6.51
N VAL A 73 9.27 8.18 7.40
CA VAL A 73 9.65 7.36 8.54
C VAL A 73 8.49 7.24 9.53
N LEU A 74 8.06 6.01 9.81
CA LEU A 74 6.97 5.78 10.74
C LEU A 74 7.50 5.45 12.13
N SER A 75 6.61 5.51 13.12
CA SER A 75 6.98 5.22 14.49
C SER A 75 6.36 3.90 14.95
N LYS A 76 7.03 3.22 15.88
CA LYS A 76 6.55 1.96 16.40
C LYS A 76 5.12 2.10 16.94
N PRO A 77 4.91 3.03 17.85
CA PRO A 77 3.56 3.24 18.46
C PRO A 77 2.54 3.74 17.45
N LYS A 78 3.01 4.51 16.47
CA LYS A 78 2.11 5.04 15.45
C LYS A 78 1.51 3.91 14.62
N ILE A 79 2.39 3.12 14.00
CA ILE A 79 1.95 1.99 13.18
C ILE A 79 1.01 1.10 13.98
N LEU A 80 1.34 0.88 15.24
CA LEU A 80 0.52 0.05 16.11
C LEU A 80 -0.89 0.61 16.22
N ASP A 81 -1.00 1.80 16.80
CA ASP A 81 -2.29 2.45 16.96
C ASP A 81 -3.05 2.52 15.64
N HIS A 82 -2.30 2.59 14.54
CA HIS A 82 -2.91 2.68 13.22
C HIS A 82 -3.55 1.35 12.82
N VAL A 83 -2.81 0.26 12.98
CA VAL A 83 -3.32 -1.06 12.63
C VAL A 83 -4.15 -1.65 13.77
N TRP A 84 -3.52 -1.87 14.91
CA TRP A 84 -4.20 -2.44 16.07
C TRP A 84 -5.47 -1.67 16.40
N ARG A 85 -5.73 -0.59 15.66
CA ARG A 85 -6.93 0.23 15.90
C ARG A 85 -8.19 -0.61 15.69
N TYR A 86 -8.02 -1.86 15.28
CA TYR A 86 -9.15 -2.75 15.06
C TYR A 86 -9.09 -3.95 16.00
N ASP A 87 -8.26 -3.83 17.04
CA ASP A 87 -8.11 -4.91 18.01
C ASP A 87 -6.96 -4.62 18.96
N PHE A 88 -7.30 -4.21 20.18
CA PHE A 88 -6.28 -3.91 21.18
C PHE A 88 -5.80 -5.19 21.86
N GLY A 89 -4.49 -5.40 21.83
CA GLY A 89 -3.90 -6.59 22.44
C GLY A 89 -2.59 -6.95 21.76
N GLY A 90 -1.72 -5.96 21.63
CA GLY A 90 -0.43 -6.17 20.99
C GLY A 90 0.57 -5.10 21.41
N ASP A 91 1.48 -5.47 22.30
CA ASP A 91 2.48 -4.53 22.78
C ASP A 91 3.17 -3.84 21.62
N VAL A 92 4.19 -3.05 21.95
CA VAL A 92 4.94 -2.31 20.94
C VAL A 92 6.01 -3.21 20.33
N ASN A 93 6.21 -4.39 20.92
CA ASN A 93 7.21 -5.32 20.43
C ASN A 93 6.65 -6.19 19.31
N VAL A 94 5.33 -6.22 19.18
CA VAL A 94 4.69 -7.02 18.14
C VAL A 94 4.97 -6.44 16.76
N VAL A 95 4.96 -5.11 16.67
CA VAL A 95 5.22 -4.45 15.39
C VAL A 95 6.59 -4.83 14.85
N GLU A 96 7.60 -4.78 15.71
CA GLU A 96 8.95 -5.14 15.29
C GLU A 96 8.98 -6.57 14.78
N SER A 97 8.37 -7.48 15.53
CA SER A 97 8.33 -8.88 15.14
C SER A 97 7.64 -9.03 13.79
N TYR A 98 6.53 -8.33 13.62
CA TYR A 98 5.78 -8.37 12.37
C TYR A 98 6.63 -7.90 11.20
N VAL A 99 7.36 -6.81 11.41
CA VAL A 99 8.22 -6.26 10.37
C VAL A 99 9.30 -7.26 9.98
N SER A 100 9.87 -7.93 10.97
CA SER A 100 10.91 -8.92 10.72
C SER A 100 10.37 -10.08 9.89
N TYR A 101 9.20 -10.59 10.29
CA TYR A 101 8.59 -11.70 9.58
C TYR A 101 8.09 -11.26 8.20
N LEU A 102 7.88 -9.96 8.04
CA LEU A 102 7.42 -9.44 6.76
C LEU A 102 8.58 -9.33 5.79
N ARG A 103 9.70 -8.78 6.26
CA ARG A 103 10.87 -8.64 5.41
C ARG A 103 11.29 -9.99 4.84
N ARG A 104 11.34 -11.00 5.71
CA ARG A 104 11.74 -12.34 5.30
C ARG A 104 10.72 -12.96 4.34
N LYS A 105 9.55 -12.32 4.21
CA LYS A 105 8.51 -12.84 3.33
C LYS A 105 8.62 -12.23 1.94
N ILE A 106 8.80 -10.91 1.89
CA ILE A 106 8.92 -10.22 0.60
C ILE A 106 10.33 -9.66 0.39
N ASP A 107 11.03 -9.36 1.49
CA ASP A 107 12.37 -8.82 1.38
C ASP A 107 13.41 -9.93 1.49
N THR A 108 14.49 -9.80 0.73
CA THR A 108 15.56 -10.79 0.73
C THR A 108 16.60 -10.48 -0.33
N GLY A 109 16.15 -9.82 -1.40
CA GLY A 109 17.05 -9.45 -2.49
C GLY A 109 18.30 -8.75 -1.96
N GLU A 110 19.34 -8.70 -2.79
CA GLU A 110 20.59 -8.06 -2.39
C GLU A 110 20.38 -6.55 -2.26
N LYS A 111 19.22 -6.09 -2.67
CA LYS A 111 18.90 -4.67 -2.60
C LYS A 111 18.19 -4.33 -1.30
N ARG A 112 18.40 -3.11 -0.83
CA ARG A 112 17.79 -2.65 0.41
C ARG A 112 16.47 -1.95 0.10
N LEU A 113 15.57 -1.95 1.07
CA LEU A 113 14.27 -1.31 0.90
C LEU A 113 13.77 -0.74 2.22
N LEU A 114 13.78 -1.56 3.26
CA LEU A 114 13.30 -1.12 4.58
C LEU A 114 14.48 -0.70 5.46
N HIS A 115 14.58 0.59 5.74
CA HIS A 115 15.65 1.10 6.59
C HIS A 115 15.17 1.18 8.03
N THR A 116 15.89 0.50 8.92
CA THR A 116 15.52 0.49 10.34
C THR A 116 16.21 1.62 11.09
N LEU A 117 15.42 2.62 11.49
CA LEU A 117 15.95 3.75 12.24
C LEU A 117 15.78 3.54 13.73
N ARG A 118 16.55 2.60 14.29
CA ARG A 118 16.48 2.29 15.71
C ARG A 118 16.30 3.57 16.53
N GLY A 119 15.26 3.60 17.35
CA GLY A 119 14.99 4.76 18.19
C GLY A 119 13.79 5.54 17.66
N VAL A 120 13.38 5.24 16.44
CA VAL A 120 12.24 5.92 15.84
C VAL A 120 11.28 4.93 15.21
N GLY A 121 11.78 4.15 14.26
CA GLY A 121 10.97 3.15 13.58
C GLY A 121 11.64 2.67 12.30
N TYR A 122 10.84 2.52 11.24
CA TYR A 122 11.39 2.08 9.95
C TYR A 122 10.97 3.03 8.84
N VAL A 123 11.69 2.98 7.73
CA VAL A 123 11.39 3.85 6.60
C VAL A 123 11.63 3.13 5.28
N LEU A 124 10.64 3.17 4.40
CA LEU A 124 10.75 2.52 3.09
C LEU A 124 11.28 3.53 2.07
N ARG A 125 12.20 3.08 1.23
CA ARG A 125 12.76 3.95 0.20
C ARG A 125 13.46 3.13 -0.87
N GLU A 126 13.10 3.40 -2.13
CA GLU A 126 13.69 2.69 -3.25
C GLU A 126 15.13 3.11 -3.45
N PRO A 127 15.93 2.27 -4.06
CA PRO A 127 17.36 2.57 -4.33
C PRO A 127 17.58 4.02 -4.73
N ARG A 128 18.83 4.48 -4.66
CA ARG A 128 19.16 5.85 -5.02
C ARG A 128 19.34 5.99 -6.52
N MET A 1 -31.01 -22.30 3.87
CA MET A 1 -32.42 -21.93 3.52
C MET A 1 -32.66 -22.24 2.06
N GLY A 2 -32.22 -23.42 1.63
CA GLY A 2 -32.40 -23.85 0.25
C GLY A 2 -31.07 -23.83 -0.51
N SER A 3 -31.10 -24.24 -1.77
CA SER A 3 -29.90 -24.27 -2.59
C SER A 3 -29.77 -22.97 -3.39
N SER A 4 -29.22 -23.07 -4.60
CA SER A 4 -29.05 -21.88 -5.44
C SER A 4 -29.02 -22.27 -6.93
N HIS A 5 -28.81 -21.27 -7.79
CA HIS A 5 -28.76 -21.52 -9.23
C HIS A 5 -27.31 -21.52 -9.73
N HIS A 6 -26.38 -21.59 -8.80
CA HIS A 6 -24.96 -21.59 -9.15
C HIS A 6 -24.65 -22.79 -10.05
N HIS A 7 -23.74 -22.60 -10.99
CA HIS A 7 -23.37 -23.68 -11.91
C HIS A 7 -22.24 -23.24 -12.82
N HIS A 8 -22.09 -21.92 -12.98
CA HIS A 8 -21.04 -21.39 -13.83
C HIS A 8 -19.69 -21.42 -13.10
N HIS A 9 -19.49 -20.46 -12.20
CA HIS A 9 -18.24 -20.40 -11.45
C HIS A 9 -18.38 -19.51 -10.22
N HIS A 10 -17.44 -19.63 -9.29
CA HIS A 10 -17.46 -18.83 -8.07
C HIS A 10 -16.10 -18.19 -7.83
N SER A 11 -16.03 -16.87 -8.04
CA SER A 11 -14.78 -16.15 -7.83
C SER A 11 -15.03 -14.65 -7.81
N SER A 12 -15.92 -14.19 -8.69
CA SER A 12 -16.25 -12.77 -8.76
C SER A 12 -17.67 -12.56 -9.29
N GLY A 13 -18.22 -11.38 -9.05
CA GLY A 13 -19.56 -11.07 -9.50
C GLY A 13 -19.53 -9.97 -10.55
N LEU A 14 -18.52 -9.11 -10.49
CA LEU A 14 -18.40 -8.01 -11.45
C LEU A 14 -17.28 -8.31 -12.45
N VAL A 15 -17.64 -8.43 -13.72
CA VAL A 15 -16.67 -8.73 -14.76
C VAL A 15 -17.33 -8.73 -16.15
N PRO A 16 -17.91 -7.63 -16.54
CA PRO A 16 -18.60 -7.51 -17.85
C PRO A 16 -17.62 -7.53 -19.03
N ARG A 17 -17.89 -8.42 -19.98
CA ARG A 17 -17.03 -8.54 -21.17
C ARG A 17 -17.26 -7.35 -22.11
N GLY A 18 -16.20 -6.93 -22.79
CA GLY A 18 -16.31 -5.81 -23.71
C GLY A 18 -15.05 -5.70 -24.58
N SER A 19 -14.44 -6.84 -24.87
CA SER A 19 -13.24 -6.86 -25.69
C SER A 19 -13.44 -6.01 -26.95
N HIS A 20 -14.67 -5.99 -27.44
CA HIS A 20 -15.00 -5.21 -28.64
C HIS A 20 -15.50 -3.82 -28.25
N MET A 21 -15.53 -2.91 -29.22
CA MET A 21 -15.99 -1.54 -28.98
C MET A 21 -15.44 -1.02 -27.66
N LYS A 22 -14.19 -0.56 -27.68
CA LYS A 22 -13.56 -0.02 -26.48
C LYS A 22 -13.45 1.50 -26.56
N GLY A 23 -14.22 2.19 -25.74
CA GLY A 23 -14.20 3.65 -25.73
C GLY A 23 -15.03 4.20 -24.58
N ASN A 24 -14.84 3.63 -23.40
CA ASN A 24 -15.59 4.06 -22.22
C ASN A 24 -14.63 4.72 -21.22
N LYS A 25 -15.03 4.72 -19.94
CA LYS A 25 -14.21 5.32 -18.90
C LYS A 25 -12.85 4.63 -18.83
N GLU A 26 -11.99 5.07 -17.91
CA GLU A 26 -10.67 4.47 -17.75
C GLU A 26 -10.79 3.11 -17.08
N PRO A 27 -9.85 2.23 -17.32
CA PRO A 27 -9.87 0.87 -16.72
C PRO A 27 -10.34 0.91 -15.27
N ARG A 28 -10.96 -0.18 -14.82
CA ARG A 28 -11.46 -0.25 -13.45
C ARG A 28 -10.51 -1.05 -12.57
N ASN A 29 -10.98 -1.44 -11.39
CA ASN A 29 -10.16 -2.21 -10.47
C ASN A 29 -8.87 -1.46 -10.16
N VAL A 30 -8.85 -0.74 -9.04
CA VAL A 30 -7.66 0.00 -8.65
C VAL A 30 -6.67 -0.91 -7.93
N ARG A 31 -5.38 -0.64 -8.13
CA ARG A 31 -4.34 -1.43 -7.50
C ARG A 31 -3.13 -0.56 -7.19
N LEU A 32 -2.53 -0.79 -6.01
CA LEU A 32 -1.38 -0.02 -5.60
C LEU A 32 -0.09 -0.68 -6.09
N THR A 33 0.97 0.10 -6.19
CA THR A 33 2.24 -0.43 -6.66
C THR A 33 3.40 0.12 -5.83
N PHE A 34 4.50 -0.60 -5.83
CA PHE A 34 5.69 -0.20 -5.08
C PHE A 34 6.90 -0.98 -5.58
N ALA A 35 7.97 -0.28 -5.95
CA ALA A 35 9.16 -0.95 -6.45
C ALA A 35 8.74 -2.11 -7.35
N ASP A 36 8.76 -3.32 -6.80
CA ASP A 36 8.34 -4.49 -7.57
C ASP A 36 7.25 -5.23 -6.80
N ILE A 37 6.19 -4.49 -6.46
CA ILE A 37 5.09 -5.07 -5.71
C ILE A 37 3.75 -4.59 -6.27
N GLU A 38 2.71 -5.40 -6.08
CA GLU A 38 1.37 -5.06 -6.55
C GLU A 38 0.32 -5.58 -5.58
N LEU A 39 -0.71 -4.79 -5.34
CA LEU A 39 -1.79 -5.19 -4.43
C LEU A 39 -3.15 -4.77 -4.99
N ASP A 40 -4.13 -5.66 -4.86
CA ASP A 40 -5.47 -5.37 -5.34
C ASP A 40 -6.43 -5.22 -4.16
N GLU A 41 -6.80 -3.98 -3.88
CA GLU A 41 -7.70 -3.70 -2.77
C GLU A 41 -9.09 -4.29 -3.00
N GLU A 42 -9.31 -4.81 -4.20
CA GLU A 42 -10.60 -5.41 -4.53
C GLU A 42 -10.55 -6.93 -4.42
N THR A 43 -9.50 -7.53 -4.97
CA THR A 43 -9.36 -8.98 -4.92
C THR A 43 -8.41 -9.40 -3.80
N HIS A 44 -8.12 -8.46 -2.90
CA HIS A 44 -7.22 -8.74 -1.78
C HIS A 44 -6.12 -9.70 -2.21
N GLU A 45 -5.41 -9.33 -3.27
CA GLU A 45 -4.32 -10.18 -3.77
C GLU A 45 -3.01 -9.41 -3.78
N VAL A 46 -1.91 -10.13 -3.62
CA VAL A 46 -0.60 -9.51 -3.62
C VAL A 46 0.26 -10.07 -4.75
N TRP A 47 1.21 -9.26 -5.22
CA TRP A 47 2.08 -9.70 -6.30
C TRP A 47 3.47 -9.07 -6.15
N LYS A 48 4.48 -9.92 -6.05
CA LYS A 48 5.85 -9.45 -5.91
C LYS A 48 6.74 -10.04 -7.00
N ALA A 49 7.22 -9.19 -7.90
CA ALA A 49 8.08 -9.64 -9.01
C ALA A 49 7.73 -11.06 -9.44
N GLY A 50 6.60 -11.21 -10.10
CA GLY A 50 6.18 -12.52 -10.59
C GLY A 50 6.15 -13.53 -9.44
N GLN A 51 5.97 -13.02 -8.22
CA GLN A 51 5.92 -13.87 -7.04
C GLN A 51 4.70 -13.53 -6.19
N PRO A 52 3.60 -14.21 -6.36
CA PRO A 52 2.36 -13.94 -5.58
C PRO A 52 2.43 -14.54 -4.18
N VAL A 53 2.06 -13.72 -3.19
CA VAL A 53 2.08 -14.17 -1.80
C VAL A 53 0.71 -14.00 -1.17
N SER A 54 0.35 -14.94 -0.29
CA SER A 54 -0.95 -14.90 0.38
C SER A 54 -0.81 -14.23 1.75
N LEU A 55 -1.08 -12.92 1.79
CA LEU A 55 -1.01 -12.19 3.04
C LEU A 55 -2.39 -12.10 3.69
N SER A 56 -2.42 -11.95 5.01
CA SER A 56 -3.68 -11.87 5.74
C SER A 56 -4.17 -10.42 5.80
N PRO A 57 -5.37 -10.21 6.28
CA PRO A 57 -5.96 -8.84 6.40
C PRO A 57 -5.00 -7.87 7.08
N THR A 58 -4.55 -8.23 8.28
CA THR A 58 -3.64 -7.39 9.03
C THR A 58 -2.37 -7.11 8.23
N GLU A 59 -1.80 -8.15 7.62
CA GLU A 59 -0.59 -7.99 6.83
C GLU A 59 -0.84 -7.06 5.65
N PHE A 60 -1.97 -7.26 4.97
CA PHE A 60 -2.32 -6.43 3.83
C PHE A 60 -2.48 -4.98 4.25
N THR A 61 -3.19 -4.76 5.36
CA THR A 61 -3.40 -3.41 5.87
C THR A 61 -2.08 -2.71 6.14
N LEU A 62 -1.17 -3.41 6.81
CA LEU A 62 0.13 -2.83 7.12
C LEU A 62 0.88 -2.44 5.85
N LEU A 63 0.84 -3.32 4.85
CA LEU A 63 1.51 -3.04 3.58
C LEU A 63 0.86 -1.86 2.87
N ARG A 64 -0.47 -1.83 2.88
CA ARG A 64 -1.21 -0.76 2.22
C ARG A 64 -0.80 0.60 2.78
N TYR A 65 -0.69 0.69 4.09
CA TYR A 65 -0.31 1.94 4.74
C TYR A 65 1.11 2.34 4.37
N PHE A 66 2.02 1.36 4.39
CA PHE A 66 3.41 1.61 4.05
C PHE A 66 3.53 2.19 2.63
N VAL A 67 2.76 1.62 1.70
CA VAL A 67 2.80 2.08 0.33
C VAL A 67 2.30 3.53 0.23
N ILE A 68 1.18 3.80 0.88
CA ILE A 68 0.61 5.15 0.86
C ILE A 68 1.62 6.17 1.37
N ASN A 69 2.38 5.77 2.38
CA ASN A 69 3.38 6.66 2.97
C ASN A 69 4.79 6.23 2.57
N ALA A 70 4.89 5.55 1.43
CA ALA A 70 6.20 5.07 0.95
C ALA A 70 7.19 6.23 0.88
N GLY A 71 8.23 6.17 1.70
CA GLY A 71 9.25 7.21 1.71
C GLY A 71 9.25 7.98 3.03
N THR A 72 8.09 8.01 3.69
CA THR A 72 7.97 8.72 4.96
C THR A 72 8.26 7.78 6.13
N VAL A 73 9.14 8.21 7.03
CA VAL A 73 9.48 7.38 8.18
C VAL A 73 8.29 7.27 9.12
N LEU A 74 7.92 6.03 9.45
CA LEU A 74 6.80 5.78 10.34
C LEU A 74 7.30 5.61 11.76
N SER A 75 6.38 5.61 12.72
CA SER A 75 6.75 5.45 14.12
C SER A 75 6.24 4.13 14.67
N LYS A 76 7.00 3.57 15.60
CA LYS A 76 6.64 2.31 16.22
C LYS A 76 5.25 2.37 16.86
N PRO A 77 5.04 3.33 17.74
CA PRO A 77 3.72 3.48 18.43
C PRO A 77 2.60 3.85 17.48
N LYS A 78 2.94 4.56 16.40
CA LYS A 78 1.94 4.97 15.43
C LYS A 78 1.45 3.75 14.64
N ILE A 79 2.38 2.94 14.18
CA ILE A 79 2.03 1.74 13.42
C ILE A 79 1.16 0.83 14.28
N LEU A 80 1.50 0.76 15.56
CA LEU A 80 0.76 -0.08 16.50
C LEU A 80 -0.70 0.35 16.59
N ASP A 81 -0.92 1.62 16.92
CA ASP A 81 -2.27 2.16 17.05
C ASP A 81 -2.95 2.25 15.68
N HIS A 82 -2.15 2.19 14.61
CA HIS A 82 -2.71 2.28 13.27
C HIS A 82 -3.46 0.99 12.93
N VAL A 83 -2.85 -0.15 13.24
CA VAL A 83 -3.47 -1.44 12.96
C VAL A 83 -4.44 -1.83 14.08
N TRP A 84 -3.96 -1.84 15.31
CA TRP A 84 -4.80 -2.21 16.45
C TRP A 84 -5.96 -1.24 16.60
N ARG A 85 -5.98 -0.21 15.75
CA ARG A 85 -7.04 0.79 15.81
C ARG A 85 -8.40 0.12 15.96
N TYR A 86 -8.43 -1.19 15.78
CA TYR A 86 -9.68 -1.94 15.89
C TYR A 86 -9.69 -2.74 17.19
N ASP A 87 -8.96 -2.25 18.19
CA ASP A 87 -8.89 -2.92 19.48
C ASP A 87 -7.73 -2.36 20.31
N PHE A 88 -7.48 -2.97 21.47
CA PHE A 88 -6.40 -2.52 22.34
C PHE A 88 -5.12 -3.29 22.05
N GLY A 89 -4.05 -2.56 21.77
CA GLY A 89 -2.76 -3.19 21.47
C GLY A 89 -1.64 -2.54 22.28
N GLY A 90 -1.20 -3.22 23.33
CA GLY A 90 -0.14 -2.71 24.18
C GLY A 90 1.12 -3.55 24.04
N ASP A 91 1.65 -3.62 22.82
CA ASP A 91 2.84 -4.41 22.57
C ASP A 91 3.67 -3.79 21.43
N VAL A 92 4.73 -3.08 21.81
CA VAL A 92 5.60 -2.45 20.83
C VAL A 92 6.68 -3.41 20.36
N ASN A 93 6.64 -4.63 20.86
CA ASN A 93 7.64 -5.64 20.48
C ASN A 93 7.10 -6.52 19.36
N VAL A 94 5.79 -6.70 19.34
CA VAL A 94 5.16 -7.53 18.32
C VAL A 94 5.36 -6.90 16.94
N VAL A 95 5.27 -5.58 16.87
CA VAL A 95 5.46 -4.88 15.60
C VAL A 95 6.85 -5.14 15.04
N GLU A 96 7.87 -4.97 15.89
CA GLU A 96 9.25 -5.20 15.45
C GLU A 96 9.40 -6.62 14.93
N SER A 97 8.84 -7.58 15.66
CA SER A 97 8.92 -8.98 15.27
C SER A 97 8.27 -9.20 13.90
N TYR A 98 7.08 -8.63 13.72
CA TYR A 98 6.36 -8.77 12.47
C TYR A 98 7.10 -8.07 11.32
N VAL A 99 7.66 -6.90 11.63
CA VAL A 99 8.40 -6.14 10.61
C VAL A 99 9.58 -6.97 10.09
N SER A 100 10.26 -7.65 11.00
CA SER A 100 11.39 -8.47 10.63
C SER A 100 10.94 -9.68 9.82
N TYR A 101 9.86 -10.31 10.28
CA TYR A 101 9.32 -11.47 9.59
C TYR A 101 8.67 -11.04 8.29
N LEU A 102 8.51 -9.72 8.11
CA LEU A 102 7.90 -9.20 6.90
C LEU A 102 8.94 -9.14 5.79
N ARG A 103 10.04 -8.44 6.04
CA ARG A 103 11.09 -8.32 5.05
C ARG A 103 11.59 -9.71 4.62
N ARG A 104 11.72 -10.60 5.60
CA ARG A 104 12.17 -11.96 5.32
C ARG A 104 11.15 -12.73 4.48
N LYS A 105 9.94 -12.17 4.36
CA LYS A 105 8.89 -12.84 3.59
C LYS A 105 8.86 -12.38 2.14
N ILE A 106 9.16 -11.11 1.91
CA ILE A 106 9.15 -10.57 0.56
C ILE A 106 10.54 -10.10 0.16
N ASP A 107 11.36 -9.78 1.15
CA ASP A 107 12.72 -9.32 0.90
C ASP A 107 13.71 -10.46 1.04
N THR A 108 14.84 -10.36 0.34
CA THR A 108 15.87 -11.39 0.40
C THR A 108 17.10 -10.97 -0.39
N GLY A 109 16.89 -10.16 -1.42
CA GLY A 109 18.01 -9.70 -2.25
C GLY A 109 18.99 -8.88 -1.42
N GLU A 110 20.26 -8.95 -1.79
CA GLU A 110 21.30 -8.20 -1.08
C GLU A 110 20.95 -6.72 -1.05
N LYS A 111 19.88 -6.36 -1.75
CA LYS A 111 19.44 -4.97 -1.80
C LYS A 111 18.39 -4.70 -0.72
N ARG A 112 18.71 -3.82 0.21
CA ARG A 112 17.78 -3.50 1.29
C ARG A 112 16.74 -2.48 0.83
N LEU A 113 15.49 -2.79 1.10
CA LEU A 113 14.39 -1.91 0.73
C LEU A 113 14.12 -0.89 1.83
N LEU A 114 13.45 -1.33 2.89
CA LEU A 114 13.13 -0.44 4.00
C LEU A 114 14.29 -0.36 4.99
N HIS A 115 14.43 0.80 5.61
CA HIS A 115 15.49 1.00 6.59
C HIS A 115 14.89 1.12 7.99
N THR A 116 15.60 0.58 8.98
CA THR A 116 15.11 0.64 10.36
C THR A 116 15.83 1.72 11.15
N LEU A 117 15.08 2.72 11.58
CA LEU A 117 15.65 3.82 12.36
C LEU A 117 15.47 3.57 13.85
N ARG A 118 16.23 2.63 14.39
CA ARG A 118 16.15 2.30 15.81
C ARG A 118 15.97 3.55 16.64
N GLY A 119 14.84 3.64 17.34
CA GLY A 119 14.55 4.80 18.17
C GLY A 119 13.31 5.53 17.66
N VAL A 120 13.04 5.37 16.36
CA VAL A 120 11.89 6.03 15.75
C VAL A 120 10.96 5.00 15.11
N GLY A 121 11.49 4.21 14.18
CA GLY A 121 10.69 3.20 13.51
C GLY A 121 11.36 2.72 12.23
N TYR A 122 10.57 2.58 11.16
CA TYR A 122 11.10 2.12 9.88
C TYR A 122 10.69 3.06 8.75
N VAL A 123 11.41 2.98 7.64
CA VAL A 123 11.13 3.82 6.49
C VAL A 123 11.26 3.02 5.19
N LEU A 124 10.29 3.18 4.30
CA LEU A 124 10.31 2.46 3.04
C LEU A 124 11.01 3.29 1.96
N ARG A 125 12.13 2.79 1.45
CA ARG A 125 12.87 3.51 0.41
C ARG A 125 13.86 2.58 -0.29
N GLU A 126 13.67 2.37 -1.59
CA GLU A 126 14.57 1.51 -2.35
C GLU A 126 16.01 1.97 -2.18
N PRO A 127 16.96 1.07 -2.36
CA PRO A 127 18.41 1.41 -2.22
C PRO A 127 18.74 2.78 -2.80
N ARG A 128 19.49 3.57 -2.04
CA ARG A 128 19.87 4.90 -2.47
C ARG A 128 21.34 5.16 -2.18
N MET A 1 -12.02 41.26 -24.90
CA MET A 1 -13.04 41.11 -23.83
C MET A 1 -14.42 40.98 -24.45
N GLY A 2 -14.53 41.32 -25.73
CA GLY A 2 -15.81 41.24 -26.43
C GLY A 2 -16.47 39.88 -26.19
N SER A 3 -15.77 38.82 -26.56
CA SER A 3 -16.30 37.46 -26.38
C SER A 3 -17.62 37.29 -27.12
N SER A 4 -17.67 37.78 -28.36
CA SER A 4 -18.88 37.67 -29.18
C SER A 4 -19.58 36.35 -28.91
N HIS A 5 -19.25 35.36 -29.73
CA HIS A 5 -19.84 34.03 -29.59
C HIS A 5 -18.78 33.03 -29.15
N HIS A 6 -19.15 32.13 -28.25
CA HIS A 6 -18.20 31.14 -27.76
C HIS A 6 -18.64 29.74 -28.17
N HIS A 7 -17.98 28.73 -27.63
CA HIS A 7 -18.32 27.35 -27.96
C HIS A 7 -17.71 26.37 -26.98
N HIS A 8 -18.32 25.18 -26.89
CA HIS A 8 -17.83 24.13 -26.00
C HIS A 8 -17.28 22.97 -26.80
N HIS A 9 -16.64 22.03 -26.11
CA HIS A 9 -16.06 20.88 -26.76
C HIS A 9 -16.88 19.63 -26.51
N HIS A 10 -16.36 18.48 -26.94
CA HIS A 10 -17.04 17.20 -26.75
C HIS A 10 -18.45 17.26 -27.35
N SER A 11 -18.97 16.09 -27.72
CA SER A 11 -20.30 16.01 -28.31
C SER A 11 -20.73 14.55 -28.49
N SER A 12 -19.75 13.65 -28.43
CA SER A 12 -20.04 12.22 -28.59
C SER A 12 -21.15 12.00 -29.60
N GLY A 13 -21.15 12.81 -30.66
CA GLY A 13 -22.17 12.69 -31.70
C GLY A 13 -22.98 13.98 -31.82
N LEU A 14 -23.32 14.34 -33.06
CA LEU A 14 -24.09 15.54 -33.30
C LEU A 14 -25.19 15.29 -34.33
N VAL A 15 -26.18 14.48 -33.94
CA VAL A 15 -27.28 14.15 -34.85
C VAL A 15 -28.61 14.21 -34.10
N PRO A 16 -29.68 14.56 -34.78
CA PRO A 16 -31.04 14.65 -34.16
C PRO A 16 -31.30 13.49 -33.19
N ARG A 17 -32.22 13.70 -32.25
CA ARG A 17 -32.56 12.68 -31.27
C ARG A 17 -31.31 12.20 -30.54
N GLY A 18 -31.08 12.75 -29.35
CA GLY A 18 -29.91 12.37 -28.56
C GLY A 18 -30.09 10.98 -27.95
N SER A 19 -29.25 10.05 -28.36
CA SER A 19 -29.31 8.68 -27.84
C SER A 19 -28.48 8.53 -26.58
N HIS A 20 -28.69 7.43 -25.86
CA HIS A 20 -27.95 7.18 -24.62
C HIS A 20 -28.19 5.75 -24.13
N MET A 21 -27.56 4.79 -24.80
CA MET A 21 -27.72 3.39 -24.42
C MET A 21 -27.00 3.10 -23.11
N LYS A 22 -26.71 4.16 -22.35
CA LYS A 22 -26.03 4.02 -21.08
C LYS A 22 -24.57 3.59 -21.29
N GLY A 23 -23.67 4.19 -20.53
CA GLY A 23 -22.25 3.87 -20.64
C GLY A 23 -21.41 4.66 -19.65
N ASN A 24 -20.94 3.99 -18.60
CA ASN A 24 -20.14 4.65 -17.58
C ASN A 24 -18.81 3.93 -17.38
N LYS A 25 -18.42 3.12 -18.36
CA LYS A 25 -17.16 2.38 -18.27
C LYS A 25 -17.05 1.68 -16.92
N GLU A 26 -15.82 1.44 -16.49
CA GLU A 26 -15.59 0.77 -15.21
C GLU A 26 -14.37 1.36 -14.49
N PRO A 27 -14.50 2.55 -13.97
CA PRO A 27 -13.40 3.24 -13.25
C PRO A 27 -13.26 2.73 -11.81
N ARG A 28 -13.62 1.46 -11.60
CA ARG A 28 -13.53 0.86 -10.28
C ARG A 28 -12.44 -0.20 -10.26
N ASN A 29 -11.21 0.22 -10.00
CA ASN A 29 -10.09 -0.70 -9.95
C ASN A 29 -8.81 0.04 -9.56
N VAL A 30 -8.63 0.26 -8.26
CA VAL A 30 -7.44 0.94 -7.77
C VAL A 30 -6.35 -0.07 -7.41
N ARG A 31 -5.23 0.01 -8.11
CA ARG A 31 -4.11 -0.90 -7.86
C ARG A 31 -2.86 -0.12 -7.46
N LEU A 32 -2.32 -0.45 -6.30
CA LEU A 32 -1.12 0.22 -5.80
C LEU A 32 0.15 -0.50 -6.27
N THR A 33 1.26 0.22 -6.32
CA THR A 33 2.53 -0.37 -6.74
C THR A 33 3.69 0.20 -5.93
N PHE A 34 4.82 -0.50 -5.98
CA PHE A 34 6.02 -0.08 -5.25
C PHE A 34 7.22 -0.88 -5.74
N ALA A 35 8.34 -0.21 -5.99
CA ALA A 35 9.54 -0.90 -6.48
C ALA A 35 9.13 -2.04 -7.39
N ASP A 36 9.11 -3.26 -6.85
CA ASP A 36 8.70 -4.42 -7.61
C ASP A 36 7.59 -5.13 -6.87
N ILE A 37 6.55 -4.36 -6.52
CA ILE A 37 5.42 -4.89 -5.79
C ILE A 37 4.12 -4.37 -6.37
N GLU A 38 3.04 -5.14 -6.19
CA GLU A 38 1.74 -4.73 -6.68
C GLU A 38 0.63 -5.20 -5.75
N LEU A 39 -0.43 -4.41 -5.65
CA LEU A 39 -1.55 -4.75 -4.78
C LEU A 39 -2.87 -4.38 -5.46
N ASP A 40 -3.83 -5.30 -5.40
CA ASP A 40 -5.14 -5.06 -6.00
C ASP A 40 -6.20 -4.95 -4.91
N GLU A 41 -6.70 -3.74 -4.72
CA GLU A 41 -7.74 -3.51 -3.71
C GLU A 41 -9.03 -4.25 -4.08
N GLU A 42 -9.11 -4.65 -5.34
CA GLU A 42 -10.30 -5.35 -5.82
C GLU A 42 -10.25 -6.82 -5.42
N THR A 43 -9.14 -7.48 -5.74
CA THR A 43 -8.97 -8.90 -5.42
C THR A 43 -8.10 -9.07 -4.18
N HIS A 44 -7.84 -7.96 -3.49
CA HIS A 44 -7.02 -7.99 -2.29
C HIS A 44 -5.88 -9.01 -2.45
N GLU A 45 -5.12 -8.87 -3.52
CA GLU A 45 -4.00 -9.78 -3.77
C GLU A 45 -2.69 -9.00 -3.83
N VAL A 46 -1.58 -9.72 -3.65
CA VAL A 46 -0.28 -9.08 -3.68
C VAL A 46 0.63 -9.77 -4.71
N TRP A 47 1.53 -9.01 -5.31
CA TRP A 47 2.45 -9.56 -6.30
C TRP A 47 3.82 -8.88 -6.21
N LYS A 48 4.86 -9.69 -6.11
CA LYS A 48 6.22 -9.17 -6.01
C LYS A 48 7.12 -9.83 -7.05
N ALA A 49 7.59 -9.02 -8.01
CA ALA A 49 8.46 -9.52 -9.07
C ALA A 49 8.14 -10.98 -9.39
N GLY A 50 6.92 -11.21 -9.87
CA GLY A 50 6.50 -12.57 -10.23
C GLY A 50 6.47 -13.48 -9.00
N GLN A 51 6.20 -12.89 -7.84
CA GLN A 51 6.15 -13.65 -6.60
C GLN A 51 4.89 -13.28 -5.80
N PRO A 52 3.81 -14.00 -5.97
CA PRO A 52 2.54 -13.71 -5.25
C PRO A 52 2.54 -14.27 -3.84
N VAL A 53 2.00 -13.50 -2.91
CA VAL A 53 1.94 -13.91 -1.50
C VAL A 53 0.54 -13.76 -0.95
N SER A 54 0.04 -14.81 -0.31
CA SER A 54 -1.29 -14.79 0.26
C SER A 54 -1.24 -14.37 1.74
N LEU A 55 -1.27 -13.07 1.99
CA LEU A 55 -1.23 -12.56 3.34
C LEU A 55 -2.63 -12.30 3.87
N SER A 56 -2.78 -12.34 5.19
CA SER A 56 -4.08 -12.10 5.81
C SER A 56 -4.37 -10.61 5.87
N PRO A 57 -5.58 -10.24 6.19
CA PRO A 57 -5.99 -8.81 6.28
C PRO A 57 -5.00 -7.98 7.10
N THR A 58 -4.60 -8.52 8.25
CA THR A 58 -3.67 -7.83 9.13
C THR A 58 -2.40 -7.42 8.37
N GLU A 59 -1.66 -8.41 7.89
CA GLU A 59 -0.43 -8.15 7.16
C GLU A 59 -0.72 -7.30 5.93
N PHE A 60 -1.87 -7.55 5.30
CA PHE A 60 -2.26 -6.82 4.10
C PHE A 60 -2.37 -5.33 4.42
N THR A 61 -3.06 -4.99 5.51
CA THR A 61 -3.24 -3.60 5.90
C THR A 61 -1.89 -2.94 6.16
N LEU A 62 -0.98 -3.67 6.80
CA LEU A 62 0.34 -3.13 7.10
C LEU A 62 1.07 -2.75 5.82
N LEU A 63 1.06 -3.64 4.84
CA LEU A 63 1.73 -3.38 3.58
C LEU A 63 1.07 -2.21 2.84
N ARG A 64 -0.27 -2.17 2.87
CA ARG A 64 -1.01 -1.10 2.20
C ARG A 64 -0.59 0.27 2.74
N TYR A 65 -0.53 0.38 4.06
CA TYR A 65 -0.15 1.64 4.69
C TYR A 65 1.32 1.96 4.41
N PHE A 66 2.16 0.94 4.44
CA PHE A 66 3.59 1.13 4.19
C PHE A 66 3.81 1.78 2.82
N VAL A 67 3.08 1.30 1.82
CA VAL A 67 3.20 1.84 0.47
C VAL A 67 2.62 3.25 0.39
N ILE A 68 1.43 3.42 0.96
CA ILE A 68 0.77 4.72 0.94
C ILE A 68 1.68 5.81 1.50
N ASN A 69 2.49 5.45 2.48
CA ASN A 69 3.40 6.40 3.10
C ASN A 69 4.85 6.12 2.69
N ALA A 70 5.02 5.43 1.58
CA ALA A 70 6.36 5.10 1.09
C ALA A 70 7.23 6.36 1.02
N GLY A 71 8.40 6.31 1.67
CA GLY A 71 9.30 7.45 1.67
C GLY A 71 9.24 8.20 2.99
N THR A 72 8.06 8.22 3.60
CA THR A 72 7.88 8.90 4.88
C THR A 72 8.22 7.96 6.04
N VAL A 73 9.01 8.48 6.98
CA VAL A 73 9.41 7.68 8.14
C VAL A 73 8.22 7.41 9.05
N LEU A 74 7.97 6.13 9.34
CA LEU A 74 6.86 5.76 10.22
C LEU A 74 7.37 5.53 11.63
N SER A 75 6.46 5.56 12.60
CA SER A 75 6.83 5.35 14.00
C SER A 75 6.28 4.03 14.52
N LYS A 76 7.02 3.41 15.43
CA LYS A 76 6.61 2.14 16.01
C LYS A 76 5.24 2.26 16.69
N PRO A 77 5.10 3.16 17.63
CA PRO A 77 3.81 3.34 18.36
C PRO A 77 2.69 3.78 17.43
N LYS A 78 3.03 4.58 16.43
CA LYS A 78 2.04 5.06 15.47
C LYS A 78 1.47 3.89 14.67
N ILE A 79 2.36 3.12 14.05
CA ILE A 79 1.93 1.97 13.26
C ILE A 79 1.01 1.08 14.08
N LEU A 80 1.33 0.93 15.36
CA LEU A 80 0.53 0.11 16.25
C LEU A 80 -0.89 0.66 16.35
N ASP A 81 -1.03 1.83 16.97
CA ASP A 81 -2.35 2.45 17.12
C ASP A 81 -3.08 2.50 15.77
N HIS A 82 -2.31 2.50 14.69
CA HIS A 82 -2.90 2.56 13.36
C HIS A 82 -3.58 1.24 13.00
N VAL A 83 -2.83 0.15 13.09
CA VAL A 83 -3.35 -1.17 12.76
C VAL A 83 -4.10 -1.78 13.94
N TRP A 84 -3.41 -1.94 15.06
CA TRP A 84 -4.02 -2.53 16.24
C TRP A 84 -5.32 -1.83 16.61
N ARG A 85 -5.64 -0.76 15.88
CA ARG A 85 -6.86 -0.01 16.14
C ARG A 85 -8.09 -0.89 15.94
N TYR A 86 -7.86 -2.15 15.57
CA TYR A 86 -8.96 -3.09 15.36
C TYR A 86 -8.84 -4.27 16.31
N ASP A 87 -7.95 -4.16 17.28
CA ASP A 87 -7.75 -5.23 18.26
C ASP A 87 -6.63 -4.86 19.23
N PHE A 88 -6.99 -4.61 20.48
CA PHE A 88 -6.01 -4.26 21.50
C PHE A 88 -5.42 -5.51 22.14
N GLY A 89 -4.14 -5.76 21.86
CA GLY A 89 -3.46 -6.92 22.41
C GLY A 89 -2.13 -7.16 21.71
N GLY A 90 -1.31 -6.11 21.65
CA GLY A 90 0.00 -6.21 21.00
C GLY A 90 0.95 -5.16 21.56
N ASP A 91 1.82 -5.60 22.47
CA ASP A 91 2.79 -4.69 23.08
C ASP A 91 3.55 -3.91 22.01
N VAL A 92 4.54 -3.16 22.45
CA VAL A 92 5.35 -2.36 21.54
C VAL A 92 6.49 -3.19 20.95
N ASN A 93 6.71 -4.37 21.53
CA ASN A 93 7.77 -5.25 21.06
C ASN A 93 7.24 -6.21 20.01
N VAL A 94 5.92 -6.35 19.98
CA VAL A 94 5.28 -7.25 19.02
C VAL A 94 5.48 -6.75 17.58
N VAL A 95 5.43 -5.44 17.40
CA VAL A 95 5.60 -4.85 16.07
C VAL A 95 6.96 -5.24 15.50
N GLU A 96 8.00 -5.12 16.31
CA GLU A 96 9.35 -5.45 15.87
C GLU A 96 9.42 -6.93 15.47
N SER A 97 8.87 -7.79 16.32
CA SER A 97 8.88 -9.22 16.05
C SER A 97 8.14 -9.52 14.75
N TYR A 98 7.01 -8.85 14.55
CA TYR A 98 6.21 -9.05 13.35
C TYR A 98 6.92 -8.48 12.12
N VAL A 99 7.57 -7.33 12.29
CA VAL A 99 8.29 -6.70 11.18
C VAL A 99 9.41 -7.61 10.70
N SER A 100 10.15 -8.19 11.65
CA SER A 100 11.24 -9.09 11.31
C SER A 100 10.74 -10.29 10.51
N TYR A 101 9.64 -10.90 10.98
CA TYR A 101 9.07 -12.06 10.31
C TYR A 101 8.57 -11.66 8.93
N LEU A 102 8.11 -10.42 8.81
CA LEU A 102 7.61 -9.91 7.55
C LEU A 102 8.77 -9.72 6.56
N ARG A 103 9.87 -9.18 7.07
CA ARG A 103 11.05 -8.95 6.24
C ARG A 103 11.48 -10.26 5.58
N ARG A 104 11.48 -11.34 6.35
CA ARG A 104 11.87 -12.64 5.84
C ARG A 104 10.85 -13.18 4.84
N LYS A 105 9.60 -12.74 4.97
CA LYS A 105 8.54 -13.21 4.08
C LYS A 105 8.35 -12.29 2.89
N ILE A 106 8.79 -11.04 3.01
CA ILE A 106 8.63 -10.08 1.92
C ILE A 106 9.98 -9.68 1.33
N ASP A 107 11.02 -9.66 2.16
CA ASP A 107 12.35 -9.31 1.69
C ASP A 107 13.24 -10.54 1.62
N THR A 108 13.98 -10.67 0.53
CA THR A 108 14.88 -11.81 0.36
C THR A 108 15.97 -11.48 -0.66
N GLY A 109 16.21 -10.19 -0.86
CA GLY A 109 17.23 -9.76 -1.81
C GLY A 109 18.24 -8.82 -1.15
N GLU A 110 19.34 -8.57 -1.85
CA GLU A 110 20.39 -7.69 -1.33
C GLU A 110 19.90 -6.24 -1.32
N LYS A 111 18.78 -6.00 -2.00
CA LYS A 111 18.22 -4.65 -2.05
C LYS A 111 17.20 -4.49 -0.93
N ARG A 112 17.58 -3.73 0.09
CA ARG A 112 16.70 -3.50 1.22
C ARG A 112 15.82 -2.27 0.99
N LEU A 113 14.53 -2.50 0.79
CA LEU A 113 13.60 -1.40 0.56
C LEU A 113 13.03 -0.90 1.88
N LEU A 114 13.38 -1.60 2.97
CA LEU A 114 12.90 -1.23 4.29
C LEU A 114 14.05 -0.82 5.19
N HIS A 115 14.19 0.48 5.43
CA HIS A 115 15.27 0.98 6.28
C HIS A 115 14.79 1.14 7.72
N THR A 116 15.48 0.50 8.65
CA THR A 116 15.10 0.58 10.06
C THR A 116 15.91 1.65 10.79
N LEU A 117 15.20 2.64 11.31
CA LEU A 117 15.84 3.72 12.05
C LEU A 117 15.77 3.45 13.55
N ARG A 118 16.60 2.53 14.02
CA ARG A 118 16.64 2.17 15.44
C ARG A 118 16.48 3.41 16.31
N GLY A 119 15.36 3.47 17.04
CA GLY A 119 15.10 4.59 17.92
C GLY A 119 13.95 5.45 17.40
N VAL A 120 13.66 5.33 16.10
CA VAL A 120 12.58 6.10 15.50
C VAL A 120 11.51 5.18 14.90
N GLY A 121 11.90 4.36 13.94
CA GLY A 121 10.97 3.44 13.29
C GLY A 121 11.54 2.89 11.99
N TYR A 122 10.70 2.79 10.97
CA TYR A 122 11.14 2.26 9.68
C TYR A 122 10.75 3.22 8.55
N VAL A 123 11.53 3.19 7.46
CA VAL A 123 11.26 4.05 6.32
C VAL A 123 11.48 3.31 5.00
N LEU A 124 10.53 3.42 4.08
CA LEU A 124 10.65 2.76 2.80
C LEU A 124 11.29 3.69 1.78
N ARG A 125 12.12 3.13 0.89
CA ARG A 125 12.79 3.94 -0.12
C ARG A 125 13.33 3.06 -1.24
N GLU A 126 13.19 3.55 -2.48
CA GLU A 126 13.66 2.81 -3.65
C GLU A 126 15.12 3.20 -3.97
N PRO A 127 15.86 2.30 -4.56
CA PRO A 127 17.29 2.56 -4.93
C PRO A 127 17.48 3.97 -5.51
N ARG A 128 18.41 4.71 -4.94
CA ARG A 128 18.69 6.07 -5.40
C ARG A 128 17.39 6.77 -5.78
N MET A 1 -26.61 38.25 -44.24
CA MET A 1 -25.29 38.60 -43.63
C MET A 1 -25.14 37.86 -42.30
N GLY A 2 -24.07 37.09 -42.18
CA GLY A 2 -23.82 36.33 -40.96
C GLY A 2 -23.93 34.84 -41.24
N SER A 3 -23.63 34.02 -40.23
CA SER A 3 -23.72 32.58 -40.42
C SER A 3 -23.72 31.85 -39.08
N SER A 4 -24.07 30.57 -39.14
CA SER A 4 -24.12 29.73 -37.96
C SER A 4 -22.96 28.75 -37.98
N HIS A 5 -22.21 28.72 -36.89
CA HIS A 5 -21.05 27.83 -36.79
C HIS A 5 -21.45 26.39 -37.12
N HIS A 6 -21.55 26.10 -38.42
CA HIS A 6 -21.91 24.78 -38.87
C HIS A 6 -20.96 23.75 -38.29
N HIS A 7 -21.48 22.57 -37.98
CA HIS A 7 -20.65 21.51 -37.43
C HIS A 7 -20.56 20.35 -38.41
N HIS A 8 -19.55 19.51 -38.24
CA HIS A 8 -19.37 18.35 -39.12
C HIS A 8 -18.36 17.39 -38.53
N HIS A 9 -17.59 17.88 -37.57
CA HIS A 9 -16.57 17.07 -36.92
C HIS A 9 -17.01 16.67 -35.52
N HIS A 10 -17.34 17.66 -34.71
CA HIS A 10 -17.78 17.41 -33.34
C HIS A 10 -18.95 16.44 -33.32
N SER A 11 -19.75 16.45 -34.38
CA SER A 11 -20.91 15.57 -34.49
C SER A 11 -20.88 14.78 -35.79
N SER A 12 -21.91 13.98 -36.00
CA SER A 12 -21.99 13.18 -37.22
C SER A 12 -20.74 12.32 -37.37
N GLY A 13 -20.65 11.61 -38.50
CA GLY A 13 -19.51 10.75 -38.76
C GLY A 13 -19.40 9.67 -37.69
N LEU A 14 -18.52 8.69 -37.91
CA LEU A 14 -18.32 7.61 -36.95
C LEU A 14 -17.42 8.04 -35.81
N VAL A 15 -18.02 8.42 -34.69
CA VAL A 15 -17.27 8.86 -33.51
C VAL A 15 -15.93 8.11 -33.43
N PRO A 16 -14.86 8.70 -33.90
CA PRO A 16 -13.51 8.05 -33.88
C PRO A 16 -12.81 8.25 -32.54
N ARG A 17 -12.99 9.45 -31.96
CA ARG A 17 -12.37 9.76 -30.68
C ARG A 17 -13.37 9.60 -29.54
N GLY A 18 -13.21 8.51 -28.79
CA GLY A 18 -14.10 8.23 -27.66
C GLY A 18 -13.78 6.87 -27.05
N SER A 19 -13.07 6.89 -25.93
CA SER A 19 -12.70 5.65 -25.24
C SER A 19 -12.72 5.86 -23.73
N HIS A 20 -13.80 5.45 -23.09
CA HIS A 20 -13.91 5.62 -21.65
C HIS A 20 -13.41 7.00 -21.24
N MET A 21 -14.31 7.96 -21.23
CA MET A 21 -13.96 9.33 -20.87
C MET A 21 -13.41 9.38 -19.44
N LYS A 22 -12.44 10.26 -19.22
CA LYS A 22 -11.84 10.40 -17.91
C LYS A 22 -12.90 10.38 -16.82
N GLY A 23 -13.04 9.25 -16.13
CA GLY A 23 -14.01 9.14 -15.06
C GLY A 23 -13.80 10.22 -14.02
N ASN A 24 -14.67 11.22 -14.03
CA ASN A 24 -14.57 12.33 -13.08
C ASN A 24 -14.82 11.85 -11.66
N LYS A 25 -15.51 10.73 -11.53
CA LYS A 25 -15.81 10.18 -10.21
C LYS A 25 -16.34 8.76 -10.35
N GLU A 26 -15.57 7.92 -11.04
CA GLU A 26 -15.97 6.53 -11.25
C GLU A 26 -14.74 5.64 -11.46
N PRO A 27 -13.93 5.52 -10.44
CA PRO A 27 -12.70 4.68 -10.49
C PRO A 27 -12.94 3.30 -11.12
N ARG A 28 -11.90 2.48 -11.14
CA ARG A 28 -12.01 1.13 -11.71
C ARG A 28 -10.82 0.28 -11.30
N ASN A 29 -11.08 -0.81 -10.60
CA ASN A 29 -10.02 -1.70 -10.14
C ASN A 29 -8.78 -0.90 -9.73
N VAL A 30 -8.68 -0.61 -8.45
CA VAL A 30 -7.54 0.14 -7.95
C VAL A 30 -6.42 -0.80 -7.52
N ARG A 31 -5.26 -0.65 -8.16
CA ARG A 31 -4.11 -1.49 -7.86
C ARG A 31 -2.91 -0.64 -7.50
N LEU A 32 -2.39 -0.85 -6.29
CA LEU A 32 -1.23 -0.10 -5.83
C LEU A 32 0.06 -0.83 -6.16
N THR A 33 1.14 -0.08 -6.31
CA THR A 33 2.42 -0.69 -6.64
C THR A 33 3.56 -0.03 -5.87
N PHE A 34 4.68 -0.73 -5.77
CA PHE A 34 5.85 -0.22 -5.07
C PHE A 34 7.07 -1.07 -5.42
N ALA A 35 8.22 -0.42 -5.59
CA ALA A 35 9.44 -1.15 -5.94
C ALA A 35 9.10 -2.32 -6.86
N ASP A 36 9.15 -3.53 -6.32
CA ASP A 36 8.81 -4.71 -7.11
C ASP A 36 7.69 -5.47 -6.41
N ILE A 37 6.62 -4.75 -6.11
CA ILE A 37 5.47 -5.34 -5.44
C ILE A 37 4.18 -4.84 -6.05
N GLU A 38 3.10 -5.60 -5.87
CA GLU A 38 1.80 -5.20 -6.40
C GLU A 38 0.69 -5.60 -5.45
N LEU A 39 -0.33 -4.75 -5.35
CA LEU A 39 -1.46 -5.01 -4.46
C LEU A 39 -2.78 -4.65 -5.15
N ASP A 40 -3.76 -5.53 -5.05
CA ASP A 40 -5.06 -5.30 -5.67
C ASP A 40 -6.13 -5.05 -4.60
N GLU A 41 -6.53 -3.79 -4.46
CA GLU A 41 -7.54 -3.42 -3.48
C GLU A 41 -8.90 -4.03 -3.81
N GLU A 42 -9.04 -4.54 -5.02
CA GLU A 42 -10.30 -5.15 -5.44
C GLU A 42 -10.26 -6.66 -5.23
N THR A 43 -9.18 -7.29 -5.67
CA THR A 43 -9.04 -8.73 -5.52
C THR A 43 -8.23 -9.06 -4.27
N HIS A 44 -7.94 -8.03 -3.47
CA HIS A 44 -7.17 -8.23 -2.25
C HIS A 44 -6.08 -9.27 -2.44
N GLU A 45 -5.27 -9.10 -3.49
CA GLU A 45 -4.19 -10.02 -3.78
C GLU A 45 -2.85 -9.29 -3.76
N VAL A 46 -1.77 -10.05 -3.54
CA VAL A 46 -0.43 -9.46 -3.51
C VAL A 46 0.47 -10.13 -4.53
N TRP A 47 1.44 -9.39 -5.02
CA TRP A 47 2.37 -9.92 -6.02
C TRP A 47 3.76 -9.33 -5.82
N LYS A 48 4.76 -10.18 -5.65
CA LYS A 48 6.12 -9.73 -5.45
C LYS A 48 7.04 -10.35 -6.50
N ALA A 49 7.65 -9.50 -7.33
CA ALA A 49 8.55 -9.96 -8.38
C ALA A 49 8.15 -11.35 -8.90
N GLY A 50 6.94 -11.46 -9.42
CA GLY A 50 6.45 -12.73 -9.96
C GLY A 50 6.29 -13.78 -8.87
N GLN A 51 6.11 -13.33 -7.63
CA GLN A 51 5.93 -14.25 -6.51
C GLN A 51 4.70 -13.86 -5.70
N PRO A 52 3.56 -14.48 -5.95
CA PRO A 52 2.31 -14.15 -5.21
C PRO A 52 2.28 -14.74 -3.82
N VAL A 53 1.84 -13.93 -2.86
CA VAL A 53 1.78 -14.37 -1.47
C VAL A 53 0.39 -14.08 -0.89
N SER A 54 -0.10 -15.02 -0.08
CA SER A 54 -1.41 -14.86 0.55
C SER A 54 -1.28 -14.25 1.94
N LEU A 55 -1.45 -12.93 2.01
CA LEU A 55 -1.35 -12.24 3.31
C LEU A 55 -2.72 -12.08 3.94
N SER A 56 -2.74 -11.94 5.27
CA SER A 56 -4.00 -11.78 5.99
C SER A 56 -4.43 -10.31 6.01
N PRO A 57 -5.63 -10.04 6.44
CA PRO A 57 -6.16 -8.66 6.51
C PRO A 57 -5.18 -7.69 7.16
N THR A 58 -4.73 -8.04 8.37
CA THR A 58 -3.78 -7.19 9.09
C THR A 58 -2.54 -6.92 8.26
N GLU A 59 -1.90 -8.00 7.81
CA GLU A 59 -0.69 -7.87 7.00
C GLU A 59 -0.95 -7.02 5.78
N PHE A 60 -2.13 -7.17 5.19
CA PHE A 60 -2.50 -6.40 4.01
C PHE A 60 -2.55 -4.91 4.34
N THR A 61 -3.26 -4.58 5.41
CA THR A 61 -3.38 -3.18 5.83
C THR A 61 -2.00 -2.58 6.09
N LEU A 62 -1.14 -3.33 6.77
CA LEU A 62 0.21 -2.86 7.07
C LEU A 62 0.95 -2.51 5.79
N LEU A 63 0.94 -3.42 4.83
CA LEU A 63 1.63 -3.18 3.57
C LEU A 63 1.01 -2.00 2.83
N ARG A 64 -0.32 -1.96 2.81
CA ARG A 64 -1.02 -0.87 2.13
C ARG A 64 -0.59 0.48 2.69
N TYR A 65 -0.53 0.58 4.01
CA TYR A 65 -0.13 1.83 4.67
C TYR A 65 1.29 2.20 4.29
N PHE A 66 2.17 1.21 4.26
CA PHE A 66 3.57 1.45 3.92
C PHE A 66 3.68 2.05 2.52
N VAL A 67 2.87 1.52 1.60
CA VAL A 67 2.89 2.03 0.23
C VAL A 67 2.33 3.44 0.19
N ILE A 68 1.18 3.65 0.83
CA ILE A 68 0.55 4.95 0.86
C ILE A 68 1.48 5.99 1.49
N ASN A 69 2.20 5.57 2.52
CA ASN A 69 3.12 6.48 3.20
C ASN A 69 4.56 6.18 2.80
N ALA A 70 4.73 5.59 1.63
CA ALA A 70 6.06 5.25 1.14
C ALA A 70 6.96 6.49 1.14
N GLY A 71 8.07 6.41 1.86
CA GLY A 71 9.01 7.53 1.92
C GLY A 71 8.90 8.28 3.24
N THR A 72 7.82 8.02 3.97
CA THR A 72 7.59 8.68 5.25
C THR A 72 8.03 7.81 6.42
N VAL A 73 8.79 8.39 7.34
CA VAL A 73 9.28 7.67 8.51
C VAL A 73 8.12 7.34 9.45
N LEU A 74 7.88 6.04 9.66
CA LEU A 74 6.83 5.60 10.56
C LEU A 74 7.39 5.30 11.94
N SER A 75 6.54 5.40 12.96
CA SER A 75 6.96 5.13 14.33
C SER A 75 6.39 3.81 14.80
N LYS A 76 7.13 3.14 15.68
CA LYS A 76 6.70 1.86 16.22
C LYS A 76 5.33 1.98 16.88
N PRO A 77 5.17 2.88 17.82
CA PRO A 77 3.87 3.07 18.53
C PRO A 77 2.78 3.55 17.59
N LYS A 78 3.16 4.34 16.59
CA LYS A 78 2.19 4.84 15.63
C LYS A 78 1.68 3.69 14.78
N ILE A 79 2.60 2.96 14.16
CA ILE A 79 2.22 1.83 13.33
C ILE A 79 1.21 0.95 14.06
N LEU A 80 1.44 0.74 15.35
CA LEU A 80 0.55 -0.08 16.16
C LEU A 80 -0.85 0.56 16.23
N ASP A 81 -0.92 1.71 16.88
CA ASP A 81 -2.19 2.42 17.02
C ASP A 81 -2.94 2.48 15.70
N HIS A 82 -2.18 2.52 14.60
CA HIS A 82 -2.78 2.59 13.27
C HIS A 82 -3.45 1.26 12.91
N VAL A 83 -2.72 0.17 13.04
CA VAL A 83 -3.27 -1.14 12.72
C VAL A 83 -4.05 -1.72 13.89
N TRP A 84 -3.39 -1.86 15.04
CA TRP A 84 -4.04 -2.41 16.23
C TRP A 84 -5.33 -1.66 16.55
N ARG A 85 -5.64 -0.63 15.78
CA ARG A 85 -6.85 0.15 16.00
C ARG A 85 -8.09 -0.71 15.79
N TYR A 86 -7.88 -1.96 15.41
CA TYR A 86 -9.00 -2.88 15.18
C TYR A 86 -8.94 -4.04 16.18
N ASP A 87 -8.05 -3.93 17.15
CA ASP A 87 -7.89 -4.96 18.17
C ASP A 87 -6.67 -4.66 19.05
N PHE A 88 -6.94 -4.20 20.27
CA PHE A 88 -5.86 -3.86 21.19
C PHE A 88 -5.31 -5.11 21.87
N GLY A 89 -3.98 -5.25 21.86
CA GLY A 89 -3.34 -6.40 22.48
C GLY A 89 -2.07 -6.80 21.73
N GLY A 90 -1.12 -5.88 21.66
CA GLY A 90 0.15 -6.14 20.97
C GLY A 90 1.22 -5.16 21.42
N ASP A 91 2.11 -5.62 22.29
CA ASP A 91 3.18 -4.77 22.79
C ASP A 91 3.96 -4.17 21.63
N VAL A 92 5.02 -3.45 21.96
CA VAL A 92 5.84 -2.81 20.93
C VAL A 92 6.84 -3.80 20.36
N ASN A 93 6.85 -5.02 20.91
CA ASN A 93 7.77 -6.04 20.44
C ASN A 93 7.13 -6.82 19.29
N VAL A 94 5.80 -6.74 19.21
CA VAL A 94 5.08 -7.43 18.14
C VAL A 94 5.39 -6.79 16.80
N VAL A 95 5.46 -5.47 16.78
CA VAL A 95 5.76 -4.75 15.54
C VAL A 95 7.08 -5.25 14.95
N GLU A 96 8.11 -5.29 15.78
CA GLU A 96 9.42 -5.75 15.34
C GLU A 96 9.34 -7.16 14.79
N SER A 97 8.67 -8.04 15.53
CA SER A 97 8.52 -9.43 15.13
C SER A 97 7.79 -9.53 13.79
N TYR A 98 6.68 -8.80 13.66
CA TYR A 98 5.91 -8.82 12.43
C TYR A 98 6.73 -8.31 11.25
N VAL A 99 7.50 -7.25 11.49
CA VAL A 99 8.32 -6.68 10.44
C VAL A 99 9.37 -7.69 9.98
N SER A 100 9.98 -8.40 10.93
CA SER A 100 10.99 -9.40 10.60
C SER A 100 10.35 -10.55 9.81
N TYR A 101 9.16 -10.96 10.24
CA TYR A 101 8.45 -12.05 9.58
C TYR A 101 7.90 -11.59 8.23
N LEU A 102 7.88 -10.29 8.01
CA LEU A 102 7.39 -9.74 6.75
C LEU A 102 8.51 -9.69 5.73
N ARG A 103 9.66 -9.18 6.15
CA ARG A 103 10.81 -9.10 5.27
C ARG A 103 11.17 -10.48 4.72
N ARG A 104 11.21 -11.47 5.60
CA ARG A 104 11.53 -12.84 5.20
C ARG A 104 10.45 -13.41 4.28
N LYS A 105 9.32 -12.73 4.20
CA LYS A 105 8.20 -13.19 3.37
C LYS A 105 8.24 -12.57 1.99
N ILE A 106 8.55 -11.28 1.93
CA ILE A 106 8.61 -10.59 0.64
C ILE A 106 10.03 -10.12 0.32
N ASP A 107 10.82 -9.87 1.36
CA ASP A 107 12.20 -9.42 1.16
C ASP A 107 13.17 -10.60 1.27
N THR A 108 14.22 -10.57 0.45
CA THR A 108 15.22 -11.64 0.46
C THR A 108 16.34 -11.31 -0.53
N GLY A 109 16.72 -10.03 -0.57
CA GLY A 109 17.79 -9.60 -1.47
C GLY A 109 18.72 -8.63 -0.77
N GLU A 110 19.92 -8.47 -1.31
CA GLU A 110 20.90 -7.57 -0.72
C GLU A 110 20.41 -6.13 -0.80
N LYS A 111 19.30 -5.92 -1.50
CA LYS A 111 18.73 -4.59 -1.65
C LYS A 111 17.68 -4.34 -0.58
N ARG A 112 18.04 -3.52 0.41
CA ARG A 112 17.11 -3.19 1.49
C ARG A 112 16.29 -1.96 1.13
N LEU A 113 14.98 -2.14 0.97
CA LEU A 113 14.10 -1.04 0.63
C LEU A 113 13.52 -0.42 1.89
N LEU A 114 13.84 -1.01 3.04
CA LEU A 114 13.35 -0.49 4.33
C LEU A 114 14.51 -0.14 5.23
N HIS A 115 14.71 1.14 5.47
CA HIS A 115 15.79 1.59 6.33
C HIS A 115 15.32 1.68 7.78
N THR A 116 16.12 1.19 8.70
CA THR A 116 15.75 1.21 10.10
C THR A 116 16.45 2.36 10.83
N LEU A 117 15.66 3.34 11.26
CA LEU A 117 16.20 4.49 11.97
C LEU A 117 16.10 4.27 13.48
N ARG A 118 16.88 3.31 13.98
CA ARG A 118 16.86 3.00 15.41
C ARG A 118 16.65 4.26 16.24
N GLY A 119 15.63 4.24 17.09
CA GLY A 119 15.32 5.39 17.94
C GLY A 119 14.12 6.17 17.40
N VAL A 120 13.78 5.93 16.15
CA VAL A 120 12.66 6.61 15.52
C VAL A 120 11.71 5.60 14.90
N GLY A 121 12.27 4.59 14.25
CA GLY A 121 11.45 3.57 13.62
C GLY A 121 12.04 3.13 12.29
N TYR A 122 11.19 2.97 11.29
CA TYR A 122 11.65 2.56 9.97
C TYR A 122 11.10 3.49 8.90
N VAL A 123 11.68 3.41 7.71
CA VAL A 123 11.25 4.25 6.60
C VAL A 123 11.34 3.47 5.29
N LEU A 124 10.28 3.56 4.49
CA LEU A 124 10.25 2.87 3.21
C LEU A 124 10.80 3.77 2.10
N ARG A 125 11.83 3.30 1.40
CA ARG A 125 12.43 4.08 0.32
C ARG A 125 13.26 3.21 -0.61
N GLU A 126 13.02 3.34 -1.92
CA GLU A 126 13.76 2.54 -2.90
C GLU A 126 15.25 2.87 -2.86
N PRO A 127 16.07 1.96 -3.34
CA PRO A 127 17.55 2.15 -3.35
C PRO A 127 17.94 3.59 -3.70
N ARG A 128 18.56 4.28 -2.74
CA ARG A 128 18.95 5.66 -2.96
C ARG A 128 17.75 6.48 -3.41
N MET A 1 -20.25 10.24 -40.63
CA MET A 1 -19.64 11.57 -40.34
C MET A 1 -18.22 11.37 -39.85
N GLY A 2 -18.09 10.70 -38.71
CA GLY A 2 -16.77 10.43 -38.15
C GLY A 2 -15.83 9.88 -39.23
N SER A 3 -15.09 10.78 -39.88
CA SER A 3 -14.18 10.39 -40.94
C SER A 3 -12.79 10.07 -40.37
N SER A 4 -12.08 9.16 -41.02
CA SER A 4 -10.74 8.78 -40.58
C SER A 4 -9.99 8.08 -41.70
N HIS A 5 -8.66 8.19 -41.68
CA HIS A 5 -7.84 7.55 -42.70
C HIS A 5 -7.04 6.40 -42.12
N HIS A 6 -7.60 5.78 -41.08
CA HIS A 6 -6.94 4.65 -40.44
C HIS A 6 -5.43 4.89 -40.32
N HIS A 7 -4.69 4.46 -41.32
CA HIS A 7 -3.24 4.63 -41.32
C HIS A 7 -2.89 6.11 -41.17
N HIS A 8 -1.83 6.41 -40.42
CA HIS A 8 -1.43 7.80 -40.22
C HIS A 8 0.08 7.96 -40.42
N HIS A 9 0.48 9.14 -40.92
CA HIS A 9 1.89 9.42 -41.16
C HIS A 9 2.63 9.63 -39.84
N HIS A 10 3.81 9.03 -39.72
CA HIS A 10 4.60 9.15 -38.51
C HIS A 10 5.61 10.29 -38.63
N SER A 11 5.20 11.48 -38.20
CA SER A 11 6.07 12.65 -38.25
C SER A 11 5.61 13.67 -37.23
N SER A 12 6.48 14.61 -36.88
CA SER A 12 6.12 15.64 -35.91
C SER A 12 5.54 14.98 -34.64
N GLY A 13 5.03 15.81 -33.74
CA GLY A 13 4.46 15.30 -32.49
C GLY A 13 2.98 14.93 -32.69
N LEU A 14 2.48 14.03 -31.85
CA LEU A 14 1.08 13.60 -31.93
C LEU A 14 0.45 13.52 -30.54
N VAL A 15 -0.86 13.76 -30.46
CA VAL A 15 -1.56 13.72 -29.17
C VAL A 15 -3.08 13.70 -29.38
N PRO A 16 -3.61 12.62 -29.88
CA PRO A 16 -5.07 12.46 -30.14
C PRO A 16 -5.89 12.47 -28.84
N ARG A 17 -6.60 13.58 -28.61
CA ARG A 17 -7.41 13.70 -27.41
C ARG A 17 -6.53 13.80 -26.17
N GLY A 18 -6.21 15.02 -25.78
CA GLY A 18 -5.35 15.25 -24.63
C GLY A 18 -5.97 14.74 -23.33
N SER A 19 -7.18 14.16 -23.41
CA SER A 19 -7.84 13.65 -22.21
C SER A 19 -7.87 14.72 -21.12
N HIS A 20 -8.98 15.46 -21.04
CA HIS A 20 -9.13 16.50 -20.03
C HIS A 20 -10.59 16.58 -19.58
N MET A 21 -10.93 15.73 -18.61
CA MET A 21 -12.30 15.69 -18.08
C MET A 21 -13.29 15.30 -19.17
N LYS A 22 -12.77 15.01 -20.37
CA LYS A 22 -13.64 14.60 -21.48
C LYS A 22 -13.62 13.09 -21.63
N GLY A 23 -12.62 12.57 -22.32
CA GLY A 23 -12.49 11.13 -22.54
C GLY A 23 -12.25 10.41 -21.22
N ASN A 24 -13.23 9.62 -20.79
CA ASN A 24 -13.12 8.90 -19.54
C ASN A 24 -12.87 7.40 -19.78
N LYS A 25 -12.84 6.63 -18.68
CA LYS A 25 -12.62 5.20 -18.78
C LYS A 25 -13.61 4.44 -17.90
N GLU A 26 -14.13 5.15 -16.90
CA GLU A 26 -15.11 4.56 -15.98
C GLU A 26 -14.55 3.28 -15.35
N PRO A 27 -13.47 3.40 -14.63
CA PRO A 27 -12.83 2.24 -13.95
C PRO A 27 -13.64 1.73 -12.76
N ARG A 28 -13.02 0.91 -11.93
CA ARG A 28 -13.70 0.37 -10.76
C ARG A 28 -12.74 -0.45 -9.91
N ASN A 29 -11.79 -1.12 -10.55
CA ASN A 29 -10.81 -1.94 -9.82
C ASN A 29 -9.60 -1.12 -9.41
N VAL A 30 -9.42 -0.93 -8.10
CA VAL A 30 -8.29 -0.17 -7.59
C VAL A 30 -7.10 -1.08 -7.31
N ARG A 31 -5.98 -0.80 -7.98
CA ARG A 31 -4.77 -1.60 -7.80
C ARG A 31 -3.60 -0.68 -7.44
N LEU A 32 -3.01 -0.90 -6.27
CA LEU A 32 -1.87 -0.08 -5.83
C LEU A 32 -0.55 -0.71 -6.27
N THR A 33 0.48 0.12 -6.39
CA THR A 33 1.79 -0.37 -6.82
C THR A 33 2.91 0.35 -6.07
N PHE A 34 4.10 -0.26 -6.08
CA PHE A 34 5.26 0.31 -5.42
C PHE A 34 6.53 -0.39 -5.90
N ALA A 35 7.55 0.39 -6.26
CA ALA A 35 8.80 -0.20 -6.75
C ALA A 35 8.48 -1.43 -7.59
N ASP A 36 8.59 -2.61 -6.98
CA ASP A 36 8.27 -3.85 -7.68
C ASP A 36 7.24 -4.64 -6.88
N ILE A 37 6.13 -3.98 -6.56
CA ILE A 37 5.07 -4.62 -5.80
C ILE A 37 3.71 -4.24 -6.36
N GLU A 38 2.72 -5.11 -6.16
CA GLU A 38 1.37 -4.84 -6.66
C GLU A 38 0.33 -5.41 -5.71
N LEU A 39 -0.76 -4.65 -5.52
CA LEU A 39 -1.84 -5.09 -4.64
C LEU A 39 -3.19 -4.83 -5.30
N ASP A 40 -4.08 -5.81 -5.24
CA ASP A 40 -5.40 -5.66 -5.85
C ASP A 40 -6.47 -5.57 -4.76
N GLU A 41 -7.03 -4.38 -4.59
CA GLU A 41 -8.06 -4.17 -3.57
C GLU A 41 -9.34 -4.92 -3.94
N GLU A 42 -9.38 -5.47 -5.14
CA GLU A 42 -10.56 -6.21 -5.59
C GLU A 42 -10.36 -7.70 -5.39
N THR A 43 -9.25 -8.21 -5.90
CA THR A 43 -8.95 -9.64 -5.76
C THR A 43 -8.09 -9.90 -4.53
N HIS A 44 -7.90 -8.85 -3.73
CA HIS A 44 -7.10 -8.96 -2.51
C HIS A 44 -5.92 -9.91 -2.72
N GLU A 45 -5.02 -9.53 -3.61
CA GLU A 45 -3.85 -10.35 -3.89
C GLU A 45 -2.60 -9.48 -4.00
N VAL A 46 -1.44 -10.07 -3.72
CA VAL A 46 -0.19 -9.34 -3.79
C VAL A 46 0.73 -9.92 -4.85
N TRP A 47 1.58 -9.09 -5.42
CA TRP A 47 2.50 -9.53 -6.46
C TRP A 47 3.81 -8.75 -6.39
N LYS A 48 4.92 -9.47 -6.30
CA LYS A 48 6.23 -8.84 -6.22
C LYS A 48 7.16 -9.37 -7.31
N ALA A 49 7.54 -8.50 -8.23
CA ALA A 49 8.43 -8.88 -9.33
C ALA A 49 8.21 -10.34 -9.75
N GLY A 50 6.97 -10.68 -10.07
CA GLY A 50 6.65 -12.05 -10.50
C GLY A 50 6.72 -13.03 -9.34
N GLN A 51 6.55 -12.51 -8.12
CA GLN A 51 6.59 -13.35 -6.93
C GLN A 51 5.36 -13.08 -6.06
N PRO A 52 4.32 -13.86 -6.18
CA PRO A 52 3.07 -13.66 -5.39
C PRO A 52 3.21 -14.18 -3.96
N VAL A 53 2.73 -13.40 -3.01
CA VAL A 53 2.81 -13.78 -1.61
C VAL A 53 1.44 -13.74 -0.95
N SER A 54 1.18 -14.71 -0.08
CA SER A 54 -0.11 -14.78 0.62
C SER A 54 -0.01 -14.10 1.98
N LEU A 55 -0.39 -12.83 2.02
CA LEU A 55 -0.33 -12.07 3.27
C LEU A 55 -1.69 -12.09 3.96
N SER A 56 -1.67 -12.02 5.29
CA SER A 56 -2.90 -12.02 6.06
C SER A 56 -3.46 -10.61 6.19
N PRO A 57 -4.64 -10.47 6.73
CA PRO A 57 -5.29 -9.14 6.90
C PRO A 57 -4.37 -8.12 7.57
N THR A 58 -3.90 -8.45 8.77
CA THR A 58 -3.02 -7.55 9.51
C THR A 58 -1.82 -7.15 8.67
N GLU A 59 -1.15 -8.13 8.08
CA GLU A 59 0.02 -7.86 7.25
C GLU A 59 -0.36 -7.04 6.04
N PHE A 60 -1.51 -7.37 5.45
CA PHE A 60 -2.00 -6.64 4.28
C PHE A 60 -2.19 -5.16 4.59
N THR A 61 -2.84 -4.89 5.71
CA THR A 61 -3.08 -3.51 6.12
C THR A 61 -1.76 -2.75 6.24
N LEU A 62 -0.80 -3.37 6.93
CA LEU A 62 0.50 -2.75 7.11
C LEU A 62 1.15 -2.43 5.76
N LEU A 63 1.19 -3.42 4.88
CA LEU A 63 1.78 -3.24 3.56
C LEU A 63 1.08 -2.11 2.81
N ARG A 64 -0.24 -2.13 2.81
CA ARG A 64 -1.02 -1.11 2.10
C ARG A 64 -0.69 0.28 2.65
N TYR A 65 -0.63 0.39 3.98
CA TYR A 65 -0.33 1.67 4.62
C TYR A 65 1.06 2.16 4.19
N PHE A 66 2.02 1.26 4.22
CA PHE A 66 3.39 1.60 3.84
C PHE A 66 3.42 2.17 2.43
N VAL A 67 2.70 1.50 1.52
CA VAL A 67 2.67 1.96 0.14
C VAL A 67 2.11 3.38 0.05
N ILE A 68 0.97 3.62 0.69
CA ILE A 68 0.35 4.94 0.69
C ILE A 68 1.33 5.99 1.21
N ASN A 69 2.10 5.64 2.22
CA ASN A 69 3.06 6.57 2.82
C ASN A 69 4.49 6.17 2.46
N ALA A 70 4.65 5.44 1.36
CA ALA A 70 5.97 4.99 0.92
C ALA A 70 6.95 6.17 0.85
N GLY A 71 8.00 6.09 1.66
CA GLY A 71 9.02 7.15 1.67
C GLY A 71 9.03 7.90 2.99
N THR A 72 7.90 7.87 3.69
CA THR A 72 7.79 8.58 4.96
C THR A 72 8.21 7.68 6.13
N VAL A 73 9.03 8.24 7.01
CA VAL A 73 9.51 7.49 8.18
C VAL A 73 8.36 7.25 9.16
N LEU A 74 8.09 5.98 9.43
CA LEU A 74 7.03 5.62 10.37
C LEU A 74 7.60 5.35 11.75
N SER A 75 6.75 5.50 12.77
CA SER A 75 7.18 5.28 14.15
C SER A 75 6.60 3.98 14.70
N LYS A 76 7.35 3.34 15.59
CA LYS A 76 6.90 2.09 16.19
C LYS A 76 5.54 2.26 16.87
N PRO A 77 5.43 3.19 17.79
CA PRO A 77 4.15 3.44 18.51
C PRO A 77 3.06 3.97 17.58
N LYS A 78 3.47 4.67 16.54
CA LYS A 78 2.52 5.21 15.57
C LYS A 78 1.88 4.07 14.77
N ILE A 79 2.72 3.19 14.24
CA ILE A 79 2.25 2.05 13.48
C ILE A 79 1.25 1.27 14.31
N LEU A 80 1.55 1.15 15.60
CA LEU A 80 0.70 0.42 16.53
C LEU A 80 -0.71 1.02 16.53
N ASP A 81 -0.83 2.23 17.05
CA ASP A 81 -2.13 2.90 17.11
C ASP A 81 -2.84 2.87 15.77
N HIS A 82 -2.05 2.87 14.70
CA HIS A 82 -2.61 2.84 13.36
C HIS A 82 -3.23 1.49 13.03
N VAL A 83 -2.49 0.41 13.28
CA VAL A 83 -2.99 -0.93 13.02
C VAL A 83 -3.86 -1.43 14.17
N TRP A 84 -3.27 -1.52 15.35
CA TRP A 84 -3.99 -1.99 16.53
C TRP A 84 -5.27 -1.18 16.74
N ARG A 85 -5.49 -0.19 15.88
CA ARG A 85 -6.68 0.65 16.00
C ARG A 85 -7.94 -0.20 16.09
N TYR A 86 -7.78 -1.51 15.95
CA TYR A 86 -8.93 -2.42 16.03
C TYR A 86 -8.95 -3.12 17.38
N ASP A 87 -8.26 -2.54 18.36
CA ASP A 87 -8.21 -3.11 19.69
C ASP A 87 -7.10 -2.44 20.51
N PHE A 88 -7.47 -1.92 21.67
CA PHE A 88 -6.50 -1.24 22.53
C PHE A 88 -5.48 -2.23 23.09
N GLY A 89 -4.23 -1.81 23.16
CA GLY A 89 -3.17 -2.66 23.67
C GLY A 89 -1.79 -2.05 23.41
N GLY A 90 -1.18 -1.51 24.46
CA GLY A 90 0.13 -0.89 24.32
C GLY A 90 1.22 -1.95 24.18
N ASP A 91 1.10 -2.78 23.14
CA ASP A 91 2.08 -3.83 22.90
C ASP A 91 2.94 -3.50 21.69
N VAL A 92 4.11 -2.94 21.94
CA VAL A 92 5.02 -2.58 20.86
C VAL A 92 5.86 -3.79 20.45
N ASN A 93 5.78 -4.86 21.23
CA ASN A 93 6.53 -6.08 20.94
C ASN A 93 5.90 -6.79 19.75
N VAL A 94 4.73 -7.37 19.96
CA VAL A 94 4.03 -8.09 18.92
C VAL A 94 4.27 -7.43 17.56
N VAL A 95 4.34 -6.10 17.55
CA VAL A 95 4.57 -5.38 16.31
C VAL A 95 5.95 -5.68 15.76
N GLU A 96 6.96 -5.68 16.62
CA GLU A 96 8.32 -5.98 16.19
C GLU A 96 8.36 -7.36 15.55
N SER A 97 7.69 -8.33 16.18
CA SER A 97 7.66 -9.69 15.65
C SER A 97 7.05 -9.71 14.25
N TYR A 98 5.91 -9.04 14.11
CA TYR A 98 5.22 -9.00 12.82
C TYR A 98 6.10 -8.34 11.76
N VAL A 99 6.80 -7.29 12.16
CA VAL A 99 7.68 -6.57 11.23
C VAL A 99 8.80 -7.49 10.75
N SER A 100 9.39 -8.24 11.67
CA SER A 100 10.47 -9.15 11.34
C SER A 100 9.99 -10.24 10.38
N TYR A 101 8.83 -10.81 10.67
CA TYR A 101 8.28 -11.85 9.81
C TYR A 101 7.95 -11.29 8.43
N LEU A 102 7.48 -10.05 8.40
CA LEU A 102 7.15 -9.41 7.14
C LEU A 102 8.41 -9.22 6.31
N ARG A 103 9.47 -8.73 6.96
CA ARG A 103 10.74 -8.53 6.27
C ARG A 103 11.21 -9.82 5.63
N ARG A 104 11.13 -10.91 6.38
CA ARG A 104 11.56 -12.21 5.88
C ARG A 104 10.65 -12.71 4.75
N LYS A 105 9.43 -12.19 4.70
CA LYS A 105 8.48 -12.60 3.67
C LYS A 105 8.53 -11.68 2.46
N ILE A 106 8.95 -10.43 2.67
CA ILE A 106 9.02 -9.48 1.57
C ILE A 106 10.48 -9.19 1.22
N ASP A 107 11.32 -9.06 2.24
CA ASP A 107 12.74 -8.77 2.01
C ASP A 107 13.56 -10.06 2.02
N THR A 108 14.73 -10.01 1.36
CA THR A 108 15.60 -11.18 1.28
C THR A 108 16.69 -10.97 0.25
N GLY A 109 16.35 -10.30 -0.84
CA GLY A 109 17.31 -10.04 -1.91
C GLY A 109 18.38 -9.05 -1.46
N GLU A 110 19.25 -8.68 -2.39
CA GLU A 110 20.33 -7.73 -2.08
C GLU A 110 19.80 -6.30 -2.06
N LYS A 111 18.58 -6.12 -2.58
CA LYS A 111 17.98 -4.80 -2.61
C LYS A 111 17.13 -4.57 -1.37
N ARG A 112 17.65 -3.76 -0.44
CA ARG A 112 16.93 -3.46 0.79
C ARG A 112 15.98 -2.28 0.59
N LEU A 113 14.69 -2.57 0.48
CA LEU A 113 13.70 -1.52 0.29
C LEU A 113 13.17 -1.03 1.63
N LEU A 114 13.63 -1.66 2.71
CA LEU A 114 13.21 -1.27 4.06
C LEU A 114 14.40 -0.81 4.88
N HIS A 115 14.40 0.48 5.23
CA HIS A 115 15.48 1.03 6.04
C HIS A 115 15.04 1.17 7.49
N THR A 116 15.72 0.47 8.37
CA THR A 116 15.39 0.52 9.80
C THR A 116 16.22 1.58 10.51
N LEU A 117 15.55 2.62 11.00
CA LEU A 117 16.24 3.69 11.70
C LEU A 117 16.19 3.48 13.21
N ARG A 118 16.89 2.45 13.67
CA ARG A 118 16.93 2.14 15.09
C ARG A 118 16.87 3.41 15.94
N GLY A 119 15.96 3.42 16.91
CA GLY A 119 15.80 4.58 17.78
C GLY A 119 14.66 5.48 17.29
N VAL A 120 14.16 5.19 16.09
CA VAL A 120 13.07 5.98 15.54
C VAL A 120 11.98 5.08 14.98
N GLY A 121 12.34 4.26 13.99
CA GLY A 121 11.39 3.35 13.38
C GLY A 121 11.93 2.80 12.06
N TYR A 122 11.05 2.68 11.07
CA TYR A 122 11.46 2.16 9.77
C TYR A 122 10.92 3.05 8.65
N VAL A 123 11.62 3.05 7.52
CA VAL A 123 11.22 3.85 6.37
C VAL A 123 11.29 3.03 5.09
N LEU A 124 10.28 3.21 4.23
CA LEU A 124 10.24 2.50 2.97
C LEU A 124 10.92 3.33 1.88
N ARG A 125 12.05 2.84 1.38
CA ARG A 125 12.79 3.53 0.34
C ARG A 125 13.76 2.59 -0.35
N GLU A 126 13.77 2.64 -1.68
CA GLU A 126 14.65 1.78 -2.47
C GLU A 126 16.11 2.09 -2.14
N PRO A 127 16.99 1.15 -2.41
CA PRO A 127 18.44 1.33 -2.13
C PRO A 127 19.07 2.37 -3.06
N ARG A 128 19.43 3.52 -2.50
CA ARG A 128 20.04 4.59 -3.28
C ARG A 128 21.53 4.71 -2.97
N MET A 1 -25.41 -18.74 -56.33
CA MET A 1 -24.49 -17.93 -57.18
C MET A 1 -25.23 -17.46 -58.43
N GLY A 2 -25.59 -16.18 -58.45
CA GLY A 2 -26.30 -15.66 -59.61
C GLY A 2 -27.80 -15.87 -59.47
N SER A 3 -28.19 -16.92 -58.75
CA SER A 3 -29.61 -17.21 -58.55
C SER A 3 -29.94 -17.23 -57.06
N SER A 4 -31.06 -16.61 -56.71
CA SER A 4 -31.48 -16.55 -55.31
C SER A 4 -30.31 -16.15 -54.42
N HIS A 5 -29.94 -14.88 -54.48
CA HIS A 5 -28.83 -14.39 -53.68
C HIS A 5 -28.67 -12.89 -53.86
N HIS A 6 -29.72 -12.14 -53.53
CA HIS A 6 -29.68 -10.70 -53.66
C HIS A 6 -29.97 -10.03 -52.31
N HIS A 7 -29.93 -10.84 -51.26
CA HIS A 7 -30.15 -10.33 -49.90
C HIS A 7 -29.18 -9.20 -49.59
N HIS A 8 -27.91 -9.42 -49.93
CA HIS A 8 -26.89 -8.41 -49.68
C HIS A 8 -25.87 -8.38 -50.82
N HIS A 9 -25.19 -7.25 -50.98
CA HIS A 9 -24.20 -7.11 -52.04
C HIS A 9 -23.02 -6.26 -51.58
N HIS A 10 -23.24 -5.43 -50.58
CA HIS A 10 -22.19 -4.58 -50.06
C HIS A 10 -22.60 -3.98 -48.71
N SER A 11 -23.48 -4.68 -48.01
CA SER A 11 -23.97 -4.23 -46.73
C SER A 11 -22.86 -4.29 -45.68
N SER A 12 -22.68 -5.47 -45.09
CA SER A 12 -21.65 -5.66 -44.08
C SER A 12 -20.29 -5.19 -44.57
N GLY A 13 -19.67 -4.28 -43.83
CA GLY A 13 -18.37 -3.75 -44.20
C GLY A 13 -17.46 -3.61 -42.98
N LEU A 14 -16.27 -3.08 -43.21
CA LEU A 14 -15.31 -2.89 -42.12
C LEU A 14 -16.03 -2.43 -40.85
N VAL A 15 -15.85 -3.17 -39.77
CA VAL A 15 -16.49 -2.84 -38.51
C VAL A 15 -15.90 -1.55 -37.93
N PRO A 16 -16.67 -0.81 -37.17
CA PRO A 16 -16.20 0.47 -36.56
C PRO A 16 -14.75 0.39 -36.10
N ARG A 17 -13.98 1.43 -36.43
CA ARG A 17 -12.57 1.49 -36.07
C ARG A 17 -12.40 1.57 -34.55
N GLY A 18 -13.36 2.20 -33.89
CA GLY A 18 -13.31 2.35 -32.44
C GLY A 18 -14.70 2.55 -31.87
N SER A 19 -15.65 1.75 -32.33
CA SER A 19 -17.02 1.85 -31.88
C SER A 19 -17.45 3.32 -31.79
N HIS A 20 -18.53 3.58 -31.09
CA HIS A 20 -19.03 4.94 -30.95
C HIS A 20 -18.93 5.42 -29.50
N MET A 21 -20.00 5.21 -28.73
CA MET A 21 -20.02 5.63 -27.34
C MET A 21 -21.04 4.80 -26.54
N LYS A 22 -20.99 3.49 -26.72
CA LYS A 22 -21.89 2.60 -26.02
C LYS A 22 -21.47 2.44 -24.57
N GLY A 23 -20.19 2.12 -24.37
CA GLY A 23 -19.66 1.93 -23.02
C GLY A 23 -20.16 3.01 -22.07
N ASN A 24 -20.43 2.63 -20.83
CA ASN A 24 -20.91 3.57 -19.83
C ASN A 24 -19.77 4.03 -18.93
N LYS A 25 -18.75 3.18 -18.80
CA LYS A 25 -17.60 3.50 -17.96
C LYS A 25 -16.40 2.63 -18.35
N GLU A 26 -15.22 2.99 -17.85
CA GLU A 26 -14.01 2.24 -18.16
C GLU A 26 -13.53 1.49 -16.92
N PRO A 27 -12.83 0.40 -17.10
CA PRO A 27 -12.30 -0.42 -15.98
C PRO A 27 -11.20 0.30 -15.21
N ARG A 28 -11.55 0.86 -14.06
CA ARG A 28 -10.58 1.58 -13.24
C ARG A 28 -10.46 0.93 -11.87
N ASN A 29 -9.91 -0.28 -11.84
CA ASN A 29 -9.74 -1.01 -10.59
C ASN A 29 -8.68 -0.34 -9.72
N VAL A 30 -8.81 -0.51 -8.41
CA VAL A 30 -7.85 0.09 -7.49
C VAL A 30 -6.74 -0.91 -7.16
N ARG A 31 -5.52 -0.59 -7.60
CA ARG A 31 -4.37 -1.46 -7.34
C ARG A 31 -3.14 -0.62 -7.04
N LEU A 32 -2.54 -0.83 -5.87
CA LEU A 32 -1.36 -0.08 -5.46
C LEU A 32 -0.09 -0.79 -5.91
N THR A 33 0.96 -0.01 -6.19
CA THR A 33 2.23 -0.57 -6.61
C THR A 33 3.40 0.17 -5.97
N PHE A 34 4.53 -0.51 -5.87
CA PHE A 34 5.73 0.08 -5.28
C PHE A 34 6.95 -0.76 -5.64
N ALA A 35 8.06 -0.10 -5.98
CA ALA A 35 9.27 -0.81 -6.37
C ALA A 35 8.89 -2.06 -7.16
N ASP A 36 8.97 -3.22 -6.52
CA ASP A 36 8.59 -4.45 -7.19
C ASP A 36 7.53 -5.16 -6.35
N ILE A 37 6.47 -4.41 -6.03
CA ILE A 37 5.38 -4.94 -5.22
C ILE A 37 4.04 -4.48 -5.79
N GLU A 38 3.01 -5.31 -5.64
CA GLU A 38 1.69 -4.97 -6.14
C GLU A 38 0.61 -5.46 -5.18
N LEU A 39 -0.46 -4.68 -5.04
CA LEU A 39 -1.57 -5.04 -4.16
C LEU A 39 -2.90 -4.75 -4.84
N ASP A 40 -3.82 -5.71 -4.78
CA ASP A 40 -5.13 -5.54 -5.40
C ASP A 40 -6.23 -5.49 -4.34
N GLU A 41 -6.78 -4.30 -4.13
CA GLU A 41 -7.85 -4.12 -3.14
C GLU A 41 -9.11 -4.86 -3.57
N GLU A 42 -9.18 -5.26 -4.83
CA GLU A 42 -10.35 -5.97 -5.34
C GLU A 42 -10.21 -7.48 -5.11
N THR A 43 -9.06 -8.03 -5.47
CA THR A 43 -8.82 -9.45 -5.30
C THR A 43 -8.03 -9.71 -4.01
N HIS A 44 -7.85 -8.66 -3.21
CA HIS A 44 -7.10 -8.78 -1.96
C HIS A 44 -5.93 -9.73 -2.13
N GLU A 45 -5.09 -9.43 -3.13
CA GLU A 45 -3.92 -10.27 -3.39
C GLU A 45 -2.66 -9.41 -3.47
N VAL A 46 -1.51 -10.04 -3.22
CA VAL A 46 -0.23 -9.35 -3.26
C VAL A 46 0.68 -9.95 -4.32
N TRP A 47 1.59 -9.15 -4.85
CA TRP A 47 2.50 -9.62 -5.89
C TRP A 47 3.86 -8.94 -5.76
N LYS A 48 4.92 -9.75 -5.69
CA LYS A 48 6.27 -9.22 -5.57
C LYS A 48 7.18 -9.88 -6.61
N ALA A 49 7.71 -9.05 -7.53
CA ALA A 49 8.60 -9.56 -8.57
C ALA A 49 8.23 -10.98 -8.98
N GLY A 50 7.03 -11.15 -9.54
CA GLY A 50 6.56 -12.46 -9.98
C GLY A 50 6.51 -13.44 -8.83
N GLN A 51 6.30 -12.93 -7.62
CA GLN A 51 6.22 -13.78 -6.43
C GLN A 51 4.96 -13.45 -5.63
N PRO A 52 3.86 -14.14 -5.88
CA PRO A 52 2.59 -13.88 -5.16
C PRO A 52 2.56 -14.50 -3.77
N VAL A 53 1.99 -13.78 -2.82
CA VAL A 53 1.92 -14.26 -1.45
C VAL A 53 0.55 -13.94 -0.84
N SER A 54 -0.02 -14.92 -0.15
CA SER A 54 -1.33 -14.75 0.48
C SER A 54 -1.18 -14.17 1.88
N LEU A 55 -1.30 -12.85 1.99
CA LEU A 55 -1.17 -12.18 3.29
C LEU A 55 -2.54 -11.95 3.91
N SER A 56 -2.58 -11.94 5.24
CA SER A 56 -3.83 -11.73 5.97
C SER A 56 -4.16 -10.24 6.04
N PRO A 57 -5.35 -9.90 6.48
CA PRO A 57 -5.79 -8.48 6.59
C PRO A 57 -4.75 -7.59 7.27
N THR A 58 -4.33 -7.99 8.47
CA THR A 58 -3.35 -7.22 9.22
C THR A 58 -2.11 -6.94 8.37
N GLU A 59 -1.44 -7.99 7.94
CA GLU A 59 -0.24 -7.83 7.12
C GLU A 59 -0.55 -7.02 5.87
N PHE A 60 -1.71 -7.26 5.28
CA PHE A 60 -2.13 -6.54 4.09
C PHE A 60 -2.27 -5.05 4.39
N THR A 61 -2.93 -4.74 5.50
CA THR A 61 -3.12 -3.35 5.89
C THR A 61 -1.76 -2.67 6.09
N LEU A 62 -0.83 -3.40 6.69
CA LEU A 62 0.51 -2.86 6.93
C LEU A 62 1.21 -2.52 5.62
N LEU A 63 1.11 -3.43 4.65
CA LEU A 63 1.73 -3.21 3.35
C LEU A 63 1.13 -1.99 2.67
N ARG A 64 -0.19 -1.91 2.67
CA ARG A 64 -0.89 -0.78 2.06
C ARG A 64 -0.40 0.54 2.65
N TYR A 65 -0.31 0.57 3.98
CA TYR A 65 0.14 1.77 4.68
C TYR A 65 1.57 2.14 4.27
N PHE A 66 2.43 1.12 4.18
CA PHE A 66 3.82 1.35 3.80
C PHE A 66 3.91 2.04 2.44
N VAL A 67 3.13 1.54 1.48
CA VAL A 67 3.13 2.13 0.15
C VAL A 67 2.72 3.58 0.21
N ILE A 68 1.65 3.86 0.93
CA ILE A 68 1.15 5.24 1.07
C ILE A 68 2.17 6.08 1.82
N ASN A 69 3.01 5.42 2.61
CA ASN A 69 4.04 6.12 3.39
C ASN A 69 5.42 5.88 2.79
N ALA A 70 5.48 5.62 1.49
CA ALA A 70 6.75 5.38 0.83
C ALA A 70 7.66 6.60 0.94
N GLY A 71 8.72 6.48 1.73
CA GLY A 71 9.66 7.58 1.91
C GLY A 71 9.37 8.34 3.21
N THR A 72 8.24 8.02 3.84
CA THR A 72 7.86 8.68 5.08
C THR A 72 8.24 7.82 6.28
N VAL A 73 9.05 8.39 7.17
CA VAL A 73 9.49 7.68 8.37
C VAL A 73 8.31 7.45 9.31
N LEU A 74 7.99 6.19 9.57
CA LEU A 74 6.89 5.86 10.45
C LEU A 74 7.39 5.54 11.85
N SER A 75 6.48 5.50 12.82
CA SER A 75 6.86 5.21 14.20
C SER A 75 6.33 3.84 14.61
N LYS A 76 7.08 3.17 15.48
CA LYS A 76 6.69 1.86 15.97
C LYS A 76 5.32 1.90 16.66
N PRO A 77 5.15 2.76 17.64
CA PRO A 77 3.86 2.87 18.38
C PRO A 77 2.76 3.43 17.48
N LYS A 78 3.15 4.27 16.52
CA LYS A 78 2.19 4.85 15.61
C LYS A 78 1.58 3.78 14.72
N ILE A 79 2.45 2.96 14.11
CA ILE A 79 1.98 1.88 13.26
C ILE A 79 1.02 0.99 14.04
N LEU A 80 1.38 0.72 15.28
CA LEU A 80 0.54 -0.11 16.15
C LEU A 80 -0.87 0.47 16.27
N ASP A 81 -0.98 1.61 16.94
CA ASP A 81 -2.28 2.26 17.12
C ASP A 81 -2.99 2.42 15.79
N HIS A 82 -2.21 2.53 14.71
CA HIS A 82 -2.78 2.70 13.38
C HIS A 82 -3.45 1.42 12.89
N VAL A 83 -2.72 0.31 12.96
CA VAL A 83 -3.26 -0.97 12.51
C VAL A 83 -4.07 -1.65 13.61
N TRP A 84 -3.42 -1.96 14.72
CA TRP A 84 -4.08 -2.61 15.85
C TRP A 84 -5.40 -1.94 16.20
N ARG A 85 -5.71 -0.83 15.53
CA ARG A 85 -6.96 -0.12 15.80
C ARG A 85 -8.15 -1.06 15.68
N TYR A 86 -7.89 -2.27 15.20
CA TYR A 86 -8.94 -3.26 15.03
C TYR A 86 -8.75 -4.42 16.01
N ASP A 87 -8.10 -4.15 17.13
CA ASP A 87 -7.87 -5.18 18.13
C ASP A 87 -6.81 -4.73 19.12
N PHE A 88 -7.25 -4.29 20.29
CA PHE A 88 -6.32 -3.83 21.33
C PHE A 88 -5.75 -5.02 22.09
N GLY A 89 -4.50 -5.35 21.80
CA GLY A 89 -3.83 -6.47 22.46
C GLY A 89 -2.52 -6.79 21.76
N GLY A 90 -1.66 -5.79 21.63
CA GLY A 90 -0.37 -5.98 20.99
C GLY A 90 0.64 -4.95 21.46
N ASP A 91 1.50 -5.37 22.38
CA ASP A 91 2.53 -4.47 22.90
C ASP A 91 3.30 -3.82 21.77
N VAL A 92 4.35 -3.10 22.12
CA VAL A 92 5.16 -2.41 21.12
C VAL A 92 6.19 -3.37 20.54
N ASN A 93 6.37 -4.52 21.18
CA ASN A 93 7.33 -5.51 20.70
C ASN A 93 6.73 -6.33 19.57
N VAL A 94 5.41 -6.30 19.46
CA VAL A 94 4.71 -7.04 18.42
C VAL A 94 5.05 -6.47 17.04
N VAL A 95 5.14 -5.14 16.95
CA VAL A 95 5.46 -4.49 15.69
C VAL A 95 6.80 -4.98 15.16
N GLU A 96 7.81 -4.96 16.02
CA GLU A 96 9.14 -5.41 15.63
C GLU A 96 9.10 -6.83 15.09
N SER A 97 8.41 -7.71 15.82
CA SER A 97 8.29 -9.10 15.39
C SER A 97 7.60 -9.20 14.04
N TYR A 98 6.51 -8.48 13.89
CA TYR A 98 5.75 -8.48 12.66
C TYR A 98 6.58 -7.93 11.50
N VAL A 99 7.32 -6.87 11.76
CA VAL A 99 8.15 -6.25 10.73
C VAL A 99 9.20 -7.22 10.23
N SER A 100 9.79 -7.98 11.15
CA SER A 100 10.81 -8.95 10.80
C SER A 100 10.21 -10.07 9.94
N TYR A 101 9.04 -10.55 10.36
CA TYR A 101 8.36 -11.62 9.64
C TYR A 101 7.82 -11.10 8.31
N LEU A 102 7.75 -9.78 8.19
CA LEU A 102 7.25 -9.17 6.95
C LEU A 102 8.37 -9.09 5.92
N ARG A 103 9.54 -8.66 6.37
CA ARG A 103 10.68 -8.55 5.48
C ARG A 103 11.03 -9.92 4.87
N ARG A 104 11.08 -10.94 5.72
CA ARG A 104 11.40 -12.29 5.25
C ARG A 104 10.30 -12.86 4.35
N LYS A 105 9.16 -12.18 4.29
CA LYS A 105 8.04 -12.65 3.48
C LYS A 105 8.08 -12.02 2.09
N ILE A 106 8.50 -10.76 2.02
CA ILE A 106 8.56 -10.06 0.74
C ILE A 106 10.00 -9.72 0.38
N ASP A 107 10.84 -9.56 1.40
CA ASP A 107 12.24 -9.22 1.18
C ASP A 107 13.10 -10.47 1.17
N THR A 108 14.03 -10.53 0.23
CA THR A 108 14.93 -11.66 0.10
C THR A 108 15.97 -11.38 -0.97
N GLY A 109 16.25 -10.10 -1.19
CA GLY A 109 17.24 -9.71 -2.20
C GLY A 109 18.41 -8.95 -1.57
N GLU A 110 19.47 -8.80 -2.34
CA GLU A 110 20.66 -8.09 -1.86
C GLU A 110 20.40 -6.58 -1.83
N LYS A 111 19.28 -6.16 -2.41
CA LYS A 111 18.94 -4.74 -2.43
C LYS A 111 18.06 -4.38 -1.25
N ARG A 112 18.43 -3.31 -0.55
CA ARG A 112 17.68 -2.86 0.62
C ARG A 112 16.51 -1.99 0.19
N LEU A 113 15.50 -1.92 1.03
CA LEU A 113 14.31 -1.12 0.77
C LEU A 113 13.75 -0.59 2.07
N LEU A 114 13.72 -1.43 3.10
CA LEU A 114 13.21 -1.04 4.40
C LEU A 114 14.35 -0.68 5.36
N HIS A 115 14.46 0.60 5.67
CA HIS A 115 15.50 1.06 6.58
C HIS A 115 14.99 1.13 8.01
N THR A 116 15.66 0.43 8.92
CA THR A 116 15.24 0.41 10.31
C THR A 116 15.94 1.51 11.11
N LEU A 117 15.19 2.53 11.51
CA LEU A 117 15.75 3.64 12.27
C LEU A 117 15.55 3.40 13.77
N ARG A 118 16.26 2.41 14.30
CA ARG A 118 16.16 2.07 15.71
C ARG A 118 16.05 3.33 16.56
N GLY A 119 14.95 3.44 17.30
CA GLY A 119 14.73 4.59 18.16
C GLY A 119 13.65 5.50 17.58
N VAL A 120 13.45 5.40 16.27
CA VAL A 120 12.45 6.22 15.60
C VAL A 120 11.39 5.35 14.93
N GLY A 121 11.83 4.26 14.30
CA GLY A 121 10.90 3.36 13.62
C GLY A 121 11.52 2.81 12.34
N TYR A 122 10.72 2.75 11.28
CA TYR A 122 11.20 2.25 10.00
C TYR A 122 10.83 3.20 8.87
N VAL A 123 11.60 3.18 7.79
CA VAL A 123 11.32 4.06 6.65
C VAL A 123 11.52 3.30 5.34
N LEU A 124 10.54 3.43 4.45
CA LEU A 124 10.60 2.76 3.16
C LEU A 124 11.24 3.67 2.11
N ARG A 125 12.11 3.11 1.28
CA ARG A 125 12.78 3.90 0.24
C ARG A 125 13.36 2.97 -0.82
N GLU A 126 13.17 3.35 -2.09
CA GLU A 126 13.68 2.54 -3.19
C GLU A 126 15.18 2.78 -3.37
N PRO A 127 15.89 1.81 -3.87
CA PRO A 127 17.37 1.92 -4.08
C PRO A 127 17.72 2.95 -5.16
N ARG A 128 18.83 3.65 -4.96
CA ARG A 128 19.27 4.66 -5.92
C ARG A 128 19.82 4.00 -7.18
N MET A 1 -35.83 54.38 -18.22
CA MET A 1 -35.19 53.05 -18.01
C MET A 1 -34.07 52.85 -19.03
N GLY A 2 -33.46 51.69 -19.04
CA GLY A 2 -32.36 51.40 -19.97
C GLY A 2 -31.34 50.47 -19.33
N SER A 3 -30.54 49.79 -20.16
CA SER A 3 -29.52 48.88 -19.65
C SER A 3 -30.13 47.61 -19.07
N SER A 4 -29.66 46.46 -19.55
CA SER A 4 -30.16 45.18 -19.08
C SER A 4 -29.07 44.41 -18.33
N HIS A 5 -28.09 43.89 -19.08
CA HIS A 5 -26.99 43.12 -18.49
C HIS A 5 -26.37 43.88 -17.33
N HIS A 6 -25.33 43.29 -16.73
CA HIS A 6 -24.64 43.93 -15.60
C HIS A 6 -23.12 43.79 -15.74
N HIS A 7 -22.65 43.56 -16.97
CA HIS A 7 -21.21 43.40 -17.20
C HIS A 7 -20.76 42.00 -16.79
N HIS A 8 -19.76 41.48 -17.46
CA HIS A 8 -19.25 40.15 -17.13
C HIS A 8 -17.98 40.26 -16.29
N HIS A 9 -17.52 39.12 -15.79
CA HIS A 9 -16.32 39.10 -14.95
C HIS A 9 -15.15 38.50 -15.71
N HIS A 10 -13.95 38.98 -15.41
CA HIS A 10 -12.74 38.48 -16.08
C HIS A 10 -12.06 37.44 -15.21
N SER A 11 -12.26 37.53 -13.90
CA SER A 11 -11.65 36.59 -12.97
C SER A 11 -12.15 35.17 -13.27
N SER A 12 -13.25 35.07 -14.01
CA SER A 12 -13.81 33.77 -14.36
C SER A 12 -13.84 32.85 -13.14
N GLY A 13 -14.95 32.90 -12.39
CA GLY A 13 -15.09 32.07 -11.19
C GLY A 13 -16.05 30.90 -11.42
N LEU A 14 -15.67 29.97 -12.30
CA LEU A 14 -16.52 28.83 -12.59
C LEU A 14 -15.78 27.52 -12.29
N VAL A 15 -14.45 27.59 -12.29
CA VAL A 15 -13.63 26.43 -12.03
C VAL A 15 -14.01 25.29 -12.97
N PRO A 16 -13.73 25.46 -14.22
CA PRO A 16 -14.05 24.44 -15.27
C PRO A 16 -13.58 23.04 -14.83
N ARG A 17 -12.58 23.00 -13.96
CA ARG A 17 -12.05 21.73 -13.46
C ARG A 17 -11.58 20.88 -14.64
N GLY A 18 -12.46 20.00 -15.11
CA GLY A 18 -12.11 19.12 -16.22
C GLY A 18 -13.02 17.90 -16.24
N SER A 19 -13.43 17.49 -17.44
CA SER A 19 -14.29 16.34 -17.56
C SER A 19 -14.41 15.89 -19.02
N HIS A 20 -13.90 16.71 -19.93
CA HIS A 20 -13.95 16.38 -21.34
C HIS A 20 -12.71 15.61 -21.74
N MET A 21 -11.55 16.11 -21.29
CA MET A 21 -10.28 15.46 -21.60
C MET A 21 -9.82 14.59 -20.43
N LYS A 22 -10.46 13.44 -20.27
CA LYS A 22 -10.13 12.52 -19.18
C LYS A 22 -10.44 11.09 -19.57
N GLY A 23 -11.56 10.91 -20.29
CA GLY A 23 -11.99 9.59 -20.72
C GLY A 23 -12.45 8.75 -19.53
N ASN A 24 -12.01 9.13 -18.34
CA ASN A 24 -12.38 8.42 -17.13
C ASN A 24 -13.89 8.20 -17.07
N LYS A 25 -14.35 7.14 -17.72
CA LYS A 25 -15.78 6.81 -17.72
C LYS A 25 -16.03 5.53 -16.95
N GLU A 26 -15.63 4.40 -17.52
CA GLU A 26 -15.82 3.11 -16.88
C GLU A 26 -14.73 2.86 -15.84
N PRO A 27 -15.00 2.02 -14.86
CA PRO A 27 -14.02 1.70 -13.78
C PRO A 27 -12.80 0.94 -14.31
N ARG A 28 -11.63 1.28 -13.78
CA ARG A 28 -10.39 0.63 -14.21
C ARG A 28 -9.76 -0.13 -13.05
N ASN A 29 -10.54 -0.38 -12.01
CA ASN A 29 -10.06 -1.09 -10.83
C ASN A 29 -8.87 -0.35 -10.21
N VAL A 30 -8.83 -0.34 -8.88
CA VAL A 30 -7.74 0.34 -8.18
C VAL A 30 -6.62 -0.64 -7.86
N ARG A 31 -5.47 -0.45 -8.50
CA ARG A 31 -4.33 -1.32 -8.28
C ARG A 31 -3.15 -0.49 -7.78
N LEU A 32 -2.63 -0.87 -6.62
CA LEU A 32 -1.50 -0.16 -6.03
C LEU A 32 -0.18 -0.75 -6.52
N THR A 33 0.86 0.07 -6.54
CA THR A 33 2.17 -0.39 -6.98
C THR A 33 3.28 0.21 -6.12
N PHE A 34 4.41 -0.48 -6.09
CA PHE A 34 5.56 -0.03 -5.31
C PHE A 34 6.81 -0.79 -5.74
N ALA A 35 7.88 -0.06 -6.05
CA ALA A 35 9.11 -0.72 -6.50
C ALA A 35 8.77 -1.91 -7.39
N ASP A 36 8.79 -3.11 -6.81
CA ASP A 36 8.44 -4.31 -7.55
C ASP A 36 7.34 -5.06 -6.82
N ILE A 37 6.26 -4.35 -6.52
CA ILE A 37 5.13 -4.94 -5.82
C ILE A 37 3.81 -4.49 -6.45
N GLU A 38 2.80 -5.34 -6.37
CA GLU A 38 1.49 -5.01 -6.92
C GLU A 38 0.39 -5.49 -5.99
N LEU A 39 -0.68 -4.71 -5.90
CA LEU A 39 -1.81 -5.07 -5.03
C LEU A 39 -3.12 -4.83 -5.77
N ASP A 40 -4.05 -5.77 -5.64
CA ASP A 40 -5.34 -5.63 -6.30
C ASP A 40 -6.45 -5.44 -5.27
N GLU A 41 -6.93 -4.21 -5.14
CA GLU A 41 -7.98 -3.89 -4.19
C GLU A 41 -9.29 -4.59 -4.58
N GLU A 42 -9.32 -5.16 -5.78
CA GLU A 42 -10.52 -5.84 -6.25
C GLU A 42 -10.39 -7.36 -6.05
N THR A 43 -9.22 -7.91 -6.37
CA THR A 43 -9.00 -9.34 -6.21
C THR A 43 -8.25 -9.61 -4.91
N HIS A 44 -8.12 -8.58 -4.08
CA HIS A 44 -7.43 -8.71 -2.81
C HIS A 44 -6.24 -9.65 -2.93
N GLU A 45 -5.43 -9.45 -3.96
CA GLU A 45 -4.26 -10.29 -4.17
C GLU A 45 -2.98 -9.45 -4.25
N VAL A 46 -1.84 -10.10 -4.06
CA VAL A 46 -0.56 -9.40 -4.11
C VAL A 46 0.36 -9.98 -5.18
N TRP A 47 1.30 -9.17 -5.65
CA TRP A 47 2.22 -9.62 -6.69
C TRP A 47 3.60 -8.99 -6.48
N LYS A 48 4.63 -9.82 -6.40
CA LYS A 48 5.98 -9.32 -6.22
C LYS A 48 6.88 -9.83 -7.34
N ALA A 49 7.31 -8.91 -8.20
CA ALA A 49 8.17 -9.28 -9.33
C ALA A 49 7.85 -10.69 -9.81
N GLY A 50 6.62 -10.89 -10.29
CA GLY A 50 6.19 -12.20 -10.78
C GLY A 50 6.18 -13.23 -9.67
N GLN A 51 5.97 -12.78 -8.43
CA GLN A 51 5.94 -13.68 -7.29
C GLN A 51 4.82 -13.28 -6.32
N PRO A 52 3.73 -14.00 -6.27
CA PRO A 52 2.60 -13.66 -5.37
C PRO A 52 2.90 -14.00 -3.91
N VAL A 53 2.40 -13.16 -3.01
CA VAL A 53 2.62 -13.36 -1.58
C VAL A 53 1.32 -13.21 -0.79
N SER A 54 1.12 -14.09 0.18
CA SER A 54 -0.07 -14.04 1.01
C SER A 54 0.12 -13.08 2.17
N LEU A 55 -0.92 -12.31 2.49
CA LEU A 55 -0.83 -11.35 3.58
C LEU A 55 -2.16 -11.27 4.33
N SER A 56 -2.25 -11.96 5.45
CA SER A 56 -3.47 -11.95 6.25
C SER A 56 -3.97 -10.52 6.42
N PRO A 57 -5.16 -10.34 6.95
CA PRO A 57 -5.75 -9.00 7.18
C PRO A 57 -4.76 -8.03 7.83
N THR A 58 -4.31 -8.39 9.03
CA THR A 58 -3.36 -7.55 9.76
C THR A 58 -2.15 -7.20 8.91
N GLU A 59 -1.46 -8.23 8.43
CA GLU A 59 -0.26 -8.01 7.61
C GLU A 59 -0.60 -7.20 6.36
N PHE A 60 -1.78 -7.45 5.81
CA PHE A 60 -2.22 -6.74 4.61
C PHE A 60 -2.30 -5.23 4.88
N THR A 61 -2.93 -4.88 5.99
CA THR A 61 -3.09 -3.48 6.37
C THR A 61 -1.73 -2.82 6.50
N LEU A 62 -0.78 -3.53 7.10
CA LEU A 62 0.56 -3.01 7.29
C LEU A 62 1.19 -2.64 5.95
N LEU A 63 1.16 -3.59 5.02
CA LEU A 63 1.73 -3.35 3.69
C LEU A 63 1.01 -2.20 3.00
N ARG A 64 -0.31 -2.19 3.11
CA ARG A 64 -1.10 -1.14 2.48
C ARG A 64 -0.67 0.24 2.97
N TYR A 65 -0.51 0.37 4.29
CA TYR A 65 -0.11 1.64 4.88
C TYR A 65 1.33 1.98 4.49
N PHE A 66 2.18 0.97 4.45
CA PHE A 66 3.59 1.17 4.09
C PHE A 66 3.69 1.82 2.72
N VAL A 67 2.89 1.34 1.78
CA VAL A 67 2.91 1.88 0.43
C VAL A 67 2.30 3.28 0.42
N ILE A 68 1.15 3.44 1.06
CA ILE A 68 0.49 4.74 1.11
C ILE A 68 1.44 5.81 1.62
N ASN A 69 2.30 5.46 2.57
CA ASN A 69 3.24 6.41 3.13
C ASN A 69 4.67 6.10 2.69
N ALA A 70 4.80 5.50 1.51
CA ALA A 70 6.11 5.16 0.97
C ALA A 70 7.02 6.38 0.91
N GLY A 71 8.13 6.33 1.65
CA GLY A 71 9.07 7.44 1.67
C GLY A 71 9.04 8.17 3.01
N THR A 72 7.93 8.03 3.73
CA THR A 72 7.78 8.67 5.02
C THR A 72 8.16 7.71 6.15
N VAL A 73 8.94 8.22 7.10
CA VAL A 73 9.38 7.42 8.23
C VAL A 73 8.21 7.07 9.15
N LEU A 74 8.00 5.79 9.39
CA LEU A 74 6.92 5.34 10.26
C LEU A 74 7.45 5.09 11.66
N SER A 75 6.57 5.20 12.65
CA SER A 75 6.97 4.99 14.04
C SER A 75 6.42 3.67 14.57
N LYS A 76 7.17 3.05 15.48
CA LYS A 76 6.76 1.78 16.07
C LYS A 76 5.41 1.93 16.77
N PRO A 77 5.28 2.87 17.67
CA PRO A 77 4.01 3.09 18.41
C PRO A 77 2.91 3.62 17.50
N LYS A 78 3.30 4.36 16.47
CA LYS A 78 2.32 4.90 15.53
C LYS A 78 1.69 3.77 14.72
N ILE A 79 2.54 2.90 14.18
CA ILE A 79 2.05 1.77 13.39
C ILE A 79 1.08 0.96 14.22
N LEU A 80 1.43 0.74 15.48
CA LEU A 80 0.59 -0.03 16.38
C LEU A 80 -0.79 0.61 16.51
N ASP A 81 -0.83 1.82 17.05
CA ASP A 81 -2.10 2.52 17.23
C ASP A 81 -2.88 2.58 15.92
N HIS A 82 -2.17 2.58 14.80
CA HIS A 82 -2.82 2.63 13.48
C HIS A 82 -3.51 1.31 13.17
N VAL A 83 -2.79 0.21 13.35
CA VAL A 83 -3.34 -1.12 13.07
C VAL A 83 -4.15 -1.65 14.26
N TRP A 84 -3.48 -1.82 15.40
CA TRP A 84 -4.14 -2.34 16.60
C TRP A 84 -5.38 -1.52 16.94
N ARG A 85 -5.63 -0.46 16.17
CA ARG A 85 -6.79 0.38 16.42
C ARG A 85 -8.08 -0.41 16.28
N TYR A 86 -7.94 -1.70 15.98
CA TYR A 86 -9.10 -2.56 15.81
C TYR A 86 -9.05 -3.73 16.79
N ASP A 87 -8.17 -3.63 17.78
CA ASP A 87 -8.02 -4.68 18.77
C ASP A 87 -6.86 -4.38 19.70
N PHE A 88 -7.18 -3.86 20.89
CA PHE A 88 -6.16 -3.54 21.87
C PHE A 88 -5.76 -4.79 22.65
N GLY A 89 -4.53 -5.26 22.41
CA GLY A 89 -4.03 -6.45 23.08
C GLY A 89 -2.73 -6.92 22.44
N GLY A 90 -1.80 -5.99 22.26
CA GLY A 90 -0.51 -6.30 21.66
C GLY A 90 0.52 -5.24 22.02
N ASP A 91 1.41 -5.58 22.95
CA ASP A 91 2.44 -4.65 23.39
C ASP A 91 3.16 -4.03 22.20
N VAL A 92 4.21 -3.27 22.48
CA VAL A 92 4.97 -2.62 21.42
C VAL A 92 6.02 -3.55 20.85
N ASN A 93 6.21 -4.71 21.50
CA ASN A 93 7.18 -5.68 21.03
C ASN A 93 6.61 -6.50 19.88
N VAL A 94 5.29 -6.47 19.75
CA VAL A 94 4.63 -7.21 18.68
C VAL A 94 5.01 -6.63 17.32
N VAL A 95 5.06 -5.30 17.26
CA VAL A 95 5.42 -4.63 16.01
C VAL A 95 6.78 -5.12 15.51
N GLU A 96 7.76 -5.11 16.41
CA GLU A 96 9.10 -5.56 16.05
C GLU A 96 9.05 -6.97 15.47
N SER A 97 8.36 -7.87 16.17
CA SER A 97 8.25 -9.25 15.70
C SER A 97 7.59 -9.30 14.32
N TYR A 98 6.47 -8.59 14.19
CA TYR A 98 5.76 -8.57 12.92
C TYR A 98 6.62 -7.98 11.81
N VAL A 99 7.36 -6.94 12.14
CA VAL A 99 8.24 -6.29 11.17
C VAL A 99 9.32 -7.27 10.69
N SER A 100 9.89 -8.01 11.64
CA SER A 100 10.94 -8.97 11.30
C SER A 100 10.39 -10.06 10.39
N TYR A 101 9.20 -10.56 10.71
CA TYR A 101 8.58 -11.60 9.90
C TYR A 101 8.23 -11.07 8.51
N LEU A 102 7.79 -9.82 8.46
CA LEU A 102 7.43 -9.19 7.20
C LEU A 102 8.64 -9.15 6.27
N ARG A 103 9.76 -8.69 6.79
CA ARG A 103 10.98 -8.61 5.99
C ARG A 103 11.33 -9.98 5.40
N ARG A 104 11.21 -11.02 6.23
CA ARG A 104 11.52 -12.38 5.79
C ARG A 104 10.53 -12.86 4.73
N LYS A 105 9.38 -12.18 4.63
CA LYS A 105 8.37 -12.57 3.66
C LYS A 105 8.47 -11.76 2.38
N ILE A 106 8.90 -10.51 2.50
CA ILE A 106 9.02 -9.64 1.34
C ILE A 106 10.49 -9.38 0.99
N ASP A 107 11.33 -9.31 2.01
CA ASP A 107 12.75 -9.05 1.80
C ASP A 107 13.56 -10.34 1.96
N THR A 108 14.52 -10.54 1.06
CA THR A 108 15.35 -11.73 1.11
C THR A 108 16.48 -11.63 0.08
N GLY A 109 16.88 -10.40 -0.23
CA GLY A 109 17.94 -10.17 -1.21
C GLY A 109 18.89 -9.07 -0.73
N GLU A 110 19.86 -8.74 -1.58
CA GLU A 110 20.83 -7.69 -1.24
C GLU A 110 20.19 -6.30 -1.38
N LYS A 111 18.98 -6.27 -1.94
CA LYS A 111 18.28 -5.02 -2.12
C LYS A 111 17.39 -4.70 -0.92
N ARG A 112 17.83 -3.77 -0.10
CA ARG A 112 17.07 -3.39 1.09
C ARG A 112 16.22 -2.16 0.81
N LEU A 113 14.92 -2.37 0.65
CA LEU A 113 14.01 -1.27 0.38
C LEU A 113 13.44 -0.73 1.69
N LEU A 114 13.73 -1.43 2.78
CA LEU A 114 13.25 -1.02 4.09
C LEU A 114 14.42 -0.66 5.01
N HIS A 115 14.54 0.61 5.34
CA HIS A 115 15.62 1.07 6.21
C HIS A 115 15.16 1.12 7.66
N THR A 116 15.90 0.47 8.55
CA THR A 116 15.55 0.44 9.97
C THR A 116 16.23 1.58 10.71
N LEU A 117 15.43 2.54 11.18
CA LEU A 117 15.97 3.68 11.92
C LEU A 117 15.92 3.43 13.41
N ARG A 118 16.78 2.52 13.89
CA ARG A 118 16.82 2.19 15.31
C ARG A 118 16.75 3.46 16.15
N GLY A 119 15.65 3.62 16.87
CA GLY A 119 15.47 4.81 17.72
C GLY A 119 14.30 5.65 17.23
N VAL A 120 13.82 5.36 16.03
CA VAL A 120 12.70 6.09 15.45
C VAL A 120 11.66 5.14 14.88
N GLY A 121 12.10 4.25 14.00
CA GLY A 121 11.19 3.28 13.38
C GLY A 121 11.78 2.76 12.07
N TYR A 122 10.93 2.61 11.07
CA TYR A 122 11.38 2.13 9.77
C TYR A 122 10.91 3.07 8.66
N VAL A 123 11.62 3.05 7.54
CA VAL A 123 11.27 3.92 6.41
C VAL A 123 11.37 3.15 5.10
N LEU A 124 10.37 3.33 4.24
CA LEU A 124 10.35 2.66 2.95
C LEU A 124 11.00 3.53 1.86
N ARG A 125 11.98 2.96 1.16
CA ARG A 125 12.66 3.70 0.11
C ARG A 125 13.42 2.75 -0.83
N GLU A 126 13.29 2.99 -2.13
CA GLU A 126 13.96 2.16 -3.12
C GLU A 126 15.48 2.37 -3.05
N PRO A 127 16.25 1.39 -3.47
CA PRO A 127 17.73 1.47 -3.47
C PRO A 127 18.24 2.86 -3.86
N ARG A 128 19.50 3.15 -3.53
CA ARG A 128 20.09 4.44 -3.85
C ARG A 128 20.33 4.56 -5.35
N MET A 1 -33.36 -22.52 11.54
CA MET A 1 -33.09 -21.18 12.13
C MET A 1 -31.59 -20.92 12.10
N GLY A 2 -31.14 -20.14 11.11
CA GLY A 2 -29.73 -19.82 10.98
C GLY A 2 -29.14 -19.38 12.31
N SER A 3 -28.53 -20.32 13.02
CA SER A 3 -27.93 -20.01 14.32
C SER A 3 -26.85 -18.94 14.16
N SER A 4 -26.21 -18.93 12.99
CA SER A 4 -25.16 -17.94 12.73
C SER A 4 -25.76 -16.67 12.14
N HIS A 5 -25.14 -15.54 12.46
CA HIS A 5 -25.62 -14.26 11.96
C HIS A 5 -24.65 -13.68 10.94
N HIS A 6 -23.52 -13.18 11.44
CA HIS A 6 -22.50 -12.60 10.56
C HIS A 6 -21.21 -12.35 11.33
N HIS A 7 -20.33 -11.52 10.77
CA HIS A 7 -19.06 -11.22 11.42
C HIS A 7 -19.11 -9.85 12.10
N HIS A 8 -17.95 -9.38 12.53
CA HIS A 8 -17.86 -8.07 13.20
C HIS A 8 -17.27 -7.03 12.26
N HIS A 9 -16.68 -7.49 11.16
CA HIS A 9 -16.07 -6.59 10.19
C HIS A 9 -17.13 -5.98 9.28
N HIS A 10 -17.41 -4.69 9.47
CA HIS A 10 -18.40 -4.02 8.65
C HIS A 10 -18.13 -4.26 7.17
N SER A 11 -17.57 -3.26 6.51
CA SER A 11 -17.28 -3.38 5.08
C SER A 11 -18.52 -3.78 4.31
N SER A 12 -18.34 -4.22 3.07
CA SER A 12 -19.47 -4.62 2.24
C SER A 12 -19.43 -6.13 2.00
N GLY A 13 -20.60 -6.72 1.75
CA GLY A 13 -20.69 -8.15 1.50
C GLY A 13 -21.93 -8.49 0.69
N LEU A 14 -22.13 -7.76 -0.40
CA LEU A 14 -23.29 -7.99 -1.26
C LEU A 14 -22.86 -8.15 -2.71
N VAL A 15 -23.79 -8.59 -3.56
CA VAL A 15 -23.49 -8.79 -4.97
C VAL A 15 -24.70 -8.47 -5.85
N PRO A 16 -24.97 -7.21 -6.09
CA PRO A 16 -26.10 -6.78 -6.94
C PRO A 16 -25.75 -6.84 -8.42
N ARG A 17 -26.03 -7.98 -9.05
CA ARG A 17 -25.74 -8.15 -10.46
C ARG A 17 -26.23 -6.96 -11.26
N GLY A 18 -25.53 -6.64 -12.34
CA GLY A 18 -25.91 -5.52 -13.17
C GLY A 18 -26.57 -5.99 -14.47
N SER A 19 -27.90 -5.93 -14.52
CA SER A 19 -28.61 -6.37 -15.70
C SER A 19 -28.06 -5.66 -16.95
N HIS A 20 -28.14 -4.35 -16.96
CA HIS A 20 -27.64 -3.57 -18.09
C HIS A 20 -27.34 -2.13 -17.67
N MET A 21 -26.20 -1.61 -18.13
CA MET A 21 -25.81 -0.24 -17.79
C MET A 21 -25.59 0.59 -19.06
N LYS A 22 -26.32 1.69 -19.16
CA LYS A 22 -26.20 2.57 -20.32
C LYS A 22 -25.13 3.63 -20.06
N GLY A 23 -23.98 3.49 -20.73
CA GLY A 23 -22.89 4.44 -20.54
C GLY A 23 -21.97 3.98 -19.42
N ASN A 24 -21.36 2.82 -19.59
CA ASN A 24 -20.46 2.28 -18.57
C ASN A 24 -19.06 2.86 -18.73
N LYS A 25 -18.79 3.94 -18.01
CA LYS A 25 -17.49 4.60 -18.07
C LYS A 25 -16.81 4.59 -16.71
N GLU A 26 -15.69 3.87 -16.63
CA GLU A 26 -14.94 3.79 -15.38
C GLU A 26 -13.45 3.99 -15.64
N PRO A 27 -12.71 4.37 -14.64
CA PRO A 27 -11.24 4.61 -14.77
C PRO A 27 -10.47 3.31 -14.95
N ARG A 28 -9.16 3.42 -15.13
CA ARG A 28 -8.32 2.25 -15.31
C ARG A 28 -8.38 1.35 -14.07
N ASN A 29 -7.99 0.09 -14.23
CA ASN A 29 -8.02 -0.85 -13.12
C ASN A 29 -7.59 -0.18 -11.83
N VAL A 30 -8.24 -0.55 -10.74
CA VAL A 30 -7.92 0.02 -9.43
C VAL A 30 -6.99 -0.90 -8.66
N ARG A 31 -5.80 -0.39 -8.34
CA ARG A 31 -4.82 -1.19 -7.60
C ARG A 31 -3.61 -0.34 -7.23
N LEU A 32 -2.93 -0.71 -6.15
CA LEU A 32 -1.76 0.02 -5.69
C LEU A 32 -0.47 -0.57 -6.27
N THR A 33 0.55 0.27 -6.39
CA THR A 33 1.84 -0.18 -6.93
C THR A 33 2.98 0.51 -6.19
N PHE A 34 4.13 -0.17 -6.15
CA PHE A 34 5.31 0.37 -5.49
C PHE A 34 6.56 -0.40 -5.93
N ALA A 35 7.58 0.32 -6.38
CA ALA A 35 8.80 -0.32 -6.85
C ALA A 35 8.44 -1.58 -7.62
N ASP A 36 8.55 -2.74 -6.96
CA ASP A 36 8.21 -4.00 -7.60
C ASP A 36 7.17 -4.74 -6.76
N ILE A 37 6.09 -4.05 -6.46
CA ILE A 37 5.01 -4.63 -5.66
C ILE A 37 3.66 -4.26 -6.26
N GLU A 38 2.73 -5.20 -6.22
CA GLU A 38 1.39 -4.94 -6.76
C GLU A 38 0.31 -5.48 -5.83
N LEU A 39 -0.76 -4.71 -5.68
CA LEU A 39 -1.86 -5.11 -4.82
C LEU A 39 -3.20 -4.86 -5.50
N ASP A 40 -4.01 -5.90 -5.62
CA ASP A 40 -5.31 -5.77 -6.27
C ASP A 40 -6.43 -5.71 -5.23
N GLU A 41 -6.96 -4.51 -5.02
CA GLU A 41 -8.04 -4.33 -4.05
C GLU A 41 -9.30 -5.05 -4.50
N GLU A 42 -9.31 -5.48 -5.75
CA GLU A 42 -10.47 -6.19 -6.29
C GLU A 42 -10.42 -7.67 -5.90
N THR A 43 -9.30 -8.33 -6.16
CA THR A 43 -9.15 -9.73 -5.83
C THR A 43 -8.41 -9.89 -4.49
N HIS A 44 -8.32 -8.79 -3.75
CA HIS A 44 -7.64 -8.81 -2.46
C HIS A 44 -6.44 -9.75 -2.49
N GLU A 45 -5.46 -9.42 -3.33
CA GLU A 45 -4.27 -10.24 -3.45
C GLU A 45 -3.02 -9.37 -3.58
N VAL A 46 -1.86 -9.97 -3.34
CA VAL A 46 -0.61 -9.24 -3.44
C VAL A 46 0.27 -9.81 -4.55
N TRP A 47 1.24 -9.02 -4.99
CA TRP A 47 2.15 -9.46 -6.06
C TRP A 47 3.54 -8.88 -5.85
N LYS A 48 4.55 -9.75 -5.88
CA LYS A 48 5.93 -9.29 -5.70
C LYS A 48 6.81 -9.81 -6.83
N ALA A 49 7.26 -8.90 -7.69
CA ALA A 49 8.12 -9.26 -8.82
C ALA A 49 7.82 -10.68 -9.31
N GLY A 50 6.63 -10.86 -9.87
CA GLY A 50 6.23 -12.18 -10.37
C GLY A 50 6.30 -13.22 -9.27
N GLN A 51 6.04 -12.80 -8.04
CA GLN A 51 6.07 -13.70 -6.90
C GLN A 51 4.95 -13.35 -5.92
N PRO A 52 3.78 -13.90 -6.10
CA PRO A 52 2.63 -13.62 -5.20
C PRO A 52 2.87 -14.12 -3.79
N VAL A 53 2.50 -13.29 -2.81
CA VAL A 53 2.70 -13.64 -1.41
C VAL A 53 1.37 -13.60 -0.64
N SER A 54 1.29 -14.40 0.41
CA SER A 54 0.09 -14.45 1.23
C SER A 54 0.17 -13.42 2.36
N LEU A 55 -0.85 -12.57 2.46
CA LEU A 55 -0.87 -11.55 3.49
C LEU A 55 -2.28 -11.37 4.06
N SER A 56 -2.53 -12.02 5.18
CA SER A 56 -3.84 -11.93 5.82
C SER A 56 -4.30 -10.48 5.91
N PRO A 57 -5.52 -10.24 6.31
CA PRO A 57 -6.08 -8.86 6.44
C PRO A 57 -5.14 -7.93 7.20
N THR A 58 -4.75 -8.36 8.40
CA THR A 58 -3.87 -7.56 9.24
C THR A 58 -2.55 -7.27 8.51
N GLU A 59 -1.91 -8.32 8.01
CA GLU A 59 -0.65 -8.15 7.30
C GLU A 59 -0.86 -7.31 6.05
N PHE A 60 -1.97 -7.54 5.36
CA PHE A 60 -2.28 -6.79 4.15
C PHE A 60 -2.36 -5.30 4.45
N THR A 61 -3.06 -4.96 5.52
CA THR A 61 -3.22 -3.56 5.91
C THR A 61 -1.86 -2.93 6.18
N LEU A 62 -0.98 -3.70 6.82
CA LEU A 62 0.37 -3.21 7.13
C LEU A 62 1.11 -2.84 5.85
N LEU A 63 1.04 -3.72 4.87
CA LEU A 63 1.71 -3.47 3.59
C LEU A 63 1.06 -2.31 2.87
N ARG A 64 -0.27 -2.29 2.89
CA ARG A 64 -1.02 -1.22 2.24
C ARG A 64 -0.59 0.14 2.78
N TYR A 65 -0.47 0.23 4.10
CA TYR A 65 -0.06 1.47 4.73
C TYR A 65 1.36 1.83 4.33
N PHE A 66 2.25 0.84 4.34
CA PHE A 66 3.64 1.07 3.97
C PHE A 66 3.74 1.77 2.62
N VAL A 67 2.95 1.29 1.66
CA VAL A 67 2.97 1.88 0.32
C VAL A 67 2.37 3.29 0.34
N ILE A 68 1.20 3.43 0.96
CA ILE A 68 0.54 4.72 1.04
C ILE A 68 1.47 5.78 1.64
N ASN A 69 2.31 5.36 2.57
CA ASN A 69 3.25 6.28 3.21
C ASN A 69 4.68 5.99 2.77
N ALA A 70 4.82 5.44 1.56
CA ALA A 70 6.14 5.12 1.03
C ALA A 70 7.05 6.34 1.06
N GLY A 71 8.13 6.27 1.83
CA GLY A 71 9.07 7.38 1.93
C GLY A 71 8.91 8.12 3.26
N THR A 72 7.77 7.91 3.91
CA THR A 72 7.51 8.58 5.20
C THR A 72 8.01 7.72 6.36
N VAL A 73 8.86 8.31 7.20
CA VAL A 73 9.38 7.59 8.36
C VAL A 73 8.27 7.32 9.35
N LEU A 74 7.96 6.04 9.56
CA LEU A 74 6.90 5.67 10.49
C LEU A 74 7.48 5.33 11.87
N SER A 75 6.62 5.37 12.88
CA SER A 75 7.05 5.07 14.24
C SER A 75 6.53 3.71 14.69
N LYS A 76 7.30 3.03 15.54
CA LYS A 76 6.90 1.72 16.04
C LYS A 76 5.53 1.79 16.71
N PRO A 77 5.33 2.68 17.64
CA PRO A 77 4.03 2.82 18.35
C PRO A 77 2.92 3.33 17.43
N LYS A 78 3.31 4.14 16.44
CA LYS A 78 2.33 4.67 15.50
C LYS A 78 1.76 3.54 14.65
N ILE A 79 2.64 2.68 14.15
CA ILE A 79 2.21 1.56 13.33
C ILE A 79 1.34 0.63 14.16
N LEU A 80 1.72 0.44 15.41
CA LEU A 80 0.98 -0.44 16.32
C LEU A 80 -0.46 0.05 16.47
N ASP A 81 -0.61 1.34 16.79
CA ASP A 81 -1.94 1.91 16.97
C ASP A 81 -2.66 2.08 15.64
N HIS A 82 -1.90 2.08 14.55
CA HIS A 82 -2.49 2.22 13.22
C HIS A 82 -3.25 0.97 12.84
N VAL A 83 -2.67 -0.19 13.13
CA VAL A 83 -3.30 -1.46 12.80
C VAL A 83 -4.33 -1.84 13.87
N TRP A 84 -3.89 -1.86 15.12
CA TRP A 84 -4.78 -2.22 16.23
C TRP A 84 -5.85 -1.15 16.42
N ARG A 85 -5.75 -0.07 15.66
CA ARG A 85 -6.71 1.03 15.75
C ARG A 85 -8.14 0.49 15.83
N TYR A 86 -8.30 -0.80 15.52
CA TYR A 86 -9.63 -1.41 15.57
C TYR A 86 -9.80 -2.18 16.88
N ASP A 87 -9.07 -1.75 17.89
CA ASP A 87 -9.14 -2.39 19.20
C ASP A 87 -8.10 -1.78 20.14
N PHE A 88 -7.88 -2.44 21.28
CA PHE A 88 -6.91 -1.95 22.25
C PHE A 88 -5.49 -2.09 21.71
N GLY A 89 -4.57 -1.34 22.29
CA GLY A 89 -3.17 -1.38 21.87
C GLY A 89 -2.53 -2.69 22.31
N GLY A 90 -1.24 -2.83 22.05
CA GLY A 90 -0.52 -4.03 22.42
C GLY A 90 0.87 -3.67 22.89
N ASP A 91 1.76 -4.64 22.80
CA ASP A 91 3.14 -4.45 23.22
C ASP A 91 3.95 -3.87 22.06
N VAL A 92 4.67 -2.78 22.33
CA VAL A 92 5.47 -2.14 21.31
C VAL A 92 6.51 -3.10 20.75
N ASN A 93 6.49 -4.34 21.25
CA ASN A 93 7.43 -5.35 20.79
C ASN A 93 6.80 -6.21 19.70
N VAL A 94 5.47 -6.28 19.70
CA VAL A 94 4.75 -7.07 18.70
C VAL A 94 5.04 -6.53 17.31
N VAL A 95 5.26 -5.23 17.23
CA VAL A 95 5.54 -4.59 15.95
C VAL A 95 6.85 -5.10 15.36
N GLU A 96 7.92 -5.04 16.16
CA GLU A 96 9.23 -5.49 15.71
C GLU A 96 9.16 -6.94 15.23
N SER A 97 8.46 -7.77 15.99
CA SER A 97 8.32 -9.18 15.64
C SER A 97 7.63 -9.34 14.28
N TYR A 98 6.51 -8.65 14.11
CA TYR A 98 5.77 -8.74 12.85
C TYR A 98 6.60 -8.18 11.71
N VAL A 99 7.33 -7.11 11.99
CA VAL A 99 8.17 -6.48 10.97
C VAL A 99 9.24 -7.46 10.51
N SER A 100 9.85 -8.17 11.46
CA SER A 100 10.89 -9.13 11.14
C SER A 100 10.33 -10.25 10.27
N TYR A 101 9.16 -10.76 10.66
CA TYR A 101 8.52 -11.84 9.92
C TYR A 101 8.15 -11.38 8.52
N LEU A 102 7.84 -10.09 8.39
CA LEU A 102 7.47 -9.52 7.11
C LEU A 102 8.69 -9.39 6.20
N ARG A 103 9.79 -8.90 6.75
CA ARG A 103 11.01 -8.74 5.99
C ARG A 103 11.41 -10.06 5.33
N ARG A 104 11.29 -11.14 6.09
CA ARG A 104 11.65 -12.46 5.56
C ARG A 104 10.68 -12.89 4.46
N LYS A 105 9.48 -12.31 4.45
CA LYS A 105 8.48 -12.67 3.45
C LYS A 105 8.57 -11.76 2.23
N ILE A 106 9.10 -10.55 2.41
CA ILE A 106 9.22 -9.60 1.32
C ILE A 106 10.68 -9.28 1.02
N ASP A 107 11.48 -9.18 2.07
CA ASP A 107 12.91 -8.88 1.91
C ASP A 107 13.73 -10.16 1.99
N THR A 108 14.83 -10.20 1.23
CA THR A 108 15.71 -11.37 1.22
C THR A 108 16.81 -11.19 0.18
N GLY A 109 16.49 -10.47 -0.89
CA GLY A 109 17.46 -10.22 -1.95
C GLY A 109 18.52 -9.23 -1.48
N GLU A 110 19.63 -9.19 -2.22
CA GLU A 110 20.72 -8.29 -1.87
C GLU A 110 20.29 -6.83 -1.99
N LYS A 111 19.05 -6.62 -2.46
CA LYS A 111 18.53 -5.27 -2.63
C LYS A 111 17.76 -4.83 -1.38
N ARG A 112 18.07 -3.63 -0.91
CA ARG A 112 17.40 -3.08 0.28
C ARG A 112 16.12 -2.37 -0.12
N LEU A 113 15.20 -2.22 0.82
CA LEU A 113 13.93 -1.55 0.56
C LEU A 113 13.44 -0.82 1.81
N LEU A 114 13.46 -1.53 2.94
CA LEU A 114 13.02 -0.94 4.20
C LEU A 114 14.22 -0.62 5.09
N HIS A 115 14.39 0.66 5.43
CA HIS A 115 15.50 1.06 6.28
C HIS A 115 15.03 1.19 7.73
N THR A 116 15.70 0.48 8.64
CA THR A 116 15.33 0.51 10.04
C THR A 116 16.11 1.60 10.79
N LEU A 117 15.41 2.66 11.19
CA LEU A 117 16.05 3.76 11.90
C LEU A 117 15.94 3.55 13.42
N ARG A 118 16.69 2.59 13.94
CA ARG A 118 16.67 2.31 15.37
C ARG A 118 16.53 3.61 16.16
N GLY A 119 15.50 3.67 17.00
CA GLY A 119 15.25 4.86 17.81
C GLY A 119 13.96 5.55 17.36
N VAL A 120 13.76 5.60 16.06
CA VAL A 120 12.58 6.24 15.49
C VAL A 120 11.59 5.19 14.98
N GLY A 121 12.05 4.39 14.02
CA GLY A 121 11.20 3.35 13.44
C GLY A 121 11.80 2.85 12.13
N TYR A 122 10.94 2.66 11.12
CA TYR A 122 11.42 2.19 9.82
C TYR A 122 10.94 3.11 8.71
N VAL A 123 11.68 3.12 7.60
CA VAL A 123 11.33 3.97 6.47
C VAL A 123 11.42 3.19 5.16
N LEU A 124 10.47 3.43 4.26
CA LEU A 124 10.47 2.75 2.96
C LEU A 124 11.19 3.61 1.92
N ARG A 125 12.35 3.16 1.47
CA ARG A 125 13.10 3.92 0.47
C ARG A 125 14.12 3.03 -0.24
N GLU A 126 14.14 3.11 -1.57
CA GLU A 126 15.08 2.32 -2.36
C GLU A 126 16.51 2.85 -2.16
N PRO A 127 17.49 2.02 -2.37
CA PRO A 127 18.92 2.42 -2.22
C PRO A 127 19.36 3.39 -3.31
N ARG A 128 19.56 4.66 -2.93
CA ARG A 128 19.98 5.67 -3.89
C ARG A 128 21.07 5.12 -4.81
N MET A 1 -32.52 15.25 -3.36
CA MET A 1 -31.51 16.21 -2.83
C MET A 1 -30.73 16.80 -4.00
N GLY A 2 -30.90 18.09 -4.22
CA GLY A 2 -30.21 18.77 -5.31
C GLY A 2 -31.05 19.90 -5.88
N SER A 3 -30.50 21.11 -5.84
CA SER A 3 -31.20 22.27 -6.35
C SER A 3 -31.23 22.25 -7.87
N SER A 4 -30.05 22.03 -8.48
CA SER A 4 -29.95 21.98 -9.93
C SER A 4 -30.47 23.27 -10.55
N HIS A 5 -30.06 24.40 -9.97
CA HIS A 5 -30.48 25.71 -10.48
C HIS A 5 -29.85 25.98 -11.84
N HIS A 6 -28.52 26.03 -11.86
CA HIS A 6 -27.79 26.28 -13.10
C HIS A 6 -27.54 24.97 -13.83
N HIS A 7 -26.93 25.05 -15.01
CA HIS A 7 -26.65 23.85 -15.78
C HIS A 7 -25.15 23.57 -15.81
N HIS A 8 -24.79 22.38 -16.27
CA HIS A 8 -23.38 22.00 -16.35
C HIS A 8 -23.00 21.67 -17.79
N HIS A 9 -22.62 22.69 -18.54
CA HIS A 9 -22.23 22.49 -19.94
C HIS A 9 -20.90 21.76 -20.01
N HIS A 10 -20.44 21.53 -21.24
CA HIS A 10 -19.16 20.84 -21.44
C HIS A 10 -18.01 21.82 -21.30
N SER A 11 -16.92 21.57 -22.03
CA SER A 11 -15.76 22.45 -21.98
C SER A 11 -15.64 23.25 -23.26
N SER A 12 -14.87 24.34 -23.21
CA SER A 12 -14.69 25.19 -24.38
C SER A 12 -13.38 25.98 -24.27
N GLY A 13 -12.27 25.27 -24.10
CA GLY A 13 -10.98 25.92 -23.99
C GLY A 13 -9.86 24.98 -24.43
N LEU A 14 -9.49 24.06 -23.55
CA LEU A 14 -8.43 23.10 -23.84
C LEU A 14 -8.99 21.93 -24.64
N VAL A 15 -8.21 20.85 -24.72
CA VAL A 15 -8.62 19.66 -25.44
C VAL A 15 -8.35 18.42 -24.59
N PRO A 16 -9.12 18.23 -23.55
CA PRO A 16 -8.95 17.08 -22.62
C PRO A 16 -8.76 15.76 -23.36
N ARG A 17 -7.59 15.16 -23.17
CA ARG A 17 -7.28 13.90 -23.82
C ARG A 17 -7.84 13.89 -25.24
N GLY A 18 -7.34 14.80 -26.07
CA GLY A 18 -7.79 14.91 -27.45
C GLY A 18 -7.53 13.61 -28.21
N SER A 19 -8.51 12.71 -28.20
CA SER A 19 -8.37 11.44 -28.90
C SER A 19 -9.71 11.06 -29.54
N HIS A 20 -9.73 11.03 -30.87
CA HIS A 20 -10.96 10.69 -31.59
C HIS A 20 -11.46 9.31 -31.17
N MET A 21 -11.28 8.34 -32.07
CA MET A 21 -11.72 6.97 -31.80
C MET A 21 -11.11 6.46 -30.49
N LYS A 22 -11.37 5.18 -30.19
CA LYS A 22 -10.86 4.58 -28.98
C LYS A 22 -10.21 3.24 -29.27
N GLY A 23 -8.95 3.27 -29.72
CA GLY A 23 -8.22 2.05 -30.02
C GLY A 23 -7.87 1.30 -28.76
N ASN A 24 -7.98 1.99 -27.62
CA ASN A 24 -7.67 1.38 -26.33
C ASN A 24 -8.89 0.65 -25.76
N LYS A 25 -9.78 1.41 -25.13
CA LYS A 25 -10.98 0.82 -24.54
C LYS A 25 -10.62 -0.30 -23.57
N GLU A 26 -10.52 0.03 -22.29
CA GLU A 26 -10.19 -0.95 -21.27
C GLU A 26 -10.66 -0.47 -19.90
N PRO A 27 -11.03 -1.36 -19.02
CA PRO A 27 -11.51 -0.98 -17.66
C PRO A 27 -10.40 -0.37 -16.82
N ARG A 28 -10.78 0.23 -15.69
CA ARG A 28 -9.80 0.86 -14.81
C ARG A 28 -9.57 0.02 -13.56
N ASN A 29 -8.49 -0.76 -13.57
CA ASN A 29 -8.17 -1.61 -12.43
C ASN A 29 -7.32 -0.85 -11.42
N VAL A 30 -7.94 -0.41 -10.34
CA VAL A 30 -7.22 0.33 -9.30
C VAL A 30 -6.46 -0.64 -8.41
N ARG A 31 -5.24 -0.24 -8.05
CA ARG A 31 -4.41 -1.07 -7.20
C ARG A 31 -3.12 -0.34 -6.83
N LEU A 32 -2.55 -0.69 -5.69
CA LEU A 32 -1.33 -0.04 -5.23
C LEU A 32 -0.10 -0.79 -5.73
N THR A 33 0.98 -0.04 -5.97
CA THR A 33 2.23 -0.63 -6.44
C THR A 33 3.42 0.04 -5.76
N PHE A 34 4.53 -0.67 -5.69
CA PHE A 34 5.74 -0.14 -5.07
C PHE A 34 6.97 -0.87 -5.59
N ALA A 35 7.93 -0.11 -6.13
CA ALA A 35 9.13 -0.71 -6.67
C ALA A 35 8.78 -2.00 -7.39
N ASP A 36 8.89 -3.12 -6.66
CA ASP A 36 8.54 -4.42 -7.24
C ASP A 36 7.50 -5.10 -6.36
N ILE A 37 6.43 -4.38 -6.09
CA ILE A 37 5.35 -4.91 -5.27
C ILE A 37 4.00 -4.51 -5.85
N GLU A 38 3.05 -5.44 -5.86
CA GLU A 38 1.73 -5.15 -6.39
C GLU A 38 0.64 -5.67 -5.46
N LEU A 39 -0.34 -4.83 -5.20
CA LEU A 39 -1.45 -5.19 -4.32
C LEU A 39 -2.78 -4.84 -4.99
N ASP A 40 -3.62 -5.84 -5.18
CA ASP A 40 -4.91 -5.61 -5.82
C ASP A 40 -6.04 -5.77 -4.81
N GLU A 41 -6.72 -4.66 -4.53
CA GLU A 41 -7.82 -4.68 -3.58
C GLU A 41 -8.97 -5.52 -4.11
N GLU A 42 -9.27 -5.38 -5.39
CA GLU A 42 -10.35 -6.13 -6.01
C GLU A 42 -10.22 -7.61 -5.70
N THR A 43 -9.01 -8.13 -5.87
CA THR A 43 -8.76 -9.55 -5.61
C THR A 43 -8.02 -9.73 -4.28
N HIS A 44 -7.91 -8.65 -3.52
CA HIS A 44 -7.23 -8.70 -2.23
C HIS A 44 -6.04 -9.65 -2.30
N GLU A 45 -5.23 -9.51 -3.34
CA GLU A 45 -4.05 -10.37 -3.51
C GLU A 45 -2.78 -9.53 -3.53
N VAL A 46 -1.64 -10.21 -3.38
CA VAL A 46 -0.35 -9.54 -3.39
C VAL A 46 0.54 -10.09 -4.49
N TRP A 47 1.54 -9.30 -4.88
CA TRP A 47 2.46 -9.72 -5.93
C TRP A 47 3.86 -9.19 -5.66
N LYS A 48 4.82 -10.10 -5.54
CA LYS A 48 6.20 -9.71 -5.28
C LYS A 48 7.11 -10.16 -6.42
N ALA A 49 7.52 -9.21 -7.25
CA ALA A 49 8.38 -9.51 -8.40
C ALA A 49 8.08 -10.91 -8.95
N GLY A 50 6.87 -11.08 -9.46
CA GLY A 50 6.46 -12.37 -10.02
C GLY A 50 6.32 -13.42 -8.93
N GLN A 51 6.01 -12.97 -7.71
CA GLN A 51 5.84 -13.88 -6.59
C GLN A 51 4.58 -13.54 -5.80
N PRO A 52 3.47 -14.18 -6.09
CA PRO A 52 2.19 -13.92 -5.38
C PRO A 52 2.14 -14.60 -4.02
N VAL A 53 1.71 -13.87 -3.00
CA VAL A 53 1.63 -14.42 -1.66
C VAL A 53 0.29 -14.10 -0.99
N SER A 54 -0.30 -15.11 -0.35
CA SER A 54 -1.58 -14.94 0.32
C SER A 54 -1.37 -14.32 1.71
N LEU A 55 -1.59 -13.02 1.81
CA LEU A 55 -1.42 -12.32 3.08
C LEU A 55 -2.75 -12.17 3.81
N SER A 56 -2.68 -12.07 5.12
CA SER A 56 -3.87 -11.91 5.95
C SER A 56 -4.33 -10.45 5.93
N PRO A 57 -5.56 -10.21 6.27
CA PRO A 57 -6.13 -8.83 6.29
C PRO A 57 -5.25 -7.87 7.08
N THR A 58 -4.77 -8.33 8.23
CA THR A 58 -3.91 -7.52 9.08
C THR A 58 -2.62 -7.15 8.34
N GLU A 59 -1.90 -8.16 7.87
CA GLU A 59 -0.66 -7.93 7.16
C GLU A 59 -0.92 -7.08 5.92
N PHE A 60 -2.06 -7.30 5.28
CA PHE A 60 -2.42 -6.55 4.08
C PHE A 60 -2.45 -5.05 4.39
N THR A 61 -3.20 -4.69 5.43
CA THR A 61 -3.31 -3.29 5.83
C THR A 61 -1.94 -2.69 6.13
N LEU A 62 -1.12 -3.45 6.84
CA LEU A 62 0.22 -2.99 7.19
C LEU A 62 0.99 -2.54 5.95
N LEU A 63 1.05 -3.43 4.95
CA LEU A 63 1.77 -3.12 3.72
C LEU A 63 1.08 -1.97 2.97
N ARG A 64 -0.25 -2.01 2.93
CA ARG A 64 -1.01 -0.97 2.25
C ARG A 64 -0.64 0.41 2.78
N TYR A 65 -0.59 0.54 4.09
CA TYR A 65 -0.26 1.82 4.70
C TYR A 65 1.17 2.23 4.36
N PHE A 66 2.07 1.25 4.41
CA PHE A 66 3.47 1.52 4.09
C PHE A 66 3.61 2.10 2.69
N VAL A 67 2.89 1.52 1.74
CA VAL A 67 2.94 1.99 0.35
C VAL A 67 2.38 3.40 0.23
N ILE A 68 1.26 3.67 0.90
CA ILE A 68 0.65 4.99 0.85
C ILE A 68 1.60 6.04 1.44
N ASN A 69 2.42 5.60 2.38
CA ASN A 69 3.37 6.51 3.03
C ASN A 69 4.81 6.14 2.69
N ALA A 70 4.99 5.45 1.57
CA ALA A 70 6.32 5.03 1.15
C ALA A 70 7.25 6.24 1.01
N GLY A 71 8.34 6.23 1.76
CA GLY A 71 9.29 7.34 1.71
C GLY A 71 9.27 8.13 3.02
N THR A 72 8.17 8.00 3.75
CA THR A 72 8.01 8.72 5.01
C THR A 72 8.41 7.84 6.19
N VAL A 73 9.24 8.38 7.07
CA VAL A 73 9.69 7.65 8.25
C VAL A 73 8.53 7.46 9.23
N LEU A 74 8.14 6.20 9.45
CA LEU A 74 7.05 5.90 10.36
C LEU A 74 7.60 5.51 11.74
N SER A 75 6.75 5.60 12.75
CA SER A 75 7.16 5.25 14.11
C SER A 75 6.50 3.95 14.55
N LYS A 76 7.20 3.19 15.38
CA LYS A 76 6.67 1.92 15.87
C LYS A 76 5.34 2.10 16.59
N PRO A 77 5.24 3.02 17.52
CA PRO A 77 3.96 3.24 18.27
C PRO A 77 2.84 3.75 17.36
N LYS A 78 3.21 4.56 16.37
CA LYS A 78 2.22 5.10 15.45
C LYS A 78 1.68 3.99 14.56
N ILE A 79 2.58 3.19 14.00
CA ILE A 79 2.17 2.09 13.14
C ILE A 79 1.16 1.20 13.86
N LEU A 80 1.41 0.97 15.15
CA LEU A 80 0.53 0.15 15.95
C LEU A 80 -0.86 0.78 16.05
N ASP A 81 -0.93 1.95 16.66
CA ASP A 81 -2.19 2.67 16.82
C ASP A 81 -2.93 2.78 15.49
N HIS A 82 -2.18 2.79 14.39
CA HIS A 82 -2.78 2.90 13.07
C HIS A 82 -3.51 1.61 12.69
N VAL A 83 -2.82 0.48 12.82
CA VAL A 83 -3.41 -0.81 12.48
C VAL A 83 -4.23 -1.36 13.64
N TRP A 84 -3.57 -1.60 14.77
CA TRP A 84 -4.24 -2.14 15.94
C TRP A 84 -5.49 -1.34 16.29
N ARG A 85 -5.72 -0.26 15.55
CA ARG A 85 -6.89 0.57 15.80
C ARG A 85 -8.17 -0.23 15.57
N TYR A 86 -8.01 -1.49 15.16
CA TYR A 86 -9.15 -2.36 14.91
C TYR A 86 -9.14 -3.54 15.87
N ASP A 87 -8.29 -3.47 16.88
CA ASP A 87 -8.19 -4.54 17.87
C ASP A 87 -6.97 -4.33 18.77
N PHE A 88 -7.22 -3.96 20.02
CA PHE A 88 -6.13 -3.74 20.96
C PHE A 88 -5.71 -5.06 21.61
N GLY A 89 -4.45 -5.43 21.43
CA GLY A 89 -3.94 -6.67 22.02
C GLY A 89 -2.65 -7.08 21.34
N GLY A 90 -1.69 -6.16 21.27
CA GLY A 90 -0.40 -6.45 20.65
C GLY A 90 0.67 -5.52 21.19
N ASP A 91 1.49 -6.03 22.09
CA ASP A 91 2.55 -5.22 22.68
C ASP A 91 3.43 -4.64 21.58
N VAL A 92 4.50 -3.98 21.99
CA VAL A 92 5.42 -3.37 21.03
C VAL A 92 6.45 -4.39 20.55
N ASN A 93 6.44 -5.57 21.17
CA ASN A 93 7.39 -6.61 20.80
C ASN A 93 6.84 -7.48 19.67
N VAL A 94 5.60 -7.94 19.82
CA VAL A 94 4.99 -8.77 18.79
C VAL A 94 5.03 -8.06 17.45
N VAL A 95 4.74 -6.76 17.46
CA VAL A 95 4.75 -5.97 16.25
C VAL A 95 6.13 -6.00 15.60
N GLU A 96 7.16 -5.84 16.43
CA GLU A 96 8.53 -5.86 15.93
C GLU A 96 8.83 -7.20 15.30
N SER A 97 8.48 -8.28 15.99
CA SER A 97 8.71 -9.62 15.48
C SER A 97 7.97 -9.81 14.16
N TYR A 98 6.76 -9.30 14.11
CA TYR A 98 5.94 -9.42 12.90
C TYR A 98 6.59 -8.64 11.75
N VAL A 99 7.11 -7.46 12.06
CA VAL A 99 7.76 -6.64 11.05
C VAL A 99 8.98 -7.35 10.49
N SER A 100 9.73 -8.01 11.37
CA SER A 100 10.93 -8.74 10.96
C SER A 100 10.55 -9.95 10.12
N TYR A 101 9.53 -10.68 10.57
CA TYR A 101 9.07 -11.87 9.86
C TYR A 101 8.39 -11.47 8.56
N LEU A 102 8.08 -10.18 8.44
CA LEU A 102 7.41 -9.66 7.24
C LEU A 102 8.43 -9.45 6.13
N ARG A 103 9.44 -8.64 6.41
CA ARG A 103 10.46 -8.36 5.41
C ARG A 103 11.13 -9.66 4.95
N ARG A 104 11.33 -10.59 5.88
CA ARG A 104 11.95 -11.86 5.55
C ARG A 104 11.05 -12.74 4.68
N LYS A 105 9.75 -12.45 4.69
CA LYS A 105 8.79 -13.23 3.91
C LYS A 105 8.51 -12.60 2.55
N ILE A 106 8.64 -11.28 2.48
CA ILE A 106 8.39 -10.57 1.23
C ILE A 106 9.67 -9.93 0.69
N ASP A 107 10.59 -9.60 1.59
CA ASP A 107 11.86 -8.99 1.20
C ASP A 107 13.00 -10.01 1.23
N THR A 108 13.87 -9.94 0.22
CA THR A 108 15.00 -10.86 0.15
C THR A 108 16.06 -10.31 -0.81
N GLY A 109 15.61 -9.62 -1.86
CA GLY A 109 16.53 -9.05 -2.83
C GLY A 109 17.68 -8.33 -2.14
N GLU A 110 18.75 -8.07 -2.89
CA GLU A 110 19.92 -7.40 -2.33
C GLU A 110 19.61 -5.92 -2.07
N LYS A 111 18.46 -5.47 -2.57
CA LYS A 111 18.06 -4.08 -2.38
C LYS A 111 17.15 -3.94 -1.15
N ARG A 112 17.69 -3.37 -0.08
CA ARG A 112 16.93 -3.19 1.15
C ARG A 112 15.92 -2.05 0.97
N LEU A 113 14.65 -2.40 0.87
CA LEU A 113 13.60 -1.40 0.70
C LEU A 113 13.06 -0.95 2.05
N LEU A 114 13.64 -1.50 3.12
CA LEU A 114 13.21 -1.16 4.47
C LEU A 114 14.40 -0.72 5.32
N HIS A 115 14.59 0.60 5.40
CA HIS A 115 15.69 1.14 6.19
C HIS A 115 15.26 1.34 7.64
N THR A 116 15.98 0.70 8.56
CA THR A 116 15.65 0.80 9.97
C THR A 116 16.46 1.92 10.64
N LEU A 117 15.77 2.97 11.07
CA LEU A 117 16.42 4.10 11.72
C LEU A 117 16.40 3.93 13.24
N ARG A 118 17.19 3.00 13.75
CA ARG A 118 17.24 2.76 15.18
C ARG A 118 17.16 4.08 15.96
N GLY A 119 16.15 4.20 16.80
CA GLY A 119 15.99 5.42 17.60
C GLY A 119 14.79 6.24 17.14
N VAL A 120 14.32 5.97 15.92
CA VAL A 120 13.18 6.70 15.39
C VAL A 120 12.10 5.74 14.89
N GLY A 121 12.49 4.84 13.98
CA GLY A 121 11.55 3.88 13.43
C GLY A 121 12.07 3.26 12.14
N TYR A 122 11.19 3.14 11.15
CA TYR A 122 11.58 2.57 9.87
C TYR A 122 11.11 3.46 8.73
N VAL A 123 11.79 3.37 7.59
CA VAL A 123 11.43 4.16 6.44
C VAL A 123 11.51 3.32 5.16
N LEU A 124 10.46 3.38 4.35
CA LEU A 124 10.42 2.61 3.11
C LEU A 124 10.93 3.43 1.93
N ARG A 125 12.14 3.13 1.48
CA ARG A 125 12.73 3.84 0.34
C ARG A 125 13.91 3.05 -0.24
N GLU A 126 14.17 3.26 -1.52
CA GLU A 126 15.27 2.56 -2.17
C GLU A 126 16.60 3.22 -1.80
N PRO A 127 17.68 2.50 -1.88
CA PRO A 127 19.02 3.02 -1.53
C PRO A 127 19.54 4.01 -2.58
N ARG A 128 19.75 5.25 -2.17
CA ARG A 128 20.23 6.28 -3.07
C ARG A 128 21.41 7.03 -2.46
N MET A 1 -43.96 17.56 -44.84
CA MET A 1 -44.57 16.95 -46.06
C MET A 1 -45.14 18.05 -46.94
N GLY A 2 -45.10 19.28 -46.44
CA GLY A 2 -45.62 20.43 -47.19
C GLY A 2 -46.31 21.41 -46.25
N SER A 3 -47.40 20.97 -45.64
CA SER A 3 -48.14 21.82 -44.70
C SER A 3 -47.33 22.01 -43.42
N SER A 4 -47.52 23.16 -42.77
CA SER A 4 -46.79 23.44 -41.53
C SER A 4 -45.29 23.35 -41.74
N HIS A 5 -44.54 23.58 -40.66
CA HIS A 5 -43.08 23.53 -40.74
C HIS A 5 -42.48 23.04 -39.42
N HIS A 6 -43.22 23.22 -38.33
CA HIS A 6 -42.75 22.80 -37.01
C HIS A 6 -42.95 21.30 -36.80
N HIS A 7 -43.92 20.72 -37.51
CA HIS A 7 -44.20 19.30 -37.39
C HIS A 7 -42.99 18.47 -37.83
N HIS A 8 -42.15 19.04 -38.69
CA HIS A 8 -40.97 18.34 -39.16
C HIS A 8 -40.14 17.85 -37.98
N HIS A 9 -40.47 16.66 -37.48
CA HIS A 9 -39.74 16.09 -36.35
C HIS A 9 -39.77 17.03 -35.15
N HIS A 10 -38.72 17.00 -34.34
CA HIS A 10 -38.64 17.87 -33.16
C HIS A 10 -37.23 18.43 -32.99
N SER A 11 -36.36 17.66 -32.34
CA SER A 11 -34.99 18.08 -32.11
C SER A 11 -34.01 17.15 -32.82
N SER A 12 -32.89 16.86 -32.17
CA SER A 12 -31.88 15.98 -32.74
C SER A 12 -31.18 16.68 -33.91
N GLY A 13 -31.77 17.76 -34.38
CA GLY A 13 -31.19 18.50 -35.51
C GLY A 13 -30.78 17.55 -36.62
N LEU A 14 -29.48 17.38 -36.80
CA LEU A 14 -28.96 16.49 -37.84
C LEU A 14 -27.46 16.32 -37.71
N VAL A 15 -26.92 16.66 -36.54
CA VAL A 15 -25.49 16.55 -36.30
C VAL A 15 -25.22 16.06 -34.88
N PRO A 16 -25.55 14.82 -34.61
CA PRO A 16 -25.35 14.21 -33.26
C PRO A 16 -23.94 14.45 -32.73
N ARG A 17 -23.79 14.34 -31.42
CA ARG A 17 -22.49 14.54 -30.80
C ARG A 17 -21.50 13.47 -31.29
N GLY A 18 -21.98 12.58 -32.14
CA GLY A 18 -21.13 11.51 -32.68
C GLY A 18 -21.07 10.32 -31.73
N SER A 19 -20.68 10.57 -30.49
CA SER A 19 -20.60 9.51 -29.50
C SER A 19 -20.97 10.03 -28.13
N HIS A 20 -21.62 9.19 -27.33
CA HIS A 20 -22.04 9.56 -25.99
C HIS A 20 -21.62 8.51 -24.98
N MET A 21 -21.13 7.38 -25.48
CA MET A 21 -20.70 6.29 -24.61
C MET A 21 -19.50 6.71 -23.77
N LYS A 22 -18.88 7.82 -24.14
CA LYS A 22 -17.72 8.33 -23.42
C LYS A 22 -18.13 8.92 -22.08
N GLY A 23 -17.74 8.26 -21.00
CA GLY A 23 -18.07 8.74 -19.65
C GLY A 23 -16.95 8.40 -18.67
N ASN A 24 -17.08 7.25 -18.02
CA ASN A 24 -16.08 6.81 -17.05
C ASN A 24 -16.02 5.29 -17.00
N LYS A 25 -17.09 4.67 -16.49
CA LYS A 25 -17.15 3.23 -16.40
C LYS A 25 -16.04 2.70 -15.50
N GLU A 26 -15.80 3.40 -14.39
CA GLU A 26 -14.77 2.99 -13.46
C GLU A 26 -13.45 2.74 -14.18
N PRO A 27 -12.84 3.78 -14.67
CA PRO A 27 -11.54 3.68 -15.40
C PRO A 27 -10.48 2.94 -14.60
N ARG A 28 -10.39 1.63 -14.82
CA ARG A 28 -9.41 0.81 -14.11
C ARG A 28 -9.64 0.90 -12.61
N ASN A 29 -9.85 -0.26 -11.98
CA ASN A 29 -10.08 -0.30 -10.54
C ASN A 29 -8.93 0.36 -9.79
N VAL A 30 -8.92 0.21 -8.47
CA VAL A 30 -7.86 0.81 -7.65
C VAL A 30 -6.76 -0.22 -7.37
N ARG A 31 -5.57 0.05 -7.86
CA ARG A 31 -4.44 -0.84 -7.66
C ARG A 31 -3.18 -0.04 -7.31
N LEU A 32 -2.54 -0.41 -6.20
CA LEU A 32 -1.33 0.28 -5.75
C LEU A 32 -0.07 -0.36 -6.33
N THR A 33 0.98 0.44 -6.48
CA THR A 33 2.24 -0.05 -7.03
C THR A 33 3.43 0.58 -6.31
N PHE A 34 4.53 -0.18 -6.23
CA PHE A 34 5.75 0.29 -5.58
C PHE A 34 6.94 -0.52 -6.08
N ALA A 35 7.98 0.18 -6.54
CA ALA A 35 9.17 -0.51 -7.06
C ALA A 35 8.74 -1.76 -7.83
N ASP A 36 8.84 -2.91 -7.18
CA ASP A 36 8.42 -4.16 -7.80
C ASP A 36 7.38 -4.83 -6.92
N ILE A 37 6.33 -4.08 -6.60
CA ILE A 37 5.27 -4.58 -5.75
C ILE A 37 3.90 -4.15 -6.30
N GLU A 38 2.91 -5.01 -6.15
CA GLU A 38 1.58 -4.69 -6.63
C GLU A 38 0.54 -5.05 -5.58
N LEU A 39 -0.55 -4.30 -5.55
CA LEU A 39 -1.62 -4.55 -4.59
C LEU A 39 -2.96 -4.15 -5.18
N ASP A 40 -3.88 -5.10 -5.25
CA ASP A 40 -5.20 -4.85 -5.81
C ASP A 40 -6.26 -4.80 -4.71
N GLU A 41 -6.84 -3.63 -4.51
CA GLU A 41 -7.86 -3.44 -3.50
C GLU A 41 -9.13 -4.23 -3.87
N GLU A 42 -9.28 -4.52 -5.16
CA GLU A 42 -10.44 -5.26 -5.63
C GLU A 42 -10.43 -6.68 -5.09
N THR A 43 -9.31 -7.38 -5.27
CA THR A 43 -9.19 -8.75 -4.79
C THR A 43 -8.25 -8.82 -3.60
N HIS A 44 -7.96 -7.65 -3.00
CA HIS A 44 -7.07 -7.60 -1.86
C HIS A 44 -5.94 -8.62 -2.00
N GLU A 45 -5.22 -8.54 -3.13
CA GLU A 45 -4.11 -9.46 -3.38
C GLU A 45 -2.81 -8.69 -3.56
N VAL A 46 -1.69 -9.37 -3.31
CA VAL A 46 -0.39 -8.75 -3.46
C VAL A 46 0.44 -9.48 -4.51
N TRP A 47 1.43 -8.79 -5.06
CA TRP A 47 2.28 -9.38 -6.07
C TRP A 47 3.71 -8.85 -5.95
N LYS A 48 4.68 -9.74 -6.08
CA LYS A 48 6.08 -9.34 -5.99
C LYS A 48 6.87 -9.89 -7.16
N ALA A 49 7.29 -9.00 -8.05
CA ALA A 49 8.06 -9.39 -9.23
C ALA A 49 7.67 -10.79 -9.70
N GLY A 50 6.40 -10.96 -10.06
CA GLY A 50 5.92 -12.25 -10.54
C GLY A 50 5.88 -13.30 -9.43
N GLN A 51 5.85 -12.84 -8.19
CA GLN A 51 5.81 -13.75 -7.05
C GLN A 51 4.76 -13.29 -6.04
N PRO A 52 3.63 -13.94 -5.95
CA PRO A 52 2.56 -13.55 -4.99
C PRO A 52 2.87 -13.97 -3.56
N VAL A 53 2.46 -13.13 -2.62
CA VAL A 53 2.69 -13.40 -1.21
C VAL A 53 1.38 -13.36 -0.43
N SER A 54 1.20 -14.32 0.46
CA SER A 54 -0.01 -14.39 1.28
C SER A 54 0.24 -13.77 2.65
N LEU A 55 -0.61 -12.82 3.04
CA LEU A 55 -0.48 -12.17 4.35
C LEU A 55 -1.85 -11.95 4.98
N SER A 56 -2.03 -12.46 6.19
CA SER A 56 -3.29 -12.32 6.90
C SER A 56 -3.81 -10.88 6.80
N PRO A 57 -5.00 -10.63 7.29
CA PRO A 57 -5.62 -9.27 7.26
C PRO A 57 -4.69 -8.21 7.87
N THR A 58 -4.15 -8.52 9.05
CA THR A 58 -3.26 -7.60 9.74
C THR A 58 -2.02 -7.31 8.90
N GLU A 59 -1.34 -8.36 8.45
CA GLU A 59 -0.13 -8.18 7.63
C GLU A 59 -0.46 -7.45 6.34
N PHE A 60 -1.62 -7.77 5.77
CA PHE A 60 -2.05 -7.14 4.53
C PHE A 60 -2.18 -5.63 4.70
N THR A 61 -2.86 -5.22 5.77
CA THR A 61 -3.06 -3.80 6.06
C THR A 61 -1.71 -3.11 6.21
N LEU A 62 -0.80 -3.77 6.92
CA LEU A 62 0.54 -3.22 7.16
C LEU A 62 1.24 -2.90 5.84
N LEU A 63 1.26 -3.88 4.94
CA LEU A 63 1.91 -3.70 3.64
C LEU A 63 1.23 -2.60 2.84
N ARG A 64 -0.10 -2.61 2.85
CA ARG A 64 -0.87 -1.61 2.11
C ARG A 64 -0.56 -0.20 2.61
N TYR A 65 -0.61 -0.01 3.92
CA TYR A 65 -0.33 1.31 4.50
C TYR A 65 1.11 1.71 4.21
N PHE A 66 2.03 0.76 4.31
CA PHE A 66 3.44 1.03 4.07
C PHE A 66 3.64 1.59 2.66
N VAL A 67 2.98 0.99 1.68
CA VAL A 67 3.12 1.45 0.30
C VAL A 67 2.54 2.85 0.14
N ILE A 68 1.34 3.06 0.66
CA ILE A 68 0.69 4.37 0.56
C ILE A 68 1.52 5.45 1.25
N ASN A 69 2.30 5.04 2.26
CA ASN A 69 3.14 5.98 2.99
C ASN A 69 4.61 5.75 2.67
N ALA A 70 4.86 5.06 1.56
CA ALA A 70 6.23 4.77 1.14
C ALA A 70 7.04 6.05 1.03
N GLY A 71 8.11 6.14 1.80
CA GLY A 71 8.97 7.32 1.78
C GLY A 71 8.88 8.09 3.09
N THR A 72 7.77 7.92 3.79
CA THR A 72 7.56 8.60 5.06
C THR A 72 7.98 7.71 6.23
N VAL A 73 8.84 8.23 7.09
CA VAL A 73 9.30 7.47 8.25
C VAL A 73 8.17 7.27 9.23
N LEU A 74 7.81 6.01 9.47
CA LEU A 74 6.73 5.69 10.38
C LEU A 74 7.29 5.36 11.76
N SER A 75 6.43 5.43 12.78
CA SER A 75 6.86 5.12 14.15
C SER A 75 6.27 3.80 14.60
N LYS A 76 7.00 3.09 15.44
CA LYS A 76 6.54 1.80 15.95
C LYS A 76 5.17 1.92 16.62
N PRO A 77 5.04 2.79 17.59
CA PRO A 77 3.74 2.98 18.30
C PRO A 77 2.67 3.57 17.39
N LYS A 78 3.08 4.43 16.45
CA LYS A 78 2.15 5.03 15.53
C LYS A 78 1.51 3.95 14.64
N ILE A 79 2.35 3.06 14.12
CA ILE A 79 1.86 1.98 13.28
C ILE A 79 0.89 1.09 14.06
N LEU A 80 1.22 0.86 15.33
CA LEU A 80 0.38 0.02 16.19
C LEU A 80 -1.01 0.63 16.36
N ASP A 81 -1.07 1.90 16.73
CA ASP A 81 -2.34 2.57 16.94
C ASP A 81 -3.11 2.69 15.63
N HIS A 82 -2.39 2.76 14.52
CA HIS A 82 -3.03 2.88 13.21
C HIS A 82 -3.68 1.57 12.79
N VAL A 83 -2.88 0.51 12.70
CA VAL A 83 -3.40 -0.78 12.29
C VAL A 83 -4.01 -1.56 13.44
N TRP A 84 -3.21 -1.86 14.46
CA TRP A 84 -3.71 -2.61 15.62
C TRP A 84 -4.99 -1.99 16.16
N ARG A 85 -5.38 -0.84 15.60
CA ARG A 85 -6.60 -0.16 16.04
C ARG A 85 -7.82 -1.05 15.80
N TYR A 86 -7.61 -2.23 15.24
CA TYR A 86 -8.71 -3.14 14.97
C TYR A 86 -8.62 -4.38 15.86
N ASP A 87 -7.72 -4.35 16.84
CA ASP A 87 -7.55 -5.48 17.74
C ASP A 87 -6.62 -5.10 18.89
N PHE A 88 -7.09 -4.20 19.74
CA PHE A 88 -6.30 -3.76 20.89
C PHE A 88 -5.75 -4.96 21.64
N GLY A 89 -4.87 -4.70 22.60
CA GLY A 89 -4.30 -5.78 23.40
C GLY A 89 -3.09 -6.39 22.70
N GLY A 90 -2.07 -5.58 22.47
CA GLY A 90 -0.86 -6.06 21.81
C GLY A 90 0.32 -5.12 22.06
N ASP A 91 1.20 -5.52 22.97
CA ASP A 91 2.36 -4.71 23.29
C ASP A 91 2.99 -4.15 22.03
N VAL A 92 3.39 -2.90 22.10
CA VAL A 92 4.00 -2.22 20.97
C VAL A 92 5.21 -3.00 20.43
N ASN A 93 5.51 -4.13 21.06
CA ASN A 93 6.63 -4.96 20.63
C ASN A 93 6.22 -5.86 19.48
N VAL A 94 4.92 -5.97 19.24
CA VAL A 94 4.41 -6.80 18.16
C VAL A 94 4.84 -6.26 16.81
N VAL A 95 4.90 -4.93 16.71
CA VAL A 95 5.30 -4.30 15.45
C VAL A 95 6.67 -4.81 15.02
N GLU A 96 7.66 -4.68 15.91
CA GLU A 96 9.00 -5.14 15.61
C GLU A 96 8.97 -6.60 15.16
N SER A 97 8.28 -7.42 15.93
CA SER A 97 8.17 -8.83 15.63
C SER A 97 7.57 -9.06 14.25
N TYR A 98 6.44 -8.41 13.98
CA TYR A 98 5.78 -8.55 12.69
C TYR A 98 6.69 -8.06 11.57
N VAL A 99 7.43 -7.00 11.86
CA VAL A 99 8.34 -6.41 10.88
C VAL A 99 9.42 -7.42 10.50
N SER A 100 10.00 -8.07 11.50
CA SER A 100 11.04 -9.07 11.25
C SER A 100 10.49 -10.21 10.39
N TYR A 101 9.30 -10.69 10.74
CA TYR A 101 8.68 -11.79 10.00
C TYR A 101 8.35 -11.33 8.57
N LEU A 102 7.89 -10.10 8.44
CA LEU A 102 7.54 -9.56 7.14
C LEU A 102 8.78 -9.46 6.26
N ARG A 103 9.87 -8.95 6.82
CA ARG A 103 11.11 -8.83 6.05
C ARG A 103 11.54 -10.18 5.51
N ARG A 104 11.41 -11.21 6.34
CA ARG A 104 11.81 -12.55 5.93
C ARG A 104 10.91 -13.09 4.81
N LYS A 105 9.71 -12.54 4.70
CA LYS A 105 8.78 -13.00 3.66
C LYS A 105 8.89 -12.17 2.40
N ILE A 106 9.24 -10.90 2.55
CA ILE A 106 9.36 -10.01 1.38
C ILE A 106 10.82 -9.65 1.13
N ASP A 107 11.57 -9.47 2.20
CA ASP A 107 12.98 -9.12 2.09
C ASP A 107 13.87 -10.34 2.14
N THR A 108 14.97 -10.31 1.38
CA THR A 108 15.90 -11.43 1.35
C THR A 108 17.05 -11.13 0.41
N GLY A 109 16.74 -10.53 -0.74
CA GLY A 109 17.76 -10.20 -1.73
C GLY A 109 18.76 -9.19 -1.17
N GLU A 110 19.72 -8.79 -2.01
CA GLU A 110 20.73 -7.83 -1.61
C GLU A 110 20.17 -6.41 -1.66
N LYS A 111 19.00 -6.27 -2.26
CA LYS A 111 18.36 -4.97 -2.40
C LYS A 111 17.38 -4.73 -1.26
N ARG A 112 17.78 -3.88 -0.32
CA ARG A 112 16.91 -3.56 0.82
C ARG A 112 16.08 -2.32 0.51
N LEU A 113 14.77 -2.53 0.33
CA LEU A 113 13.88 -1.42 0.02
C LEU A 113 13.29 -0.85 1.31
N LEU A 114 13.52 -1.55 2.42
CA LEU A 114 13.02 -1.11 3.72
C LEU A 114 14.18 -0.70 4.62
N HIS A 115 14.11 0.50 5.17
CA HIS A 115 15.17 0.98 6.06
C HIS A 115 14.69 1.00 7.50
N THR A 116 15.41 0.32 8.38
CA THR A 116 15.05 0.26 9.79
C THR A 116 15.82 1.27 10.61
N LEU A 117 15.11 2.26 11.17
CA LEU A 117 15.76 3.29 11.98
C LEU A 117 15.64 2.94 13.46
N ARG A 118 16.41 1.94 13.89
CA ARG A 118 16.40 1.51 15.28
C ARG A 118 16.31 2.72 16.22
N GLY A 119 15.21 2.81 16.96
CA GLY A 119 15.02 3.91 17.91
C GLY A 119 13.90 4.85 17.47
N VAL A 120 13.56 4.81 16.19
CA VAL A 120 12.51 5.69 15.67
C VAL A 120 11.44 4.88 14.95
N GLY A 121 11.86 4.00 14.04
CA GLY A 121 10.92 3.17 13.30
C GLY A 121 11.55 2.67 12.00
N TYR A 122 10.73 2.55 10.96
CA TYR A 122 11.22 2.09 9.66
C TYR A 122 10.73 3.02 8.56
N VAL A 123 11.49 3.09 7.47
CA VAL A 123 11.12 3.96 6.35
C VAL A 123 11.28 3.23 5.02
N LEU A 124 10.32 3.40 4.12
CA LEU A 124 10.38 2.74 2.82
C LEU A 124 11.06 3.65 1.79
N ARG A 125 12.08 3.11 1.13
CA ARG A 125 12.81 3.89 0.13
C ARG A 125 13.63 2.98 -0.78
N GLU A 126 13.51 3.19 -2.08
CA GLU A 126 14.24 2.38 -3.06
C GLU A 126 15.74 2.70 -3.00
N PRO A 127 16.57 1.79 -3.48
CA PRO A 127 18.05 1.98 -3.48
C PRO A 127 18.50 3.07 -4.44
N ARG A 128 19.03 4.16 -3.90
CA ARG A 128 19.49 5.26 -4.74
C ARG A 128 20.88 4.98 -5.33
N MET A 1 -19.97 -2.59 -47.83
CA MET A 1 -21.00 -1.71 -48.44
C MET A 1 -22.06 -1.36 -47.39
N GLY A 2 -21.72 -0.40 -46.53
CA GLY A 2 -22.64 0.04 -45.48
C GLY A 2 -21.87 0.68 -44.31
N SER A 3 -22.19 0.25 -43.09
CA SER A 3 -21.50 0.79 -41.91
C SER A 3 -20.40 -0.17 -41.45
N SER A 4 -19.20 0.38 -41.24
CA SER A 4 -18.08 -0.41 -40.78
C SER A 4 -17.83 -0.20 -39.29
N HIS A 5 -18.88 0.18 -38.56
CA HIS A 5 -18.74 0.42 -37.13
C HIS A 5 -18.00 -0.73 -36.48
N HIS A 6 -16.70 -0.55 -36.34
CA HIS A 6 -15.86 -1.55 -35.73
C HIS A 6 -15.99 -1.50 -34.22
N HIS A 7 -16.36 -2.63 -33.64
CA HIS A 7 -16.51 -2.72 -32.20
C HIS A 7 -15.88 -3.98 -31.68
N HIS A 8 -16.50 -5.12 -31.98
CA HIS A 8 -15.97 -6.39 -31.54
C HIS A 8 -16.08 -6.51 -30.02
N HIS A 9 -15.80 -7.71 -29.52
CA HIS A 9 -15.87 -7.96 -28.08
C HIS A 9 -14.67 -7.32 -27.36
N HIS A 10 -13.51 -7.95 -27.48
CA HIS A 10 -12.30 -7.42 -26.84
C HIS A 10 -12.34 -7.66 -25.32
N SER A 11 -11.19 -8.02 -24.75
CA SER A 11 -11.10 -8.27 -23.32
C SER A 11 -12.37 -8.97 -22.82
N SER A 12 -12.61 -10.17 -23.31
CA SER A 12 -13.79 -10.93 -22.90
C SER A 12 -13.56 -11.63 -21.55
N GLY A 13 -12.39 -12.23 -21.38
CA GLY A 13 -12.08 -12.91 -20.13
C GLY A 13 -10.58 -12.80 -19.81
N LEU A 14 -9.74 -13.21 -20.76
CA LEU A 14 -8.30 -13.15 -20.56
C LEU A 14 -7.71 -11.95 -21.28
N VAL A 15 -6.71 -11.33 -20.69
CA VAL A 15 -6.08 -10.16 -21.28
C VAL A 15 -4.64 -10.48 -21.73
N PRO A 16 -4.12 -9.73 -22.66
CA PRO A 16 -2.74 -9.94 -23.17
C PRO A 16 -1.72 -9.78 -22.06
N ARG A 17 -2.21 -9.55 -20.85
CA ARG A 17 -1.33 -9.38 -19.70
C ARG A 17 -0.60 -8.04 -19.77
N GLY A 18 -1.23 -7.07 -20.39
CA GLY A 18 -0.64 -5.73 -20.52
C GLY A 18 0.88 -5.81 -20.65
N SER A 19 1.59 -5.44 -19.59
CA SER A 19 3.04 -5.45 -19.61
C SER A 19 3.53 -4.74 -20.86
N HIS A 20 4.24 -5.48 -21.72
CA HIS A 20 4.76 -4.90 -22.96
C HIS A 20 3.70 -4.06 -23.64
N MET A 21 4.10 -3.32 -24.65
CA MET A 21 3.18 -2.45 -25.39
C MET A 21 2.45 -1.49 -24.46
N LYS A 22 1.31 -0.99 -24.92
CA LYS A 22 0.52 -0.06 -24.12
C LYS A 22 -0.89 0.08 -24.71
N GLY A 23 -1.83 0.51 -23.88
CA GLY A 23 -3.20 0.69 -24.32
C GLY A 23 -3.96 1.61 -23.36
N ASN A 24 -4.98 2.31 -23.88
CA ASN A 24 -5.76 3.22 -23.05
C ASN A 24 -6.47 2.47 -21.93
N LYS A 25 -6.06 2.73 -20.69
CA LYS A 25 -6.66 2.07 -19.54
C LYS A 25 -7.56 3.04 -18.79
N GLU A 26 -8.83 2.66 -18.64
CA GLU A 26 -9.80 3.49 -17.95
C GLU A 26 -9.88 3.11 -16.47
N PRO A 27 -10.20 4.03 -15.61
CA PRO A 27 -10.31 3.75 -14.16
C PRO A 27 -11.00 2.41 -13.89
N ARG A 28 -10.21 1.34 -13.82
CA ARG A 28 -10.75 0.01 -13.57
C ARG A 28 -10.01 -0.64 -12.41
N ASN A 29 -10.72 -0.87 -11.31
CA ASN A 29 -10.14 -1.50 -10.15
C ASN A 29 -8.94 -0.69 -9.64
N VAL A 30 -8.87 -0.50 -8.32
CA VAL A 30 -7.77 0.24 -7.73
C VAL A 30 -6.67 -0.73 -7.31
N ARG A 31 -5.54 -0.65 -8.00
CA ARG A 31 -4.40 -1.52 -7.72
C ARG A 31 -3.17 -0.69 -7.38
N LEU A 32 -2.59 -0.95 -6.22
CA LEU A 32 -1.41 -0.21 -5.78
C LEU A 32 -0.14 -0.89 -6.26
N THR A 33 0.91 -0.09 -6.43
CA THR A 33 2.20 -0.63 -6.87
C THR A 33 3.35 0.07 -6.17
N PHE A 34 4.52 -0.56 -6.18
CA PHE A 34 5.71 0.00 -5.53
C PHE A 34 6.95 -0.75 -6.01
N ALA A 35 7.96 -0.01 -6.47
CA ALA A 35 9.18 -0.64 -6.95
C ALA A 35 8.83 -1.91 -7.71
N ASP A 36 8.96 -3.05 -7.06
CA ASP A 36 8.60 -4.32 -7.68
C ASP A 36 7.56 -5.03 -6.83
N ILE A 37 6.47 -4.32 -6.56
CA ILE A 37 5.39 -4.86 -5.75
C ILE A 37 4.03 -4.47 -6.32
N GLU A 38 3.02 -5.28 -6.03
CA GLU A 38 1.68 -4.99 -6.52
C GLU A 38 0.63 -5.46 -5.51
N LEU A 39 -0.42 -4.65 -5.36
CA LEU A 39 -1.49 -4.97 -4.42
C LEU A 39 -2.85 -4.68 -5.05
N ASP A 40 -3.79 -5.60 -4.87
CA ASP A 40 -5.12 -5.43 -5.42
C ASP A 40 -6.13 -5.19 -4.30
N GLU A 41 -6.54 -3.95 -4.13
CA GLU A 41 -7.50 -3.59 -3.09
C GLU A 41 -8.85 -4.25 -3.34
N GLU A 42 -9.01 -4.82 -4.52
CA GLU A 42 -10.27 -5.47 -4.87
C GLU A 42 -10.19 -6.98 -4.63
N THR A 43 -9.14 -7.60 -5.18
CA THR A 43 -8.97 -9.05 -5.01
C THR A 43 -8.07 -9.33 -3.81
N HIS A 44 -7.77 -8.30 -3.04
CA HIS A 44 -6.92 -8.46 -1.86
C HIS A 44 -5.80 -9.46 -2.13
N GLU A 45 -4.99 -9.17 -3.14
CA GLU A 45 -3.89 -10.06 -3.50
C GLU A 45 -2.59 -9.27 -3.58
N VAL A 46 -1.47 -9.98 -3.42
CA VAL A 46 -0.15 -9.34 -3.48
C VAL A 46 0.69 -9.96 -4.58
N TRP A 47 1.60 -9.17 -5.14
CA TRP A 47 2.47 -9.66 -6.20
C TRP A 47 3.84 -9.01 -6.11
N LYS A 48 4.88 -9.83 -6.05
CA LYS A 48 6.24 -9.32 -5.96
C LYS A 48 7.10 -9.88 -7.08
N ALA A 49 7.56 -9.00 -7.97
CA ALA A 49 8.40 -9.40 -9.09
C ALA A 49 8.08 -10.83 -9.54
N GLY A 50 6.83 -11.05 -9.94
CA GLY A 50 6.40 -12.37 -10.41
C GLY A 50 6.37 -13.40 -9.28
N GLN A 51 6.18 -12.91 -8.05
CA GLN A 51 6.12 -13.80 -6.89
C GLN A 51 4.90 -13.47 -6.04
N PRO A 52 3.79 -14.16 -6.23
CA PRO A 52 2.55 -13.90 -5.46
C PRO A 52 2.58 -14.55 -4.09
N VAL A 53 2.09 -13.83 -3.09
CA VAL A 53 2.06 -14.31 -1.73
C VAL A 53 0.68 -14.08 -1.10
N SER A 54 0.26 -15.01 -0.26
CA SER A 54 -1.05 -14.89 0.40
C SER A 54 -0.89 -14.23 1.77
N LEU A 55 -1.19 -12.94 1.84
CA LEU A 55 -1.08 -12.22 3.09
C LEU A 55 -2.44 -12.14 3.79
N SER A 56 -2.41 -12.08 5.11
CA SER A 56 -3.65 -12.02 5.89
C SER A 56 -4.14 -10.58 5.97
N PRO A 57 -5.35 -10.38 6.44
CA PRO A 57 -5.94 -9.03 6.57
C PRO A 57 -4.99 -8.04 7.22
N THR A 58 -4.45 -8.41 8.38
CA THR A 58 -3.52 -7.55 9.11
C THR A 58 -2.28 -7.24 8.27
N GLU A 59 -1.69 -8.30 7.70
CA GLU A 59 -0.50 -8.13 6.88
C GLU A 59 -0.78 -7.24 5.68
N PHE A 60 -1.96 -7.39 5.11
CA PHE A 60 -2.35 -6.60 3.95
C PHE A 60 -2.45 -5.13 4.31
N THR A 61 -3.14 -4.83 5.40
CA THR A 61 -3.31 -3.44 5.84
C THR A 61 -1.95 -2.80 6.07
N LEU A 62 -1.06 -3.52 6.75
CA LEU A 62 0.28 -3.01 7.03
C LEU A 62 1.01 -2.69 5.74
N LEU A 63 1.01 -3.62 4.80
CA LEU A 63 1.69 -3.41 3.52
C LEU A 63 1.08 -2.22 2.79
N ARG A 64 -0.25 -2.16 2.77
CA ARG A 64 -0.95 -1.07 2.10
C ARG A 64 -0.58 0.27 2.70
N TYR A 65 -0.57 0.35 4.03
CA TYR A 65 -0.23 1.58 4.73
C TYR A 65 1.21 1.99 4.41
N PHE A 66 2.10 1.02 4.41
CA PHE A 66 3.51 1.29 4.13
C PHE A 66 3.67 1.91 2.74
N VAL A 67 2.95 1.34 1.77
CA VAL A 67 3.02 1.85 0.39
C VAL A 67 2.41 3.24 0.31
N ILE A 68 1.25 3.42 0.93
CA ILE A 68 0.56 4.71 0.92
C ILE A 68 1.47 5.80 1.49
N ASN A 69 2.27 5.43 2.48
CA ASN A 69 3.17 6.39 3.12
C ASN A 69 4.63 6.10 2.79
N ALA A 70 4.85 5.40 1.67
CA ALA A 70 6.22 5.06 1.26
C ALA A 70 7.10 6.30 1.19
N GLY A 71 8.16 6.32 1.99
CA GLY A 71 9.08 7.45 2.00
C GLY A 71 9.01 8.18 3.34
N THR A 72 7.87 8.10 4.00
CA THR A 72 7.69 8.75 5.29
C THR A 72 8.12 7.83 6.42
N VAL A 73 9.00 8.34 7.28
CA VAL A 73 9.48 7.54 8.40
C VAL A 73 8.36 7.28 9.40
N LEU A 74 7.98 6.01 9.53
CA LEU A 74 6.91 5.64 10.46
C LEU A 74 7.49 5.19 11.79
N SER A 75 6.67 5.27 12.84
CA SER A 75 7.11 4.86 14.17
C SER A 75 6.44 3.56 14.58
N LYS A 76 7.14 2.77 15.40
CA LYS A 76 6.61 1.50 15.87
C LYS A 76 5.28 1.68 16.60
N PRO A 77 5.19 2.61 17.54
CA PRO A 77 3.92 2.83 18.30
C PRO A 77 2.80 3.35 17.39
N LYS A 78 3.17 4.18 16.41
CA LYS A 78 2.19 4.72 15.48
C LYS A 78 1.60 3.60 14.63
N ILE A 79 2.48 2.86 13.96
CA ILE A 79 2.04 1.77 13.10
C ILE A 79 1.08 0.86 13.86
N LEU A 80 1.37 0.66 15.14
CA LEU A 80 0.53 -0.19 15.98
C LEU A 80 -0.85 0.43 16.15
N ASP A 81 -0.92 1.55 16.87
CA ASP A 81 -2.18 2.25 17.09
C ASP A 81 -2.98 2.36 15.81
N HIS A 82 -2.28 2.39 14.68
CA HIS A 82 -2.93 2.51 13.38
C HIS A 82 -3.68 1.23 13.00
N VAL A 83 -2.97 0.11 13.07
CA VAL A 83 -3.57 -1.18 12.73
C VAL A 83 -4.34 -1.75 13.92
N TRP A 84 -3.64 -1.91 15.05
CA TRP A 84 -4.26 -2.46 16.25
C TRP A 84 -5.55 -1.72 16.60
N ARG A 85 -5.86 -0.67 15.85
CA ARG A 85 -7.07 0.10 16.12
C ARG A 85 -8.30 -0.81 16.01
N TYR A 86 -8.08 -2.04 15.58
CA TYR A 86 -9.18 -2.99 15.45
C TYR A 86 -9.01 -4.15 16.43
N ASP A 87 -8.12 -3.96 17.41
CA ASP A 87 -7.88 -5.00 18.41
C ASP A 87 -6.70 -4.64 19.30
N PHE A 88 -6.97 -4.46 20.59
CA PHE A 88 -5.92 -4.11 21.55
C PHE A 88 -5.33 -5.37 22.16
N GLY A 89 -4.03 -5.58 21.96
CA GLY A 89 -3.36 -6.75 22.50
C GLY A 89 -2.04 -7.01 21.77
N GLY A 90 -1.20 -5.98 21.71
CA GLY A 90 0.10 -6.12 21.02
C GLY A 90 1.06 -5.05 21.49
N ASP A 91 1.94 -5.42 22.43
CA ASP A 91 2.92 -4.48 22.94
C ASP A 91 3.62 -3.75 21.80
N VAL A 92 4.58 -2.91 22.16
CA VAL A 92 5.32 -2.15 21.16
C VAL A 92 6.42 -3.02 20.53
N ASN A 93 6.65 -4.19 21.11
CA ASN A 93 7.67 -5.10 20.59
C ASN A 93 7.09 -5.97 19.48
N VAL A 94 5.77 -6.05 19.41
CA VAL A 94 5.12 -6.85 18.39
C VAL A 94 5.33 -6.23 17.01
N VAL A 95 5.35 -4.90 16.96
CA VAL A 95 5.56 -4.19 15.70
C VAL A 95 6.89 -4.61 15.07
N GLU A 96 7.95 -4.59 15.87
CA GLU A 96 9.28 -4.97 15.38
C GLU A 96 9.25 -6.40 14.86
N SER A 97 8.66 -7.30 15.64
CA SER A 97 8.58 -8.69 15.24
C SER A 97 7.82 -8.83 13.92
N TYR A 98 6.69 -8.13 13.82
CA TYR A 98 5.86 -8.18 12.62
C TYR A 98 6.65 -7.66 11.41
N VAL A 99 7.34 -6.54 11.59
CA VAL A 99 8.12 -5.97 10.49
C VAL A 99 9.21 -6.94 10.05
N SER A 100 9.84 -7.58 11.03
CA SER A 100 10.91 -8.55 10.74
C SER A 100 10.36 -9.74 9.96
N TYR A 101 9.20 -10.25 10.39
CA TYR A 101 8.59 -11.38 9.73
C TYR A 101 8.06 -10.98 8.35
N LEU A 102 7.70 -9.71 8.21
CA LEU A 102 7.18 -9.22 6.93
C LEU A 102 8.31 -9.19 5.90
N ARG A 103 9.45 -8.64 6.30
CA ARG A 103 10.59 -8.55 5.39
C ARG A 103 10.97 -9.95 4.89
N ARG A 104 11.03 -10.90 5.81
CA ARG A 104 11.38 -12.28 5.45
C ARG A 104 10.31 -12.93 4.58
N LYS A 105 9.16 -12.26 4.47
CA LYS A 105 8.06 -12.78 3.67
C LYS A 105 8.15 -12.29 2.23
N ILE A 106 8.43 -11.01 2.06
CA ILE A 106 8.54 -10.43 0.73
C ILE A 106 9.98 -10.06 0.40
N ASP A 107 10.73 -9.68 1.42
CA ASP A 107 12.13 -9.31 1.21
C ASP A 107 13.04 -10.51 1.50
N THR A 108 14.12 -10.63 0.71
CA THR A 108 15.05 -11.74 0.89
C THR A 108 16.25 -11.59 -0.05
N GLY A 109 16.70 -10.35 -0.24
CA GLY A 109 17.84 -10.09 -1.11
C GLY A 109 18.81 -9.12 -0.46
N GLU A 110 19.70 -8.54 -1.27
CA GLU A 110 20.68 -7.59 -0.76
C GLU A 110 20.14 -6.17 -0.81
N LYS A 111 19.13 -5.95 -1.65
CA LYS A 111 18.53 -4.63 -1.77
C LYS A 111 17.35 -4.49 -0.82
N ARG A 112 17.56 -3.77 0.27
CA ARG A 112 16.50 -3.57 1.25
C ARG A 112 15.67 -2.34 0.90
N LEU A 113 14.36 -2.53 0.80
CA LEU A 113 13.47 -1.41 0.46
C LEU A 113 12.97 -0.73 1.73
N LEU A 114 13.26 -1.32 2.88
CA LEU A 114 12.85 -0.76 4.15
C LEU A 114 14.05 -0.51 5.04
N HIS A 115 14.31 0.75 5.36
CA HIS A 115 15.45 1.11 6.19
C HIS A 115 15.04 1.17 7.65
N THR A 116 15.78 0.44 8.49
CA THR A 116 15.50 0.40 9.91
C THR A 116 16.24 1.51 10.65
N LEU A 117 15.50 2.53 11.07
CA LEU A 117 16.09 3.65 11.79
C LEU A 117 15.96 3.42 13.29
N ARG A 118 16.74 2.49 13.81
CA ARG A 118 16.70 2.17 15.23
C ARG A 118 16.67 3.45 16.07
N GLY A 119 15.81 3.46 17.08
CA GLY A 119 15.68 4.61 17.95
C GLY A 119 14.64 5.58 17.41
N VAL A 120 14.24 5.38 16.16
CA VAL A 120 13.23 6.25 15.54
C VAL A 120 12.09 5.44 14.94
N GLY A 121 12.43 4.38 14.21
CA GLY A 121 11.42 3.53 13.59
C GLY A 121 11.92 2.96 12.26
N TYR A 122 11.04 2.88 11.27
CA TYR A 122 11.43 2.35 9.97
C TYR A 122 10.96 3.29 8.86
N VAL A 123 11.66 3.25 7.72
CA VAL A 123 11.31 4.12 6.60
C VAL A 123 11.42 3.34 5.28
N LEU A 124 10.42 3.54 4.41
CA LEU A 124 10.41 2.86 3.12
C LEU A 124 11.09 3.73 2.07
N ARG A 125 12.17 3.20 1.47
CA ARG A 125 12.91 3.95 0.45
C ARG A 125 13.80 3.02 -0.36
N GLU A 126 13.66 3.07 -1.68
CA GLU A 126 14.47 2.23 -2.56
C GLU A 126 15.96 2.49 -2.29
N PRO A 127 16.79 1.53 -2.60
CA PRO A 127 18.25 1.63 -2.39
C PRO A 127 18.76 3.05 -2.67
N ARG A 128 19.69 3.51 -1.84
CA ARG A 128 20.27 4.84 -2.01
C ARG A 128 21.48 4.79 -2.93
N MET A 1 -19.75 43.90 9.99
CA MET A 1 -20.23 42.78 9.14
C MET A 1 -19.27 41.60 9.28
N GLY A 2 -19.66 40.62 10.08
CA GLY A 2 -18.82 39.44 10.30
C GLY A 2 -18.60 39.21 11.79
N SER A 3 -18.01 38.07 12.14
CA SER A 3 -17.76 37.76 13.55
C SER A 3 -16.29 37.44 13.80
N SER A 4 -15.66 36.75 12.86
CA SER A 4 -14.26 36.39 13.00
C SER A 4 -13.57 36.30 11.64
N HIS A 5 -12.25 36.20 11.65
CA HIS A 5 -11.50 36.11 10.41
C HIS A 5 -11.54 34.69 9.86
N HIS A 6 -12.50 34.44 8.98
CA HIS A 6 -12.64 33.11 8.39
C HIS A 6 -11.27 32.54 8.03
N HIS A 7 -11.06 31.27 8.33
CA HIS A 7 -9.79 30.61 8.03
C HIS A 7 -10.05 29.29 7.31
N HIS A 8 -9.05 28.83 6.56
CA HIS A 8 -9.17 27.57 5.81
C HIS A 8 -10.38 27.62 4.89
N HIS A 9 -10.36 28.55 3.95
CA HIS A 9 -11.47 28.70 3.00
C HIS A 9 -11.46 27.55 1.98
N HIS A 10 -10.65 26.53 2.25
CA HIS A 10 -10.55 25.40 1.34
C HIS A 10 -10.42 25.89 -0.10
N SER A 11 -9.19 26.12 -0.53
CA SER A 11 -8.93 26.62 -1.88
C SER A 11 -8.89 25.46 -2.87
N SER A 12 -9.85 25.46 -3.80
CA SER A 12 -9.91 24.41 -4.81
C SER A 12 -8.88 24.67 -5.90
N GLY A 13 -7.61 24.60 -5.53
CA GLY A 13 -6.54 24.82 -6.48
C GLY A 13 -6.29 23.56 -7.29
N LEU A 14 -6.92 23.47 -8.45
CA LEU A 14 -6.76 22.31 -9.31
C LEU A 14 -5.47 22.42 -10.11
N VAL A 15 -4.60 21.43 -9.99
CA VAL A 15 -3.33 21.45 -10.72
C VAL A 15 -3.42 20.58 -11.97
N PRO A 16 -2.63 20.87 -12.97
CA PRO A 16 -2.62 20.10 -14.25
C PRO A 16 -2.16 18.66 -14.07
N ARG A 17 -1.82 18.01 -15.18
CA ARG A 17 -1.37 16.63 -15.15
C ARG A 17 -0.47 16.32 -16.34
N GLY A 18 0.00 17.38 -17.01
CA GLY A 18 0.87 17.21 -18.17
C GLY A 18 0.52 18.23 -19.25
N SER A 19 1.04 17.99 -20.46
CA SER A 19 0.78 18.90 -21.57
C SER A 19 -0.47 18.44 -22.34
N HIS A 20 -1.01 17.30 -21.91
CA HIS A 20 -2.19 16.76 -22.57
C HIS A 20 -1.89 16.45 -24.03
N MET A 21 -2.18 15.22 -24.44
CA MET A 21 -1.94 14.81 -25.81
C MET A 21 -3.25 14.41 -26.47
N LYS A 22 -3.40 13.10 -26.69
CA LYS A 22 -4.61 12.59 -27.32
C LYS A 22 -5.14 11.39 -26.55
N GLY A 23 -4.34 10.92 -25.59
CA GLY A 23 -4.75 9.77 -24.79
C GLY A 23 -3.57 9.23 -23.98
N ASN A 24 -3.86 8.80 -22.76
CA ASN A 24 -2.83 8.26 -21.89
C ASN A 24 -3.43 7.30 -20.87
N LYS A 25 -4.75 7.35 -20.73
CA LYS A 25 -5.43 6.48 -19.79
C LYS A 25 -5.30 5.03 -20.21
N GLU A 26 -5.67 4.12 -19.31
CA GLU A 26 -5.59 2.70 -19.59
C GLU A 26 -6.03 1.89 -18.36
N PRO A 27 -5.48 2.19 -17.21
CA PRO A 27 -5.84 1.49 -15.95
C PRO A 27 -7.35 1.43 -15.73
N ARG A 28 -7.79 0.51 -14.87
CA ARG A 28 -9.21 0.36 -14.59
C ARG A 28 -9.47 0.39 -13.09
N ASN A 29 -9.32 -0.77 -12.45
CA ASN A 29 -9.55 -0.89 -11.01
C ASN A 29 -8.50 -0.10 -10.23
N VAL A 30 -8.68 -0.03 -8.91
CA VAL A 30 -7.73 0.68 -8.06
C VAL A 30 -6.68 -0.27 -7.51
N ARG A 31 -5.43 -0.05 -7.90
CA ARG A 31 -4.34 -0.90 -7.46
C ARG A 31 -3.10 -0.07 -7.18
N LEU A 32 -2.45 -0.33 -6.06
CA LEU A 32 -1.25 0.40 -5.69
C LEU A 32 0.00 -0.30 -6.23
N THR A 33 1.09 0.44 -6.30
CA THR A 33 2.34 -0.12 -6.81
C THR A 33 3.53 0.41 -6.02
N PHE A 34 4.63 -0.34 -6.06
CA PHE A 34 5.84 0.04 -5.36
C PHE A 34 7.03 -0.74 -5.92
N ALA A 35 8.05 -0.02 -6.38
CA ALA A 35 9.22 -0.68 -6.96
C ALA A 35 8.77 -1.89 -7.78
N ASP A 36 8.82 -3.06 -7.16
CA ASP A 36 8.40 -4.28 -7.82
C ASP A 36 7.34 -4.96 -6.97
N ILE A 37 6.30 -4.20 -6.65
CA ILE A 37 5.21 -4.71 -5.82
C ILE A 37 3.87 -4.25 -6.38
N GLU A 38 2.83 -5.05 -6.12
CA GLU A 38 1.49 -4.70 -6.58
C GLU A 38 0.47 -5.06 -5.50
N LEU A 39 -0.60 -4.27 -5.43
CA LEU A 39 -1.64 -4.51 -4.44
C LEU A 39 -3.01 -4.14 -5.00
N ASP A 40 -3.90 -5.13 -5.10
CA ASP A 40 -5.23 -4.89 -5.63
C ASP A 40 -6.28 -5.07 -4.54
N GLU A 41 -6.96 -3.97 -4.20
CA GLU A 41 -7.99 -4.01 -3.17
C GLU A 41 -9.18 -4.85 -3.62
N GLU A 42 -9.61 -4.64 -4.87
CA GLU A 42 -10.74 -5.39 -5.41
C GLU A 42 -10.56 -6.89 -5.17
N THR A 43 -9.40 -7.40 -5.55
CA THR A 43 -9.12 -8.82 -5.37
C THR A 43 -8.32 -9.06 -4.09
N HIS A 44 -8.15 -8.02 -3.30
CA HIS A 44 -7.42 -8.13 -2.05
C HIS A 44 -6.25 -9.10 -2.20
N GLU A 45 -5.37 -8.83 -3.16
CA GLU A 45 -4.22 -9.68 -3.40
C GLU A 45 -2.95 -8.86 -3.56
N VAL A 46 -1.80 -9.51 -3.35
CA VAL A 46 -0.52 -8.82 -3.48
C VAL A 46 0.33 -9.50 -4.56
N TRP A 47 1.26 -8.75 -5.15
CA TRP A 47 2.12 -9.30 -6.19
C TRP A 47 3.51 -8.66 -6.14
N LYS A 48 4.54 -9.50 -6.13
CA LYS A 48 5.92 -9.01 -6.09
C LYS A 48 6.74 -9.65 -7.22
N ALA A 49 7.17 -8.82 -8.16
CA ALA A 49 7.97 -9.30 -9.30
C ALA A 49 7.58 -10.73 -9.67
N GLY A 50 6.35 -10.90 -10.13
CA GLY A 50 5.86 -12.23 -10.52
C GLY A 50 5.91 -13.20 -9.35
N GLN A 51 5.75 -12.66 -8.14
CA GLN A 51 5.78 -13.50 -6.95
C GLN A 51 4.62 -13.14 -6.03
N PRO A 52 3.48 -13.81 -6.16
CA PRO A 52 2.29 -13.53 -5.31
C PRO A 52 2.42 -14.10 -3.90
N VAL A 53 2.03 -13.30 -2.91
CA VAL A 53 2.11 -13.73 -1.52
C VAL A 53 0.74 -13.68 -0.86
N SER A 54 0.42 -14.71 -0.09
CA SER A 54 -0.86 -14.78 0.60
C SER A 54 -0.75 -14.18 2.00
N LEU A 55 -1.02 -12.89 2.11
CA LEU A 55 -0.93 -12.20 3.39
C LEU A 55 -2.31 -12.11 4.05
N SER A 56 -2.33 -12.25 5.37
CA SER A 56 -3.59 -12.17 6.11
C SER A 56 -4.05 -10.72 6.22
N PRO A 57 -5.25 -10.50 6.70
CA PRO A 57 -5.80 -9.12 6.85
C PRO A 57 -4.83 -8.17 7.56
N THR A 58 -4.36 -8.58 8.73
CA THR A 58 -3.44 -7.75 9.51
C THR A 58 -2.24 -7.34 8.67
N GLU A 59 -1.45 -8.31 8.23
CA GLU A 59 -0.27 -8.02 7.43
C GLU A 59 -0.66 -7.26 6.15
N PHE A 60 -1.81 -7.64 5.58
CA PHE A 60 -2.29 -6.99 4.36
C PHE A 60 -2.39 -5.48 4.55
N THR A 61 -3.07 -5.07 5.62
CA THR A 61 -3.23 -3.65 5.91
C THR A 61 -1.87 -3.00 6.17
N LEU A 62 -0.98 -3.74 6.80
CA LEU A 62 0.35 -3.23 7.11
C LEU A 62 1.12 -2.86 5.84
N LEU A 63 1.17 -3.80 4.90
CA LEU A 63 1.88 -3.56 3.65
C LEU A 63 1.25 -2.41 2.87
N ARG A 64 -0.08 -2.37 2.87
CA ARG A 64 -0.81 -1.32 2.16
C ARG A 64 -0.49 0.05 2.74
N TYR A 65 -0.43 0.13 4.07
CA TYR A 65 -0.13 1.40 4.73
C TYR A 65 1.29 1.84 4.39
N PHE A 66 2.20 0.88 4.31
CA PHE A 66 3.60 1.19 3.98
C PHE A 66 3.68 1.84 2.61
N VAL A 67 2.97 1.27 1.64
CA VAL A 67 2.98 1.82 0.28
C VAL A 67 2.35 3.20 0.26
N ILE A 68 1.19 3.34 0.91
CA ILE A 68 0.49 4.61 0.95
C ILE A 68 1.43 5.73 1.41
N ASN A 69 2.25 5.43 2.40
CA ASN A 69 3.19 6.43 2.93
C ASN A 69 4.63 6.06 2.55
N ALA A 70 4.77 5.32 1.46
CA ALA A 70 6.09 4.91 0.99
C ALA A 70 7.02 6.11 0.86
N GLY A 71 8.09 6.12 1.64
CA GLY A 71 9.05 7.23 1.58
C GLY A 71 9.05 8.03 2.87
N THR A 72 7.97 7.94 3.63
CA THR A 72 7.85 8.66 4.89
C THR A 72 8.24 7.77 6.07
N VAL A 73 9.10 8.30 6.94
CA VAL A 73 9.54 7.54 8.11
C VAL A 73 8.40 7.35 9.10
N LEU A 74 8.04 6.10 9.37
CA LEU A 74 6.96 5.81 10.30
C LEU A 74 7.52 5.49 11.68
N SER A 75 6.63 5.49 12.67
CA SER A 75 7.03 5.20 14.04
C SER A 75 6.43 3.88 14.52
N LYS A 76 7.16 3.17 15.39
CA LYS A 76 6.70 1.90 15.91
C LYS A 76 5.34 2.04 16.60
N PRO A 77 5.17 2.98 17.51
CA PRO A 77 3.88 3.17 18.24
C PRO A 77 2.75 3.58 17.29
N LYS A 78 3.04 4.53 16.41
CA LYS A 78 2.04 5.00 15.46
C LYS A 78 1.51 3.84 14.63
N ILE A 79 2.42 3.06 14.05
CA ILE A 79 2.01 1.92 13.24
C ILE A 79 1.13 0.98 14.05
N LEU A 80 1.48 0.80 15.32
CA LEU A 80 0.72 -0.07 16.21
C LEU A 80 -0.74 0.38 16.31
N ASP A 81 -0.96 1.55 16.92
CA ASP A 81 -2.31 2.08 17.09
C ASP A 81 -3.02 2.25 15.76
N HIS A 82 -2.25 2.23 14.67
CA HIS A 82 -2.83 2.40 13.34
C HIS A 82 -3.61 1.16 12.90
N VAL A 83 -2.97 0.00 12.95
CA VAL A 83 -3.64 -1.24 12.54
C VAL A 83 -4.48 -1.82 13.67
N TRP A 84 -4.04 -1.60 14.90
CA TRP A 84 -4.77 -2.11 16.07
C TRP A 84 -6.19 -1.56 16.11
N ARG A 85 -6.51 -0.68 15.17
CA ARG A 85 -7.83 -0.08 15.12
C ARG A 85 -8.91 -1.15 14.92
N TYR A 86 -8.45 -2.40 14.78
CA TYR A 86 -9.38 -3.52 14.59
C TYR A 86 -9.21 -4.55 15.69
N ASP A 87 -8.35 -4.24 16.66
CA ASP A 87 -8.10 -5.15 17.77
C ASP A 87 -7.09 -4.53 18.74
N PHE A 88 -7.54 -4.16 19.92
CA PHE A 88 -6.66 -3.56 20.91
C PHE A 88 -5.45 -4.44 21.18
N GLY A 89 -4.51 -3.92 21.94
CA GLY A 89 -3.30 -4.67 22.28
C GLY A 89 -2.08 -3.78 22.24
N GLY A 90 -1.86 -3.02 23.32
CA GLY A 90 -0.71 -2.13 23.39
C GLY A 90 0.58 -2.93 23.53
N ASP A 91 0.84 -3.79 22.55
CA ASP A 91 2.06 -4.60 22.56
C ASP A 91 3.10 -3.99 21.63
N VAL A 92 4.03 -3.24 22.20
CA VAL A 92 5.06 -2.58 21.40
C VAL A 92 6.16 -3.57 20.98
N ASN A 93 6.09 -4.80 21.49
CA ASN A 93 7.09 -5.79 21.14
C ASN A 93 6.66 -6.59 19.92
N VAL A 94 5.35 -6.68 19.71
CA VAL A 94 4.82 -7.43 18.57
C VAL A 94 5.19 -6.74 17.27
N VAL A 95 5.26 -5.41 17.30
CA VAL A 95 5.62 -4.64 16.11
C VAL A 95 6.98 -5.09 15.60
N GLU A 96 7.99 -5.02 16.46
CA GLU A 96 9.34 -5.42 16.07
C GLU A 96 9.33 -6.86 15.55
N SER A 97 8.66 -7.75 16.28
CA SER A 97 8.58 -9.15 15.89
C SER A 97 7.90 -9.29 14.52
N TYR A 98 6.79 -8.58 14.33
CA TYR A 98 6.07 -8.65 13.07
C TYR A 98 6.89 -8.05 11.94
N VAL A 99 7.60 -6.97 12.25
CA VAL A 99 8.43 -6.31 11.25
C VAL A 99 9.53 -7.24 10.77
N SER A 100 10.19 -7.90 11.71
CA SER A 100 11.27 -8.82 11.36
C SER A 100 10.72 -9.98 10.51
N TYR A 101 9.57 -10.51 10.91
CA TYR A 101 8.96 -11.61 10.19
C TYR A 101 8.37 -11.12 8.86
N LEU A 102 8.27 -9.80 8.72
CA LEU A 102 7.74 -9.22 7.49
C LEU A 102 8.86 -9.12 6.46
N ARG A 103 10.00 -8.59 6.89
CA ARG A 103 11.15 -8.46 6.00
C ARG A 103 11.51 -9.83 5.42
N ARG A 104 11.54 -10.85 6.28
CA ARG A 104 11.88 -12.19 5.84
C ARG A 104 10.80 -12.79 4.93
N LYS A 105 9.64 -12.13 4.86
CA LYS A 105 8.54 -12.63 4.02
C LYS A 105 8.58 -12.04 2.63
N ILE A 106 9.02 -10.79 2.53
CA ILE A 106 9.09 -10.11 1.23
C ILE A 106 10.52 -9.69 0.91
N ASP A 107 11.33 -9.57 1.95
CA ASP A 107 12.72 -9.17 1.76
C ASP A 107 13.66 -10.37 1.87
N THR A 108 14.65 -10.42 0.99
CA THR A 108 15.60 -11.52 0.99
C THR A 108 16.79 -11.21 0.07
N GLY A 109 16.51 -10.58 -1.07
CA GLY A 109 17.56 -10.24 -2.02
C GLY A 109 18.67 -9.44 -1.35
N GLU A 110 19.78 -9.27 -2.06
CA GLU A 110 20.92 -8.53 -1.52
C GLU A 110 20.62 -7.03 -1.49
N LYS A 111 19.51 -6.63 -2.08
CA LYS A 111 19.12 -5.23 -2.11
C LYS A 111 18.20 -4.90 -0.95
N ARG A 112 18.53 -3.83 -0.22
CA ARG A 112 17.72 -3.42 0.94
C ARG A 112 16.58 -2.53 0.50
N LEU A 113 15.36 -2.88 0.92
CA LEU A 113 14.18 -2.09 0.58
C LEU A 113 13.93 -1.01 1.62
N LEU A 114 13.42 -1.42 2.78
CA LEU A 114 13.13 -0.48 3.85
C LEU A 114 14.33 -0.35 4.78
N HIS A 115 14.52 0.85 5.32
CA HIS A 115 15.62 1.11 6.23
C HIS A 115 15.11 1.21 7.66
N THR A 116 15.77 0.52 8.58
CA THR A 116 15.39 0.54 9.98
C THR A 116 16.13 1.63 10.74
N LEU A 117 15.40 2.69 11.11
CA LEU A 117 16.02 3.80 11.84
C LEU A 117 15.83 3.61 13.34
N ARG A 118 16.57 2.66 13.91
CA ARG A 118 16.49 2.41 15.34
C ARG A 118 16.29 3.71 16.11
N GLY A 119 15.49 3.67 17.15
CA GLY A 119 15.22 4.86 17.96
C GLY A 119 14.17 5.75 17.30
N VAL A 120 13.86 5.47 16.04
CA VAL A 120 12.86 6.25 15.33
C VAL A 120 11.78 5.35 14.75
N GLY A 121 12.19 4.38 13.93
CA GLY A 121 11.25 3.45 13.31
C GLY A 121 11.81 2.90 12.01
N TYR A 122 10.95 2.79 11.00
CA TYR A 122 11.38 2.27 9.70
C TYR A 122 10.92 3.19 8.58
N VAL A 123 11.57 3.07 7.42
CA VAL A 123 11.23 3.90 6.27
C VAL A 123 11.32 3.10 4.97
N LEU A 124 10.24 3.12 4.19
CA LEU A 124 10.21 2.39 2.93
C LEU A 124 10.69 3.28 1.79
N ARG A 125 11.80 2.90 1.16
CA ARG A 125 12.36 3.66 0.06
C ARG A 125 13.33 2.81 -0.74
N GLU A 126 13.40 3.05 -2.05
CA GLU A 126 14.29 2.29 -2.91
C GLU A 126 15.74 2.73 -2.71
N PRO A 127 16.68 1.87 -2.98
CA PRO A 127 18.13 2.18 -2.81
C PRO A 127 18.62 3.22 -3.82
N ARG A 128 19.61 4.00 -3.43
CA ARG A 128 20.16 5.03 -4.31
C ARG A 128 21.06 4.41 -5.37
N MET A 1 -12.26 22.12 -12.88
CA MET A 1 -11.13 22.14 -13.86
C MET A 1 -10.18 23.28 -13.49
N GLY A 2 -10.42 23.89 -12.35
CA GLY A 2 -9.57 24.98 -11.91
C GLY A 2 -9.68 25.17 -10.40
N SER A 3 -10.25 26.29 -10.00
CA SER A 3 -10.41 26.57 -8.58
C SER A 3 -11.61 25.84 -8.01
N SER A 4 -11.43 24.56 -7.68
CA SER A 4 -12.50 23.75 -7.10
C SER A 4 -13.84 24.06 -7.75
N HIS A 5 -14.32 23.15 -8.57
CA HIS A 5 -15.59 23.33 -9.26
C HIS A 5 -16.78 23.06 -8.33
N HIS A 6 -17.01 21.79 -8.02
CA HIS A 6 -18.13 21.42 -7.16
C HIS A 6 -18.08 19.93 -6.84
N HIS A 7 -19.08 19.44 -6.10
CA HIS A 7 -19.13 18.02 -5.74
C HIS A 7 -20.48 17.42 -6.13
N HIS A 8 -21.04 17.88 -7.24
CA HIS A 8 -22.34 17.35 -7.69
C HIS A 8 -22.13 16.16 -8.63
N HIS A 9 -22.90 15.11 -8.42
CA HIS A 9 -22.79 13.91 -9.24
C HIS A 9 -23.79 13.96 -10.39
N HIS A 10 -23.87 15.11 -11.05
CA HIS A 10 -24.77 15.29 -12.17
C HIS A 10 -23.98 15.56 -13.45
N SER A 11 -22.66 15.59 -13.33
CA SER A 11 -21.80 15.86 -14.49
C SER A 11 -20.64 14.86 -14.55
N SER A 12 -20.21 14.38 -13.39
CA SER A 12 -19.11 13.44 -13.33
C SER A 12 -19.61 12.01 -13.44
N GLY A 13 -19.11 11.28 -14.44
CA GLY A 13 -19.52 9.90 -14.65
C GLY A 13 -19.38 9.51 -16.12
N LEU A 14 -20.48 9.10 -16.73
CA LEU A 14 -20.46 8.71 -18.14
C LEU A 14 -21.03 9.83 -19.01
N VAL A 15 -21.35 9.50 -20.27
CA VAL A 15 -21.89 10.51 -21.18
C VAL A 15 -23.11 9.97 -21.93
N PRO A 16 -24.21 9.81 -21.23
CA PRO A 16 -25.48 9.30 -21.83
C PRO A 16 -25.86 10.06 -23.10
N ARG A 17 -26.86 9.55 -23.81
CA ARG A 17 -27.31 10.19 -25.03
C ARG A 17 -26.18 10.27 -26.06
N GLY A 18 -25.65 9.11 -26.45
CA GLY A 18 -24.57 9.07 -27.42
C GLY A 18 -24.57 7.77 -28.19
N SER A 19 -23.83 7.73 -29.28
CA SER A 19 -23.74 6.53 -30.10
C SER A 19 -22.40 5.82 -29.86
N HIS A 20 -21.55 6.46 -29.05
CA HIS A 20 -20.24 5.89 -28.76
C HIS A 20 -19.75 6.33 -27.37
N MET A 21 -18.96 5.47 -26.73
CA MET A 21 -18.42 5.78 -25.41
C MET A 21 -17.55 7.03 -25.48
N LYS A 22 -16.26 6.84 -25.71
CA LYS A 22 -15.32 7.96 -25.80
C LYS A 22 -14.21 7.65 -26.79
N GLY A 23 -14.46 6.70 -27.68
CA GLY A 23 -13.47 6.31 -28.68
C GLY A 23 -12.37 5.44 -28.04
N ASN A 24 -12.20 5.58 -26.73
CA ASN A 24 -11.19 4.82 -26.01
C ASN A 24 -11.74 4.41 -24.64
N LYS A 25 -11.01 3.53 -23.94
CA LYS A 25 -11.46 3.09 -22.63
C LYS A 25 -10.71 3.82 -21.51
N GLU A 26 -11.17 3.63 -20.28
CA GLU A 26 -10.56 4.25 -19.13
C GLU A 26 -10.25 3.21 -18.06
N PRO A 27 -9.22 3.45 -17.26
CA PRO A 27 -8.81 2.50 -16.18
C PRO A 27 -9.81 2.45 -15.03
N ARG A 28 -10.25 1.24 -14.70
CA ARG A 28 -11.21 1.06 -13.62
C ARG A 28 -10.68 0.11 -12.55
N ASN A 29 -9.55 -0.53 -12.85
CA ASN A 29 -8.94 -1.46 -11.89
C ASN A 29 -8.17 -0.70 -10.82
N VAL A 30 -8.63 -0.80 -9.58
CA VAL A 30 -7.97 -0.11 -8.47
C VAL A 30 -6.97 -1.04 -7.79
N ARG A 31 -5.75 -0.54 -7.60
CA ARG A 31 -4.70 -1.31 -6.96
C ARG A 31 -3.46 -0.47 -6.75
N LEU A 32 -2.77 -0.70 -5.63
CA LEU A 32 -1.56 0.05 -5.31
C LEU A 32 -0.31 -0.66 -5.83
N THR A 33 0.74 0.09 -6.07
CA THR A 33 1.99 -0.48 -6.57
C THR A 33 3.19 0.23 -5.95
N PHE A 34 4.32 -0.45 -5.92
CA PHE A 34 5.54 0.11 -5.34
C PHE A 34 6.73 -0.79 -5.68
N ALA A 35 7.83 -0.19 -6.13
CA ALA A 35 9.01 -0.97 -6.48
C ALA A 35 8.57 -2.26 -7.17
N ASP A 36 9.08 -3.40 -6.73
CA ASP A 36 8.67 -4.67 -7.32
C ASP A 36 7.61 -5.31 -6.46
N ILE A 37 6.56 -4.55 -6.18
CA ILE A 37 5.45 -5.02 -5.38
C ILE A 37 4.12 -4.58 -5.98
N GLU A 38 3.07 -5.37 -5.74
CA GLU A 38 1.75 -5.03 -6.26
C GLU A 38 0.68 -5.50 -5.29
N LEU A 39 -0.36 -4.70 -5.13
CA LEU A 39 -1.46 -5.05 -4.23
C LEU A 39 -2.80 -4.74 -4.88
N ASP A 40 -3.61 -5.77 -5.09
CA ASP A 40 -4.92 -5.58 -5.70
C ASP A 40 -6.02 -5.65 -4.65
N GLU A 41 -6.62 -4.50 -4.34
CA GLU A 41 -7.67 -4.42 -3.34
C GLU A 41 -8.90 -5.22 -3.78
N GLU A 42 -9.14 -5.27 -5.08
CA GLU A 42 -10.29 -5.99 -5.61
C GLU A 42 -10.25 -7.46 -5.20
N THR A 43 -9.09 -8.09 -5.38
CA THR A 43 -8.94 -9.50 -5.01
C THR A 43 -8.04 -9.64 -3.79
N HIS A 44 -7.80 -8.51 -3.11
CA HIS A 44 -6.96 -8.54 -1.92
C HIS A 44 -5.78 -9.49 -2.10
N GLU A 45 -5.07 -9.35 -3.21
CA GLU A 45 -3.92 -10.21 -3.48
C GLU A 45 -2.64 -9.39 -3.61
N VAL A 46 -1.51 -10.05 -3.42
CA VAL A 46 -0.22 -9.38 -3.51
C VAL A 46 0.64 -10.01 -4.61
N TRP A 47 1.53 -9.21 -5.18
CA TRP A 47 2.40 -9.69 -6.24
C TRP A 47 3.77 -9.01 -6.15
N LYS A 48 4.82 -9.83 -6.07
CA LYS A 48 6.17 -9.30 -5.99
C LYS A 48 7.07 -9.95 -7.03
N ALA A 49 7.64 -9.12 -7.90
CA ALA A 49 8.52 -9.62 -8.96
C ALA A 49 8.09 -11.01 -9.43
N GLY A 50 6.85 -11.10 -9.91
CA GLY A 50 6.33 -12.38 -10.40
C GLY A 50 6.28 -13.42 -9.29
N GLN A 51 6.13 -12.97 -8.05
CA GLN A 51 6.08 -13.88 -6.91
C GLN A 51 4.90 -13.51 -6.00
N PRO A 52 3.77 -14.18 -6.13
CA PRO A 52 2.58 -13.88 -5.28
C PRO A 52 2.71 -14.45 -3.88
N VAL A 53 2.29 -13.65 -2.89
CA VAL A 53 2.36 -14.07 -1.50
C VAL A 53 0.98 -13.97 -0.84
N SER A 54 0.68 -14.91 0.05
CA SER A 54 -0.60 -14.93 0.74
C SER A 54 -0.49 -14.21 2.08
N LEU A 55 -0.89 -12.94 2.11
CA LEU A 55 -0.83 -12.15 3.33
C LEU A 55 -2.18 -12.15 4.04
N SER A 56 -2.15 -12.00 5.36
CA SER A 56 -3.37 -11.98 6.15
C SER A 56 -4.01 -10.60 6.11
N PRO A 57 -5.27 -10.51 6.46
CA PRO A 57 -6.01 -9.22 6.45
C PRO A 57 -5.24 -8.11 7.18
N THR A 58 -4.69 -8.43 8.34
CA THR A 58 -3.94 -7.44 9.12
C THR A 58 -2.67 -7.03 8.39
N GLU A 59 -1.97 -8.01 7.82
CA GLU A 59 -0.75 -7.74 7.10
C GLU A 59 -1.05 -6.90 5.85
N PHE A 60 -2.20 -7.15 5.25
CA PHE A 60 -2.61 -6.40 4.06
C PHE A 60 -2.76 -4.92 4.40
N THR A 61 -3.42 -4.64 5.51
CA THR A 61 -3.62 -3.26 5.94
C THR A 61 -2.28 -2.58 6.17
N LEU A 62 -1.37 -3.29 6.82
CA LEU A 62 -0.04 -2.76 7.10
C LEU A 62 0.69 -2.44 5.81
N LEU A 63 0.68 -3.37 4.87
CA LEU A 63 1.36 -3.18 3.58
C LEU A 63 0.77 -1.97 2.86
N ARG A 64 -0.56 -1.88 2.85
CA ARG A 64 -1.25 -0.78 2.19
C ARG A 64 -0.76 0.57 2.72
N TYR A 65 -0.69 0.67 4.04
CA TYR A 65 -0.25 1.91 4.67
C TYR A 65 1.22 2.18 4.36
N PHE A 66 2.01 1.11 4.34
CA PHE A 66 3.44 1.24 4.04
C PHE A 66 3.66 1.93 2.71
N VAL A 67 2.90 1.53 1.70
CA VAL A 67 3.03 2.11 0.37
C VAL A 67 2.56 3.57 0.36
N ILE A 68 1.40 3.82 0.95
CA ILE A 68 0.86 5.18 1.00
C ILE A 68 1.84 6.11 1.72
N ASN A 69 2.57 5.55 2.68
CA ASN A 69 3.54 6.35 3.44
C ASN A 69 4.97 6.02 3.01
N ALA A 70 5.12 5.51 1.79
CA ALA A 70 6.43 5.16 1.28
C ALA A 70 7.33 6.39 1.21
N GLY A 71 8.44 6.36 1.92
CA GLY A 71 9.38 7.48 1.93
C GLY A 71 9.31 8.24 3.25
N THR A 72 8.19 8.10 3.95
CA THR A 72 8.02 8.77 5.22
C THR A 72 8.38 7.84 6.38
N VAL A 73 9.25 8.32 7.25
CA VAL A 73 9.68 7.52 8.40
C VAL A 73 8.52 7.35 9.37
N LEU A 74 8.04 6.11 9.51
CA LEU A 74 6.93 5.83 10.41
C LEU A 74 7.45 5.33 11.76
N SER A 75 6.67 5.60 12.81
CA SER A 75 7.05 5.18 14.15
C SER A 75 6.29 3.91 14.55
N LYS A 76 6.93 3.09 15.36
CA LYS A 76 6.31 1.84 15.81
C LYS A 76 4.99 2.11 16.53
N PRO A 77 5.00 3.03 17.47
CA PRO A 77 3.76 3.38 18.24
C PRO A 77 2.61 3.77 17.32
N LYS A 78 2.91 4.61 16.34
CA LYS A 78 1.88 5.05 15.40
C LYS A 78 1.35 3.85 14.63
N ILE A 79 2.26 3.09 14.04
CA ILE A 79 1.86 1.90 13.28
C ILE A 79 0.91 1.05 14.12
N LEU A 80 1.19 0.97 15.41
CA LEU A 80 0.36 0.18 16.32
C LEU A 80 -1.04 0.78 16.41
N ASP A 81 -1.14 1.97 16.97
CA ASP A 81 -2.43 2.64 17.11
C ASP A 81 -3.16 2.67 15.78
N HIS A 82 -2.42 2.53 14.69
CA HIS A 82 -3.01 2.55 13.36
C HIS A 82 -3.80 1.27 13.08
N VAL A 83 -3.10 0.14 13.14
CA VAL A 83 -3.74 -1.15 12.88
C VAL A 83 -4.43 -1.68 14.12
N TRP A 84 -3.67 -1.90 15.19
CA TRP A 84 -4.22 -2.43 16.44
C TRP A 84 -5.43 -1.62 16.88
N ARG A 85 -5.73 -0.54 16.17
CA ARG A 85 -6.87 0.32 16.52
C ARG A 85 -8.17 -0.49 16.46
N TYR A 86 -8.07 -1.76 16.10
CA TYR A 86 -9.25 -2.62 16.01
C TYR A 86 -9.12 -3.80 16.97
N ASP A 87 -8.17 -3.71 17.89
CA ASP A 87 -7.94 -4.77 18.86
C ASP A 87 -6.72 -4.45 19.72
N PHE A 88 -6.97 -3.92 20.92
CA PHE A 88 -5.88 -3.56 21.81
C PHE A 88 -5.38 -4.80 22.57
N GLY A 89 -4.16 -5.22 22.25
CA GLY A 89 -3.57 -6.39 22.90
C GLY A 89 -2.28 -6.81 22.21
N GLY A 90 -1.36 -5.85 22.05
CA GLY A 90 -0.09 -6.13 21.41
C GLY A 90 0.94 -5.07 21.76
N ASP A 91 1.83 -5.39 22.70
CA ASP A 91 2.86 -4.45 23.12
C ASP A 91 3.55 -3.81 21.92
N VAL A 92 4.54 -2.99 22.18
CA VAL A 92 5.27 -2.32 21.12
C VAL A 92 6.29 -3.27 20.49
N ASN A 93 6.33 -4.51 20.99
CA ASN A 93 7.26 -5.51 20.47
C ASN A 93 6.61 -6.33 19.38
N VAL A 94 5.27 -6.36 19.39
CA VAL A 94 4.54 -7.12 18.39
C VAL A 94 4.78 -6.54 16.99
N VAL A 95 4.73 -5.21 16.89
CA VAL A 95 4.95 -4.55 15.62
C VAL A 95 6.34 -4.85 15.10
N GLU A 96 7.33 -4.81 15.99
CA GLU A 96 8.70 -5.08 15.61
C GLU A 96 8.82 -6.48 15.02
N SER A 97 8.21 -7.46 15.68
CA SER A 97 8.25 -8.83 15.20
C SER A 97 7.61 -8.93 13.82
N TYR A 98 6.51 -8.21 13.64
CA TYR A 98 5.80 -8.21 12.36
C TYR A 98 6.66 -7.61 11.27
N VAL A 99 7.34 -6.51 11.57
CA VAL A 99 8.19 -5.85 10.60
C VAL A 99 9.33 -6.78 10.18
N SER A 100 9.89 -7.49 11.14
CA SER A 100 10.97 -8.41 10.85
C SER A 100 10.49 -9.55 9.96
N TYR A 101 9.31 -10.09 10.30
CA TYR A 101 8.75 -11.19 9.51
C TYR A 101 8.36 -10.70 8.13
N LEU A 102 7.96 -9.44 8.04
CA LEU A 102 7.57 -8.86 6.75
C LEU A 102 8.78 -8.77 5.83
N ARG A 103 9.89 -8.28 6.38
CA ARG A 103 11.12 -8.16 5.60
C ARG A 103 11.53 -9.52 5.03
N ARG A 104 11.48 -10.55 5.87
CA ARG A 104 11.85 -11.89 5.43
C ARG A 104 10.85 -12.45 4.42
N LYS A 105 9.63 -11.95 4.45
CA LYS A 105 8.59 -12.42 3.53
C LYS A 105 8.54 -11.59 2.26
N ILE A 106 9.00 -10.36 2.34
CA ILE A 106 8.98 -9.47 1.18
C ILE A 106 10.40 -9.21 0.67
N ASP A 107 11.32 -9.01 1.60
CA ASP A 107 12.71 -8.75 1.21
C ASP A 107 13.55 -10.01 1.37
N THR A 108 14.47 -10.22 0.43
CA THR A 108 15.34 -11.40 0.47
C THR A 108 16.62 -11.14 -0.32
N GLY A 109 16.49 -10.42 -1.43
CA GLY A 109 17.64 -10.11 -2.27
C GLY A 109 18.69 -9.33 -1.49
N GLU A 110 19.90 -9.24 -2.04
CA GLU A 110 20.99 -8.53 -1.38
C GLU A 110 20.72 -7.03 -1.36
N LYS A 111 19.70 -6.60 -2.12
CA LYS A 111 19.36 -5.18 -2.17
C LYS A 111 18.28 -4.86 -1.14
N ARG A 112 18.63 -4.02 -0.16
CA ARG A 112 17.69 -3.64 0.88
C ARG A 112 16.80 -2.49 0.42
N LEU A 113 15.49 -2.65 0.61
CA LEU A 113 14.53 -1.62 0.22
C LEU A 113 14.29 -0.65 1.35
N LEU A 114 13.56 -1.09 2.37
CA LEU A 114 13.27 -0.22 3.51
C LEU A 114 14.38 -0.32 4.55
N HIS A 115 14.65 0.80 5.22
CA HIS A 115 15.70 0.84 6.24
C HIS A 115 15.09 0.86 7.64
N THR A 116 15.71 0.13 8.56
CA THR A 116 15.21 0.07 9.93
C THR A 116 15.94 1.07 10.82
N LEU A 117 15.21 2.07 11.31
CA LEU A 117 15.81 3.09 12.18
C LEU A 117 15.57 2.75 13.65
N ARG A 118 16.28 1.74 14.12
CA ARG A 118 16.16 1.32 15.52
C ARG A 118 16.00 2.54 16.42
N GLY A 119 15.10 2.42 17.40
CA GLY A 119 14.85 3.52 18.34
C GLY A 119 13.78 4.48 17.83
N VAL A 120 13.51 4.44 16.53
CA VAL A 120 12.51 5.30 15.94
C VAL A 120 11.48 4.47 15.16
N GLY A 121 11.95 3.76 14.14
CA GLY A 121 11.05 2.94 13.35
C GLY A 121 11.72 2.51 12.05
N TYR A 122 10.94 2.48 10.97
CA TYR A 122 11.47 2.08 9.67
C TYR A 122 11.08 3.09 8.60
N VAL A 123 11.80 3.08 7.48
CA VAL A 123 11.53 4.00 6.40
C VAL A 123 11.57 3.27 5.05
N LEU A 124 10.57 3.53 4.20
CA LEU A 124 10.50 2.88 2.89
C LEU A 124 11.19 3.73 1.84
N ARG A 125 12.18 3.16 1.15
CA ARG A 125 12.90 3.88 0.11
C ARG A 125 13.67 2.92 -0.80
N GLU A 126 13.46 3.07 -2.11
CA GLU A 126 14.14 2.21 -3.08
C GLU A 126 15.59 2.63 -3.25
N PRO A 127 16.44 1.71 -3.63
CA PRO A 127 17.89 1.97 -3.83
C PRO A 127 18.16 3.35 -4.43
N ARG A 128 18.74 4.24 -3.63
CA ARG A 128 19.06 5.58 -4.09
C ARG A 128 20.29 6.10 -3.36
N MET A 1 -0.72 40.20 -7.37
CA MET A 1 -1.31 41.48 -6.86
C MET A 1 -1.85 42.29 -8.03
N GLY A 2 -1.81 41.70 -9.22
CA GLY A 2 -2.28 42.37 -10.42
C GLY A 2 -1.13 42.60 -11.39
N SER A 3 0.07 42.20 -10.97
CA SER A 3 1.25 42.37 -11.80
C SER A 3 2.09 41.09 -11.79
N SER A 4 2.77 40.82 -12.91
CA SER A 4 3.60 39.63 -13.02
C SER A 4 2.78 38.37 -12.78
N HIS A 5 1.46 38.47 -12.93
CA HIS A 5 0.58 37.34 -12.73
C HIS A 5 0.02 36.86 -14.06
N HIS A 6 0.20 35.58 -14.37
CA HIS A 6 -0.29 35.03 -15.64
C HIS A 6 -0.58 33.54 -15.51
N HIS A 7 -0.16 32.78 -16.51
CA HIS A 7 -0.37 31.34 -16.52
C HIS A 7 0.55 30.65 -15.51
N HIS A 8 1.64 31.32 -15.16
CA HIS A 8 2.58 30.76 -14.21
C HIS A 8 3.28 29.55 -14.81
N HIS A 9 4.62 29.59 -14.81
CA HIS A 9 5.40 28.48 -15.36
C HIS A 9 6.88 28.81 -15.32
N HIS A 10 7.70 27.80 -15.03
CA HIS A 10 9.13 28.00 -14.94
C HIS A 10 9.88 26.74 -15.35
N SER A 11 10.13 25.88 -14.37
CA SER A 11 10.84 24.63 -14.63
C SER A 11 9.86 23.46 -14.67
N SER A 12 10.05 22.57 -15.64
CA SER A 12 9.18 21.40 -15.79
C SER A 12 9.44 20.71 -17.12
N GLY A 13 8.95 21.31 -18.19
CA GLY A 13 9.13 20.74 -19.53
C GLY A 13 8.02 19.77 -19.88
N LEU A 14 7.22 20.13 -20.89
CA LEU A 14 6.12 19.28 -21.33
C LEU A 14 5.01 19.24 -20.28
N VAL A 15 3.87 19.84 -20.64
CA VAL A 15 2.72 19.88 -19.72
C VAL A 15 1.45 20.25 -20.49
N PRO A 16 1.14 19.51 -21.54
CA PRO A 16 -0.06 19.75 -22.38
C PRO A 16 -1.35 19.50 -21.60
N ARG A 17 -2.44 20.12 -22.06
CA ARG A 17 -3.73 19.94 -21.38
C ARG A 17 -4.51 18.79 -22.02
N GLY A 18 -5.26 18.06 -21.20
CA GLY A 18 -6.05 16.95 -21.67
C GLY A 18 -6.56 16.10 -20.52
N SER A 19 -7.88 15.90 -20.49
CA SER A 19 -8.50 15.12 -19.43
C SER A 19 -8.88 13.73 -19.95
N HIS A 20 -8.83 13.57 -21.27
CA HIS A 20 -9.17 12.30 -21.90
C HIS A 20 -10.64 11.94 -21.66
N MET A 21 -11.18 12.35 -20.52
CA MET A 21 -12.57 12.05 -20.20
C MET A 21 -13.01 12.78 -18.94
N LYS A 22 -14.00 13.65 -19.09
CA LYS A 22 -14.51 14.45 -17.97
C LYS A 22 -15.28 13.57 -16.99
N GLY A 23 -15.79 12.44 -17.46
CA GLY A 23 -16.55 11.55 -16.59
C GLY A 23 -15.63 10.65 -15.78
N ASN A 24 -15.63 9.37 -16.10
CA ASN A 24 -14.79 8.40 -15.39
C ASN A 24 -13.33 8.81 -15.43
N LYS A 25 -12.67 8.75 -14.28
CA LYS A 25 -11.24 9.10 -14.19
C LYS A 25 -10.42 7.84 -13.96
N GLU A 26 -11.09 6.69 -14.10
CA GLU A 26 -10.43 5.41 -13.91
C GLU A 26 -11.25 4.28 -14.52
N PRO A 27 -11.20 4.15 -15.82
CA PRO A 27 -11.95 3.08 -16.55
C PRO A 27 -11.40 1.69 -16.20
N ARG A 28 -10.21 1.69 -15.61
CA ARG A 28 -9.56 0.44 -15.23
C ARG A 28 -9.58 0.25 -13.73
N ASN A 29 -9.27 -0.96 -13.28
CA ASN A 29 -9.25 -1.27 -11.86
C ASN A 29 -8.03 -0.63 -11.19
N VAL A 30 -8.26 0.09 -10.10
CA VAL A 30 -7.16 0.75 -9.40
C VAL A 30 -6.29 -0.27 -8.68
N ARG A 31 -4.98 -0.05 -8.72
CA ARG A 31 -4.03 -0.95 -8.08
C ARG A 31 -2.81 -0.16 -7.60
N LEU A 32 -2.34 -0.49 -6.40
CA LEU A 32 -1.19 0.20 -5.84
C LEU A 32 0.11 -0.53 -6.21
N THR A 33 1.20 0.21 -6.31
CA THR A 33 2.48 -0.39 -6.66
C THR A 33 3.62 0.23 -5.85
N PHE A 34 4.71 -0.51 -5.75
CA PHE A 34 5.89 -0.05 -5.02
C PHE A 34 7.08 -0.92 -5.39
N ALA A 35 8.25 -0.30 -5.55
CA ALA A 35 9.44 -1.07 -5.91
C ALA A 35 9.05 -2.16 -6.90
N ASP A 36 9.02 -3.40 -6.41
CA ASP A 36 8.61 -4.52 -7.25
C ASP A 36 7.46 -5.25 -6.57
N ILE A 37 6.43 -4.48 -6.22
CA ILE A 37 5.26 -5.04 -5.56
C ILE A 37 3.99 -4.45 -6.15
N GLU A 38 2.91 -5.23 -6.11
CA GLU A 38 1.64 -4.76 -6.64
C GLU A 38 0.49 -5.22 -5.75
N LEU A 39 -0.46 -4.32 -5.51
CA LEU A 39 -1.61 -4.62 -4.67
C LEU A 39 -2.90 -4.37 -5.44
N ASP A 40 -3.90 -5.20 -5.22
CA ASP A 40 -5.18 -5.06 -5.90
C ASP A 40 -6.30 -4.83 -4.89
N GLU A 41 -6.83 -3.61 -4.87
CA GLU A 41 -7.91 -3.28 -3.95
C GLU A 41 -9.18 -4.03 -4.31
N GLU A 42 -9.25 -4.54 -5.52
CA GLU A 42 -10.42 -5.29 -5.96
C GLU A 42 -10.39 -6.71 -5.43
N THR A 43 -9.28 -7.40 -5.66
CA THR A 43 -9.14 -8.78 -5.21
C THR A 43 -8.40 -8.83 -3.88
N HIS A 44 -8.23 -7.66 -3.26
CA HIS A 44 -7.53 -7.60 -1.98
C HIS A 44 -6.36 -8.58 -1.97
N GLU A 45 -5.65 -8.66 -3.09
CA GLU A 45 -4.52 -9.56 -3.20
C GLU A 45 -3.21 -8.79 -3.36
N VAL A 46 -2.10 -9.51 -3.25
CA VAL A 46 -0.79 -8.91 -3.38
C VAL A 46 0.01 -9.58 -4.51
N TRP A 47 1.03 -8.88 -4.98
CA TRP A 47 1.87 -9.42 -6.05
C TRP A 47 3.32 -8.97 -5.86
N LYS A 48 4.23 -9.93 -5.86
CA LYS A 48 5.65 -9.62 -5.69
C LYS A 48 6.48 -10.17 -6.83
N ALA A 49 7.06 -9.27 -7.62
CA ALA A 49 7.87 -9.67 -8.77
C ALA A 49 7.39 -10.98 -9.37
N GLY A 50 6.16 -10.98 -9.90
CA GLY A 50 5.58 -12.17 -10.50
C GLY A 50 5.54 -13.32 -9.49
N GLN A 51 5.37 -12.97 -8.22
CA GLN A 51 5.31 -13.97 -7.16
C GLN A 51 4.28 -13.58 -6.11
N PRO A 52 3.03 -13.97 -6.28
CA PRO A 52 1.96 -13.61 -5.31
C PRO A 52 2.21 -14.17 -3.92
N VAL A 53 1.71 -13.47 -2.91
CA VAL A 53 1.90 -13.88 -1.53
C VAL A 53 0.57 -13.88 -0.78
N SER A 54 0.26 -15.01 -0.16
CA SER A 54 -0.98 -15.13 0.60
C SER A 54 -0.73 -14.85 2.07
N LEU A 55 -1.32 -13.78 2.58
CA LEU A 55 -1.15 -13.42 3.99
C LEU A 55 -2.45 -12.90 4.58
N SER A 56 -2.60 -13.03 5.88
CA SER A 56 -3.81 -12.58 6.56
C SER A 56 -4.11 -11.11 6.25
N PRO A 57 -5.32 -10.70 6.48
CA PRO A 57 -5.76 -9.30 6.23
C PRO A 57 -4.96 -8.29 7.06
N THR A 58 -4.57 -8.70 8.26
CA THR A 58 -3.79 -7.83 9.14
C THR A 58 -2.46 -7.45 8.50
N GLU A 59 -1.70 -8.45 8.08
CA GLU A 59 -0.41 -8.20 7.45
C GLU A 59 -0.60 -7.40 6.17
N PHE A 60 -1.66 -7.70 5.43
CA PHE A 60 -1.96 -7.00 4.19
C PHE A 60 -2.12 -5.51 4.44
N THR A 61 -2.91 -5.17 5.45
CA THR A 61 -3.14 -3.77 5.79
C THR A 61 -1.81 -3.07 6.11
N LEU A 62 -0.92 -3.77 6.81
CA LEU A 62 0.36 -3.21 7.17
C LEU A 62 1.16 -2.84 5.92
N LEU A 63 1.19 -3.77 4.96
CA LEU A 63 1.92 -3.53 3.72
C LEU A 63 1.25 -2.43 2.90
N ARG A 64 -0.07 -2.45 2.87
CA ARG A 64 -0.82 -1.45 2.11
C ARG A 64 -0.51 -0.05 2.63
N TYR A 65 -0.49 0.10 3.95
CA TYR A 65 -0.20 1.40 4.55
C TYR A 65 1.23 1.84 4.23
N PHE A 66 2.17 0.91 4.34
CA PHE A 66 3.56 1.21 4.05
C PHE A 66 3.72 1.77 2.63
N VAL A 67 3.03 1.15 1.69
CA VAL A 67 3.09 1.58 0.30
C VAL A 67 2.55 3.01 0.15
N ILE A 68 1.37 3.26 0.72
CA ILE A 68 0.76 4.58 0.64
C ILE A 68 1.65 5.64 1.28
N ASN A 69 2.34 5.27 2.35
CA ASN A 69 3.22 6.21 3.05
C ASN A 69 4.68 5.89 2.76
N ALA A 70 4.94 5.21 1.66
CA ALA A 70 6.30 4.84 1.29
C ALA A 70 7.20 6.07 1.22
N GLY A 71 8.21 6.10 2.09
CA GLY A 71 9.14 7.23 2.12
C GLY A 71 9.01 8.03 3.41
N THR A 72 7.92 7.79 4.14
CA THR A 72 7.68 8.49 5.39
C THR A 72 8.11 7.63 6.58
N VAL A 73 8.88 8.23 7.49
CA VAL A 73 9.35 7.50 8.67
C VAL A 73 8.18 7.20 9.60
N LEU A 74 7.87 5.91 9.76
CA LEU A 74 6.79 5.50 10.62
C LEU A 74 7.31 5.12 12.00
N SER A 75 6.46 5.26 13.01
CA SER A 75 6.85 4.93 14.38
C SER A 75 6.21 3.61 14.80
N LYS A 76 6.90 2.86 15.65
CA LYS A 76 6.39 1.58 16.12
C LYS A 76 5.02 1.75 16.78
N PRO A 77 4.88 2.66 17.73
CA PRO A 77 3.58 2.86 18.43
C PRO A 77 2.50 3.39 17.47
N LYS A 78 2.90 4.24 16.54
CA LYS A 78 1.97 4.80 15.57
C LYS A 78 1.45 3.69 14.66
N ILE A 79 2.37 2.87 14.16
CA ILE A 79 2.00 1.78 13.27
C ILE A 79 0.94 0.91 13.94
N LEU A 80 1.12 0.65 15.23
CA LEU A 80 0.17 -0.16 15.99
C LEU A 80 -1.19 0.52 16.05
N ASP A 81 -1.24 1.67 16.70
CA ASP A 81 -2.48 2.43 16.83
C ASP A 81 -3.22 2.49 15.50
N HIS A 82 -2.47 2.52 14.40
CA HIS A 82 -3.07 2.57 13.08
C HIS A 82 -3.70 1.22 12.70
N VAL A 83 -2.90 0.17 12.79
CA VAL A 83 -3.38 -1.17 12.44
C VAL A 83 -4.11 -1.81 13.61
N TRP A 84 -3.40 -2.00 14.72
CA TRP A 84 -3.99 -2.61 15.90
C TRP A 84 -5.28 -1.91 16.30
N ARG A 85 -5.62 -0.84 15.59
CA ARG A 85 -6.84 -0.09 15.89
C ARG A 85 -8.07 -0.98 15.72
N TYR A 86 -7.84 -2.20 15.25
CA TYR A 86 -8.93 -3.14 15.04
C TYR A 86 -8.80 -4.32 16.00
N ASP A 87 -7.74 -4.29 16.81
CA ASP A 87 -7.49 -5.35 17.77
C ASP A 87 -6.29 -4.99 18.65
N PHE A 88 -6.57 -4.35 19.79
CA PHE A 88 -5.50 -3.96 20.70
C PHE A 88 -5.04 -5.14 21.54
N GLY A 89 -3.82 -5.61 21.28
CA GLY A 89 -3.27 -6.74 22.02
C GLY A 89 -1.90 -7.12 21.47
N GLY A 90 -1.04 -6.12 21.29
CA GLY A 90 0.30 -6.37 20.76
C GLY A 90 1.26 -5.28 21.20
N ASP A 91 2.08 -5.60 22.21
CA ASP A 91 3.04 -4.65 22.73
C ASP A 91 3.86 -4.03 21.59
N VAL A 92 4.86 -3.25 21.96
CA VAL A 92 5.71 -2.59 20.98
C VAL A 92 6.76 -3.55 20.45
N ASN A 93 6.78 -4.76 21.02
CA ASN A 93 7.75 -5.78 20.59
C ASN A 93 7.16 -6.61 19.45
N VAL A 94 5.84 -6.62 19.35
CA VAL A 94 5.17 -7.37 18.32
C VAL A 94 5.45 -6.75 16.95
N VAL A 95 5.57 -5.43 16.93
CA VAL A 95 5.84 -4.72 15.69
C VAL A 95 7.18 -5.17 15.11
N GLU A 96 8.21 -5.16 15.94
CA GLU A 96 9.54 -5.58 15.49
C GLU A 96 9.49 -7.00 14.94
N SER A 97 8.82 -7.89 15.69
CA SER A 97 8.70 -9.28 15.26
C SER A 97 7.97 -9.38 13.93
N TYR A 98 6.89 -8.62 13.79
CA TYR A 98 6.11 -8.62 12.56
C TYR A 98 6.93 -8.05 11.40
N VAL A 99 7.69 -7.01 11.68
CA VAL A 99 8.52 -6.38 10.65
C VAL A 99 9.57 -7.37 10.14
N SER A 100 10.15 -8.14 11.05
CA SER A 100 11.16 -9.12 10.67
C SER A 100 10.54 -10.23 9.83
N TYR A 101 9.37 -10.70 10.25
CA TYR A 101 8.67 -11.75 9.54
C TYR A 101 8.10 -11.22 8.22
N LEU A 102 8.08 -9.90 8.08
CA LEU A 102 7.57 -9.27 6.87
C LEU A 102 8.67 -9.24 5.81
N ARG A 103 9.83 -8.75 6.20
CA ARG A 103 10.96 -8.67 5.27
C ARG A 103 11.26 -10.05 4.69
N ARG A 104 11.41 -11.03 5.57
CA ARG A 104 11.71 -12.40 5.15
C ARG A 104 10.54 -13.02 4.39
N LYS A 105 9.41 -12.33 4.36
CA LYS A 105 8.23 -12.85 3.67
C LYS A 105 8.16 -12.35 2.23
N ILE A 106 8.56 -11.11 2.01
CA ILE A 106 8.52 -10.52 0.68
C ILE A 106 9.92 -10.13 0.23
N ASP A 107 10.80 -9.87 1.19
CA ASP A 107 12.17 -9.48 0.88
C ASP A 107 13.12 -10.63 1.16
N THR A 108 14.10 -10.82 0.27
CA THR A 108 15.08 -11.88 0.43
C THR A 108 16.26 -11.66 -0.50
N GLY A 109 16.65 -10.39 -0.65
CA GLY A 109 17.75 -10.06 -1.54
C GLY A 109 18.76 -9.17 -0.82
N GLU A 110 19.75 -8.70 -1.59
CA GLU A 110 20.79 -7.84 -1.03
C GLU A 110 20.33 -6.40 -0.94
N LYS A 111 19.21 -6.09 -1.60
CA LYS A 111 18.67 -4.73 -1.59
C LYS A 111 17.64 -4.57 -0.48
N ARG A 112 17.95 -3.72 0.49
CA ARG A 112 17.02 -3.47 1.59
C ARG A 112 16.22 -2.20 1.33
N LEU A 113 14.91 -2.36 1.13
CA LEU A 113 14.05 -1.22 0.87
C LEU A 113 13.49 -0.66 2.19
N LEU A 114 13.84 -1.31 3.29
CA LEU A 114 13.37 -0.88 4.60
C LEU A 114 14.53 -0.39 5.47
N HIS A 115 14.61 0.92 5.66
CA HIS A 115 15.67 1.49 6.47
C HIS A 115 15.20 1.73 7.90
N THR A 116 15.92 1.18 8.86
CA THR A 116 15.56 1.34 10.26
C THR A 116 16.27 2.56 10.86
N LEU A 117 15.50 3.59 11.19
CA LEU A 117 16.09 4.79 11.77
C LEU A 117 15.99 4.75 13.29
N ARG A 118 16.82 3.90 13.90
CA ARG A 118 16.83 3.77 15.35
C ARG A 118 16.59 5.11 16.03
N GLY A 119 15.61 5.15 16.92
CA GLY A 119 15.29 6.38 17.64
C GLY A 119 14.16 7.16 16.96
N VAL A 120 13.81 6.73 15.75
CA VAL A 120 12.74 7.40 15.00
C VAL A 120 11.73 6.38 14.51
N GLY A 121 12.23 5.23 14.07
CA GLY A 121 11.36 4.17 13.58
C GLY A 121 11.92 3.57 12.29
N TYR A 122 11.05 3.31 11.33
CA TYR A 122 11.48 2.74 10.05
C TYR A 122 10.96 3.55 8.88
N VAL A 123 11.67 3.48 7.75
CA VAL A 123 11.28 4.21 6.56
C VAL A 123 11.42 3.35 5.31
N LEU A 124 10.43 3.44 4.42
CA LEU A 124 10.45 2.65 3.18
C LEU A 124 11.13 3.44 2.07
N ARG A 125 12.29 2.96 1.61
CA ARG A 125 13.01 3.64 0.54
C ARG A 125 14.02 2.70 -0.10
N GLU A 126 14.01 2.63 -1.43
CA GLU A 126 14.93 1.77 -2.15
C GLU A 126 16.32 2.38 -2.20
N PRO A 127 17.34 1.56 -2.33
CA PRO A 127 18.75 2.02 -2.41
C PRO A 127 19.05 2.74 -3.72
N ARG A 128 19.58 3.95 -3.62
CA ARG A 128 19.91 4.73 -4.81
C ARG A 128 21.42 4.99 -4.87
#